data_2J4L
#
_entry.id   2J4L
#
_cell.length_a   224.750
_cell.length_b   79.030
_cell.length_c   223.470
_cell.angle_alpha   90.00
_cell.angle_beta   96.56
_cell.angle_gamma   90.00
#
_symmetry.space_group_name_H-M   'C 1 2 1'
#
loop_
_entity.id
_entity.type
_entity.pdbx_description
1 polymer 'URIDYLATE KINASE'
2 non-polymer "URIDINE 5'-TRIPHOSPHATE"
3 non-polymer 'MAGNESIUM ION'
#
_entity_poly.entity_id   1
_entity_poly.type   'polypeptide(L)'
_entity_poly.pdbx_seq_one_letter_code
;MNIILKISGKFFDEDNVDNLIVLRQSIKELADNGFRVGIVTGGGSTARRYIKLAREIGIGEAYLDLLGIWASRLNAYLVM
FSLQDLAYMHVPQSLEEFIQDWSHGKVVVTGGFQPGQSTAAVAALVAEASSSKTLVVATNVDGVYEKDPRIYADVKLIPH
LTTQDLRKILEGSQSVQAGTYELLDPLAIKIVERSKIRVIVMNYRKLNRIIDILKGEEVSSIIEPV
;
_entity_poly.pdbx_strand_id   A,B,C,D,E,F,G,H,I,J,K,L
#
loop_
_chem_comp.id
_chem_comp.type
_chem_comp.name
_chem_comp.formula
MG non-polymer 'MAGNESIUM ION' 'Mg 2'
UTP non-polymer 'URIDINE 5'-TRIPHOSPHATE' 'C9 H15 N2 O15 P3'
#
# COMPACT_ATOMS: atom_id res chain seq x y z
N MET A 1 16.01 -31.69 18.08
CA MET A 1 16.96 -30.76 17.39
C MET A 1 17.39 -31.29 16.02
N ASN A 2 17.42 -30.40 15.03
CA ASN A 2 17.85 -30.82 13.69
C ASN A 2 19.36 -30.77 13.55
N ILE A 3 19.90 -31.75 12.82
CA ILE A 3 21.33 -31.83 12.62
C ILE A 3 21.66 -32.36 11.21
N ILE A 4 22.70 -31.81 10.61
CA ILE A 4 23.11 -32.23 9.27
C ILE A 4 24.41 -32.98 9.35
N LEU A 5 24.48 -34.09 8.65
CA LEU A 5 25.66 -34.96 8.66
C LEU A 5 26.27 -35.05 7.26
N LYS A 6 27.47 -34.52 7.10
CA LYS A 6 28.13 -34.54 5.81
C LYS A 6 29.14 -35.68 5.75
N ILE A 7 28.83 -36.70 4.94
CA ILE A 7 29.67 -37.88 4.80
C ILE A 7 30.65 -37.69 3.64
N SER A 8 31.93 -37.58 3.96
CA SER A 8 32.96 -37.42 2.94
C SER A 8 32.93 -38.53 1.90
N GLY A 9 33.34 -38.22 0.68
CA GLY A 9 33.32 -39.21 -0.39
C GLY A 9 34.15 -40.45 -0.15
N LYS A 10 35.27 -40.29 0.55
CA LYS A 10 36.15 -41.41 0.83
C LYS A 10 35.40 -42.52 1.53
N PHE A 11 34.43 -42.14 2.36
CA PHE A 11 33.61 -43.08 3.08
C PHE A 11 33.11 -44.23 2.18
N PHE A 12 32.77 -43.91 0.94
CA PHE A 12 32.24 -44.92 0.01
C PHE A 12 33.28 -45.64 -0.83
N ASP A 13 34.47 -45.07 -0.90
CA ASP A 13 35.52 -45.67 -1.73
C ASP A 13 36.17 -46.86 -1.08
N GLU A 14 36.16 -46.90 0.24
CA GLU A 14 36.76 -48.02 0.94
C GLU A 14 35.97 -49.28 0.59
N ASP A 15 34.86 -49.05 -0.14
CA ASP A 15 33.93 -50.10 -0.53
C ASP A 15 33.80 -50.76 0.83
N ASN A 16 33.85 -49.89 1.83
CA ASN A 16 33.78 -50.33 3.20
C ASN A 16 32.36 -50.45 3.66
N VAL A 17 32.02 -51.68 4.02
CA VAL A 17 30.73 -51.97 4.56
C VAL A 17 30.89 -51.47 6.00
N ASP A 18 32.11 -51.60 6.53
CA ASP A 18 32.42 -51.15 7.90
C ASP A 18 31.83 -49.77 8.11
N ASN A 19 32.10 -48.91 7.15
CA ASN A 19 31.64 -47.53 7.19
C ASN A 19 30.11 -47.43 7.18
N LEU A 20 29.50 -48.00 6.16
CA LEU A 20 28.04 -47.98 6.06
C LEU A 20 27.39 -48.54 7.32
N ILE A 21 27.92 -49.66 7.80
CA ILE A 21 27.41 -50.33 9.01
C ILE A 21 27.34 -49.30 10.18
N VAL A 22 28.41 -48.54 10.36
CA VAL A 22 28.44 -47.57 11.44
C VAL A 22 27.62 -46.31 11.14
N LEU A 23 27.44 -45.95 9.88
CA LEU A 23 26.61 -44.78 9.59
C LEU A 23 25.18 -45.09 10.00
N ARG A 24 24.68 -46.22 9.50
CA ARG A 24 23.33 -46.68 9.77
C ARG A 24 23.07 -46.78 11.26
N GLN A 25 24.09 -47.19 12.00
CA GLN A 25 23.95 -47.32 13.44
C GLN A 25 23.76 -45.99 14.11
N SER A 26 24.57 -45.00 13.74
CA SER A 26 24.43 -43.69 14.35
C SER A 26 23.18 -42.93 13.90
N ILE A 27 22.66 -43.23 12.72
CA ILE A 27 21.44 -42.55 12.33
C ILE A 27 20.40 -43.03 13.33
N LYS A 28 20.35 -44.35 13.53
CA LYS A 28 19.41 -44.97 14.47
C LYS A 28 19.57 -44.33 15.82
N GLU A 29 20.81 -44.20 16.26
CA GLU A 29 21.06 -43.56 17.54
C GLU A 29 20.44 -42.17 17.58
N LEU A 30 20.69 -41.39 16.54
CA LEU A 30 20.18 -40.03 16.47
C LEU A 30 18.65 -39.98 16.43
N ALA A 31 18.05 -40.85 15.62
CA ALA A 31 16.59 -40.88 15.52
C ALA A 31 16.07 -41.22 16.91
N ASP A 32 16.67 -42.23 17.52
CA ASP A 32 16.29 -42.70 18.84
C ASP A 32 16.47 -41.71 19.98
N ASN A 33 16.97 -40.51 19.68
CA ASN A 33 17.13 -39.50 20.72
C ASN A 33 16.50 -38.19 20.28
N GLY A 34 15.46 -38.32 19.45
CA GLY A 34 14.73 -37.16 18.98
C GLY A 34 15.47 -36.17 18.10
N PHE A 35 16.47 -36.65 17.36
CA PHE A 35 17.23 -35.79 16.45
C PHE A 35 16.72 -36.02 15.05
N ARG A 36 16.46 -34.95 14.33
CA ARG A 36 16.10 -35.13 12.95
C ARG A 36 17.47 -35.05 12.28
N VAL A 37 17.70 -35.91 11.31
CA VAL A 37 18.99 -35.92 10.65
C VAL A 37 18.90 -35.79 9.15
N GLY A 38 19.67 -34.85 8.62
CA GLY A 38 19.72 -34.67 7.18
C GLY A 38 21.11 -35.17 6.84
N ILE A 39 21.26 -35.88 5.73
CA ILE A 39 22.58 -36.39 5.37
C ILE A 39 22.98 -35.94 3.97
N VAL A 40 24.22 -35.53 3.81
CA VAL A 40 24.73 -35.11 2.51
C VAL A 40 25.91 -36.02 2.14
N THR A 41 25.80 -36.71 1.01
CA THR A 41 26.87 -37.62 0.63
C THR A 41 27.68 -37.08 -0.53
N GLY A 42 29.01 -37.15 -0.40
CA GLY A 42 29.89 -36.65 -1.44
C GLY A 42 30.05 -37.64 -2.58
N GLY A 43 30.58 -37.16 -3.71
CA GLY A 43 30.77 -38.02 -4.86
C GLY A 43 31.89 -39.04 -4.75
N GLY A 44 32.90 -38.77 -3.93
CA GLY A 44 34.01 -39.70 -3.76
C GLY A 44 34.73 -40.07 -5.05
N SER A 45 35.29 -41.28 -5.09
CA SER A 45 36.02 -41.72 -6.27
C SER A 45 35.16 -41.95 -7.50
N THR A 46 33.90 -42.33 -7.32
CA THR A 46 33.03 -42.51 -8.47
C THR A 46 32.98 -41.20 -9.22
N ALA A 47 32.72 -40.13 -8.48
CA ALA A 47 32.66 -38.79 -9.03
C ALA A 47 33.94 -38.51 -9.83
N ARG A 48 35.11 -38.71 -9.24
CA ARG A 48 36.29 -38.43 -10.02
C ARG A 48 36.57 -39.42 -11.13
N ARG A 49 35.99 -40.62 -11.04
CA ARG A 49 36.18 -41.63 -12.08
C ARG A 49 35.43 -41.13 -13.31
N TYR A 50 34.22 -40.61 -13.11
CA TYR A 50 33.45 -40.12 -14.23
C TYR A 50 33.91 -38.77 -14.75
N ILE A 51 34.35 -37.91 -13.84
CA ILE A 51 34.81 -36.61 -14.25
C ILE A 51 36.10 -36.74 -15.05
N LYS A 52 37.02 -37.57 -14.57
CA LYS A 52 38.31 -37.78 -15.24
C LYS A 52 38.12 -38.30 -16.65
N LEU A 53 37.20 -39.21 -16.78
CA LEU A 53 36.92 -39.77 -18.06
C LEU A 53 36.26 -38.73 -18.97
N ALA A 54 35.30 -37.98 -18.41
CA ALA A 54 34.60 -36.96 -19.17
C ALA A 54 35.54 -35.86 -19.62
N ARG A 55 36.42 -35.42 -18.72
CA ARG A 55 37.36 -34.33 -19.02
C ARG A 55 38.23 -34.75 -20.17
N GLU A 56 38.63 -36.01 -20.13
CA GLU A 56 39.49 -36.58 -21.15
C GLU A 56 38.98 -36.36 -22.57
N ILE A 57 37.66 -36.34 -22.74
CA ILE A 57 37.09 -36.11 -24.06
C ILE A 57 36.51 -34.70 -24.23
N GLY A 58 36.98 -33.79 -23.38
CA GLY A 58 36.56 -32.41 -23.47
C GLY A 58 35.18 -31.96 -23.03
N ILE A 59 34.58 -32.63 -22.05
CA ILE A 59 33.29 -32.19 -21.55
C ILE A 59 33.51 -30.88 -20.77
N GLY A 60 32.63 -29.91 -20.96
CA GLY A 60 32.77 -28.65 -20.26
C GLY A 60 32.75 -28.74 -18.74
N GLU A 61 33.30 -27.73 -18.09
CA GLU A 61 33.36 -27.70 -16.64
C GLU A 61 31.97 -27.87 -15.98
N ALA A 62 30.94 -27.27 -16.57
CA ALA A 62 29.58 -27.35 -16.02
C ALA A 62 29.07 -28.78 -15.97
N TYR A 63 29.35 -29.53 -17.03
CA TYR A 63 28.93 -30.90 -17.13
C TYR A 63 29.79 -31.82 -16.31
N LEU A 64 31.05 -31.47 -16.10
CA LEU A 64 31.87 -32.32 -15.28
C LEU A 64 31.21 -32.24 -13.91
N ASP A 65 30.87 -31.02 -13.49
CA ASP A 65 30.24 -30.82 -12.20
C ASP A 65 29.00 -31.68 -12.09
N LEU A 66 28.15 -31.62 -13.11
CA LEU A 66 26.93 -32.41 -13.08
C LEU A 66 27.25 -33.90 -12.90
N LEU A 67 28.31 -34.38 -13.54
CA LEU A 67 28.64 -35.77 -13.39
C LEU A 67 29.01 -36.05 -11.95
N GLY A 68 29.75 -35.16 -11.31
CA GLY A 68 30.09 -35.40 -9.92
C GLY A 68 28.84 -35.37 -9.07
N ILE A 69 27.91 -34.50 -9.42
CA ILE A 69 26.68 -34.39 -8.67
C ILE A 69 25.91 -35.70 -8.74
N TRP A 70 25.76 -36.22 -9.94
CA TRP A 70 25.04 -37.46 -10.11
C TRP A 70 25.72 -38.59 -9.37
N ALA A 71 27.06 -38.56 -9.35
CA ALA A 71 27.83 -39.56 -8.66
C ALA A 71 27.51 -39.43 -7.18
N SER A 72 27.46 -38.20 -6.67
CA SER A 72 27.19 -38.03 -5.26
C SER A 72 25.75 -38.47 -4.96
N ARG A 73 24.89 -38.40 -5.96
CA ARG A 73 23.51 -38.82 -5.74
C ARG A 73 23.41 -40.32 -5.67
N LEU A 74 24.24 -40.99 -6.46
CA LEU A 74 24.27 -42.44 -6.48
C LEU A 74 24.63 -42.91 -5.06
N ASN A 75 25.57 -42.20 -4.41
CA ASN A 75 25.97 -42.53 -3.06
C ASN A 75 24.83 -42.20 -2.14
N ALA A 76 24.09 -41.15 -2.48
CA ALA A 76 22.95 -40.71 -1.68
C ALA A 76 21.93 -41.83 -1.65
N TYR A 77 21.64 -42.40 -2.82
CA TYR A 77 20.69 -43.51 -2.88
C TYR A 77 21.15 -44.71 -2.05
N LEU A 78 22.42 -45.06 -2.16
CA LEU A 78 22.98 -46.16 -1.42
C LEU A 78 22.75 -45.96 0.08
N VAL A 79 23.12 -44.80 0.61
CA VAL A 79 22.91 -44.50 2.01
C VAL A 79 21.41 -44.55 2.32
N MET A 80 20.59 -43.91 1.50
CA MET A 80 19.15 -43.90 1.69
C MET A 80 18.59 -45.31 1.76
N PHE A 81 18.92 -46.14 0.76
CA PHE A 81 18.39 -47.50 0.68
C PHE A 81 18.71 -48.35 1.90
N SER A 82 19.84 -48.02 2.58
CA SER A 82 20.20 -48.78 3.75
C SER A 82 19.47 -48.26 4.99
N LEU A 83 18.99 -47.03 4.90
CA LEU A 83 18.30 -46.39 6.00
C LEU A 83 16.80 -46.73 5.89
N GLN A 84 16.40 -47.36 4.77
CA GLN A 84 15.01 -47.72 4.49
C GLN A 84 14.09 -47.72 5.69
N ASP A 85 12.93 -47.09 5.51
CA ASP A 85 11.93 -46.98 6.56
C ASP A 85 12.29 -45.93 7.59
N LEU A 86 13.52 -45.42 7.50
CA LEU A 86 13.94 -44.37 8.44
C LEU A 86 14.08 -43.06 7.64
N ALA A 87 14.24 -43.20 6.31
CA ALA A 87 14.43 -42.06 5.40
C ALA A 87 13.35 -41.88 4.36
N TYR A 88 13.13 -40.62 3.98
CA TYR A 88 12.13 -40.31 2.96
C TYR A 88 12.77 -40.80 1.65
N MET A 89 12.06 -41.63 0.91
CA MET A 89 12.60 -42.22 -0.31
C MET A 89 12.75 -41.35 -1.55
N HIS A 90 13.49 -40.27 -1.43
CA HIS A 90 13.72 -39.37 -2.56
C HIS A 90 14.98 -38.59 -2.28
N VAL A 91 15.79 -38.39 -3.32
CA VAL A 91 17.01 -37.63 -3.13
C VAL A 91 16.80 -36.29 -3.78
N PRO A 92 16.50 -35.27 -2.97
CA PRO A 92 16.27 -33.92 -3.48
C PRO A 92 17.43 -33.48 -4.36
N GLN A 93 17.13 -32.78 -5.45
CA GLN A 93 18.17 -32.31 -6.36
C GLN A 93 18.41 -30.78 -6.34
N SER A 94 17.84 -30.11 -5.34
CA SER A 94 17.99 -28.68 -5.20
C SER A 94 17.64 -28.35 -3.77
N LEU A 95 18.08 -27.21 -3.27
CA LEU A 95 17.73 -26.86 -1.92
C LEU A 95 16.20 -26.75 -1.81
N GLU A 96 15.54 -26.22 -2.83
CA GLU A 96 14.09 -26.08 -2.74
C GLU A 96 13.43 -27.43 -2.54
N GLU A 97 13.89 -28.46 -3.26
CA GLU A 97 13.29 -29.78 -3.10
C GLU A 97 13.60 -30.34 -1.71
N PHE A 98 14.80 -30.10 -1.20
CA PHE A 98 15.16 -30.58 0.12
C PHE A 98 14.17 -30.06 1.13
N ILE A 99 13.91 -28.77 1.06
CA ILE A 99 13.00 -28.10 1.98
C ILE A 99 11.67 -28.82 1.97
N GLN A 100 11.26 -29.25 0.80
CA GLN A 100 9.98 -29.95 0.64
C GLN A 100 10.04 -31.34 1.26
N ASP A 101 11.05 -32.12 0.87
CA ASP A 101 11.23 -33.47 1.37
C ASP A 101 11.38 -33.48 2.89
N TRP A 102 11.99 -32.43 3.43
CA TRP A 102 12.23 -32.33 4.86
C TRP A 102 10.91 -32.20 5.63
N SER A 103 9.88 -31.69 4.97
CA SER A 103 8.56 -31.51 5.59
C SER A 103 7.97 -32.80 6.13
N HIS A 104 8.31 -33.89 5.46
CA HIS A 104 7.81 -35.21 5.79
C HIS A 104 8.31 -35.82 7.09
N GLY A 105 9.16 -35.10 7.81
CA GLY A 105 9.64 -35.59 9.08
C GLY A 105 10.57 -36.78 9.15
N LYS A 106 11.04 -37.28 8.02
CA LYS A 106 11.96 -38.42 8.07
C LYS A 106 13.38 -37.97 7.72
N VAL A 107 14.31 -38.91 7.67
CA VAL A 107 15.69 -38.58 7.30
C VAL A 107 15.73 -38.30 5.80
N VAL A 108 16.51 -37.30 5.41
CA VAL A 108 16.61 -36.94 4.01
C VAL A 108 18.08 -37.05 3.61
N VAL A 109 18.33 -37.75 2.50
CA VAL A 109 19.69 -37.92 2.04
C VAL A 109 19.87 -37.13 0.74
N THR A 110 20.95 -36.35 0.67
CA THR A 110 21.18 -35.53 -0.51
C THR A 110 22.55 -35.68 -1.10
N GLY A 111 22.63 -35.28 -2.37
CA GLY A 111 23.88 -35.28 -3.08
C GLY A 111 24.08 -33.82 -3.46
N GLY A 112 24.73 -33.56 -4.59
CA GLY A 112 24.93 -32.20 -5.02
C GLY A 112 23.66 -31.54 -5.54
N PHE A 113 23.74 -30.22 -5.72
CA PHE A 113 22.61 -29.41 -6.21
C PHE A 113 22.94 -28.65 -7.48
N GLN A 114 24.03 -27.90 -7.41
CA GLN A 114 24.42 -27.02 -8.49
C GLN A 114 25.91 -26.96 -8.77
N PRO A 115 26.29 -26.73 -10.04
CA PRO A 115 27.71 -26.66 -10.45
C PRO A 115 28.44 -25.53 -9.74
N GLY A 116 29.76 -25.63 -9.63
CA GLY A 116 30.52 -24.59 -8.98
C GLY A 116 30.71 -24.68 -7.49
N GLN A 117 30.13 -25.69 -6.83
CA GLN A 117 30.30 -25.83 -5.39
C GLN A 117 30.58 -27.28 -5.05
N SER A 118 30.60 -27.60 -3.77
CA SER A 118 30.87 -28.98 -3.36
C SER A 118 29.78 -29.39 -2.41
N THR A 119 29.73 -30.66 -2.05
CA THR A 119 28.70 -31.11 -1.13
C THR A 119 28.82 -30.36 0.20
N ALA A 120 29.99 -29.81 0.49
CA ALA A 120 30.20 -29.03 1.73
C ALA A 120 29.20 -27.90 1.74
N ALA A 121 29.15 -27.17 0.64
CA ALA A 121 28.22 -26.07 0.49
C ALA A 121 26.78 -26.58 0.62
N VAL A 122 26.50 -27.73 0.00
CA VAL A 122 25.16 -28.32 0.07
C VAL A 122 24.83 -28.58 1.55
N ALA A 123 25.77 -29.17 2.26
CA ALA A 123 25.58 -29.45 3.66
C ALA A 123 25.26 -28.17 4.43
N ALA A 124 25.98 -27.09 4.13
CA ALA A 124 25.73 -25.82 4.80
C ALA A 124 24.33 -25.28 4.47
N LEU A 125 24.00 -25.22 3.19
CA LEU A 125 22.70 -24.75 2.73
C LEU A 125 21.58 -25.54 3.39
N VAL A 126 21.70 -26.86 3.30
CA VAL A 126 20.72 -27.76 3.87
C VAL A 126 20.63 -27.56 5.39
N ALA A 127 21.75 -27.28 6.04
CA ALA A 127 21.77 -27.07 7.47
C ALA A 127 20.96 -25.82 7.80
N GLU A 128 21.26 -24.75 7.07
CA GLU A 128 20.59 -23.47 7.21
C GLU A 128 19.09 -23.63 6.95
N ALA A 129 18.74 -24.23 5.83
CA ALA A 129 17.33 -24.41 5.48
C ALA A 129 16.52 -25.23 6.47
N SER A 130 17.19 -26.15 7.15
CA SER A 130 16.51 -27.03 8.12
C SER A 130 16.68 -26.54 9.54
N SER A 131 17.23 -25.34 9.70
CA SER A 131 17.42 -24.77 11.03
C SER A 131 18.28 -25.64 11.93
N SER A 132 19.32 -26.22 11.36
CA SER A 132 20.23 -27.06 12.13
C SER A 132 21.29 -26.17 12.69
N LYS A 133 21.53 -26.23 13.99
CA LYS A 133 22.55 -25.40 14.59
C LYS A 133 23.92 -26.06 14.47
N THR A 134 23.93 -27.34 14.13
CA THR A 134 25.20 -28.04 13.99
C THR A 134 25.31 -28.80 12.67
N LEU A 135 26.49 -28.69 12.05
CA LEU A 135 26.76 -29.36 10.80
C LEU A 135 27.97 -30.22 11.10
N VAL A 136 27.78 -31.53 11.04
CA VAL A 136 28.86 -32.46 11.32
C VAL A 136 29.53 -32.90 10.02
N VAL A 137 30.82 -32.61 9.89
CA VAL A 137 31.57 -33.00 8.71
C VAL A 137 32.37 -34.25 9.05
N ALA A 138 31.89 -35.40 8.62
CA ALA A 138 32.55 -36.64 8.93
C ALA A 138 33.56 -36.97 7.86
N THR A 139 34.82 -36.86 8.27
CA THR A 139 35.94 -37.09 7.39
C THR A 139 36.69 -38.34 7.86
N ASN A 140 37.76 -38.71 7.19
CA ASN A 140 38.48 -39.89 7.63
C ASN A 140 39.65 -39.50 8.49
N VAL A 141 39.46 -38.48 9.31
CA VAL A 141 40.51 -38.04 10.20
C VAL A 141 39.80 -37.50 11.43
N ASP A 142 40.30 -37.82 12.62
CA ASP A 142 39.67 -37.39 13.87
C ASP A 142 39.23 -35.94 14.00
N GLY A 143 39.92 -35.02 13.34
CA GLY A 143 39.53 -33.64 13.46
C GLY A 143 40.50 -32.71 12.79
N VAL A 144 40.69 -31.54 13.38
CA VAL A 144 41.60 -30.52 12.86
C VAL A 144 42.83 -30.42 13.75
N TYR A 145 44.02 -30.54 13.16
CA TYR A 145 45.25 -30.45 13.92
C TYR A 145 45.99 -29.17 13.55
N GLU A 146 47.05 -28.87 14.30
CA GLU A 146 47.88 -27.67 14.08
C GLU A 146 48.76 -27.90 12.86
N LYS A 147 49.24 -29.14 12.75
CA LYS A 147 50.09 -29.57 11.66
C LYS A 147 49.50 -30.86 11.09
N ASP A 148 49.49 -30.97 9.77
CA ASP A 148 48.97 -32.17 9.11
C ASP A 148 49.40 -33.45 9.83
N PRO A 149 48.44 -34.30 10.22
CA PRO A 149 48.76 -35.54 10.91
C PRO A 149 49.07 -36.73 9.98
N ARG A 150 48.72 -36.61 8.69
CA ARG A 150 48.99 -37.69 7.72
C ARG A 150 50.34 -38.30 8.09
N ILE A 151 51.41 -37.55 7.80
CA ILE A 151 52.75 -38.02 8.11
C ILE A 151 53.37 -36.89 8.93
N TYR A 152 53.24 -37.04 10.24
CA TYR A 152 53.70 -36.08 11.25
C TYR A 152 53.30 -36.71 12.54
N ALA A 153 54.25 -37.35 13.18
CA ALA A 153 54.03 -38.01 14.45
C ALA A 153 53.09 -37.36 15.45
N ASP A 154 51.91 -37.97 15.52
CA ASP A 154 50.83 -37.61 16.44
C ASP A 154 50.35 -36.15 16.48
N VAL A 155 51.23 -35.21 16.14
CA VAL A 155 50.87 -33.79 16.12
C VAL A 155 50.02 -33.52 17.37
N LYS A 156 48.94 -32.76 17.20
CA LYS A 156 48.06 -32.46 18.32
C LYS A 156 46.76 -31.84 17.82
N LEU A 157 45.66 -32.53 18.03
CA LEU A 157 44.36 -32.04 17.60
C LEU A 157 43.94 -30.80 18.37
N ILE A 158 43.41 -29.82 17.64
CA ILE A 158 42.94 -28.59 18.27
C ILE A 158 41.42 -28.74 18.42
N PRO A 159 40.95 -28.89 19.66
CA PRO A 159 39.52 -29.06 19.96
C PRO A 159 38.58 -27.88 19.66
N HIS A 160 39.10 -26.66 19.65
CA HIS A 160 38.28 -25.47 19.38
C HIS A 160 38.88 -24.47 18.41
N LEU A 161 38.03 -23.86 17.59
CA LEU A 161 38.46 -22.86 16.62
C LEU A 161 37.28 -22.05 16.06
N THR A 162 37.54 -21.23 15.05
CA THR A 162 36.49 -20.41 14.44
C THR A 162 36.59 -20.42 12.92
N THR A 163 35.51 -19.99 12.27
CA THR A 163 35.47 -19.94 10.81
C THR A 163 36.53 -18.98 10.31
N GLN A 164 37.09 -18.19 11.22
CA GLN A 164 38.13 -17.23 10.89
C GLN A 164 39.45 -18.00 10.96
N ASP A 165 39.58 -18.81 12.01
CA ASP A 165 40.77 -19.63 12.22
C ASP A 165 40.83 -20.70 11.14
N LEU A 166 39.70 -20.89 10.46
CA LEU A 166 39.57 -21.86 9.38
C LEU A 166 40.14 -21.19 8.13
N ARG A 167 39.89 -19.89 8.01
CA ARG A 167 40.39 -19.11 6.89
C ARG A 167 41.89 -18.94 7.04
N LYS A 168 42.34 -18.78 8.29
CA LYS A 168 43.75 -18.64 8.59
C LYS A 168 44.41 -19.97 8.22
N ILE A 169 43.70 -20.77 7.43
CA ILE A 169 44.19 -22.08 7.04
C ILE A 169 43.78 -22.43 5.62
N GLU A 182 41.01 -29.93 3.43
CA GLU A 182 39.89 -29.78 2.51
C GLU A 182 38.58 -29.66 3.28
N LEU A 183 37.52 -30.18 2.69
CA LEU A 183 36.20 -30.17 3.29
C LEU A 183 35.76 -28.81 3.86
N LEU A 184 35.63 -27.82 2.97
CA LEU A 184 35.17 -26.46 3.29
C LEU A 184 35.43 -25.47 2.13
N ASP A 185 34.37 -25.08 1.42
CA ASP A 185 34.49 -24.16 0.32
C ASP A 185 33.90 -22.80 0.69
N PRO A 186 34.09 -21.79 -0.17
CA PRO A 186 33.58 -20.44 0.10
C PRO A 186 32.11 -20.32 0.49
N LEU A 187 31.21 -20.85 -0.33
CA LEU A 187 29.79 -20.76 -0.03
C LEU A 187 29.48 -21.36 1.34
N ALA A 188 30.10 -22.50 1.65
CA ALA A 188 29.87 -23.19 2.91
C ALA A 188 30.15 -22.29 4.08
N ILE A 189 31.33 -21.68 4.06
CA ILE A 189 31.74 -20.78 5.13
C ILE A 189 30.83 -19.57 5.21
N LYS A 190 30.49 -18.98 4.07
CA LYS A 190 29.61 -17.83 4.06
C LYS A 190 28.30 -18.21 4.75
N ILE A 191 27.73 -19.36 4.38
CA ILE A 191 26.49 -19.81 4.96
C ILE A 191 26.57 -20.11 6.46
N VAL A 192 27.54 -20.90 6.87
CA VAL A 192 27.65 -21.23 8.29
C VAL A 192 27.86 -20.00 9.14
N GLU A 193 28.46 -18.97 8.56
CA GLU A 193 28.69 -17.75 9.30
C GLU A 193 27.41 -16.92 9.42
N ARG A 194 26.75 -16.68 8.29
CA ARG A 194 25.53 -15.85 8.30
C ARG A 194 24.41 -16.45 9.14
N SER A 195 24.36 -17.77 9.19
CA SER A 195 23.31 -18.43 9.96
C SER A 195 23.83 -18.99 11.26
N LYS A 196 25.07 -18.65 11.57
CA LYS A 196 25.74 -19.08 12.80
C LYS A 196 25.55 -20.55 13.13
N ILE A 197 26.05 -21.40 12.25
CA ILE A 197 25.95 -22.84 12.39
C ILE A 197 27.33 -23.29 12.80
N ARG A 198 27.43 -24.11 13.84
CA ARG A 198 28.75 -24.55 14.22
C ARG A 198 29.07 -25.82 13.46
N VAL A 199 30.34 -25.94 13.05
CA VAL A 199 30.75 -27.10 12.29
C VAL A 199 31.64 -28.02 13.10
N ILE A 200 31.30 -29.30 13.14
CA ILE A 200 32.08 -30.27 13.89
C ILE A 200 32.80 -31.21 12.92
N VAL A 201 34.12 -31.10 12.88
CA VAL A 201 34.92 -31.96 12.00
C VAL A 201 35.31 -33.20 12.78
N MET A 202 34.97 -34.37 12.26
CA MET A 202 35.30 -35.61 12.95
C MET A 202 35.52 -36.76 11.99
N ASN A 203 36.07 -37.84 12.52
CA ASN A 203 36.38 -39.02 11.72
C ASN A 203 35.13 -39.87 11.53
N TYR A 204 34.79 -40.25 10.30
CA TYR A 204 33.61 -41.05 10.09
C TYR A 204 33.76 -42.43 10.68
N ARG A 205 34.98 -42.78 11.08
CA ARG A 205 35.23 -44.08 11.69
C ARG A 205 34.49 -44.08 13.03
N LYS A 206 34.34 -42.89 13.62
CA LYS A 206 33.71 -42.72 14.93
C LYS A 206 32.26 -42.22 14.87
N LEU A 207 31.54 -42.44 13.78
CA LEU A 207 30.17 -41.89 13.67
C LEU A 207 29.09 -42.38 14.63
N ASN A 208 29.39 -43.41 15.42
CA ASN A 208 28.41 -43.94 16.37
C ASN A 208 28.68 -43.36 17.74
N ARG A 209 29.85 -42.75 17.89
CA ARG A 209 30.20 -42.10 19.14
C ARG A 209 29.69 -40.68 18.89
N ILE A 210 28.93 -40.53 17.82
CA ILE A 210 28.39 -39.24 17.41
C ILE A 210 27.67 -38.51 18.51
N ILE A 211 26.94 -39.23 19.35
CA ILE A 211 26.24 -38.59 20.45
C ILE A 211 27.23 -37.94 21.41
N ASP A 212 28.36 -38.59 21.63
CA ASP A 212 29.38 -38.04 22.51
C ASP A 212 29.99 -36.82 21.85
N ILE A 213 30.42 -36.98 20.60
CA ILE A 213 31.04 -35.90 19.82
C ILE A 213 30.24 -34.62 19.98
N LEU A 214 28.95 -34.71 19.70
CA LEU A 214 28.04 -33.57 19.78
C LEU A 214 28.06 -32.86 21.12
N LYS A 215 28.29 -33.60 22.20
CA LYS A 215 28.32 -32.98 23.50
C LYS A 215 29.71 -32.80 24.11
N GLY A 216 30.75 -33.09 23.37
CA GLY A 216 32.09 -32.88 23.91
C GLY A 216 32.79 -34.01 24.63
N GLU A 217 32.14 -35.16 24.74
CA GLU A 217 32.77 -36.29 25.41
C GLU A 217 33.43 -37.23 24.41
N GLU A 218 33.99 -36.67 23.34
CA GLU A 218 34.65 -37.48 22.33
C GLU A 218 35.47 -36.58 21.41
N VAL A 219 36.56 -37.14 20.89
CA VAL A 219 37.46 -36.40 20.00
C VAL A 219 36.79 -35.68 18.83
N SER A 220 37.26 -34.47 18.50
CA SER A 220 36.70 -33.67 17.39
C SER A 220 37.16 -32.22 17.39
N SER A 221 37.02 -31.56 16.25
CA SER A 221 37.37 -30.15 16.11
C SER A 221 36.07 -29.42 15.88
N ILE A 222 35.81 -28.42 16.71
CA ILE A 222 34.60 -27.63 16.57
C ILE A 222 34.89 -26.23 16.06
N ILE A 223 34.37 -25.90 14.87
CA ILE A 223 34.56 -24.58 14.27
C ILE A 223 33.38 -23.70 14.68
N GLU A 224 33.69 -22.62 15.38
CA GLU A 224 32.66 -21.68 15.82
C GLU A 224 32.46 -20.56 14.80
N PRO A 225 31.18 -20.24 14.51
CA PRO A 225 30.90 -19.18 13.53
C PRO A 225 31.25 -17.81 14.11
N VAL A 226 31.73 -16.91 13.26
CA VAL A 226 32.11 -15.57 13.71
C VAL A 226 32.01 -14.50 12.62
N MET B 1 13.47 -42.54 -40.43
CA MET B 1 13.24 -43.80 -39.68
C MET B 1 13.85 -43.72 -38.30
N ASN B 2 13.12 -44.24 -37.31
CA ASN B 2 13.62 -44.25 -35.94
C ASN B 2 14.40 -45.53 -35.69
N ILE B 3 15.41 -45.44 -34.84
CA ILE B 3 16.25 -46.59 -34.51
C ILE B 3 16.74 -46.49 -33.04
N ILE B 4 16.73 -47.60 -32.31
CA ILE B 4 17.19 -47.60 -30.93
C ILE B 4 18.53 -48.30 -30.84
N LEU B 5 19.44 -47.74 -30.06
CA LEU B 5 20.79 -48.28 -29.95
C LEU B 5 21.09 -48.62 -28.51
N LYS B 6 21.23 -49.90 -28.22
CA LYS B 6 21.52 -50.35 -26.86
C LYS B 6 23.02 -50.53 -26.69
N ILE B 7 23.62 -49.70 -25.83
CA ILE B 7 25.06 -49.75 -25.57
C ILE B 7 25.31 -50.59 -24.33
N SER B 8 26.01 -51.71 -24.52
CA SER B 8 26.35 -52.62 -23.42
C SER B 8 27.12 -51.90 -22.33
N GLY B 9 26.97 -52.33 -21.09
CA GLY B 9 27.66 -51.70 -20.00
C GLY B 9 29.17 -51.72 -20.11
N LYS B 10 29.71 -52.80 -20.65
CA LYS B 10 31.16 -52.97 -20.80
C LYS B 10 31.76 -51.78 -21.51
N PHE B 11 31.01 -51.24 -22.44
CA PHE B 11 31.41 -50.08 -23.22
C PHE B 11 32.00 -49.00 -22.33
N PHE B 12 31.41 -48.81 -21.15
CA PHE B 12 31.86 -47.77 -20.23
C PHE B 12 32.93 -48.18 -19.25
N ASP B 13 33.09 -49.48 -19.06
CA ASP B 13 34.08 -49.98 -18.11
C ASP B 13 35.48 -49.90 -18.64
N GLU B 14 35.62 -49.90 -19.96
CA GLU B 14 36.95 -49.82 -20.54
C GLU B 14 37.63 -48.48 -20.23
N ASP B 15 36.84 -47.53 -19.72
CA ASP B 15 37.35 -46.19 -19.41
C ASP B 15 37.98 -45.77 -20.73
N ASN B 16 37.27 -46.15 -21.79
CA ASN B 16 37.69 -45.90 -23.15
C ASN B 16 37.04 -44.66 -23.70
N VAL B 17 37.87 -43.66 -23.98
CA VAL B 17 37.39 -42.43 -24.55
C VAL B 17 37.05 -42.80 -26.00
N ASP B 18 37.85 -43.70 -26.55
CA ASP B 18 37.67 -44.14 -27.92
C ASP B 18 36.27 -44.68 -28.18
N ASN B 19 35.64 -45.21 -27.14
CA ASN B 19 34.30 -45.74 -27.28
C ASN B 19 33.29 -44.60 -27.39
N LEU B 20 33.37 -43.63 -26.47
CA LEU B 20 32.47 -42.49 -26.50
C LEU B 20 32.64 -41.70 -27.80
N ILE B 21 33.88 -41.68 -28.29
CA ILE B 21 34.25 -40.97 -29.52
C ILE B 21 33.50 -41.54 -30.72
N VAL B 22 33.63 -42.85 -30.93
CA VAL B 22 32.98 -43.54 -32.04
C VAL B 22 31.46 -43.51 -31.94
N LEU B 23 30.93 -43.44 -30.72
CA LEU B 23 29.49 -43.39 -30.52
C LEU B 23 28.96 -42.07 -31.05
N ARG B 24 29.60 -40.97 -30.64
CA ARG B 24 29.19 -39.65 -31.08
C ARG B 24 29.21 -39.61 -32.60
N GLN B 25 30.27 -40.16 -33.17
CA GLN B 25 30.41 -40.19 -34.60
C GLN B 25 29.18 -40.82 -35.24
N SER B 26 28.93 -42.07 -34.89
CA SER B 26 27.78 -42.78 -35.44
C SER B 26 26.44 -42.09 -35.14
N ILE B 27 26.30 -41.47 -33.96
CA ILE B 27 25.03 -40.79 -33.67
C ILE B 27 24.92 -39.64 -34.64
N LYS B 28 26.07 -39.03 -34.90
CA LYS B 28 26.11 -37.92 -35.83
C LYS B 28 25.86 -38.40 -37.26
N GLU B 29 26.43 -39.55 -37.61
CA GLU B 29 26.23 -40.05 -38.96
C GLU B 29 24.80 -40.52 -39.15
N LEU B 30 24.29 -41.26 -38.18
CA LEU B 30 22.92 -41.75 -38.27
C LEU B 30 21.98 -40.56 -38.46
N ALA B 31 22.18 -39.52 -37.65
CA ALA B 31 21.34 -38.33 -37.74
C ALA B 31 21.38 -37.81 -39.17
N ASP B 32 22.58 -37.64 -39.70
CA ASP B 32 22.73 -37.17 -41.06
C ASP B 32 21.87 -37.98 -42.04
N ASN B 33 22.07 -39.29 -42.09
CA ASN B 33 21.30 -40.15 -43.00
C ASN B 33 19.77 -40.24 -42.77
N GLY B 34 19.21 -39.31 -41.99
CA GLY B 34 17.76 -39.34 -41.76
C GLY B 34 17.21 -40.35 -40.76
N PHE B 35 17.93 -40.58 -39.66
CA PHE B 35 17.48 -41.52 -38.63
C PHE B 35 17.34 -40.78 -37.33
N ARG B 36 16.30 -41.07 -36.58
CA ARG B 36 16.16 -40.49 -35.26
C ARG B 36 16.78 -41.59 -34.40
N VAL B 37 17.58 -41.23 -33.41
CA VAL B 37 18.21 -42.25 -32.60
C VAL B 37 17.91 -42.16 -31.13
N GLY B 38 17.48 -43.29 -30.57
CA GLY B 38 17.22 -43.38 -29.14
C GLY B 38 18.37 -44.22 -28.63
N ILE B 39 18.93 -43.90 -27.48
CA ILE B 39 20.05 -44.68 -26.94
C ILE B 39 19.76 -45.18 -25.53
N VAL B 40 20.05 -46.45 -25.27
CA VAL B 40 19.84 -47.00 -23.94
C VAL B 40 21.18 -47.49 -23.42
N THR B 41 21.63 -46.96 -22.28
CA THR B 41 22.92 -47.35 -21.75
C THR B 41 22.80 -48.26 -20.53
N GLY B 42 23.60 -49.31 -20.50
CA GLY B 42 23.54 -50.24 -19.39
C GLY B 42 24.37 -49.81 -18.19
N GLY B 43 24.12 -50.46 -17.04
CA GLY B 43 24.83 -50.12 -15.82
C GLY B 43 26.32 -50.43 -15.77
N GLY B 44 26.75 -51.46 -16.49
CA GLY B 44 28.15 -51.81 -16.52
C GLY B 44 28.72 -52.15 -15.15
N SER B 45 30.02 -51.98 -14.99
CA SER B 45 30.66 -52.32 -13.73
C SER B 45 30.22 -51.44 -12.58
N THR B 46 29.90 -50.18 -12.85
CA THR B 46 29.46 -49.27 -11.80
C THR B 46 28.24 -49.92 -11.16
N ALA B 47 27.30 -50.33 -12.00
CA ALA B 47 26.11 -51.00 -11.48
C ALA B 47 26.58 -52.17 -10.60
N ARG B 48 27.50 -52.98 -11.11
CA ARG B 48 28.01 -54.14 -10.40
C ARG B 48 28.57 -53.81 -9.03
N ARG B 49 29.55 -52.91 -8.97
CA ARG B 49 30.20 -52.53 -7.72
C ARG B 49 29.19 -52.06 -6.67
N TYR B 50 28.22 -51.28 -7.10
CA TYR B 50 27.25 -50.75 -6.17
C TYR B 50 26.27 -51.76 -5.64
N ILE B 51 25.83 -52.68 -6.50
CA ILE B 51 24.88 -53.71 -6.10
C ILE B 51 25.59 -54.67 -5.16
N LYS B 52 26.82 -55.02 -5.54
CA LYS B 52 27.64 -55.91 -4.74
C LYS B 52 27.66 -55.35 -3.34
N LEU B 53 28.25 -54.17 -3.25
CA LEU B 53 28.37 -53.48 -1.99
C LEU B 53 27.03 -53.41 -1.27
N ALA B 54 25.98 -53.04 -1.98
CA ALA B 54 24.67 -52.94 -1.38
C ALA B 54 24.19 -54.28 -0.84
N ARG B 55 24.34 -55.33 -1.65
CA ARG B 55 23.91 -56.69 -1.28
C ARG B 55 24.64 -57.14 -0.02
N GLU B 56 25.92 -56.79 0.05
CA GLU B 56 26.76 -57.15 1.19
C GLU B 56 26.19 -56.73 2.54
N ILE B 57 25.41 -55.66 2.55
CA ILE B 57 24.80 -55.21 3.80
C ILE B 57 23.30 -55.47 3.80
N GLY B 58 22.88 -56.43 2.99
CA GLY B 58 21.48 -56.81 2.98
C GLY B 58 20.40 -55.93 2.39
N ILE B 59 20.71 -55.16 1.36
CA ILE B 59 19.69 -54.35 0.73
C ILE B 59 18.81 -55.28 -0.10
N GLY B 60 17.50 -55.05 -0.06
CA GLY B 60 16.56 -55.87 -0.80
C GLY B 60 16.79 -55.95 -2.31
N GLU B 61 16.26 -56.99 -2.95
CA GLU B 61 16.46 -57.14 -4.37
C GLU B 61 15.94 -55.94 -5.14
N ALA B 62 14.81 -55.40 -4.71
CA ALA B 62 14.19 -54.24 -5.40
C ALA B 62 15.13 -53.04 -5.45
N TYR B 63 15.78 -52.78 -4.32
CA TYR B 63 16.70 -51.67 -4.21
C TYR B 63 18.02 -51.93 -4.89
N LEU B 64 18.42 -53.19 -5.01
CA LEU B 64 19.67 -53.49 -5.67
C LEU B 64 19.41 -53.09 -7.11
N ASP B 65 18.23 -53.45 -7.60
CA ASP B 65 17.84 -53.12 -8.96
C ASP B 65 17.89 -51.61 -9.19
N LEU B 66 17.30 -50.85 -8.26
CA LEU B 66 17.29 -49.38 -8.36
C LEU B 66 18.70 -48.82 -8.45
N LEU B 67 19.63 -49.40 -7.70
CA LEU B 67 21.00 -48.95 -7.75
C LEU B 67 21.61 -49.23 -9.13
N GLY B 68 21.23 -50.34 -9.75
CA GLY B 68 21.78 -50.63 -11.05
C GLY B 68 21.19 -49.67 -12.05
N ILE B 69 19.93 -49.30 -11.80
CA ILE B 69 19.24 -48.37 -12.67
C ILE B 69 19.92 -47.00 -12.59
N TRP B 70 20.15 -46.56 -11.37
CA TRP B 70 20.81 -45.27 -11.20
C TRP B 70 22.16 -45.27 -11.83
N ALA B 71 22.90 -46.37 -11.67
CA ALA B 71 24.20 -46.48 -12.27
C ALA B 71 24.05 -46.46 -13.80
N SER B 72 23.01 -47.10 -14.33
CA SER B 72 22.87 -47.08 -15.76
C SER B 72 22.52 -45.65 -16.23
N ARG B 73 21.87 -44.89 -15.36
CA ARG B 73 21.51 -43.52 -15.69
C ARG B 73 22.74 -42.62 -15.71
N LEU B 74 23.65 -42.88 -14.77
CA LEU B 74 24.88 -42.12 -14.69
C LEU B 74 25.62 -42.23 -16.03
N ASN B 75 25.59 -43.41 -16.63
CA ASN B 75 26.22 -43.62 -17.92
C ASN B 75 25.40 -42.91 -18.98
N ALA B 76 24.09 -42.87 -18.76
CA ALA B 76 23.19 -42.22 -19.70
C ALA B 76 23.55 -40.75 -19.77
N TYR B 77 23.83 -40.16 -18.61
CA TYR B 77 24.19 -38.76 -18.56
C TYR B 77 25.50 -38.53 -19.28
N LEU B 78 26.48 -39.39 -19.02
CA LEU B 78 27.77 -39.26 -19.69
C LEU B 78 27.60 -39.27 -21.22
N VAL B 79 26.85 -40.23 -21.75
CA VAL B 79 26.66 -40.28 -23.18
C VAL B 79 25.93 -39.05 -23.63
N MET B 80 24.87 -38.68 -22.91
CA MET B 80 24.11 -37.48 -23.25
C MET B 80 25.00 -36.23 -23.31
N PHE B 81 25.74 -35.98 -22.23
CA PHE B 81 26.60 -34.83 -22.16
C PHE B 81 27.58 -34.73 -23.31
N SER B 82 27.97 -35.87 -23.84
CA SER B 82 28.90 -35.92 -24.97
C SER B 82 28.17 -35.67 -26.28
N LEU B 83 26.88 -36.00 -26.32
CA LEU B 83 26.09 -35.81 -27.53
C LEU B 83 25.53 -34.40 -27.53
N GLN B 84 25.75 -33.67 -26.42
CA GLN B 84 25.24 -32.31 -26.23
C GLN B 84 24.89 -31.57 -27.50
N ASP B 85 23.73 -30.93 -27.50
CA ASP B 85 23.25 -30.17 -28.64
C ASP B 85 22.64 -31.05 -29.70
N LEU B 86 22.71 -32.35 -29.49
CA LEU B 86 22.12 -33.31 -30.44
C LEU B 86 21.05 -34.08 -29.66
N ALA B 87 21.24 -34.12 -28.35
CA ALA B 87 20.33 -34.82 -27.46
C ALA B 87 19.49 -33.93 -26.59
N TYR B 88 18.28 -34.39 -26.29
CA TYR B 88 17.40 -33.69 -25.41
C TYR B 88 18.04 -33.90 -24.03
N MET B 89 18.33 -32.80 -23.33
CA MET B 89 19.01 -32.87 -22.04
C MET B 89 18.26 -33.39 -20.83
N HIS B 90 17.69 -34.59 -20.95
CA HIS B 90 16.98 -35.18 -19.83
C HIS B 90 17.00 -36.69 -20.00
N VAL B 91 17.27 -37.42 -18.92
CA VAL B 91 17.28 -38.88 -18.99
C VAL B 91 15.97 -39.40 -18.45
N PRO B 92 15.03 -39.75 -19.33
CA PRO B 92 13.72 -40.25 -18.92
C PRO B 92 13.86 -41.41 -17.94
N GLN B 93 13.00 -41.46 -16.92
CA GLN B 93 13.10 -42.53 -15.94
C GLN B 93 11.99 -43.60 -16.04
N SER B 94 11.19 -43.53 -17.10
CA SER B 94 10.09 -44.46 -17.30
C SER B 94 9.76 -44.42 -18.76
N LEU B 95 9.06 -45.43 -19.26
CA LEU B 95 8.71 -45.43 -20.65
C LEU B 95 7.83 -44.23 -20.94
N GLU B 96 6.91 -43.92 -20.03
CA GLU B 96 6.00 -42.78 -20.25
C GLU B 96 6.80 -41.49 -20.45
N GLU B 97 7.82 -41.29 -19.63
CA GLU B 97 8.67 -40.11 -19.76
C GLU B 97 9.45 -40.12 -21.07
N PHE B 98 9.93 -41.29 -21.48
CA PHE B 98 10.67 -41.40 -22.74
C PHE B 98 9.80 -40.92 -23.90
N ILE B 99 8.57 -41.41 -23.93
CA ILE B 99 7.59 -41.06 -24.94
C ILE B 99 7.45 -39.54 -25.02
N GLN B 100 7.46 -38.89 -23.87
CA GLN B 100 7.35 -37.45 -23.83
C GLN B 100 8.63 -36.81 -24.41
N ASP B 101 9.78 -37.17 -23.84
CA ASP B 101 11.07 -36.64 -24.29
C ASP B 101 11.34 -36.87 -25.77
N TRP B 102 10.76 -37.93 -26.30
CA TRP B 102 10.96 -38.27 -27.69
C TRP B 102 10.21 -37.30 -28.61
N SER B 103 9.19 -36.64 -28.07
CA SER B 103 8.38 -35.69 -28.85
C SER B 103 9.20 -34.53 -29.37
N HIS B 104 10.21 -34.17 -28.59
CA HIS B 104 11.08 -33.06 -28.88
C HIS B 104 11.99 -33.21 -30.09
N GLY B 105 11.88 -34.33 -30.77
CA GLY B 105 12.67 -34.54 -31.98
C GLY B 105 14.19 -34.65 -31.90
N LYS B 106 14.77 -34.75 -30.71
CA LYS B 106 16.22 -34.89 -30.60
C LYS B 106 16.59 -36.30 -30.12
N VAL B 107 17.88 -36.56 -29.94
CA VAL B 107 18.33 -37.85 -29.45
C VAL B 107 17.99 -37.97 -27.97
N VAL B 108 17.47 -39.13 -27.57
CA VAL B 108 17.11 -39.35 -26.17
C VAL B 108 17.94 -40.49 -25.61
N VAL B 109 18.61 -40.25 -24.48
CA VAL B 109 19.45 -41.26 -23.85
C VAL B 109 18.78 -41.73 -22.57
N THR B 110 18.61 -43.05 -22.43
CA THR B 110 17.94 -43.62 -21.27
C THR B 110 18.75 -44.66 -20.55
N GLY B 111 18.35 -44.90 -19.30
CA GLY B 111 18.99 -45.91 -18.49
C GLY B 111 17.84 -46.83 -18.11
N GLY B 112 17.91 -47.46 -16.95
CA GLY B 112 16.83 -48.33 -16.54
C GLY B 112 15.52 -47.61 -16.21
N PHE B 113 14.44 -48.37 -16.07
CA PHE B 113 13.11 -47.84 -15.75
C PHE B 113 12.53 -48.45 -14.46
N GLN B 114 12.47 -49.77 -14.45
CA GLN B 114 11.85 -50.52 -13.39
C GLN B 114 12.63 -51.76 -12.98
N PRO B 115 12.50 -52.19 -11.70
CA PRO B 115 13.17 -53.38 -11.15
C PRO B 115 12.68 -54.65 -11.84
N GLY B 116 13.51 -55.68 -11.81
CA GLY B 116 13.11 -56.94 -12.42
C GLY B 116 13.40 -57.14 -13.89
N GLN B 117 14.01 -56.15 -14.56
CA GLN B 117 14.34 -56.29 -15.98
C GLN B 117 15.71 -55.71 -16.23
N SER B 118 16.13 -55.70 -17.49
CA SER B 118 17.44 -55.16 -17.82
C SER B 118 17.30 -54.06 -18.85
N THR B 119 18.40 -53.36 -19.13
CA THR B 119 18.33 -52.30 -20.11
C THR B 119 17.92 -52.86 -21.48
N ALA B 120 18.07 -54.15 -21.67
CA ALA B 120 17.67 -54.75 -22.93
C ALA B 120 16.17 -54.57 -23.06
N ALA B 121 15.45 -54.88 -21.99
CA ALA B 121 14.00 -54.75 -21.99
C ALA B 121 13.67 -53.30 -22.27
N VAL B 122 14.41 -52.39 -21.64
CA VAL B 122 14.18 -50.97 -21.80
C VAL B 122 14.32 -50.63 -23.29
N ALA B 123 15.41 -51.11 -23.89
CA ALA B 123 15.68 -50.86 -25.28
C ALA B 123 14.51 -51.33 -26.12
N ALA B 124 13.98 -52.51 -25.81
CA ALA B 124 12.84 -53.06 -26.55
C ALA B 124 11.59 -52.19 -26.41
N LEU B 125 11.26 -51.86 -25.16
CA LEU B 125 10.11 -51.03 -24.86
C LEU B 125 10.24 -49.69 -25.60
N VAL B 126 11.40 -49.06 -25.45
CA VAL B 126 11.70 -47.78 -26.07
C VAL B 126 11.61 -47.87 -27.60
N ALA B 127 12.02 -49.00 -28.14
CA ALA B 127 11.99 -49.20 -29.58
C ALA B 127 10.55 -49.29 -30.02
N GLU B 128 9.76 -50.06 -29.29
CA GLU B 128 8.36 -50.23 -29.60
C GLU B 128 7.62 -48.90 -29.52
N ALA B 129 7.83 -48.18 -28.41
CA ALA B 129 7.17 -46.90 -28.17
C ALA B 129 7.52 -45.85 -29.21
N SER B 130 8.74 -45.91 -29.73
CA SER B 130 9.20 -44.94 -30.72
C SER B 130 9.01 -45.43 -32.15
N SER B 131 8.30 -46.52 -32.32
CA SER B 131 8.06 -47.07 -33.64
C SER B 131 9.34 -47.36 -34.39
N SER B 132 10.34 -47.90 -33.71
CA SER B 132 11.59 -48.23 -34.37
C SER B 132 11.47 -49.65 -34.88
N LYS B 133 11.84 -49.88 -36.12
CA LYS B 133 11.73 -51.21 -36.66
C LYS B 133 12.99 -52.00 -36.37
N THR B 134 14.04 -51.32 -35.92
CA THR B 134 15.29 -52.01 -35.63
C THR B 134 15.85 -51.59 -34.29
N LEU B 135 16.33 -52.58 -33.55
CA LEU B 135 16.95 -52.36 -32.25
C LEU B 135 18.36 -52.91 -32.39
N VAL B 136 19.36 -52.04 -32.27
CA VAL B 136 20.74 -52.48 -32.40
C VAL B 136 21.32 -52.72 -31.01
N VAL B 137 21.77 -53.93 -30.76
CA VAL B 137 22.37 -54.22 -29.47
C VAL B 137 23.86 -54.25 -29.69
N ALA B 138 24.55 -53.23 -29.21
CA ALA B 138 25.99 -53.15 -29.41
C ALA B 138 26.75 -53.67 -28.20
N THR B 139 27.47 -54.77 -28.41
CA THR B 139 28.25 -55.39 -27.35
C THR B 139 29.72 -55.55 -27.75
N ASN B 140 30.53 -56.20 -26.91
CA ASN B 140 31.96 -56.39 -27.18
C ASN B 140 32.28 -57.56 -28.13
N VAL B 141 31.27 -58.05 -28.83
CA VAL B 141 31.43 -59.18 -29.75
C VAL B 141 30.83 -58.85 -31.10
N ASP B 142 31.39 -59.40 -32.16
CA ASP B 142 30.91 -59.11 -33.49
C ASP B 142 29.48 -59.56 -33.79
N GLY B 143 28.90 -60.35 -32.90
CA GLY B 143 27.54 -60.79 -33.15
C GLY B 143 27.15 -62.01 -32.32
N VAL B 144 26.10 -62.69 -32.74
CA VAL B 144 25.62 -63.88 -32.06
C VAL B 144 26.39 -65.11 -32.51
N TYR B 145 26.70 -65.97 -31.55
CA TYR B 145 27.41 -67.23 -31.81
C TYR B 145 26.64 -68.32 -31.09
N GLU B 146 27.05 -69.58 -31.27
CA GLU B 146 26.39 -70.70 -30.60
C GLU B 146 27.07 -71.03 -29.27
N LYS B 147 28.30 -70.52 -29.13
CA LYS B 147 29.13 -70.70 -27.96
C LYS B 147 30.00 -69.44 -27.91
N ASP B 148 30.53 -69.07 -26.76
CA ASP B 148 31.36 -67.86 -26.68
C ASP B 148 32.57 -68.02 -27.62
N PRO B 149 32.76 -67.06 -28.54
CA PRO B 149 33.84 -67.03 -29.53
C PRO B 149 35.25 -66.78 -28.98
N ARG B 150 35.34 -66.14 -27.83
CA ARG B 150 36.66 -65.87 -27.23
C ARG B 150 37.26 -67.12 -26.58
N ILE B 151 36.41 -68.01 -26.12
CA ILE B 151 36.87 -69.24 -25.48
C ILE B 151 36.87 -70.39 -26.50
N TYR B 152 35.72 -70.70 -27.06
CA TYR B 152 35.64 -71.77 -28.05
C TYR B 152 36.26 -71.36 -29.38
N ALA B 153 37.21 -72.15 -29.86
CA ALA B 153 37.84 -71.88 -31.14
C ALA B 153 36.96 -72.53 -32.19
N ASP B 154 36.98 -71.99 -33.39
CA ASP B 154 36.18 -72.53 -34.48
C ASP B 154 34.67 -72.37 -34.29
N VAL B 155 34.26 -71.23 -33.75
CA VAL B 155 32.85 -70.93 -33.59
C VAL B 155 32.63 -70.00 -34.77
N LYS B 156 31.58 -70.26 -35.54
CA LYS B 156 31.28 -69.43 -36.70
C LYS B 156 30.14 -68.47 -36.34
N LEU B 157 30.22 -67.23 -36.79
CA LEU B 157 29.18 -66.24 -36.49
C LEU B 157 27.90 -66.53 -37.26
N ILE B 158 26.74 -66.42 -36.58
CA ILE B 158 25.47 -66.68 -37.25
C ILE B 158 24.91 -65.36 -37.76
N PRO B 159 25.01 -65.11 -39.07
CA PRO B 159 24.51 -63.87 -39.68
C PRO B 159 23.00 -63.67 -39.68
N HIS B 160 22.23 -64.75 -39.60
CA HIS B 160 20.77 -64.64 -39.57
C HIS B 160 20.11 -65.71 -38.73
N LEU B 161 19.10 -65.30 -37.95
CA LEU B 161 18.38 -66.24 -37.12
C LEU B 161 17.02 -65.69 -36.76
N THR B 162 16.38 -66.27 -35.75
CA THR B 162 15.06 -65.81 -35.34
C THR B 162 14.98 -65.70 -33.83
N THR B 163 13.95 -65.01 -33.34
CA THR B 163 13.76 -64.85 -31.90
C THR B 163 13.80 -66.22 -31.23
N GLN B 164 13.09 -67.18 -31.85
CA GLN B 164 13.01 -68.55 -31.37
C GLN B 164 14.41 -69.19 -31.38
N ASP B 165 15.14 -68.99 -32.48
CA ASP B 165 16.51 -69.49 -32.63
C ASP B 165 17.33 -69.01 -31.45
N LEU B 166 17.07 -67.79 -31.02
CA LEU B 166 17.77 -67.18 -29.92
C LEU B 166 17.34 -67.84 -28.63
N ARG B 167 16.03 -68.10 -28.51
CA ARG B 167 15.49 -68.78 -27.34
C ARG B 167 16.15 -70.14 -27.31
N LYS B 168 16.18 -70.78 -28.49
CA LYS B 168 16.80 -72.09 -28.65
C LYS B 168 18.29 -71.91 -28.37
N ILE B 169 18.61 -70.98 -27.46
CA ILE B 169 19.99 -70.69 -27.05
C ILE B 169 19.95 -69.99 -25.70
N LEU B 183 21.91 -61.31 -23.34
CA LEU B 183 21.74 -60.35 -24.42
C LEU B 183 20.28 -59.96 -24.66
N LEU B 184 19.35 -60.81 -24.22
CA LEU B 184 17.94 -60.48 -24.37
C LEU B 184 17.14 -61.18 -23.29
N ASP B 185 16.53 -60.41 -22.39
CA ASP B 185 15.76 -61.01 -21.32
C ASP B 185 14.36 -61.33 -21.81
N PRO B 186 13.56 -62.02 -20.97
CA PRO B 186 12.18 -62.37 -21.39
C PRO B 186 11.33 -61.20 -21.93
N LEU B 187 11.23 -60.09 -21.19
CA LEU B 187 10.42 -58.94 -21.61
C LEU B 187 10.87 -58.39 -22.97
N ALA B 188 12.17 -58.31 -23.17
CA ALA B 188 12.73 -57.81 -24.41
C ALA B 188 12.24 -58.63 -25.58
N ILE B 189 12.37 -59.95 -25.47
CA ILE B 189 11.95 -60.85 -26.52
C ILE B 189 10.44 -60.73 -26.76
N LYS B 190 9.67 -60.75 -25.67
CA LYS B 190 8.22 -60.62 -25.79
C LYS B 190 7.89 -59.37 -26.58
N ILE B 191 8.55 -58.26 -26.25
CA ILE B 191 8.30 -56.99 -26.92
C ILE B 191 8.69 -56.98 -28.40
N VAL B 192 9.93 -57.37 -28.69
CA VAL B 192 10.39 -57.35 -30.07
C VAL B 192 9.53 -58.26 -30.94
N GLU B 193 8.97 -59.31 -30.34
CA GLU B 193 8.12 -60.21 -31.10
C GLU B 193 6.74 -59.60 -31.38
N ARG B 194 6.06 -59.15 -30.34
CA ARG B 194 4.72 -58.59 -30.52
C ARG B 194 4.71 -57.37 -31.45
N SER B 195 5.77 -56.57 -31.42
CA SER B 195 5.84 -55.39 -32.26
C SER B 195 6.72 -55.59 -33.49
N LYS B 196 7.15 -56.84 -33.70
CA LYS B 196 7.98 -57.21 -34.84
C LYS B 196 9.13 -56.25 -35.12
N ILE B 197 10.04 -56.17 -34.16
CA ILE B 197 11.21 -55.33 -34.25
C ILE B 197 12.39 -56.24 -34.48
N ARG B 198 13.20 -55.95 -35.47
CA ARG B 198 14.34 -56.81 -35.69
C ARG B 198 15.50 -56.32 -34.83
N VAL B 199 16.25 -57.25 -34.27
CA VAL B 199 17.38 -56.93 -33.43
C VAL B 199 18.69 -57.26 -34.13
N ILE B 200 19.60 -56.30 -34.11
CA ILE B 200 20.90 -56.48 -34.73
C ILE B 200 21.99 -56.51 -33.64
N VAL B 201 22.58 -57.67 -33.42
CA VAL B 201 23.63 -57.77 -32.42
C VAL B 201 24.95 -57.49 -33.13
N MET B 202 25.72 -56.54 -32.62
CA MET B 202 27.00 -56.21 -33.23
C MET B 202 28.01 -55.75 -32.20
N ASN B 203 29.25 -55.61 -32.62
CA ASN B 203 30.32 -55.19 -31.71
C ASN B 203 30.34 -53.68 -31.59
N TYR B 204 30.35 -53.13 -30.37
CA TYR B 204 30.37 -51.68 -30.27
C TYR B 204 31.66 -51.08 -30.81
N ARG B 205 32.66 -51.92 -31.04
CA ARG B 205 33.92 -51.46 -31.59
C ARG B 205 33.65 -50.96 -33.00
N LYS B 206 32.59 -51.49 -33.61
CA LYS B 206 32.24 -51.16 -34.99
C LYS B 206 31.08 -50.18 -35.17
N LEU B 207 30.72 -49.43 -34.14
CA LEU B 207 29.61 -48.50 -34.30
C LEU B 207 29.73 -47.50 -35.48
N ASN B 208 30.93 -47.01 -35.74
CA ASN B 208 31.10 -46.05 -36.83
C ASN B 208 30.70 -46.63 -38.19
N ARG B 209 30.72 -47.96 -38.30
CA ARG B 209 30.32 -48.63 -39.54
C ARG B 209 28.85 -49.00 -39.42
N ILE B 210 28.19 -48.43 -38.42
CA ILE B 210 26.78 -48.69 -38.14
C ILE B 210 25.89 -48.59 -39.36
N ILE B 211 26.18 -47.64 -40.24
CA ILE B 211 25.35 -47.48 -41.44
C ILE B 211 25.41 -48.72 -42.33
N ASP B 212 26.58 -49.32 -42.43
CA ASP B 212 26.74 -50.53 -43.24
C ASP B 212 26.00 -51.67 -42.55
N ILE B 213 26.25 -51.85 -41.26
CA ILE B 213 25.62 -52.89 -40.46
C ILE B 213 24.12 -52.93 -40.78
N LEU B 214 23.48 -51.77 -40.62
CA LEU B 214 22.04 -51.65 -40.84
C LEU B 214 21.56 -52.12 -42.19
N LYS B 215 22.38 -51.99 -43.22
CA LYS B 215 21.95 -52.44 -44.54
C LYS B 215 22.52 -53.79 -44.94
N GLY B 216 22.80 -54.64 -43.97
CA GLY B 216 23.33 -55.96 -44.27
C GLY B 216 24.59 -55.95 -45.11
N GLU B 217 25.48 -54.97 -44.90
CA GLU B 217 26.73 -54.93 -45.67
C GLU B 217 27.93 -54.83 -44.75
N GLU B 218 27.82 -55.48 -43.61
CA GLU B 218 28.88 -55.51 -42.60
C GLU B 218 28.59 -56.65 -41.62
N VAL B 219 29.62 -57.13 -40.93
CA VAL B 219 29.46 -58.21 -39.97
C VAL B 219 28.44 -57.90 -38.87
N SER B 220 27.61 -58.89 -38.51
CA SER B 220 26.59 -58.72 -37.49
C SER B 220 25.60 -59.88 -37.53
N SER B 221 24.83 -60.03 -36.47
CA SER B 221 23.84 -61.09 -36.38
C SER B 221 22.49 -60.39 -36.33
N ILE B 222 21.59 -60.78 -37.22
CA ILE B 222 20.27 -60.18 -37.25
C ILE B 222 19.22 -61.18 -36.77
N ILE B 223 18.55 -60.84 -35.67
CA ILE B 223 17.50 -61.67 -35.12
C ILE B 223 16.17 -61.22 -35.68
N GLU B 224 15.49 -62.09 -36.42
CA GLU B 224 14.19 -61.78 -37.02
C GLU B 224 13.05 -62.17 -36.08
N PRO B 225 12.09 -61.26 -35.88
CA PRO B 225 10.96 -61.55 -35.00
C PRO B 225 10.06 -62.61 -35.62
N VAL B 226 9.48 -63.45 -34.78
CA VAL B 226 8.59 -64.52 -35.24
C VAL B 226 7.50 -64.86 -34.24
N MET C 1 2.44 -56.11 9.75
CA MET C 1 3.42 -55.58 8.75
C MET C 1 2.66 -54.97 7.57
N ASN C 2 3.19 -55.16 6.36
CA ASN C 2 2.58 -54.61 5.15
C ASN C 2 1.94 -55.68 4.27
N ILE C 3 0.89 -55.30 3.55
CA ILE C 3 0.19 -56.23 2.67
C ILE C 3 -0.33 -55.51 1.42
N ILE C 4 -0.24 -56.18 0.28
CA ILE C 4 -0.71 -55.61 -0.97
C ILE C 4 -1.97 -56.33 -1.42
N LEU C 5 -2.94 -55.54 -1.88
CA LEU C 5 -4.21 -56.08 -2.32
C LEU C 5 -4.44 -55.74 -3.79
N LYS C 6 -4.45 -56.76 -4.63
CA LYS C 6 -4.67 -56.56 -6.05
C LYS C 6 -6.14 -56.80 -6.36
N ILE C 7 -6.86 -55.75 -6.76
CA ILE C 7 -8.28 -55.82 -7.11
C ILE C 7 -8.45 -56.05 -8.61
N SER C 8 -8.99 -57.20 -9.00
CA SER C 8 -9.19 -57.49 -10.41
C SER C 8 -10.06 -56.41 -11.05
N GLY C 9 -9.89 -56.22 -12.36
CA GLY C 9 -10.65 -55.21 -13.05
C GLY C 9 -12.14 -55.46 -13.08
N LYS C 10 -12.55 -56.73 -13.17
CA LYS C 10 -13.98 -57.06 -13.23
C LYS C 10 -14.71 -56.40 -12.07
N PHE C 11 -14.01 -56.26 -10.96
CA PHE C 11 -14.56 -55.65 -9.75
C PHE C 11 -15.24 -54.33 -10.02
N PHE C 12 -14.72 -53.57 -10.97
CA PHE C 12 -15.29 -52.27 -11.29
C PHE C 12 -16.29 -52.30 -12.43
N ASP C 13 -16.28 -53.38 -13.22
CA ASP C 13 -17.21 -53.48 -14.34
C ASP C 13 -18.63 -53.77 -13.88
N GLU C 14 -18.76 -54.40 -12.72
CA GLU C 14 -20.07 -54.74 -12.18
C GLU C 14 -20.84 -53.48 -11.82
N PHE C 35 -0.86 -53.52 10.30
CA PHE C 35 -1.15 -53.78 8.89
C PHE C 35 -1.37 -52.54 8.01
N ARG C 36 -0.41 -52.30 7.13
CA ARG C 36 -0.49 -51.19 6.18
C ARG C 36 -0.96 -51.82 4.89
N VAL C 37 -1.79 -51.12 4.12
CA VAL C 37 -2.28 -51.72 2.87
C VAL C 37 -1.98 -50.92 1.60
N GLY C 38 -1.46 -51.65 0.61
CA GLY C 38 -1.17 -51.07 -0.68
C GLY C 38 -2.21 -51.67 -1.59
N ILE C 39 -2.80 -50.91 -2.50
CA ILE C 39 -3.81 -51.44 -3.39
C ILE C 39 -3.46 -51.22 -4.86
N VAL C 40 -3.65 -52.24 -5.68
CA VAL C 40 -3.40 -52.14 -7.10
C VAL C 40 -4.70 -52.45 -7.81
N THR C 41 -5.16 -51.56 -8.68
CA THR C 41 -6.42 -51.79 -9.36
C THR C 41 -6.15 -52.02 -10.84
N GLY C 42 -6.86 -52.99 -11.42
CA GLY C 42 -6.64 -53.27 -12.81
C GLY C 42 -7.54 -52.44 -13.69
N GLY C 43 -7.28 -52.51 -14.99
CA GLY C 43 -8.05 -51.72 -15.94
C GLY C 43 -9.46 -52.15 -16.23
N GLY C 44 -9.77 -53.43 -16.06
CA GLY C 44 -11.13 -53.89 -16.31
C GLY C 44 -11.65 -53.67 -17.73
N SER C 45 -12.95 -53.56 -17.85
CA SER C 45 -13.56 -53.39 -19.16
C SER C 45 -13.25 -52.04 -19.78
N THR C 46 -13.09 -51.01 -18.96
CA THR C 46 -12.75 -49.70 -19.48
C THR C 46 -11.45 -49.88 -20.27
N ALA C 47 -10.48 -50.53 -19.64
CA ALA C 47 -9.21 -50.78 -20.30
C ALA C 47 -9.42 -51.48 -21.62
N ARG C 48 -10.15 -52.60 -21.60
CA ARG C 48 -10.36 -53.34 -22.83
C ARG C 48 -11.25 -52.65 -23.84
N ARG C 49 -12.18 -51.84 -23.37
CA ARG C 49 -13.04 -51.12 -24.28
C ARG C 49 -12.17 -50.17 -25.10
N TYR C 50 -11.28 -49.46 -24.43
CA TYR C 50 -10.40 -48.54 -25.12
C TYR C 50 -9.34 -49.24 -25.96
N ILE C 51 -8.85 -50.36 -25.42
CA ILE C 51 -7.82 -51.13 -26.10
C ILE C 51 -8.26 -51.66 -27.44
N LYS C 52 -9.53 -52.04 -27.54
CA LYS C 52 -10.05 -52.55 -28.79
C LYS C 52 -10.32 -51.41 -29.75
N LEU C 53 -10.85 -50.31 -29.23
CA LEU C 53 -11.14 -49.12 -30.04
C LEU C 53 -9.81 -48.58 -30.59
N ALA C 54 -8.80 -48.48 -29.74
CA ALA C 54 -7.50 -47.97 -30.15
C ALA C 54 -6.89 -48.86 -31.22
N ARG C 55 -6.93 -50.15 -30.97
CA ARG C 55 -6.36 -51.12 -31.89
C ARG C 55 -7.02 -51.09 -33.25
N GLU C 56 -8.33 -50.90 -33.25
CA GLU C 56 -9.12 -50.81 -34.47
C GLU C 56 -8.55 -49.78 -35.46
N ILE C 57 -8.04 -48.64 -34.97
CA ILE C 57 -7.47 -47.64 -35.85
C ILE C 57 -5.96 -47.77 -35.96
N GLY C 58 -5.45 -48.94 -35.57
CA GLY C 58 -4.02 -49.21 -35.65
C GLY C 58 -3.03 -48.65 -34.66
N ILE C 59 -3.47 -48.31 -33.44
CA ILE C 59 -2.55 -47.77 -32.44
C ILE C 59 -1.54 -48.87 -32.07
N GLY C 60 -0.27 -48.51 -32.00
CA GLY C 60 0.75 -49.48 -31.64
C GLY C 60 0.53 -50.19 -30.31
N GLU C 61 1.20 -51.33 -30.16
CA GLU C 61 1.07 -52.12 -28.95
C GLU C 61 1.47 -51.39 -27.68
N ALA C 62 2.54 -50.59 -27.76
CA ALA C 62 2.99 -49.85 -26.59
C ALA C 62 1.90 -48.89 -26.09
N TYR C 63 1.28 -48.21 -27.04
CA TYR C 63 0.25 -47.24 -26.70
C TYR C 63 -1.04 -47.87 -26.24
N LEU C 64 -1.33 -49.07 -26.75
CA LEU C 64 -2.52 -49.77 -26.30
C LEU C 64 -2.30 -50.04 -24.82
N ASP C 65 -1.10 -50.50 -24.48
CA ASP C 65 -0.75 -50.74 -23.08
C ASP C 65 -0.96 -49.49 -22.24
N LEU C 66 -0.48 -48.34 -22.72
CA LEU C 66 -0.65 -47.10 -21.98
C LEU C 66 -2.14 -46.83 -21.72
N LEU C 67 -2.96 -47.04 -22.74
CA LEU C 67 -4.40 -46.82 -22.56
C LEU C 67 -4.93 -47.70 -21.46
N GLY C 68 -4.43 -48.92 -21.39
CA GLY C 68 -4.85 -49.84 -20.36
C GLY C 68 -4.40 -49.35 -19.00
N ILE C 69 -3.18 -48.85 -18.94
CA ILE C 69 -2.63 -48.32 -17.72
C ILE C 69 -3.47 -47.13 -17.23
N TRP C 70 -3.80 -46.22 -18.16
CA TRP C 70 -4.59 -45.06 -17.76
C TRP C 70 -5.95 -45.48 -17.24
N ALA C 71 -6.56 -46.44 -17.92
CA ALA C 71 -7.86 -46.95 -17.49
C ALA C 71 -7.71 -47.54 -16.08
N SER C 72 -6.63 -48.30 -15.85
CA SER C 72 -6.42 -48.87 -14.54
C SER C 72 -6.25 -47.77 -13.50
N ARG C 73 -5.62 -46.66 -13.90
CA ARG C 73 -5.41 -45.55 -12.97
C ARG C 73 -6.74 -44.87 -12.64
N LEU C 74 -7.62 -44.80 -13.64
CA LEU C 74 -8.92 -44.20 -13.41
C LEU C 74 -9.61 -44.96 -12.29
N ASN C 75 -9.48 -46.30 -12.30
CA ASN C 75 -10.07 -47.13 -11.25
C ASN C 75 -9.35 -46.85 -9.94
N ALA C 76 -8.05 -46.63 -10.05
CA ALA C 76 -7.22 -46.35 -8.90
C ALA C 76 -7.74 -45.11 -8.19
N TYR C 77 -8.05 -44.08 -8.97
CA TYR C 77 -8.57 -42.84 -8.40
C TYR C 77 -9.90 -43.08 -7.71
N LEU C 78 -10.78 -43.83 -8.39
CA LEU C 78 -12.08 -44.14 -7.81
C LEU C 78 -11.91 -44.80 -6.43
N VAL C 79 -11.05 -45.80 -6.36
CA VAL C 79 -10.83 -46.48 -5.09
C VAL C 79 -10.24 -45.51 -4.08
N MET C 80 -9.22 -44.78 -4.51
CA MET C 80 -8.55 -43.82 -3.64
C MET C 80 -9.53 -42.83 -3.03
N PHE C 81 -10.29 -42.16 -3.90
CA PHE C 81 -11.25 -41.17 -3.49
C PHE C 81 -12.27 -41.64 -2.48
N SER C 82 -12.62 -42.92 -2.55
CA SER C 82 -13.60 -43.48 -1.63
C SER C 82 -13.02 -43.79 -0.27
N LEU C 83 -11.73 -44.06 -0.23
CA LEU C 83 -11.08 -44.36 1.03
C LEU C 83 -10.61 -43.08 1.71
N GLN C 84 -10.72 -41.96 0.98
CA GLN C 84 -10.30 -40.64 1.44
C GLN C 84 -10.11 -40.51 2.95
N ASP C 85 -8.98 -39.93 3.31
CA ASP C 85 -8.57 -39.73 4.69
C ASP C 85 -7.90 -40.96 5.29
N LEU C 86 -7.69 -41.95 4.43
CA LEU C 86 -7.02 -43.20 4.78
C LEU C 86 -5.91 -43.39 3.77
N ALA C 87 -6.13 -42.84 2.57
CA ALA C 87 -5.17 -42.97 1.50
C ALA C 87 -4.42 -41.69 1.15
N TYR C 88 -3.17 -41.84 0.73
CA TYR C 88 -2.34 -40.72 0.31
C TYR C 88 -2.93 -40.36 -1.05
N MET C 89 -3.33 -39.11 -1.20
CA MET C 89 -3.97 -38.63 -2.40
C MET C 89 -3.14 -38.47 -3.67
N HIS C 90 -2.50 -39.55 -4.09
CA HIS C 90 -1.72 -39.52 -5.32
C HIS C 90 -1.61 -40.94 -5.85
N VAL C 91 -1.75 -41.10 -7.16
CA VAL C 91 -1.63 -42.42 -7.75
C VAL C 91 -0.26 -42.53 -8.42
N PRO C 92 0.70 -43.16 -7.74
CA PRO C 92 2.06 -43.32 -8.28
C PRO C 92 1.99 -43.94 -9.65
N GLN C 93 2.86 -43.51 -10.56
CA GLN C 93 2.84 -44.04 -11.91
C GLN C 93 4.05 -44.89 -12.25
N SER C 94 4.85 -45.19 -11.24
CA SER C 94 6.05 -45.98 -11.42
C SER C 94 6.41 -46.56 -10.07
N LEU C 95 7.22 -47.61 -10.07
CA LEU C 95 7.58 -48.19 -8.80
C LEU C 95 8.30 -47.16 -7.96
N GLU C 96 9.20 -46.42 -8.59
CA GLU C 96 9.97 -45.40 -7.88
C GLU C 96 9.03 -44.42 -7.17
N GLU C 97 7.97 -43.99 -7.86
CA GLU C 97 7.01 -43.09 -7.25
C GLU C 97 6.27 -43.77 -6.09
N PHE C 98 5.91 -45.06 -6.26
CA PHE C 98 5.20 -45.81 -5.22
C PHE C 98 6.00 -45.80 -3.96
N ILE C 99 7.27 -46.14 -4.09
CA ILE C 99 8.19 -46.19 -2.97
C ILE C 99 8.16 -44.88 -2.19
N GLN C 100 8.10 -43.78 -2.94
CA GLN C 100 8.04 -42.46 -2.34
C GLN C 100 6.70 -42.22 -1.63
N ASP C 101 5.58 -42.45 -2.32
CA ASP C 101 4.25 -42.24 -1.74
C ASP C 101 4.02 -43.13 -0.51
N TRP C 102 4.65 -44.30 -0.53
CA TRP C 102 4.51 -45.25 0.54
C TRP C 102 5.14 -44.73 1.84
N SER C 103 6.12 -43.82 1.71
CA SER C 103 6.83 -43.22 2.85
C SER C 103 5.90 -42.48 3.80
N HIS C 104 4.83 -41.93 3.25
CA HIS C 104 3.87 -41.14 4.01
C HIS C 104 2.99 -41.92 5.00
N GLY C 105 3.18 -43.22 5.09
CA GLY C 105 2.40 -44.02 6.03
C GLY C 105 0.90 -44.22 5.85
N LYS C 106 0.34 -43.85 4.69
CA LYS C 106 -1.10 -44.06 4.46
C LYS C 106 -1.29 -45.11 3.37
N VAL C 107 -2.54 -45.40 3.03
CA VAL C 107 -2.80 -46.37 1.98
C VAL C 107 -2.42 -45.76 0.64
N VAL C 108 -1.86 -46.57 -0.25
CA VAL C 108 -1.47 -46.09 -1.56
C VAL C 108 -2.16 -46.92 -2.62
N VAL C 109 -2.91 -46.28 -3.50
CA VAL C 109 -3.60 -46.99 -4.56
C VAL C 109 -2.82 -46.82 -5.87
N THR C 110 -2.59 -47.90 -6.61
CA THR C 110 -1.86 -47.84 -7.85
C THR C 110 -2.55 -48.51 -9.02
N GLY C 111 -2.14 -48.11 -10.23
CA GLY C 111 -2.66 -48.68 -11.45
C GLY C 111 -1.42 -49.18 -12.15
N GLY C 112 -1.42 -49.20 -13.48
CA GLY C 112 -0.23 -49.68 -14.16
C GLY C 112 1.00 -48.79 -14.01
N PHE C 113 2.14 -49.30 -14.48
CA PHE C 113 3.42 -48.60 -14.44
C PHE C 113 4.04 -48.55 -15.85
N GLN C 114 4.19 -49.72 -16.44
CA GLN C 114 4.89 -49.85 -17.71
C GLN C 114 4.28 -50.85 -18.67
N PRO C 115 4.42 -50.59 -19.98
CA PRO C 115 3.88 -51.47 -21.02
C PRO C 115 4.52 -52.84 -20.94
N GLY C 116 3.89 -53.84 -21.55
CA GLY C 116 4.44 -55.17 -21.53
C GLY C 116 4.18 -56.00 -20.27
N GLN C 117 3.40 -55.47 -19.33
CA GLN C 117 3.08 -56.22 -18.12
C GLN C 117 1.62 -55.96 -17.70
N SER C 118 1.21 -56.54 -16.58
CA SER C 118 -0.17 -56.36 -16.12
C SER C 118 -0.12 -55.85 -14.71
N THR C 119 -1.28 -55.48 -14.17
CA THR C 119 -1.29 -54.98 -12.81
C THR C 119 -0.81 -56.01 -11.84
N ALA C 120 -0.87 -57.28 -12.25
CA ALA C 120 -0.39 -58.36 -11.38
C ALA C 120 1.09 -58.07 -11.10
N ALA C 121 1.85 -57.88 -12.17
CA ALA C 121 3.28 -57.57 -12.06
C ALA C 121 3.46 -56.39 -11.13
N VAL C 122 2.66 -55.35 -11.33
CA VAL C 122 2.75 -54.15 -10.52
C VAL C 122 2.58 -54.53 -9.06
N ALA C 123 1.53 -55.30 -8.78
CA ALA C 123 1.22 -55.74 -7.42
C ALA C 123 2.44 -56.45 -6.81
N ALA C 124 3.05 -57.34 -7.57
CA ALA C 124 4.24 -58.04 -7.11
C ALA C 124 5.36 -57.01 -6.79
N LEU C 125 5.71 -56.18 -7.77
CA LEU C 125 6.75 -55.15 -7.61
C LEU C 125 6.47 -54.35 -6.36
N VAL C 126 5.29 -53.77 -6.33
CA VAL C 126 4.85 -52.98 -5.19
C VAL C 126 4.95 -53.76 -3.87
N ALA C 127 4.62 -55.06 -3.90
CA ALA C 127 4.70 -55.90 -2.70
C ALA C 127 6.13 -56.02 -2.26
N GLU C 128 7.01 -56.33 -3.21
CA GLU C 128 8.44 -56.48 -2.95
C GLU C 128 9.04 -55.18 -2.39
N ALA C 129 8.79 -54.07 -3.06
CA ALA C 129 9.31 -52.77 -2.65
C ALA C 129 8.81 -52.34 -1.28
N SER C 130 7.61 -52.76 -0.94
CA SER C 130 7.03 -52.39 0.35
C SER C 130 7.29 -53.40 1.44
N SER C 131 8.07 -54.43 1.13
CA SER C 131 8.39 -55.47 2.10
C SER C 131 7.14 -56.22 2.59
N SER C 132 6.19 -56.43 1.70
CA SER C 132 4.97 -57.14 2.04
C SER C 132 5.26 -58.62 1.82
N LYS C 133 4.94 -59.44 2.82
CA LYS C 133 5.18 -60.86 2.72
C LYS C 133 4.00 -61.54 2.05
N THR C 134 2.89 -60.83 1.96
CA THR C 134 1.70 -61.40 1.33
C THR C 134 1.07 -60.50 0.27
N LEU C 135 0.76 -61.09 -0.88
CA LEU C 135 0.12 -60.37 -1.97
C LEU C 135 -1.23 -61.04 -2.18
N VAL C 136 -2.31 -60.32 -1.90
CA VAL C 136 -3.64 -60.88 -2.05
C VAL C 136 -4.23 -60.50 -3.40
N VAL C 137 -4.53 -61.49 -4.23
CA VAL C 137 -5.10 -61.24 -5.54
C VAL C 137 -6.58 -61.54 -5.50
N ALA C 138 -7.41 -60.51 -5.39
CA ALA C 138 -8.85 -60.69 -5.36
C ALA C 138 -9.42 -60.61 -6.77
N THR C 139 -9.94 -61.72 -7.29
CA THR C 139 -10.50 -61.75 -8.64
C THR C 139 -11.95 -62.24 -8.76
N ASN C 140 -12.36 -62.59 -9.98
CA ASN C 140 -13.71 -63.10 -10.27
C ASN C 140 -13.65 -64.62 -10.45
N VAL C 141 -13.18 -65.29 -9.40
CA VAL C 141 -13.01 -66.73 -9.37
C VAL C 141 -12.57 -66.98 -7.95
N ASP C 142 -12.96 -68.11 -7.38
CA ASP C 142 -12.60 -68.40 -6.00
C ASP C 142 -11.15 -68.76 -5.74
N GLY C 143 -10.40 -69.04 -6.80
CA GLY C 143 -9.00 -69.39 -6.63
C GLY C 143 -8.32 -69.85 -7.90
N VAL C 144 -7.29 -70.69 -7.72
CA VAL C 144 -6.54 -71.21 -8.86
C VAL C 144 -7.17 -72.55 -9.25
N TYR C 145 -7.30 -72.82 -10.54
CA TYR C 145 -7.90 -74.08 -10.99
C TYR C 145 -6.85 -74.83 -11.82
N GLU C 146 -7.25 -75.40 -12.93
CA GLU C 146 -6.31 -76.06 -13.81
C GLU C 146 -6.75 -75.66 -15.20
N LYS C 147 -8.04 -75.32 -15.30
CA LYS C 147 -8.68 -74.87 -16.53
C LYS C 147 -9.94 -74.09 -16.01
N ASP C 148 -10.52 -73.24 -16.85
CA ASP C 148 -11.70 -72.45 -16.48
C ASP C 148 -12.98 -73.17 -16.96
N PRO C 149 -14.12 -72.45 -17.03
CA PRO C 149 -15.39 -73.01 -17.50
C PRO C 149 -15.22 -73.64 -18.88
N VAL C 155 -13.79 -79.57 -13.14
CA VAL C 155 -12.64 -78.72 -12.81
C VAL C 155 -12.66 -78.30 -11.33
N LYS C 156 -11.61 -78.66 -10.61
CA LYS C 156 -11.49 -78.36 -9.18
C LYS C 156 -10.57 -77.18 -8.83
N LEU C 157 -10.78 -76.61 -7.64
CA LEU C 157 -10.00 -75.49 -7.13
C LEU C 157 -8.74 -75.97 -6.40
N ILE C 158 -7.56 -75.51 -6.83
CA ILE C 158 -6.30 -75.88 -6.19
C ILE C 158 -6.21 -75.02 -4.92
N PRO C 159 -6.51 -75.59 -3.75
CA PRO C 159 -6.45 -74.82 -2.50
C PRO C 159 -5.08 -74.42 -2.02
N HIS C 160 -4.04 -74.97 -2.65
CA HIS C 160 -2.67 -74.69 -2.22
C HIS C 160 -1.62 -75.19 -3.23
N LEU C 161 -0.89 -74.26 -3.86
CA LEU C 161 0.12 -74.66 -4.83
C LEU C 161 1.43 -73.91 -4.69
N THR C 162 2.22 -73.90 -5.76
CA THR C 162 3.49 -73.18 -5.76
C THR C 162 3.70 -72.40 -7.05
N THR C 163 4.67 -71.51 -6.99
CA THR C 163 5.00 -70.66 -8.12
C THR C 163 5.33 -71.52 -9.34
N GLN C 164 5.86 -72.72 -9.09
CA GLN C 164 6.21 -73.61 -10.18
C GLN C 164 4.97 -74.27 -10.77
N ASP C 165 4.07 -74.70 -9.89
CA ASP C 165 2.83 -75.33 -10.32
C ASP C 165 2.04 -74.36 -11.18
N LEU C 166 1.92 -73.12 -10.69
CA LEU C 166 1.18 -72.10 -11.41
C LEU C 166 1.86 -71.83 -12.76
N ARG C 167 3.18 -71.66 -12.75
CA ARG C 167 3.90 -71.41 -13.99
C ARG C 167 3.54 -72.50 -14.98
N LYS C 168 3.38 -73.73 -14.50
CA LYS C 168 3.01 -74.85 -15.36
C LYS C 168 1.53 -74.80 -15.71
N ILE C 169 0.67 -74.62 -14.71
CA ILE C 169 -0.77 -74.54 -14.96
C ILE C 169 -1.01 -73.48 -16.06
N LEU C 170 -0.06 -72.55 -16.20
CA LEU C 170 -0.15 -71.51 -17.23
C LEU C 170 0.55 -71.99 -18.50
N GLU C 171 0.30 -71.31 -19.61
CA GLU C 171 0.94 -71.68 -20.87
C GLU C 171 0.57 -70.73 -22.01
N GLY C 172 1.37 -70.77 -23.08
CA GLY C 172 1.13 -69.93 -24.23
C GLY C 172 -0.23 -70.18 -24.86
N SER C 173 -0.26 -71.00 -25.90
CA SER C 173 -1.52 -71.31 -26.58
C SER C 173 -1.69 -72.83 -26.74
N GLN C 177 0.66 -58.72 -25.15
CA GLN C 177 -0.60 -58.47 -25.86
C GLN C 177 -1.60 -57.64 -25.08
N ALA C 178 -1.53 -56.32 -25.27
CA ALA C 178 -2.42 -55.39 -24.58
C ALA C 178 -3.83 -55.92 -24.46
N GLY C 179 -4.33 -55.93 -23.24
CA GLY C 179 -5.69 -56.39 -22.98
C GLY C 179 -5.75 -57.64 -22.14
N THR C 180 -5.06 -58.68 -22.59
CA THR C 180 -5.06 -59.97 -21.92
C THR C 180 -3.70 -60.47 -21.46
N TYR C 181 -3.59 -60.72 -20.15
CA TYR C 181 -2.38 -61.29 -19.56
C TYR C 181 -2.89 -62.46 -18.72
N GLU C 182 -2.00 -63.18 -18.05
CA GLU C 182 -2.41 -64.31 -17.23
C GLU C 182 -2.56 -63.90 -15.77
N LEU C 183 -3.16 -64.78 -14.95
CA LEU C 183 -3.36 -64.50 -13.54
C LEU C 183 -2.15 -63.76 -13.01
N LEU C 184 -1.02 -64.46 -12.91
CA LEU C 184 0.22 -63.83 -12.50
C LEU C 184 1.12 -64.00 -13.70
N ASP C 185 1.42 -62.90 -14.36
CA ASP C 185 2.27 -62.93 -15.56
C ASP C 185 3.71 -63.28 -15.20
N PRO C 186 4.58 -63.45 -16.22
CA PRO C 186 5.98 -63.80 -15.94
C PRO C 186 6.69 -62.96 -14.89
N LEU C 187 6.67 -61.64 -15.05
CA LEU C 187 7.34 -60.75 -14.09
C LEU C 187 6.81 -60.89 -12.64
N ALA C 188 5.51 -61.03 -12.50
CA ALA C 188 4.92 -61.18 -11.18
C ALA C 188 5.53 -62.41 -10.52
N ILE C 189 5.50 -63.54 -11.23
CA ILE C 189 6.03 -64.79 -10.70
C ILE C 189 7.51 -64.65 -10.36
N LYS C 190 8.27 -64.08 -11.27
CA LYS C 190 9.70 -63.86 -11.02
C LYS C 190 9.94 -63.04 -9.77
N ILE C 191 9.12 -62.02 -9.56
CA ILE C 191 9.27 -61.18 -8.39
C ILE C 191 8.89 -61.88 -7.10
N VAL C 192 7.70 -62.48 -7.08
CA VAL C 192 7.21 -63.18 -5.87
C VAL C 192 8.19 -64.27 -5.45
N GLU C 193 8.80 -64.93 -6.43
CA GLU C 193 9.78 -65.98 -6.14
C GLU C 193 11.08 -65.46 -5.54
N ARG C 194 11.71 -64.52 -6.22
CA ARG C 194 12.97 -63.98 -5.74
C ARG C 194 12.84 -63.29 -4.38
N SER C 195 11.67 -62.73 -4.07
CA SER C 195 11.51 -62.06 -2.79
C SER C 195 10.64 -62.85 -1.83
N LYS C 196 10.32 -64.08 -2.24
CA LYS C 196 9.54 -65.00 -1.44
C LYS C 196 8.31 -64.38 -0.82
N ILE C 197 7.39 -63.97 -1.70
CA ILE C 197 6.13 -63.34 -1.30
C ILE C 197 5.07 -64.38 -1.58
N ARG C 198 4.23 -64.69 -0.59
CA ARG C 198 3.20 -65.68 -0.84
C ARG C 198 2.01 -64.95 -1.43
N VAL C 199 1.37 -65.60 -2.40
CA VAL C 199 0.21 -65.02 -3.07
C VAL C 199 -1.08 -65.74 -2.70
N ILE C 200 -2.05 -64.98 -2.22
CA ILE C 200 -3.34 -65.55 -1.84
C ILE C 200 -4.41 -65.20 -2.87
N VAL C 201 -4.86 -66.18 -3.65
CA VAL C 201 -5.91 -65.88 -4.62
C VAL C 201 -7.24 -66.12 -3.94
N MET C 202 -8.15 -65.16 -4.00
CA MET C 202 -9.46 -65.31 -3.35
C MET C 202 -10.56 -64.84 -4.26
N ASN C 203 -11.68 -64.40 -3.73
CA ASN C 203 -12.78 -63.89 -4.55
C ASN C 203 -13.05 -62.56 -3.94
N TYR C 204 -13.10 -61.52 -4.76
CA TYR C 204 -13.33 -60.21 -4.17
C TYR C 204 -14.68 -60.04 -3.49
N ARG C 205 -15.55 -61.05 -3.65
CA ARG C 205 -16.84 -61.02 -3.01
C ARG C 205 -16.64 -61.19 -1.51
N LYS C 206 -15.53 -61.82 -1.15
CA LYS C 206 -15.20 -62.09 0.24
C LYS C 206 -14.19 -61.12 0.78
N LEU C 207 -13.97 -60.04 0.04
CA LEU C 207 -13.04 -59.02 0.45
C LEU C 207 -13.24 -58.74 1.92
N ASN C 208 -14.49 -58.61 2.33
CA ASN C 208 -14.89 -58.36 3.72
C ASN C 208 -14.34 -59.38 4.71
N ARG C 209 -14.22 -60.63 4.25
CA ARG C 209 -13.72 -61.74 5.06
C ARG C 209 -12.21 -61.91 4.88
N ILE C 210 -11.53 -60.80 4.63
CA ILE C 210 -10.10 -60.77 4.39
C ILE C 210 -9.25 -61.16 5.60
N ILE C 211 -9.61 -60.67 6.79
CA ILE C 211 -8.83 -61.01 7.98
C ILE C 211 -8.74 -62.53 8.16
N ASP C 212 -9.82 -63.26 7.82
CA ASP C 212 -9.90 -64.72 7.92
C ASP C 212 -9.25 -65.40 6.71
N ILE C 213 -9.69 -65.09 5.50
CA ILE C 213 -9.15 -65.70 4.25
C ILE C 213 -7.65 -65.70 4.40
N LEU C 214 -7.15 -64.50 4.73
CA LEU C 214 -5.73 -64.19 4.88
C LEU C 214 -5.19 -65.10 5.86
N LYS C 215 -5.86 -65.06 6.98
CA LYS C 215 -5.24 -65.92 7.89
C LYS C 215 -6.02 -67.13 7.98
N GLY C 216 -7.02 -67.40 7.17
CA GLY C 216 -7.59 -68.62 7.61
C GLY C 216 -7.10 -69.48 6.56
N GLU C 217 -8.11 -70.19 6.17
CA GLU C 217 -8.00 -71.06 5.02
C GLU C 217 -9.52 -70.85 5.13
N GLU C 218 -10.15 -70.69 3.98
CA GLU C 218 -11.61 -70.53 3.93
C GLU C 218 -11.75 -70.93 2.50
N VAL C 219 -12.05 -69.99 1.62
CA VAL C 219 -12.18 -70.42 0.25
C VAL C 219 -11.06 -69.74 -0.53
N SER C 220 -9.83 -69.91 -0.04
CA SER C 220 -8.71 -69.29 -0.72
C SER C 220 -7.64 -70.27 -1.16
N SER C 221 -6.88 -69.85 -2.16
CA SER C 221 -5.77 -70.63 -2.69
C SER C 221 -4.50 -69.87 -2.35
N ILE C 222 -3.60 -70.52 -1.62
CA ILE C 222 -2.35 -69.88 -1.23
C ILE C 222 -1.19 -70.43 -2.08
N ILE C 223 -0.56 -69.55 -2.86
CA ILE C 223 0.59 -69.95 -3.69
C ILE C 223 1.88 -69.68 -2.90
N GLU C 224 2.63 -70.73 -2.61
CA GLU C 224 3.87 -70.60 -1.85
C GLU C 224 5.04 -70.40 -2.80
N PRO C 225 5.92 -69.45 -2.49
CA PRO C 225 7.09 -69.18 -3.34
C PRO C 225 8.11 -70.32 -3.24
N VAL C 226 8.75 -70.64 -4.36
CA VAL C 226 9.73 -71.70 -4.37
C VAL C 226 10.81 -71.53 -5.44
N MET D 1 -3.38 -20.27 -38.69
CA MET D 1 -3.25 -19.68 -37.33
C MET D 1 -3.55 -20.77 -36.31
N ASN D 2 -3.84 -20.37 -35.08
CA ASN D 2 -4.17 -21.34 -34.05
C ASN D 2 -5.68 -21.52 -33.95
N ILE D 3 -6.09 -22.76 -33.70
CA ILE D 3 -7.49 -23.10 -33.57
C ILE D 3 -7.69 -24.21 -32.52
N ILE D 4 -8.74 -24.10 -31.73
CA ILE D 4 -9.04 -25.10 -30.73
C ILE D 4 -10.26 -25.88 -31.17
N LEU D 5 -10.19 -27.19 -31.04
CA LEU D 5 -11.27 -28.10 -31.43
C LEU D 5 -11.81 -28.84 -30.21
N LYS D 6 -13.04 -28.53 -29.82
CA LYS D 6 -13.66 -29.20 -28.68
C LYS D 6 -14.50 -30.39 -29.16
N ILE D 7 -14.06 -31.61 -28.86
CA ILE D 7 -14.79 -32.80 -29.25
C ILE D 7 -15.73 -33.24 -28.12
N SER D 8 -17.02 -33.23 -28.39
CA SER D 8 -18.00 -33.62 -27.40
C SER D 8 -17.74 -35.04 -26.91
N GLY D 9 -18.15 -35.34 -25.68
CA GLY D 9 -17.95 -36.67 -25.12
C GLY D 9 -18.68 -37.78 -25.87
N LYS D 10 -19.86 -37.47 -26.39
CA LYS D 10 -20.65 -38.47 -27.13
C LYS D 10 -19.82 -39.09 -28.24
N PHE D 11 -18.94 -38.28 -28.82
CA PHE D 11 -18.07 -38.72 -29.91
C PHE D 11 -17.38 -40.04 -29.59
N PHE D 12 -17.01 -40.25 -28.34
CA PHE D 12 -16.31 -41.46 -27.94
C PHE D 12 -17.22 -42.59 -27.47
N ASP D 13 -18.46 -42.26 -27.13
CA ASP D 13 -19.41 -43.25 -26.66
C ASP D 13 -19.95 -44.12 -27.78
N GLU D 14 -19.89 -43.59 -29.00
CA GLU D 14 -20.39 -44.32 -30.15
C GLU D 14 -19.59 -45.55 -30.54
N ASP D 15 -18.29 -45.51 -30.37
CA ASP D 15 -17.53 -46.69 -30.73
C ASP D 15 -17.99 -47.24 -32.11
N ASN D 16 -17.47 -46.56 -33.14
CA ASN D 16 -17.66 -46.84 -34.55
C ASN D 16 -16.29 -46.39 -35.04
N VAL D 17 -15.45 -47.34 -35.43
CA VAL D 17 -14.11 -47.02 -35.86
C VAL D 17 -13.98 -45.80 -36.78
N ASP D 18 -15.07 -45.42 -37.43
CA ASP D 18 -15.01 -44.26 -38.32
C ASP D 18 -14.92 -42.90 -37.65
N ASN D 19 -15.28 -42.79 -36.38
CA ASN D 19 -15.17 -41.48 -35.74
C ASN D 19 -13.70 -41.09 -35.56
N LEU D 20 -12.90 -41.99 -34.98
CA LEU D 20 -11.48 -41.69 -34.79
C LEU D 20 -10.77 -41.51 -36.12
N ILE D 21 -11.12 -42.30 -37.13
CA ILE D 21 -10.47 -42.17 -38.44
C ILE D 21 -10.73 -40.80 -39.05
N VAL D 22 -12.00 -40.41 -39.08
CA VAL D 22 -12.35 -39.12 -39.66
C VAL D 22 -11.69 -38.02 -38.83
N LEU D 23 -11.81 -38.07 -37.51
CA LEU D 23 -11.18 -37.04 -36.69
C LEU D 23 -9.68 -36.98 -37.03
N ARG D 24 -9.07 -38.15 -37.19
CA ARG D 24 -7.64 -38.23 -37.49
C ARG D 24 -7.26 -37.61 -38.83
N GLN D 25 -8.11 -37.75 -39.84
CA GLN D 25 -7.81 -37.20 -41.17
C GLN D 25 -7.96 -35.68 -41.14
N SER D 26 -8.95 -35.20 -40.40
CA SER D 26 -9.21 -33.76 -40.31
C SER D 26 -8.12 -32.99 -39.56
N ILE D 27 -7.61 -33.56 -38.48
CA ILE D 27 -6.55 -32.90 -37.73
C ILE D 27 -5.37 -32.75 -38.68
N LYS D 28 -5.23 -33.70 -39.60
CA LYS D 28 -4.16 -33.69 -40.57
C LYS D 28 -4.40 -32.62 -41.63
N GLU D 29 -5.66 -32.43 -42.02
CA GLU D 29 -5.99 -31.40 -43.00
C GLU D 29 -5.65 -30.05 -42.38
N LEU D 30 -6.34 -29.69 -41.30
CA LEU D 30 -6.08 -28.44 -40.61
C LEU D 30 -4.58 -28.22 -40.48
N ALA D 31 -3.84 -29.28 -40.18
CA ALA D 31 -2.40 -29.21 -40.04
C ALA D 31 -1.70 -28.88 -41.34
N ASP D 32 -2.01 -29.61 -42.41
CA ASP D 32 -1.36 -29.34 -43.69
C ASP D 32 -1.96 -28.15 -44.41
N ASN D 33 -2.64 -27.29 -43.65
CA ASN D 33 -3.27 -26.10 -44.21
C ASN D 33 -2.99 -24.88 -43.35
N GLY D 34 -1.83 -24.89 -42.70
CA GLY D 34 -1.43 -23.76 -41.87
C GLY D 34 -2.14 -23.57 -40.54
N PHE D 35 -2.45 -24.67 -39.87
CA PHE D 35 -3.09 -24.55 -38.58
C PHE D 35 -2.27 -25.28 -37.53
N ARG D 36 -2.43 -24.84 -36.28
CA ARG D 36 -1.80 -25.50 -35.15
C ARG D 36 -3.07 -25.78 -34.41
N VAL D 37 -3.35 -27.06 -34.20
CA VAL D 37 -4.59 -27.40 -33.55
C VAL D 37 -4.46 -27.86 -32.12
N GLY D 38 -5.35 -27.36 -31.27
CA GLY D 38 -5.36 -27.76 -29.89
C GLY D 38 -6.65 -28.53 -29.82
N ILE D 39 -6.69 -29.63 -29.07
CA ILE D 39 -7.91 -30.42 -28.98
C ILE D 39 -8.32 -30.68 -27.55
N VAL D 40 -9.59 -30.49 -27.24
CA VAL D 40 -10.10 -30.73 -25.91
C VAL D 40 -11.15 -31.83 -26.01
N THR D 41 -11.00 -32.90 -25.24
CA THR D 41 -11.95 -34.00 -25.31
C THR D 41 -12.72 -34.11 -24.03
N GLY D 42 -14.04 -34.29 -24.18
CA GLY D 42 -14.90 -34.41 -23.01
C GLY D 42 -14.97 -35.81 -22.43
N GLY D 43 -15.50 -35.90 -21.21
CA GLY D 43 -15.62 -37.18 -20.50
C GLY D 43 -16.58 -38.23 -21.06
N GLY D 44 -17.63 -37.76 -21.72
CA GLY D 44 -18.59 -38.67 -22.31
C GLY D 44 -19.22 -39.59 -21.28
N SER D 45 -19.68 -40.74 -21.76
CA SER D 45 -20.34 -41.71 -20.88
C SER D 45 -19.42 -42.28 -19.81
N THR D 46 -18.15 -42.48 -20.13
CA THR D 46 -17.21 -42.99 -19.13
C THR D 46 -17.27 -42.06 -17.93
N ALA D 47 -17.25 -40.75 -18.20
CA ALA D 47 -17.31 -39.77 -17.13
C ALA D 47 -18.58 -39.98 -16.30
N ARG D 48 -19.73 -39.97 -16.96
CA ARG D 48 -20.99 -40.17 -16.27
C ARG D 48 -20.99 -41.50 -15.48
N ARG D 49 -20.63 -42.61 -16.13
CA ARG D 49 -20.59 -43.88 -15.44
C ARG D 49 -19.86 -43.72 -14.11
N TYR D 50 -18.59 -43.38 -14.16
CA TYR D 50 -17.85 -43.24 -12.91
C TYR D 50 -18.44 -42.23 -11.92
N ILE D 51 -18.95 -41.10 -12.42
CA ILE D 51 -19.51 -40.11 -11.52
C ILE D 51 -20.70 -40.72 -10.81
N LYS D 52 -21.54 -41.40 -11.58
CA LYS D 52 -22.74 -42.08 -11.09
C LYS D 52 -22.39 -43.06 -9.99
N LEU D 53 -21.48 -43.95 -10.33
CA LEU D 53 -21.02 -44.96 -9.42
C LEU D 53 -20.42 -44.35 -8.15
N ALA D 54 -19.62 -43.31 -8.32
CA ALA D 54 -18.97 -42.64 -7.20
C ALA D 54 -19.98 -41.92 -6.32
N ARG D 55 -20.95 -41.25 -6.95
CA ARG D 55 -21.96 -40.52 -6.21
C ARG D 55 -22.77 -41.49 -5.35
N GLU D 56 -23.05 -42.65 -5.92
CA GLU D 56 -23.83 -43.68 -5.25
C GLU D 56 -23.28 -43.99 -3.86
N ILE D 57 -21.96 -43.98 -3.72
CA ILE D 57 -21.37 -44.27 -2.42
C ILE D 57 -20.98 -43.00 -1.66
N GLY D 58 -21.56 -41.86 -2.05
CA GLY D 58 -21.31 -40.62 -1.36
C GLY D 58 -20.00 -39.87 -1.53
N ILE D 59 -19.37 -39.99 -2.70
CA ILE D 59 -18.13 -39.26 -2.94
C ILE D 59 -18.51 -37.80 -3.12
N GLY D 60 -17.74 -36.90 -2.52
CA GLY D 60 -17.98 -35.47 -2.60
C GLY D 60 -18.00 -34.91 -4.02
N GLU D 61 -18.68 -33.79 -4.18
CA GLU D 61 -18.80 -33.16 -5.49
C GLU D 61 -17.45 -32.85 -6.14
N ALA D 62 -16.48 -32.44 -5.33
CA ALA D 62 -15.16 -32.11 -5.86
C ALA D 62 -14.53 -33.32 -6.54
N TYR D 63 -14.63 -34.45 -5.85
CA TYR D 63 -14.07 -35.71 -6.33
C TYR D 63 -14.84 -36.32 -7.51
N LEU D 64 -16.15 -36.07 -7.58
CA LEU D 64 -16.91 -36.56 -8.70
C LEU D 64 -16.38 -35.82 -9.93
N ASP D 65 -16.11 -34.53 -9.76
CA ASP D 65 -15.58 -33.72 -10.84
C ASP D 65 -14.23 -34.30 -11.29
N LEU D 66 -13.35 -34.59 -10.35
CA LEU D 66 -12.05 -35.15 -10.68
C LEU D 66 -12.19 -36.44 -11.52
N LEU D 67 -13.16 -37.28 -11.15
CA LEU D 67 -13.40 -38.52 -11.88
C LEU D 67 -13.78 -38.19 -13.31
N GLY D 68 -14.64 -37.18 -13.49
CA GLY D 68 -15.03 -36.81 -14.84
C GLY D 68 -13.83 -36.28 -15.61
N ILE D 69 -12.97 -35.55 -14.92
CA ILE D 69 -11.77 -35.00 -15.53
C ILE D 69 -10.85 -36.12 -15.99
N TRP D 70 -10.66 -37.11 -15.12
CA TRP D 70 -9.79 -38.24 -15.48
C TRP D 70 -10.38 -39.02 -16.63
N ALA D 71 -11.70 -39.12 -16.67
CA ALA D 71 -12.34 -39.83 -17.75
C ALA D 71 -12.08 -39.06 -19.04
N SER D 72 -12.26 -37.74 -18.98
CA SER D 72 -12.03 -36.91 -20.15
C SER D 72 -10.56 -37.03 -20.58
N ARG D 73 -9.65 -37.21 -19.63
CA ARG D 73 -8.23 -37.35 -20.00
C ARG D 73 -7.96 -38.69 -20.70
N LEU D 74 -8.68 -39.73 -20.27
CA LEU D 74 -8.54 -41.05 -20.89
C LEU D 74 -8.92 -40.92 -22.38
N ASN D 75 -9.92 -40.09 -22.68
CA ASN D 75 -10.32 -39.87 -24.08
C ASN D 75 -9.23 -39.04 -24.76
N ALA D 76 -8.62 -38.16 -23.97
CA ALA D 76 -7.55 -37.30 -24.46
C ALA D 76 -6.41 -38.16 -24.93
N TYR D 77 -6.04 -39.17 -24.12
CA TYR D 77 -4.96 -40.05 -24.50
C TYR D 77 -5.31 -40.83 -25.74
N LEU D 78 -6.57 -41.27 -25.83
CA LEU D 78 -6.99 -42.04 -26.99
C LEU D 78 -6.80 -41.24 -28.27
N VAL D 79 -7.29 -40.00 -28.26
CA VAL D 79 -7.15 -39.13 -29.42
C VAL D 79 -5.68 -38.89 -29.70
N MET D 80 -4.92 -38.62 -28.64
CA MET D 80 -3.51 -38.37 -28.81
C MET D 80 -2.71 -39.51 -29.46
N PHE D 81 -2.94 -40.74 -29.02
CA PHE D 81 -2.22 -41.89 -29.55
C PHE D 81 -2.43 -42.19 -31.02
N SER D 82 -3.63 -41.86 -31.52
CA SER D 82 -3.93 -42.14 -32.93
C SER D 82 -3.31 -41.13 -33.88
N LEU D 83 -3.04 -39.96 -33.35
CA LEU D 83 -2.47 -38.89 -34.16
C LEU D 83 -0.97 -38.94 -34.09
N GLN D 84 -0.43 -39.84 -33.26
CA GLN D 84 1.03 -40.00 -33.07
C GLN D 84 1.88 -39.39 -34.17
N ASP D 85 2.88 -38.61 -33.76
CA ASP D 85 3.81 -37.94 -34.67
C ASP D 85 3.23 -36.66 -35.26
N LEU D 86 2.18 -36.14 -34.60
CA LEU D 86 1.48 -34.89 -34.96
C LEU D 86 1.16 -34.21 -33.66
N ALA D 87 1.13 -35.01 -32.59
CA ALA D 87 0.81 -34.49 -31.27
C ALA D 87 1.95 -34.63 -30.26
N TYR D 88 2.01 -33.68 -29.34
CA TYR D 88 3.01 -33.69 -28.29
C TYR D 88 2.48 -34.73 -27.31
N MET D 89 3.30 -35.74 -27.02
CA MET D 89 2.88 -36.83 -26.16
C MET D 89 2.67 -36.56 -24.69
N HIS D 90 1.79 -35.65 -24.35
CA HIS D 90 1.51 -35.36 -22.95
C HIS D 90 0.15 -34.68 -22.84
N VAL D 91 -0.65 -35.09 -21.86
CA VAL D 91 -1.95 -34.48 -21.68
C VAL D 91 -1.86 -33.53 -20.50
N PRO D 92 -1.73 -32.22 -20.79
CA PRO D 92 -1.62 -31.19 -19.77
C PRO D 92 -2.79 -31.31 -18.82
N GLN D 93 -2.56 -31.06 -17.53
CA GLN D 93 -3.63 -31.16 -16.54
C GLN D 93 -4.03 -29.81 -15.93
N SER D 94 -3.54 -28.74 -16.54
CA SER D 94 -3.85 -27.40 -16.08
C SER D 94 -3.58 -26.47 -17.24
N LEU D 95 -4.17 -25.28 -17.19
CA LEU D 95 -3.93 -24.34 -18.26
C LEU D 95 -2.42 -24.03 -18.28
N GLU D 96 -1.81 -23.87 -17.10
CA GLU D 96 -0.36 -23.57 -17.06
C GLU D 96 0.43 -24.62 -17.81
N GLU D 97 0.10 -25.89 -17.60
CA GLU D 97 0.78 -26.97 -18.28
C GLU D 97 0.52 -26.93 -19.78
N PHE D 98 -0.72 -26.58 -20.17
CA PHE D 98 -1.06 -26.51 -21.60
C PHE D 98 -0.16 -25.50 -22.31
N ILE D 99 -0.02 -24.34 -21.66
CA ILE D 99 0.78 -23.25 -22.19
C ILE D 99 2.18 -23.73 -22.48
N GLN D 100 2.67 -24.57 -21.59
CA GLN D 100 3.99 -25.12 -21.72
C GLN D 100 4.07 -26.12 -22.87
N ASP D 101 3.17 -27.09 -22.88
CA ASP D 101 3.13 -28.11 -23.92
C ASP D 101 2.90 -27.52 -25.30
N TRP D 102 2.17 -26.41 -25.34
CA TRP D 102 1.86 -25.76 -26.59
C TRP D 102 3.14 -25.17 -27.24
N SER D 103 4.13 -24.84 -26.42
CA SER D 103 5.40 -24.27 -26.89
C SER D 103 6.12 -25.15 -27.87
N HIS D 104 5.93 -26.45 -27.72
CA HIS D 104 6.58 -27.43 -28.57
C HIS D 104 6.14 -27.50 -30.03
N GLY D 105 5.19 -26.65 -30.42
CA GLY D 105 4.76 -26.61 -31.80
C GLY D 105 4.00 -27.77 -32.41
N LYS D 106 3.53 -28.71 -31.59
CA LYS D 106 2.75 -29.84 -32.10
C LYS D 106 1.31 -29.78 -31.59
N VAL D 107 0.49 -30.72 -32.00
CA VAL D 107 -0.89 -30.76 -31.54
C VAL D 107 -0.88 -31.14 -30.07
N VAL D 108 -1.78 -30.54 -29.29
CA VAL D 108 -1.87 -30.81 -27.86
C VAL D 108 -3.29 -31.23 -27.55
N VAL D 109 -3.44 -32.38 -26.90
CA VAL D 109 -4.79 -32.87 -26.57
C VAL D 109 -5.00 -32.71 -25.07
N THR D 110 -6.14 -32.16 -24.68
CA THR D 110 -6.43 -31.94 -23.27
C THR D 110 -7.77 -32.47 -22.82
N GLY D 111 -7.89 -32.67 -21.51
CA GLY D 111 -9.12 -33.11 -20.90
C GLY D 111 -9.46 -32.01 -19.89
N GLY D 112 -10.06 -32.37 -18.76
CA GLY D 112 -10.41 -31.39 -17.75
C GLY D 112 -9.20 -30.82 -17.03
N PHE D 113 -9.43 -29.75 -16.28
CA PHE D 113 -8.38 -29.06 -15.51
C PHE D 113 -8.76 -28.95 -14.06
N GLN D 114 -9.90 -28.34 -13.83
CA GLN D 114 -10.35 -28.06 -12.48
C GLN D 114 -11.83 -28.36 -12.22
N PRO D 115 -12.19 -28.73 -10.98
CA PRO D 115 -13.59 -29.01 -10.63
C PRO D 115 -14.43 -27.76 -10.80
N GLY D 116 -15.75 -27.94 -10.93
CA GLY D 116 -16.64 -26.80 -11.07
C GLY D 116 -16.87 -26.26 -12.46
N GLN D 117 -16.21 -26.82 -13.47
CA GLN D 117 -16.41 -26.37 -14.84
C GLN D 117 -16.53 -27.55 -15.80
N SER D 118 -16.58 -27.28 -17.09
CA SER D 118 -16.69 -28.37 -18.08
C SER D 118 -15.61 -28.21 -19.13
N THR D 119 -15.42 -29.23 -19.95
CA THR D 119 -14.37 -29.13 -20.95
C THR D 119 -14.63 -27.94 -21.88
N ALA D 120 -15.84 -27.41 -21.85
CA ALA D 120 -16.16 -26.26 -22.68
C ALA D 120 -15.27 -25.12 -22.17
N ALA D 121 -15.31 -24.93 -20.86
CA ALA D 121 -14.51 -23.90 -20.21
C ALA D 121 -13.04 -24.11 -20.59
N VAL D 122 -12.57 -25.34 -20.45
CA VAL D 122 -11.20 -25.66 -20.77
C VAL D 122 -10.89 -25.27 -22.18
N ALA D 123 -11.82 -25.56 -23.10
CA ALA D 123 -11.61 -25.22 -24.51
C ALA D 123 -11.46 -23.68 -24.66
N ALA D 124 -12.29 -22.93 -23.95
CA ALA D 124 -12.22 -21.48 -24.01
C ALA D 124 -10.86 -21.02 -23.47
N LEU D 125 -10.56 -21.42 -22.25
CA LEU D 125 -9.30 -21.08 -21.60
C LEU D 125 -8.13 -21.38 -22.53
N VAL D 126 -8.10 -22.60 -23.04
CA VAL D 126 -7.04 -23.07 -23.91
C VAL D 126 -6.99 -22.23 -25.18
N ALA D 127 -8.14 -21.83 -25.67
CA ALA D 127 -8.22 -21.03 -26.90
C ALA D 127 -7.60 -19.68 -26.62
N GLU D 128 -8.02 -19.08 -25.50
CA GLU D 128 -7.51 -17.79 -25.10
C GLU D 128 -6.01 -17.83 -24.94
N ALA D 129 -5.52 -18.78 -24.14
CA ALA D 129 -4.09 -18.93 -23.88
C ALA D 129 -3.23 -19.21 -25.10
N SER D 130 -3.83 -19.79 -26.13
CA SER D 130 -3.09 -20.12 -27.34
C SER D 130 -3.33 -19.10 -28.45
N SER D 131 -4.02 -18.01 -28.11
CA SER D 131 -4.30 -16.96 -29.09
C SER D 131 -5.09 -17.48 -30.29
N SER D 132 -6.06 -18.35 -30.02
CA SER D 132 -6.89 -18.89 -31.09
C SER D 132 -8.10 -17.97 -31.22
N LYS D 133 -8.34 -17.50 -32.43
CA LYS D 133 -9.47 -16.62 -32.67
C LYS D 133 -10.76 -17.41 -32.82
N THR D 134 -10.62 -18.71 -33.09
CA THR D 134 -11.79 -19.56 -33.26
C THR D 134 -11.77 -20.81 -32.40
N LEU D 135 -12.91 -21.10 -31.78
CA LEU D 135 -13.07 -22.26 -30.94
C LEU D 135 -14.19 -23.08 -31.57
N VAL D 136 -13.84 -24.22 -32.17
CA VAL D 136 -14.83 -25.08 -32.79
C VAL D 136 -15.38 -26.13 -31.82
N VAL D 137 -16.69 -26.06 -31.56
CA VAL D 137 -17.33 -27.01 -30.67
C VAL D 137 -18.03 -28.04 -31.52
N ALA D 138 -17.42 -29.21 -31.65
CA ALA D 138 -18.01 -30.30 -32.44
C ALA D 138 -18.89 -31.19 -31.54
N THR D 139 -20.18 -31.20 -31.82
CA THR D 139 -21.12 -31.96 -31.03
C THR D 139 -22.10 -32.77 -31.90
N ASN D 140 -23.10 -33.38 -31.28
CA ASN D 140 -24.04 -34.21 -32.01
C ASN D 140 -25.18 -33.47 -32.65
N VAL D 141 -25.15 -32.14 -32.61
CA VAL D 141 -26.20 -31.34 -33.23
C VAL D 141 -25.61 -30.57 -34.40
N ASP D 142 -26.47 -30.09 -35.29
CA ASP D 142 -25.99 -29.33 -36.45
C ASP D 142 -25.51 -27.92 -36.08
N GLY D 143 -26.13 -27.33 -35.05
CA GLY D 143 -25.75 -26.00 -34.62
C GLY D 143 -26.71 -25.40 -33.61
N VAL D 144 -26.86 -24.08 -33.62
CA VAL D 144 -27.73 -23.41 -32.67
C VAL D 144 -29.11 -23.13 -33.25
N TYR D 145 -30.12 -23.31 -32.41
CA TYR D 145 -31.51 -23.12 -32.77
C TYR D 145 -32.13 -22.24 -31.67
N GLU D 146 -33.07 -21.37 -32.05
CA GLU D 146 -33.74 -20.48 -31.10
C GLU D 146 -34.33 -21.19 -29.88
N LYS D 147 -34.67 -22.47 -30.07
CA LYS D 147 -35.18 -23.37 -29.02
C LYS D 147 -35.03 -24.77 -29.62
N ASP D 148 -34.83 -25.79 -28.79
CA ASP D 148 -34.59 -27.14 -29.33
C ASP D 148 -35.65 -27.70 -30.29
N PRO D 149 -35.21 -28.12 -31.48
CA PRO D 149 -36.05 -28.69 -32.55
C PRO D 149 -36.74 -29.94 -32.05
N ARG D 150 -36.18 -30.51 -31.00
CA ARG D 150 -36.71 -31.71 -30.37
C ARG D 150 -38.16 -31.46 -29.94
N ILE D 151 -38.38 -30.32 -29.30
CA ILE D 151 -39.73 -30.00 -28.81
C ILE D 151 -40.54 -28.97 -29.59
N TYR D 152 -39.89 -28.01 -30.25
CA TYR D 152 -40.63 -27.00 -31.01
C TYR D 152 -40.55 -27.27 -32.49
N ALA D 153 -41.65 -27.06 -33.19
CA ALA D 153 -41.66 -27.31 -34.62
C ALA D 153 -41.28 -26.06 -35.41
N ASP D 154 -40.67 -26.28 -36.57
CA ASP D 154 -40.27 -25.17 -37.44
C ASP D 154 -39.18 -24.31 -36.85
N VAL D 155 -38.26 -24.94 -36.13
CA VAL D 155 -37.16 -24.19 -35.58
C VAL D 155 -36.12 -24.42 -36.65
N LYS D 156 -35.67 -23.35 -37.29
CA LYS D 156 -34.65 -23.58 -38.28
C LYS D 156 -33.34 -23.49 -37.52
N LEU D 157 -32.29 -23.14 -38.24
CA LEU D 157 -30.98 -23.08 -37.75
C LEU D 157 -30.43 -21.69 -37.92
N ILE D 158 -29.84 -21.16 -36.85
CA ILE D 158 -29.26 -19.81 -36.84
C ILE D 158 -27.85 -19.92 -37.44
N PRO D 159 -27.68 -19.53 -38.71
CA PRO D 159 -26.35 -19.64 -39.30
C PRO D 159 -25.31 -18.70 -38.65
N HIS D 160 -25.79 -17.66 -37.96
CA HIS D 160 -24.95 -16.67 -37.27
C HIS D 160 -25.72 -16.04 -36.12
N LEU D 161 -25.01 -15.65 -35.08
CA LEU D 161 -25.61 -14.98 -33.93
C LEU D 161 -24.43 -14.47 -33.10
N THR D 162 -24.71 -13.84 -31.96
CA THR D 162 -23.62 -13.35 -31.12
C THR D 162 -23.77 -13.89 -29.71
N THR D 163 -22.78 -13.64 -28.86
CA THR D 163 -22.80 -14.13 -27.49
C THR D 163 -24.09 -13.73 -26.78
N GLN D 164 -24.57 -12.53 -27.09
CA GLN D 164 -25.78 -12.01 -26.48
C GLN D 164 -27.03 -12.81 -26.86
N ASP D 165 -27.09 -13.21 -28.13
CA ASP D 165 -28.21 -14.00 -28.65
C ASP D 165 -28.21 -15.35 -27.93
N LEU D 166 -27.04 -15.95 -27.88
CA LEU D 166 -26.83 -17.24 -27.23
C LEU D 166 -27.23 -17.12 -25.78
N ARG D 167 -27.06 -15.91 -25.25
CA ARG D 167 -27.41 -15.61 -23.86
C ARG D 167 -28.90 -15.90 -23.65
N LYS D 168 -29.72 -15.30 -24.49
CA LYS D 168 -31.18 -15.45 -24.44
C LYS D 168 -31.62 -16.91 -24.56
N ILE D 169 -30.67 -17.84 -24.51
CA ILE D 169 -31.01 -19.24 -24.66
C ILE D 169 -30.49 -20.13 -23.54
N LEU D 183 -22.80 -26.06 -25.83
CA LEU D 183 -23.47 -25.72 -24.58
C LEU D 183 -22.85 -24.48 -23.93
N LEU D 184 -21.53 -24.47 -23.76
CA LEU D 184 -20.86 -23.30 -23.16
C LEU D 184 -21.38 -22.93 -21.76
N ASP D 185 -20.58 -23.25 -20.75
CA ASP D 185 -20.90 -22.93 -19.36
C ASP D 185 -20.52 -21.49 -19.09
N PRO D 186 -20.79 -20.98 -17.88
CA PRO D 186 -20.43 -19.60 -17.57
C PRO D 186 -19.00 -19.16 -17.88
N LEU D 187 -18.02 -19.85 -17.33
CA LEU D 187 -16.63 -19.52 -17.56
C LEU D 187 -16.30 -19.47 -19.04
N ALA D 188 -16.81 -20.42 -19.81
CA ALA D 188 -16.54 -20.47 -21.24
C ALA D 188 -16.99 -19.20 -21.91
N ILE D 189 -18.24 -18.80 -21.65
CA ILE D 189 -18.77 -17.59 -22.22
C ILE D 189 -17.94 -16.37 -21.80
N LYS D 190 -17.71 -16.24 -20.49
CA LYS D 190 -16.91 -15.14 -19.97
C LYS D 190 -15.57 -15.05 -20.72
N ILE D 191 -14.90 -16.17 -20.91
CA ILE D 191 -13.62 -16.17 -21.59
C ILE D 191 -13.72 -15.79 -23.07
N VAL D 192 -14.62 -16.43 -23.79
CA VAL D 192 -14.75 -16.15 -25.22
C VAL D 192 -15.12 -14.68 -25.47
N GLU D 193 -15.85 -14.08 -24.53
CA GLU D 193 -16.24 -12.68 -24.66
C GLU D 193 -15.05 -11.75 -24.40
N ARG D 194 -14.42 -11.90 -23.24
CA ARG D 194 -13.30 -11.05 -22.89
C ARG D 194 -12.14 -11.10 -23.89
N SER D 195 -11.92 -12.27 -24.49
CA SER D 195 -10.84 -12.40 -25.46
C SER D 195 -11.35 -12.42 -26.89
N LYS D 196 -12.64 -12.14 -27.04
CA LYS D 196 -13.29 -12.07 -28.33
C LYS D 196 -12.93 -13.23 -29.24
N ILE D 197 -13.33 -14.41 -28.81
CA ILE D 197 -13.10 -15.65 -29.55
C ILE D 197 -14.43 -16.06 -30.16
N ARG D 198 -14.46 -16.35 -31.45
CA ARG D 198 -15.72 -16.75 -32.02
C ARG D 198 -15.84 -18.27 -31.89
N VAL D 199 -17.03 -18.72 -31.52
CA VAL D 199 -17.30 -20.13 -31.33
C VAL D 199 -18.12 -20.69 -32.48
N ILE D 200 -17.65 -21.77 -33.09
CA ILE D 200 -18.37 -22.40 -34.20
C ILE D 200 -18.97 -23.75 -33.75
N VAL D 201 -20.28 -23.80 -33.58
CA VAL D 201 -20.90 -25.05 -33.19
C VAL D 201 -21.21 -25.85 -34.44
N MET D 202 -20.70 -27.08 -34.49
CA MET D 202 -20.94 -27.95 -35.64
C MET D 202 -21.09 -29.41 -35.23
N ASN D 203 -21.50 -30.25 -36.18
CA ASN D 203 -21.69 -31.66 -35.92
C ASN D 203 -20.38 -32.40 -36.16
N TYR D 204 -19.92 -33.18 -35.18
CA TYR D 204 -18.67 -33.89 -35.36
C TYR D 204 -18.72 -34.86 -36.52
N ARG D 205 -19.92 -35.10 -37.05
CA ARG D 205 -20.07 -35.99 -38.20
C ARG D 205 -19.44 -35.34 -39.42
N LYS D 206 -19.32 -34.01 -39.36
CA LYS D 206 -18.75 -33.25 -40.47
C LYS D 206 -17.30 -32.81 -40.31
N LEU D 207 -16.53 -33.51 -39.49
CA LEU D 207 -15.14 -33.13 -39.32
C LEU D 207 -14.37 -33.30 -40.62
N ASN D 208 -14.98 -33.95 -41.60
CA ASN D 208 -14.30 -34.14 -42.87
C ASN D 208 -14.47 -32.95 -43.78
N ARG D 209 -15.21 -31.96 -43.27
CA ARG D 209 -15.48 -30.73 -43.98
C ARG D 209 -15.21 -29.53 -43.06
N ILE D 210 -14.28 -29.70 -42.12
CA ILE D 210 -13.93 -28.66 -41.16
C ILE D 210 -13.34 -27.43 -41.85
N ILE D 211 -12.54 -27.63 -42.90
CA ILE D 211 -11.95 -26.50 -43.60
C ILE D 211 -13.03 -25.59 -44.19
N ASP D 212 -14.09 -26.20 -44.70
CA ASP D 212 -15.19 -25.43 -45.27
C ASP D 212 -15.92 -24.70 -44.15
N ILE D 213 -16.27 -25.43 -43.10
CA ILE D 213 -16.95 -24.87 -41.95
C ILE D 213 -16.32 -23.55 -41.53
N LEU D 214 -15.02 -23.60 -41.31
CA LEU D 214 -14.24 -22.44 -40.87
C LEU D 214 -14.41 -21.23 -41.75
N LYS D 215 -14.52 -21.45 -43.06
CA LYS D 215 -14.69 -20.32 -43.97
C LYS D 215 -16.16 -20.03 -44.24
N GLY D 216 -16.98 -20.40 -43.26
CA GLY D 216 -18.41 -20.17 -43.28
C GLY D 216 -19.32 -20.86 -44.27
N GLU D 217 -18.87 -21.95 -44.88
CA GLU D 217 -19.70 -22.63 -45.85
C GLU D 217 -20.63 -23.71 -45.28
N GLU D 218 -20.11 -24.92 -45.13
CA GLU D 218 -20.92 -26.03 -44.61
C GLU D 218 -21.81 -25.63 -43.42
N VAL D 219 -22.86 -26.41 -43.20
CA VAL D 219 -23.80 -26.12 -42.12
C VAL D 219 -23.14 -26.00 -40.74
N SER D 220 -23.35 -24.86 -40.09
CA SER D 220 -22.77 -24.59 -38.77
C SER D 220 -23.39 -23.33 -38.17
N SER D 221 -23.22 -23.17 -36.86
CA SER D 221 -23.72 -21.99 -36.17
C SER D 221 -22.51 -21.27 -35.63
N ILE D 222 -22.39 -19.98 -35.97
CA ILE D 222 -21.27 -19.19 -35.52
C ILE D 222 -21.67 -18.17 -34.46
N ILE D 223 -21.16 -18.34 -33.25
CA ILE D 223 -21.45 -17.42 -32.16
C ILE D 223 -20.40 -16.33 -32.14
N GLU D 224 -20.85 -15.09 -32.31
CA GLU D 224 -19.95 -13.93 -32.31
C GLU D 224 -19.84 -13.34 -30.92
N PRO D 225 -18.61 -13.02 -30.48
CA PRO D 225 -18.41 -12.43 -29.16
C PRO D 225 -18.91 -11.00 -29.12
N VAL D 226 -19.47 -10.61 -27.98
CA VAL D 226 -19.97 -9.26 -27.78
C VAL D 226 -19.89 -9.06 -26.28
N MET E 1 26.00 -18.40 -32.39
CA MET E 1 26.42 -18.49 -30.97
C MET E 1 25.36 -17.99 -29.97
N ASN E 2 25.52 -18.43 -28.73
CA ASN E 2 24.60 -18.11 -27.65
C ASN E 2 25.09 -16.94 -26.80
N ILE E 3 24.14 -16.24 -26.19
CA ILE E 3 24.43 -15.11 -25.35
C ILE E 3 23.43 -14.99 -24.20
N ILE E 4 23.91 -14.68 -23.01
CA ILE E 4 23.04 -14.53 -21.84
C ILE E 4 22.89 -13.05 -21.49
N LEU E 5 21.66 -12.64 -21.23
CA LEU E 5 21.36 -11.25 -20.88
C LEU E 5 20.78 -11.14 -19.47
N LYS E 6 21.57 -10.57 -18.56
CA LYS E 6 21.14 -10.38 -17.17
C LYS E 6 20.46 -9.00 -17.00
N ILE E 7 19.16 -8.99 -16.75
CA ILE E 7 18.42 -7.75 -16.55
C ILE E 7 18.34 -7.42 -15.07
N SER E 8 18.99 -6.34 -14.66
CA SER E 8 18.97 -5.90 -13.27
C SER E 8 17.54 -5.79 -12.75
N GLY E 9 17.38 -5.95 -11.46
CA GLY E 9 16.04 -5.84 -10.88
C GLY E 9 15.41 -4.45 -11.00
N LYS E 10 16.23 -3.40 -10.89
CA LYS E 10 15.73 -2.02 -10.99
C LYS E 10 14.89 -1.84 -12.26
N PHE E 11 15.26 -2.55 -13.30
CA PHE E 11 14.57 -2.49 -14.58
C PHE E 11 13.07 -2.64 -14.46
N PHE E 12 12.63 -3.42 -13.49
CA PHE E 12 11.20 -3.67 -13.28
C PHE E 12 10.56 -2.77 -12.24
N ASP E 13 11.39 -2.13 -11.42
CA ASP E 13 10.88 -1.23 -10.40
C ASP E 13 10.38 0.08 -10.98
N GLU E 14 10.94 0.47 -12.12
CA GLU E 14 10.56 1.71 -12.79
C GLU E 14 9.12 1.68 -13.30
N ASP E 15 8.56 0.47 -13.40
CA ASP E 15 7.19 0.26 -13.86
C ASP E 15 6.84 1.07 -15.12
N ASN E 16 7.77 1.02 -16.07
CA ASN E 16 7.58 1.72 -17.31
C ASN E 16 7.28 0.75 -18.44
N VAL E 17 6.19 1.02 -19.14
CA VAL E 17 5.77 0.19 -20.27
C VAL E 17 6.90 0.10 -21.30
N ASP E 18 7.55 1.23 -21.56
CA ASP E 18 8.65 1.27 -22.52
C ASP E 18 9.74 0.27 -22.20
N ASN E 19 10.12 0.19 -20.92
CA ASN E 19 11.16 -0.74 -20.49
C ASN E 19 10.96 -2.13 -21.11
N LEU E 20 9.80 -2.72 -20.86
CA LEU E 20 9.49 -4.04 -21.39
C LEU E 20 9.62 -4.12 -22.90
N ILE E 21 9.13 -3.08 -23.58
CA ILE E 21 9.15 -3.01 -25.04
C ILE E 21 10.54 -3.11 -25.66
N VAL E 22 11.41 -2.17 -25.29
CA VAL E 22 12.78 -2.13 -25.82
C VAL E 22 13.46 -3.48 -25.64
N LEU E 23 13.08 -4.19 -24.59
CA LEU E 23 13.68 -5.50 -24.35
C LEU E 23 13.17 -6.42 -25.44
N ARG E 24 11.85 -6.53 -25.49
CA ARG E 24 11.20 -7.36 -26.49
C ARG E 24 11.83 -7.12 -27.85
N GLN E 25 12.34 -5.89 -28.04
CA GLN E 25 12.96 -5.50 -29.31
C GLN E 25 14.34 -6.12 -29.50
N SER E 26 15.28 -5.68 -28.67
CA SER E 26 16.65 -6.20 -28.75
C SER E 26 16.68 -7.72 -28.94
N ILE E 27 15.82 -8.42 -28.20
CA ILE E 27 15.75 -9.88 -28.32
C ILE E 27 15.53 -10.24 -29.78
N LYS E 28 14.51 -9.64 -30.38
CA LYS E 28 14.20 -9.89 -31.78
C LYS E 28 15.40 -9.53 -32.63
N GLU E 29 16.04 -8.41 -32.30
CA GLU E 29 17.21 -7.98 -33.04
C GLU E 29 18.30 -9.04 -32.87
N LEU E 30 18.79 -9.16 -31.64
CA LEU E 30 19.82 -10.13 -31.28
C LEU E 30 19.52 -11.46 -31.94
N ALA E 31 18.27 -11.87 -31.82
CA ALA E 31 17.77 -13.13 -32.38
C ALA E 31 18.03 -13.16 -33.86
N ASP E 32 17.44 -12.19 -34.55
CA ASP E 32 17.59 -12.07 -35.99
C ASP E 32 19.04 -11.88 -36.42
N ASN E 33 19.98 -12.12 -35.51
CA ASN E 33 21.40 -11.98 -35.84
C ASN E 33 22.17 -13.25 -35.49
N GLY E 34 21.48 -14.39 -35.57
CA GLY E 34 22.10 -15.67 -35.29
C GLY E 34 22.60 -15.77 -33.87
N PHE E 35 21.76 -15.33 -32.94
CA PHE E 35 22.10 -15.36 -31.52
C PHE E 35 20.95 -15.95 -30.73
N ARG E 36 21.22 -16.98 -29.93
CA ARG E 36 20.16 -17.52 -29.09
C ARG E 36 20.31 -16.72 -27.81
N VAL E 37 19.21 -16.36 -27.21
CA VAL E 37 19.30 -15.55 -26.02
C VAL E 37 18.70 -16.17 -24.79
N GLY E 38 19.49 -16.15 -23.72
CA GLY E 38 19.04 -16.65 -22.44
C GLY E 38 18.86 -15.38 -21.63
N ILE E 39 17.80 -15.27 -20.83
CA ILE E 39 17.60 -14.08 -20.03
C ILE E 39 17.46 -14.39 -18.55
N VAL E 40 18.17 -13.65 -17.69
CA VAL E 40 18.05 -13.84 -16.26
C VAL E 40 17.52 -12.54 -15.66
N THR E 41 16.41 -12.59 -14.94
CA THR E 41 15.83 -11.40 -14.36
C THR E 41 15.99 -11.41 -12.85
N GLY E 42 16.44 -10.29 -12.31
CA GLY E 42 16.64 -10.18 -10.89
C GLY E 42 15.36 -9.84 -10.17
N GLY E 43 15.43 -9.91 -8.84
CA GLY E 43 14.26 -9.67 -8.00
C GLY E 43 13.80 -8.25 -7.86
N GLY E 44 14.72 -7.31 -7.95
CA GLY E 44 14.34 -5.92 -7.82
C GLY E 44 13.74 -5.53 -6.48
N SER E 45 12.90 -4.51 -6.49
CA SER E 45 12.28 -4.04 -5.26
C SER E 45 11.28 -5.01 -4.68
N THR E 46 10.62 -5.79 -5.53
CA THR E 46 9.65 -6.76 -5.04
C THR E 46 10.38 -7.71 -4.09
N ALA E 47 11.54 -8.19 -4.56
CA ALA E 47 12.36 -9.09 -3.78
C ALA E 47 12.70 -8.41 -2.48
N ARG E 48 13.25 -7.22 -2.60
CA ARG E 48 13.70 -6.45 -1.46
C ARG E 48 12.61 -6.17 -0.45
N ARG E 49 11.41 -5.85 -0.92
CA ARG E 49 10.31 -5.57 -0.02
C ARG E 49 9.98 -6.79 0.82
N TYR E 50 9.90 -7.94 0.15
CA TYR E 50 9.60 -9.18 0.82
C TYR E 50 10.72 -9.59 1.74
N ILE E 51 11.96 -9.45 1.29
CA ILE E 51 13.08 -9.83 2.13
C ILE E 51 13.08 -9.05 3.46
N LYS E 52 12.63 -7.81 3.42
CA LYS E 52 12.58 -7.00 4.63
C LYS E 52 11.34 -7.34 5.47
N LEU E 53 10.18 -7.48 4.84
CA LEU E 53 8.97 -7.82 5.57
C LEU E 53 9.19 -9.15 6.26
N ALA E 54 9.70 -10.13 5.51
CA ALA E 54 9.95 -11.46 6.04
C ALA E 54 10.94 -11.45 7.17
N ARG E 55 11.99 -10.69 6.99
CA ARG E 55 13.02 -10.58 8.02
C ARG E 55 12.51 -9.97 9.31
N GLU E 56 11.60 -9.01 9.16
CA GLU E 56 10.99 -8.34 10.29
C GLU E 56 10.38 -9.34 11.28
N ILE E 57 9.72 -10.38 10.78
CA ILE E 57 9.12 -11.38 11.66
C ILE E 57 10.05 -12.55 11.92
N GLY E 58 11.34 -12.37 11.64
CA GLY E 58 12.33 -13.41 11.88
C GLY E 58 12.53 -14.61 10.96
N ILE E 59 12.08 -14.52 9.71
CA ILE E 59 12.26 -15.63 8.78
C ILE E 59 13.75 -15.86 8.57
N GLY E 60 14.18 -17.12 8.62
CA GLY E 60 15.58 -17.42 8.43
C GLY E 60 16.19 -16.94 7.12
N GLU E 61 17.50 -16.81 7.11
CA GLU E 61 18.20 -16.34 5.92
C GLU E 61 17.95 -17.18 4.66
N ALA E 62 17.84 -18.49 4.82
CA ALA E 62 17.62 -19.36 3.68
C ALA E 62 16.29 -19.02 3.01
N TYR E 63 15.27 -18.82 3.84
CA TYR E 63 13.95 -18.51 3.32
C TYR E 63 13.82 -17.11 2.76
N LEU E 64 14.62 -16.17 3.29
CA LEU E 64 14.60 -14.82 2.77
C LEU E 64 15.11 -14.94 1.33
N ASP E 65 16.20 -15.68 1.13
CA ASP E 65 16.71 -15.91 -0.23
C ASP E 65 15.62 -16.48 -1.14
N LEU E 66 14.93 -17.51 -0.68
CA LEU E 66 13.89 -18.10 -1.50
C LEU E 66 12.87 -17.04 -1.93
N LEU E 67 12.51 -16.14 -1.00
CA LEU E 67 11.54 -15.10 -1.32
C LEU E 67 12.10 -14.23 -2.42
N GLY E 68 13.40 -13.94 -2.34
CA GLY E 68 14.04 -13.13 -3.35
C GLY E 68 13.96 -13.83 -4.69
N ILE E 69 14.25 -15.14 -4.66
CA ILE E 69 14.23 -15.98 -5.85
C ILE E 69 12.83 -16.01 -6.46
N TRP E 70 11.80 -16.19 -5.64
CA TRP E 70 10.45 -16.22 -6.20
C TRP E 70 10.10 -14.88 -6.80
N ALA E 71 10.50 -13.81 -6.13
CA ALA E 71 10.26 -12.46 -6.65
C ALA E 71 10.96 -12.32 -7.99
N SER E 72 12.19 -12.81 -8.09
CA SER E 72 12.90 -12.74 -9.36
C SER E 72 12.23 -13.60 -10.42
N ARG E 73 11.51 -14.65 -10.02
CA ARG E 73 10.85 -15.49 -11.00
C ARG E 73 9.61 -14.77 -11.52
N LEU E 74 8.93 -14.05 -10.63
CA LEU E 74 7.74 -13.30 -11.02
C LEU E 74 8.14 -12.36 -12.17
N ASN E 75 9.29 -11.74 -12.05
CA ASN E 75 9.80 -10.85 -13.10
C ASN E 75 10.09 -11.69 -14.34
N ALA E 76 10.61 -12.90 -14.11
CA ALA E 76 10.95 -13.82 -15.18
C ALA E 76 9.69 -14.11 -15.98
N TYR E 77 8.59 -14.37 -15.29
CA TYR E 77 7.34 -14.66 -15.98
C TYR E 77 6.87 -13.46 -16.81
N LEU E 78 6.95 -12.28 -16.21
CA LEU E 78 6.57 -11.04 -16.89
C LEU E 78 7.36 -10.90 -18.20
N VAL E 79 8.68 -11.00 -18.11
CA VAL E 79 9.49 -10.90 -19.30
C VAL E 79 9.11 -12.00 -20.31
N MET E 80 8.99 -13.23 -19.83
CA MET E 80 8.64 -14.35 -20.69
C MET E 80 7.31 -14.11 -21.39
N PHE E 81 6.29 -13.74 -20.62
CA PHE E 81 4.97 -13.50 -21.19
C PHE E 81 4.94 -12.45 -22.27
N SER E 82 5.84 -11.48 -22.19
CA SER E 82 5.89 -10.41 -23.18
C SER E 82 6.62 -10.83 -24.43
N LEU E 83 7.33 -11.94 -24.36
CA LEU E 83 8.07 -12.43 -25.51
C LEU E 83 7.27 -13.48 -26.26
N GLN E 84 6.00 -13.16 -26.56
CA GLN E 84 5.08 -14.05 -27.27
C GLN E 84 5.50 -15.52 -27.32
N ASP E 85 5.49 -16.09 -28.53
CA ASP E 85 5.88 -17.50 -28.69
C ASP E 85 7.39 -17.67 -28.87
N LEU E 86 8.12 -16.57 -28.83
CA LEU E 86 9.57 -16.57 -28.98
C LEU E 86 10.30 -17.34 -27.86
N ALA E 87 9.72 -17.30 -26.66
CA ALA E 87 10.32 -17.95 -25.52
C ALA E 87 9.64 -19.26 -25.17
N TYR E 88 10.41 -20.16 -24.57
CA TYR E 88 9.90 -21.44 -24.12
C TYR E 88 9.12 -21.10 -22.85
N MET E 89 7.84 -21.47 -22.83
CA MET E 89 6.97 -21.15 -21.72
C MET E 89 7.18 -21.85 -20.38
N HIS E 90 8.40 -21.77 -19.84
CA HIS E 90 8.69 -22.36 -18.55
C HIS E 90 9.87 -21.63 -17.90
N VAL E 91 9.77 -21.34 -16.61
CA VAL E 91 10.84 -20.66 -15.91
C VAL E 91 11.61 -21.69 -15.12
N PRO E 92 12.73 -22.16 -15.67
CA PRO E 92 13.57 -23.18 -14.98
C PRO E 92 13.91 -22.72 -13.59
N GLN E 93 13.93 -23.64 -12.63
CA GLN E 93 14.24 -23.26 -11.25
C GLN E 93 15.58 -23.79 -10.74
N SER E 94 16.37 -24.34 -11.64
CA SER E 94 17.67 -24.88 -11.30
C SER E 94 18.49 -24.93 -12.57
N LEU E 95 19.80 -24.96 -12.43
CA LEU E 95 20.61 -25.01 -13.62
C LEU E 95 20.22 -26.22 -14.44
N GLU E 96 20.02 -27.35 -13.77
CA GLU E 96 19.67 -28.60 -14.45
C GLU E 96 18.43 -28.43 -15.31
N GLU E 97 17.43 -27.73 -14.77
CA GLU E 97 16.21 -27.50 -15.53
C GLU E 97 16.48 -26.56 -16.70
N PHE E 98 17.37 -25.59 -16.49
CA PHE E 98 17.70 -24.61 -17.54
C PHE E 98 18.24 -25.34 -18.74
N ILE E 99 19.19 -26.22 -18.46
CA ILE E 99 19.84 -27.03 -19.49
C ILE E 99 18.81 -27.78 -20.31
N GLN E 100 17.76 -28.22 -19.65
CA GLN E 100 16.70 -28.95 -20.30
C GLN E 100 15.88 -28.02 -21.18
N ASP E 101 15.39 -26.92 -20.59
CA ASP E 101 14.58 -25.96 -21.33
C ASP E 101 15.32 -25.36 -22.51
N TRP E 102 16.63 -25.25 -22.36
CA TRP E 102 17.44 -24.68 -23.40
C TRP E 102 17.48 -25.59 -24.64
N SER E 103 17.23 -26.88 -24.45
CA SER E 103 17.24 -27.83 -25.56
C SER E 103 16.22 -27.49 -26.64
N HIS E 104 15.10 -26.94 -26.21
CA HIS E 104 14.01 -26.61 -27.12
C HIS E 104 14.29 -25.51 -28.14
N GLY E 105 15.49 -24.95 -28.14
CA GLY E 105 15.82 -23.92 -29.12
C GLY E 105 15.13 -22.56 -29.10
N LYS E 106 14.39 -22.24 -28.04
CA LYS E 106 13.75 -20.93 -27.92
C LYS E 106 14.39 -20.12 -26.78
N VAL E 107 13.93 -18.89 -26.60
CA VAL E 107 14.47 -18.06 -25.54
C VAL E 107 14.04 -18.66 -24.19
N VAL E 108 14.93 -18.63 -23.21
CA VAL E 108 14.62 -19.13 -21.88
C VAL E 108 14.80 -18.01 -20.85
N VAL E 109 13.77 -17.75 -20.06
CA VAL E 109 13.86 -16.71 -19.05
C VAL E 109 13.97 -17.34 -17.65
N THR E 110 14.96 -16.93 -16.88
CA THR E 110 15.20 -17.48 -15.56
C THR E 110 15.20 -16.48 -14.42
N GLY E 111 15.00 -17.00 -13.22
CA GLY E 111 15.04 -16.20 -12.03
C GLY E 111 16.13 -16.87 -11.21
N GLY E 112 16.01 -16.82 -9.89
CA GLY E 112 17.00 -17.45 -9.03
C GLY E 112 16.94 -18.96 -9.07
N PHE E 113 17.94 -19.58 -8.46
CA PHE E 113 18.06 -21.03 -8.41
C PHE E 113 18.20 -21.52 -6.98
N GLN E 114 19.23 -21.01 -6.32
CA GLN E 114 19.60 -21.44 -4.99
C GLN E 114 20.00 -20.32 -4.04
N PRO E 115 19.70 -20.49 -2.73
CA PRO E 115 20.04 -19.50 -1.71
C PRO E 115 21.53 -19.29 -1.67
N GLY E 116 21.96 -18.20 -1.08
CA GLY E 116 23.39 -17.94 -0.99
C GLY E 116 24.05 -17.25 -2.17
N GLN E 117 23.31 -16.99 -3.25
CA GLN E 117 23.89 -16.31 -4.41
C GLN E 117 22.93 -15.26 -4.98
N SER E 118 23.28 -14.66 -6.10
CA SER E 118 22.43 -13.64 -6.72
C SER E 118 22.16 -14.06 -8.15
N THR E 119 21.25 -13.37 -8.81
CA THR E 119 20.95 -13.71 -10.20
C THR E 119 22.20 -13.55 -11.05
N ALA E 120 23.18 -12.80 -10.56
CA ALA E 120 24.42 -12.63 -11.29
C ALA E 120 25.01 -14.04 -11.47
N ALA E 121 25.13 -14.76 -10.36
CA ALA E 121 25.67 -16.11 -10.33
C ALA E 121 24.87 -17.00 -11.28
N VAL E 122 23.55 -16.83 -11.25
CA VAL E 122 22.70 -17.63 -12.10
C VAL E 122 23.04 -17.35 -13.53
N ALA E 123 23.19 -16.06 -13.84
CA ALA E 123 23.51 -15.66 -15.21
C ALA E 123 24.83 -16.30 -15.63
N ALA E 124 25.82 -16.29 -14.75
CA ALA E 124 27.10 -16.89 -15.09
C ALA E 124 26.92 -18.39 -15.33
N LEU E 125 26.29 -19.09 -14.38
CA LEU E 125 26.04 -20.53 -14.50
C LEU E 125 25.36 -20.84 -15.81
N VAL E 126 24.26 -20.15 -16.05
CA VAL E 126 23.47 -20.34 -17.26
C VAL E 126 24.28 -20.08 -18.52
N ALA E 127 25.19 -19.10 -18.46
CA ALA E 127 26.03 -18.76 -19.60
C ALA E 127 26.99 -19.90 -19.89
N GLU E 128 27.61 -20.43 -18.83
CA GLU E 128 28.54 -21.55 -18.91
C GLU E 128 27.85 -22.80 -19.44
N ALA E 129 26.68 -23.09 -18.90
CA ALA E 129 25.93 -24.27 -19.31
C ALA E 129 25.48 -24.20 -20.75
N SER E 130 25.20 -22.99 -21.21
CA SER E 130 24.72 -22.78 -22.57
C SER E 130 25.82 -22.44 -23.57
N SER E 131 27.07 -22.57 -23.12
CA SER E 131 28.22 -22.29 -23.97
C SER E 131 28.20 -20.88 -24.54
N SER E 132 27.77 -19.91 -23.72
CA SER E 132 27.72 -18.53 -24.16
C SER E 132 29.08 -17.93 -23.86
N LYS E 133 29.67 -17.27 -24.85
CA LYS E 133 30.98 -16.69 -24.65
C LYS E 133 30.88 -15.29 -24.06
N THR E 134 29.66 -14.75 -24.08
CA THR E 134 29.44 -13.43 -23.54
C THR E 134 28.23 -13.35 -22.62
N LEU E 135 28.40 -12.68 -21.49
CA LEU E 135 27.34 -12.46 -20.50
C LEU E 135 27.14 -10.96 -20.37
N VAL E 136 26.00 -10.49 -20.82
CA VAL E 136 25.68 -9.06 -20.78
C VAL E 136 24.92 -8.72 -19.52
N VAL E 137 25.50 -7.90 -18.67
CA VAL E 137 24.83 -7.48 -17.44
C VAL E 137 24.23 -6.08 -17.65
N ALA E 138 22.94 -6.01 -17.94
CA ALA E 138 22.28 -4.73 -18.16
C ALA E 138 21.81 -4.16 -16.85
N THR E 139 22.51 -3.15 -16.35
CA THR E 139 22.16 -2.50 -15.08
C THR E 139 21.67 -1.06 -15.36
N ASN E 140 21.30 -0.32 -14.32
CA ASN E 140 20.82 1.06 -14.54
C ASN E 140 21.96 2.07 -14.70
N VAL E 141 23.18 1.61 -14.41
CA VAL E 141 24.42 2.37 -14.52
C VAL E 141 24.94 2.17 -15.95
N ASP E 142 26.03 2.82 -16.29
CA ASP E 142 26.54 2.69 -17.64
C ASP E 142 27.64 1.64 -17.77
N GLY E 143 28.24 1.27 -16.65
CA GLY E 143 29.30 0.29 -16.62
C GLY E 143 29.89 0.12 -15.22
N VAL E 144 31.22 0.09 -15.13
CA VAL E 144 31.88 -0.08 -13.84
C VAL E 144 32.73 1.13 -13.39
N TYR E 145 32.76 1.35 -12.08
CA TYR E 145 33.52 2.45 -11.46
C TYR E 145 34.11 1.85 -10.18
N GLU E 146 35.23 2.38 -9.68
CA GLU E 146 35.82 1.82 -8.44
C GLU E 146 35.02 2.29 -7.24
N LYS E 147 34.07 3.18 -7.51
CA LYS E 147 33.18 3.75 -6.52
C LYS E 147 31.91 4.07 -7.28
N ASP E 148 30.76 3.69 -6.74
CA ASP E 148 29.48 3.96 -7.42
C ASP E 148 29.23 5.46 -7.54
N PRO E 149 28.62 5.88 -8.65
CA PRO E 149 28.32 7.31 -8.86
C PRO E 149 27.10 7.78 -8.06
N ALA E 153 30.22 9.88 -5.89
CA ALA E 153 29.95 10.54 -7.16
C ALA E 153 31.19 11.17 -7.82
N ASP E 154 31.00 11.63 -9.06
CA ASP E 154 31.98 12.26 -9.97
C ASP E 154 32.95 11.28 -10.67
N VAL E 155 33.07 10.06 -10.14
CA VAL E 155 33.93 9.01 -10.70
C VAL E 155 33.72 8.74 -12.19
N LYS E 156 34.70 8.12 -12.82
CA LYS E 156 34.62 7.82 -14.25
C LYS E 156 34.40 6.32 -14.52
N LEU E 157 33.95 6.02 -15.75
CA LEU E 157 33.67 4.64 -16.17
C LEU E 157 34.84 3.87 -16.76
N ILE E 158 35.23 2.80 -16.06
CA ILE E 158 36.32 1.93 -16.47
C ILE E 158 35.84 1.09 -17.66
N PRO E 159 36.23 1.47 -18.88
CA PRO E 159 35.81 0.74 -20.07
C PRO E 159 36.36 -0.69 -20.25
N HIS E 160 37.50 -0.99 -19.63
CA HIS E 160 38.09 -2.33 -19.74
C HIS E 160 38.81 -2.72 -18.47
N LEU E 161 38.41 -3.83 -17.86
CA LEU E 161 39.06 -4.35 -16.65
C LEU E 161 39.04 -5.88 -16.70
N THR E 162 39.54 -6.51 -15.65
CA THR E 162 39.57 -7.97 -15.57
C THR E 162 38.81 -8.41 -14.34
N THR E 163 38.44 -9.69 -14.31
CA THR E 163 37.71 -10.23 -13.16
C THR E 163 38.53 -9.99 -11.88
N GLN E 164 39.85 -10.03 -11.96
CA GLN E 164 40.66 -9.80 -10.78
C GLN E 164 40.62 -8.34 -10.42
N ASP E 165 40.47 -7.49 -11.44
CA ASP E 165 40.38 -6.05 -11.19
C ASP E 165 39.09 -5.86 -10.41
N LEU E 166 38.04 -6.52 -10.88
CA LEU E 166 36.72 -6.44 -10.27
C LEU E 166 36.78 -6.95 -8.84
N ARG E 167 37.47 -8.07 -8.61
CA ARG E 167 37.58 -8.58 -7.24
C ARG E 167 37.96 -7.42 -6.35
N LYS E 168 39.19 -6.94 -6.53
CA LYS E 168 39.70 -5.82 -5.74
C LYS E 168 38.67 -4.69 -5.75
N ILE E 169 38.27 -4.21 -6.92
CA ILE E 169 37.28 -3.13 -6.92
C ILE E 169 36.11 -3.51 -6.00
N LEU E 170 35.71 -4.78 -6.02
CA LEU E 170 34.61 -5.21 -5.16
C LEU E 170 35.11 -5.44 -3.74
N GLN E 177 23.70 -12.88 2.78
CA GLN E 177 22.69 -11.92 3.25
C GLN E 177 21.66 -11.58 2.20
N ALA E 178 20.54 -12.29 2.23
CA ALA E 178 19.45 -12.08 1.28
C ALA E 178 19.26 -10.58 1.02
N GLY E 179 19.57 -10.14 -0.19
CA GLY E 179 19.42 -8.74 -0.54
C GLY E 179 20.73 -8.20 -1.07
N THR E 180 21.75 -8.20 -0.21
CA THR E 180 23.09 -7.73 -0.52
C THR E 180 23.44 -8.01 -1.98
N TYR E 181 23.78 -6.93 -2.69
CA TYR E 181 24.15 -7.03 -4.09
C TYR E 181 25.64 -7.26 -4.22
N GLU E 182 26.10 -7.00 -5.44
CA GLU E 182 27.49 -7.08 -5.89
C GLU E 182 27.20 -6.87 -7.38
N LEU E 183 28.18 -6.84 -8.27
CA LEU E 183 27.82 -6.67 -9.69
C LEU E 183 27.85 -8.14 -10.05
N LEU E 184 28.97 -8.76 -9.70
CA LEU E 184 29.24 -10.16 -9.89
C LEU E 184 29.65 -10.61 -8.51
N ASP E 185 28.90 -11.54 -7.95
CA ASP E 185 29.23 -12.06 -6.64
C ASP E 185 30.35 -13.07 -6.84
N PRO E 186 30.88 -13.68 -5.77
CA PRO E 186 31.96 -14.65 -5.87
C PRO E 186 31.76 -15.80 -6.85
N LEU E 187 30.62 -16.47 -6.77
CA LEU E 187 30.34 -17.59 -7.67
C LEU E 187 30.35 -17.18 -9.14
N ALA E 188 29.75 -16.02 -9.43
CA ALA E 188 29.71 -15.50 -10.80
C ALA E 188 31.12 -15.32 -11.37
N ILE E 189 31.99 -14.67 -10.59
CA ILE E 189 33.35 -14.43 -11.02
C ILE E 189 34.06 -15.77 -11.22
N LYS E 190 33.91 -16.68 -10.25
CA LYS E 190 34.54 -17.98 -10.35
C LYS E 190 34.15 -18.69 -11.63
N ILE E 191 32.86 -18.62 -11.97
CA ILE E 191 32.35 -19.28 -13.16
C ILE E 191 32.83 -18.62 -14.45
N VAL E 192 32.70 -17.29 -14.55
CA VAL E 192 33.13 -16.57 -15.75
C VAL E 192 34.62 -16.78 -16.00
N GLU E 193 35.40 -16.90 -14.93
CA GLU E 193 36.83 -17.13 -15.07
C GLU E 193 37.15 -18.52 -15.58
N ARG E 194 36.67 -19.55 -14.88
CA ARG E 194 36.96 -20.93 -15.28
C ARG E 194 36.47 -21.27 -16.67
N SER E 195 35.37 -20.67 -17.11
CA SER E 195 34.84 -20.95 -18.45
C SER E 195 35.14 -19.83 -19.42
N LYS E 196 36.00 -18.91 -18.98
CA LYS E 196 36.42 -17.77 -19.78
C LYS E 196 35.29 -17.11 -20.56
N ILE E 197 34.33 -16.54 -19.81
CA ILE E 197 33.19 -15.86 -20.39
C ILE E 197 33.42 -14.38 -20.20
N ARG E 198 33.29 -13.58 -21.24
CA ARG E 198 33.51 -12.17 -21.03
C ARG E 198 32.19 -11.53 -20.61
N VAL E 199 32.27 -10.60 -19.67
CA VAL E 199 31.08 -9.93 -19.16
C VAL E 199 31.04 -8.49 -19.63
N ILE E 200 29.93 -8.11 -20.24
CA ILE E 200 29.74 -6.75 -20.75
C ILE E 200 28.75 -6.02 -19.85
N VAL E 201 29.23 -5.07 -19.07
CA VAL E 201 28.34 -4.31 -18.21
C VAL E 201 27.85 -3.10 -19.01
N MET E 202 26.53 -2.93 -19.07
CA MET E 202 25.95 -1.83 -19.82
C MET E 202 24.66 -1.35 -19.18
N ASN E 203 24.15 -0.22 -19.66
CA ASN E 203 22.93 0.36 -19.14
C ASN E 203 21.74 -0.24 -19.86
N TYR E 204 20.75 -0.70 -19.12
CA TYR E 204 19.60 -1.29 -19.78
C TYR E 204 18.83 -0.30 -20.61
N ARG E 205 19.13 0.98 -20.44
CA ARG E 205 18.48 2.03 -21.22
C ARG E 205 18.90 1.87 -22.67
N LYS E 206 20.06 1.26 -22.88
CA LYS E 206 20.60 1.06 -24.22
C LYS E 206 20.41 -0.33 -24.80
N LEU E 207 19.50 -1.11 -24.21
CA LEU E 207 19.21 -2.45 -24.69
C LEU E 207 19.03 -2.38 -26.20
N ASN E 208 18.40 -1.30 -26.63
CA ASN E 208 18.15 -1.08 -28.05
C ASN E 208 19.43 -1.16 -28.88
N ARG E 209 20.53 -0.63 -28.36
CA ARG E 209 21.81 -0.65 -29.07
C ARG E 209 22.67 -1.85 -28.68
N ILE E 210 22.02 -2.95 -28.34
CA ILE E 210 22.73 -4.15 -27.92
C ILE E 210 23.63 -4.74 -28.98
N ILE E 211 23.19 -4.74 -30.24
CA ILE E 211 24.00 -5.30 -31.32
C ILE E 211 25.31 -4.54 -31.44
N ASP E 212 25.25 -3.23 -31.25
CA ASP E 212 26.44 -2.39 -31.34
C ASP E 212 27.35 -2.71 -30.17
N ILE E 213 26.77 -2.68 -28.97
CA ILE E 213 27.48 -2.97 -27.73
C ILE E 213 28.36 -4.20 -27.90
N LEU E 214 27.73 -5.30 -28.30
CA LEU E 214 28.41 -6.57 -28.50
C LEU E 214 29.62 -6.49 -29.41
N LYS E 215 29.60 -5.60 -30.38
CA LYS E 215 30.73 -5.49 -31.27
C LYS E 215 31.67 -4.33 -30.92
N GLY E 216 31.58 -3.85 -29.68
CA GLY E 216 32.45 -2.80 -29.20
C GLY E 216 32.04 -1.35 -29.40
N GLU E 217 31.22 -1.12 -30.41
CA GLU E 217 30.75 0.23 -30.75
C GLU E 217 29.63 0.76 -29.84
N GLU E 218 30.00 1.38 -28.73
CA GLU E 218 29.04 1.96 -27.79
C GLU E 218 29.59 2.11 -26.37
N VAL E 219 28.77 2.66 -25.48
CA VAL E 219 29.15 2.88 -24.08
C VAL E 219 28.96 1.64 -23.23
N SER E 220 30.07 0.95 -22.97
CA SER E 220 30.01 -0.25 -22.18
C SER E 220 31.36 -0.59 -21.58
N SER E 221 31.32 -1.42 -20.53
CA SER E 221 32.54 -1.88 -19.88
C SER E 221 32.66 -3.37 -20.11
N ILE E 222 33.77 -3.79 -20.70
CA ILE E 222 33.98 -5.20 -20.98
C ILE E 222 34.98 -5.81 -20.00
N ILE E 223 34.51 -6.77 -19.20
CA ILE E 223 35.37 -7.46 -18.25
C ILE E 223 35.93 -8.72 -18.90
N GLU E 224 37.24 -8.78 -19.06
CA GLU E 224 37.89 -9.93 -19.67
C GLU E 224 38.26 -10.97 -18.62
N PRO E 225 37.99 -12.24 -18.90
CA PRO E 225 38.31 -13.29 -17.94
C PRO E 225 39.81 -13.52 -17.89
N VAL E 226 40.33 -13.83 -16.71
CA VAL E 226 41.77 -14.08 -16.54
C VAL E 226 42.07 -15.07 -15.42
N MET F 1 -12.51 -29.41 13.37
CA MET F 1 -12.60 -29.87 11.94
C MET F 1 -11.71 -29.04 10.99
N ASN F 2 -11.89 -29.20 9.69
CA ASN F 2 -11.10 -28.45 8.72
C ASN F 2 -11.71 -27.10 8.45
N ILE F 3 -10.87 -26.11 8.22
CA ILE F 3 -11.32 -24.75 7.96
C ILE F 3 -10.38 -24.03 6.96
N ILE F 4 -10.96 -23.29 6.04
CA ILE F 4 -10.16 -22.56 5.06
C ILE F 4 -10.20 -21.08 5.38
N LEU F 5 -9.02 -20.45 5.34
CA LEU F 5 -8.88 -19.03 5.65
C LEU F 5 -8.38 -18.29 4.43
N LYS F 6 -9.21 -17.43 3.87
CA LYS F 6 -8.85 -16.65 2.70
C LYS F 6 -8.36 -15.28 3.15
N ILE F 7 -7.07 -15.00 2.99
CA ILE F 7 -6.51 -13.70 3.37
C ILE F 7 -6.49 -12.76 2.17
N SER F 8 -7.24 -11.69 2.28
CA SER F 8 -7.31 -10.70 1.21
C SER F 8 -5.92 -10.20 0.84
N GLY F 9 -5.74 -9.82 -0.42
CA GLY F 9 -4.45 -9.30 -0.87
C GLY F 9 -4.01 -8.03 -0.13
N LYS F 10 -4.95 -7.12 0.18
CA LYS F 10 -4.60 -5.88 0.87
C LYS F 10 -3.76 -6.17 2.11
N PHE F 11 -4.01 -7.32 2.72
CA PHE F 11 -3.31 -7.72 3.93
C PHE F 11 -1.81 -7.66 3.79
N PHE F 12 -1.32 -7.88 2.60
CA PHE F 12 0.14 -7.85 2.37
C PHE F 12 0.66 -6.53 1.86
N ASP F 13 -0.23 -5.70 1.31
CA ASP F 13 0.17 -4.40 0.80
C ASP F 13 0.52 -3.45 1.94
N GLU F 14 -0.04 -3.70 3.11
CA GLU F 14 0.16 -2.82 4.26
C GLU F 14 1.56 -2.63 4.84
N ASP F 15 2.45 -3.60 4.79
CA ASP F 15 3.75 -3.28 5.37
C ASP F 15 3.69 -2.75 6.82
N ASN F 16 3.54 -3.69 7.74
CA ASN F 16 3.46 -3.46 9.18
C ASN F 16 3.72 -4.85 9.77
N VAL F 17 4.81 -5.02 10.51
CA VAL F 17 5.15 -6.33 11.06
C VAL F 17 4.00 -7.00 11.80
N ASP F 18 3.15 -6.22 12.46
CA ASP F 18 2.04 -6.80 13.24
C ASP F 18 1.07 -7.71 12.48
N ASN F 19 0.88 -7.49 11.18
CA ASN F 19 -0.02 -8.33 10.40
C ASN F 19 0.39 -9.82 10.37
N LEU F 20 1.64 -10.11 9.98
CA LEU F 20 2.11 -11.48 9.93
C LEU F 20 2.20 -12.05 11.33
N ILE F 21 2.70 -11.24 12.26
CA ILE F 21 2.80 -11.69 13.64
C ILE F 21 1.45 -12.18 14.18
N VAL F 22 0.38 -11.46 13.87
CA VAL F 22 -0.94 -11.84 14.37
C VAL F 22 -1.55 -13.01 13.61
N LEU F 23 -1.39 -13.03 12.29
CA LEU F 23 -1.91 -14.12 11.47
C LEU F 23 -1.26 -15.41 11.92
N ARG F 24 0.03 -15.34 12.21
CA ARG F 24 0.75 -16.50 12.64
C ARG F 24 0.23 -17.05 13.98
N GLN F 25 -0.05 -16.15 14.93
CA GLN F 25 -0.57 -16.58 16.23
C GLN F 25 -1.96 -17.19 16.04
N SER F 26 -2.78 -16.56 15.21
CA SER F 26 -4.13 -17.07 14.98
C SER F 26 -4.12 -18.43 14.30
N ILE F 27 -3.14 -18.67 13.44
CA ILE F 27 -3.07 -19.95 12.76
C ILE F 27 -2.75 -21.00 13.83
N LYS F 28 -2.02 -20.58 14.87
CA LYS F 28 -1.69 -21.47 15.98
C LYS F 28 -2.88 -21.60 16.88
N GLU F 29 -3.54 -20.48 17.11
CA GLU F 29 -4.70 -20.49 17.97
C GLU F 29 -5.74 -21.44 17.38
N LEU F 30 -5.98 -21.34 16.07
CA LEU F 30 -6.95 -22.21 15.43
C LEU F 30 -6.50 -23.66 15.60
N ALA F 31 -5.18 -23.85 15.54
CA ALA F 31 -4.61 -25.19 15.66
C ALA F 31 -4.87 -25.77 17.03
N ASP F 32 -4.61 -24.99 18.08
CA ASP F 32 -4.82 -25.46 19.44
C ASP F 32 -6.29 -25.67 19.78
N ASN F 33 -7.15 -25.57 18.77
CA ASN F 33 -8.58 -25.80 18.95
C ASN F 33 -8.99 -26.88 17.97
N GLY F 34 -8.07 -27.83 17.77
CA GLY F 34 -8.31 -28.95 16.88
C GLY F 34 -8.85 -28.54 15.52
N PHE F 35 -8.13 -27.66 14.85
CA PHE F 35 -8.52 -27.15 13.56
C PHE F 35 -7.39 -27.34 12.56
N ARG F 36 -7.70 -27.93 11.42
CA ARG F 36 -6.70 -28.09 10.38
C ARG F 36 -6.95 -26.84 9.60
N VAL F 37 -5.90 -26.10 9.25
CA VAL F 37 -6.13 -24.88 8.51
C VAL F 37 -5.54 -24.82 7.11
N GLY F 38 -6.37 -24.41 6.16
CA GLY F 38 -5.90 -24.25 4.81
C GLY F 38 -5.90 -22.75 4.64
N ILE F 39 -4.91 -22.19 3.97
CA ILE F 39 -4.86 -20.74 3.77
C ILE F 39 -4.69 -20.37 2.32
N VAL F 40 -5.52 -19.45 1.85
CA VAL F 40 -5.40 -18.99 0.48
C VAL F 40 -5.02 -17.53 0.54
N THR F 41 -3.96 -17.15 -0.16
CA THR F 41 -3.53 -15.76 -0.13
C THR F 41 -3.71 -15.13 -1.49
N GLY F 42 -4.29 -13.93 -1.51
CA GLY F 42 -4.50 -13.27 -2.78
C GLY F 42 -3.31 -12.49 -3.28
N GLY F 43 -3.40 -12.04 -4.53
CA GLY F 43 -2.31 -11.29 -5.14
C GLY F 43 -2.04 -9.90 -4.63
N GLY F 44 -3.07 -9.19 -4.16
CA GLY F 44 -2.90 -7.82 -3.65
C GLY F 44 -2.36 -6.82 -4.69
N SER F 45 -1.69 -5.80 -4.19
CA SER F 45 -1.14 -4.77 -5.08
C SER F 45 -0.06 -5.30 -6.00
N THR F 46 0.73 -6.28 -5.53
CA THR F 46 1.79 -6.84 -6.36
C THR F 46 1.12 -7.37 -7.62
N ALA F 47 0.01 -8.07 -7.40
CA ALA F 47 -0.74 -8.64 -8.50
C ALA F 47 -1.20 -7.54 -9.47
N ARG F 48 -2.01 -6.62 -8.96
CA ARG F 48 -2.53 -5.51 -9.76
C ARG F 48 -1.43 -4.72 -10.49
N ARG F 49 -0.37 -4.40 -9.74
CA ARG F 49 0.75 -3.66 -10.30
C ARG F 49 1.35 -4.36 -11.53
N TYR F 50 1.55 -5.68 -11.46
CA TYR F 50 2.11 -6.39 -12.61
C TYR F 50 1.07 -6.58 -13.70
N ILE F 51 -0.19 -6.74 -13.31
CA ILE F 51 -1.20 -6.96 -14.32
C ILE F 51 -1.30 -5.73 -15.19
N LYS F 52 -1.14 -4.57 -14.56
CA LYS F 52 -1.20 -3.29 -15.27
C LYS F 52 0.01 -3.10 -16.20
N LEU F 53 1.20 -3.28 -15.63
CA LEU F 53 2.43 -3.16 -16.39
C LEU F 53 2.34 -4.11 -17.60
N ALA F 54 1.91 -5.35 -17.35
CA ALA F 54 1.81 -6.36 -18.40
C ALA F 54 0.77 -5.97 -19.46
N ARG F 55 -0.35 -5.45 -19.00
CA ARG F 55 -1.43 -5.04 -19.89
C ARG F 55 -1.00 -3.89 -20.79
N GLU F 56 -0.18 -3.01 -20.22
CA GLU F 56 0.35 -1.84 -20.92
C GLU F 56 1.08 -2.22 -22.22
N ILE F 57 1.76 -3.37 -22.22
CA ILE F 57 2.47 -3.80 -23.42
C ILE F 57 1.70 -4.85 -24.19
N GLY F 58 0.40 -4.93 -23.93
CA GLY F 58 -0.46 -5.86 -24.63
C GLY F 58 -0.44 -7.35 -24.33
N ILE F 59 -0.08 -7.76 -23.11
CA ILE F 59 -0.07 -9.17 -22.75
C ILE F 59 -1.53 -9.62 -22.69
N GLY F 60 -1.83 -10.78 -23.27
CA GLY F 60 -3.20 -11.29 -23.29
C GLY F 60 -3.82 -11.50 -21.91
N GLU F 61 -5.14 -11.54 -21.88
CA GLU F 61 -5.87 -11.72 -20.64
C GLU F 61 -5.48 -12.98 -19.86
N ALA F 62 -5.23 -14.08 -20.56
CA ALA F 62 -4.85 -15.33 -19.91
C ALA F 62 -3.58 -15.15 -19.11
N TYR F 63 -2.59 -14.52 -19.74
CA TYR F 63 -1.32 -14.27 -19.12
C TYR F 63 -1.36 -13.21 -18.01
N LEU F 64 -2.28 -12.27 -18.12
CA LEU F 64 -2.36 -11.27 -17.08
C LEU F 64 -2.79 -12.02 -15.85
N ASP F 65 -3.73 -12.96 -16.02
CA ASP F 65 -4.22 -13.79 -14.91
C ASP F 65 -3.07 -14.60 -14.29
N LEU F 66 -2.25 -15.22 -15.12
CA LEU F 66 -1.14 -15.99 -14.59
C LEU F 66 -0.25 -15.09 -13.72
N LEU F 67 0.00 -13.86 -14.16
CA LEU F 67 0.83 -12.95 -13.40
C LEU F 67 0.19 -12.69 -12.05
N GLY F 68 -1.12 -12.53 -12.03
CA GLY F 68 -1.79 -12.31 -10.76
C GLY F 68 -1.66 -13.54 -9.86
N ILE F 69 -1.77 -14.72 -10.50
CA ILE F 69 -1.64 -15.97 -9.79
C ILE F 69 -0.24 -16.06 -9.18
N TRP F 70 0.78 -15.80 -9.98
CA TRP F 70 2.13 -15.90 -9.45
C TRP F 70 2.35 -14.94 -8.30
N ALA F 71 1.76 -13.76 -8.41
CA ALA F 71 1.90 -12.75 -7.38
C ALA F 71 1.23 -13.27 -6.13
N SER F 72 0.06 -13.88 -6.29
CA SER F 72 -0.63 -14.43 -5.12
C SER F 72 0.20 -15.56 -4.49
N ARG F 73 0.96 -16.30 -5.31
CA ARG F 73 1.80 -17.38 -4.81
C ARG F 73 2.99 -16.85 -4.04
N LEU F 74 3.49 -15.70 -4.47
CA LEU F 74 4.62 -15.09 -3.78
C LEU F 74 4.13 -14.80 -2.36
N ASN F 75 2.90 -14.33 -2.22
CA ASN F 75 2.35 -14.03 -0.90
C ASN F 75 2.19 -15.34 -0.11
N ALA F 76 1.76 -16.38 -0.83
CA ALA F 76 1.57 -17.71 -0.26
C ALA F 76 2.88 -18.15 0.36
N TYR F 77 3.99 -18.03 -0.38
CA TYR F 77 5.28 -18.41 0.15
C TYR F 77 5.64 -17.62 1.38
N LEU F 78 5.36 -16.32 1.37
CA LEU F 78 5.66 -15.46 2.51
C LEU F 78 4.93 -15.97 3.73
N VAL F 79 3.63 -16.22 3.59
CA VAL F 79 2.84 -16.72 4.72
C VAL F 79 3.43 -18.04 5.17
N MET F 80 3.69 -18.92 4.21
CA MET F 80 4.26 -20.22 4.52
C MET F 80 5.61 -20.16 5.22
N PHE F 81 6.55 -19.35 4.73
CA PHE F 81 7.84 -19.26 5.35
C PHE F 81 7.80 -18.75 6.80
N SER F 82 6.69 -18.15 7.22
CA SER F 82 6.56 -17.65 8.58
C SER F 82 5.86 -18.72 9.41
N LEU F 83 5.16 -19.63 8.72
CA LEU F 83 4.42 -20.75 9.29
C LEU F 83 5.38 -21.94 9.32
N GLN F 84 6.59 -21.77 8.79
CA GLN F 84 7.62 -22.82 8.74
C GLN F 84 7.41 -23.98 9.70
N ASP F 85 7.58 -25.20 9.17
CA ASP F 85 7.42 -26.43 9.95
C ASP F 85 5.96 -26.73 10.19
N LEU F 86 5.25 -25.73 10.71
CA LEU F 86 3.82 -25.83 10.97
C LEU F 86 3.07 -26.13 9.68
N ALA F 87 3.58 -25.60 8.57
CA ALA F 87 2.97 -25.80 7.26
C ALA F 87 3.78 -26.75 6.39
N TYR F 88 3.09 -27.36 5.44
CA TYR F 88 3.72 -28.27 4.50
C TYR F 88 4.41 -27.32 3.52
N MET F 89 5.73 -27.44 3.39
CA MET F 89 6.53 -26.59 2.54
C MET F 89 6.35 -26.70 1.03
N HIS F 90 5.13 -26.52 0.55
CA HIS F 90 4.90 -26.52 -0.89
C HIS F 90 3.65 -25.70 -1.21
N VAL F 91 3.67 -24.93 -2.27
CA VAL F 91 2.47 -24.16 -2.60
C VAL F 91 1.82 -24.80 -3.80
N PRO F 92 0.79 -25.62 -3.55
CA PRO F 92 0.06 -26.31 -4.62
C PRO F 92 -0.33 -25.32 -5.67
N GLN F 93 -0.33 -25.73 -6.94
CA GLN F 93 -0.69 -24.83 -8.03
C GLN F 93 -1.96 -25.23 -8.77
N SER F 94 -2.68 -26.18 -8.19
CA SER F 94 -3.91 -26.68 -8.78
C SER F 94 -4.68 -27.32 -7.66
N LEU F 95 -5.99 -27.48 -7.85
CA LEU F 95 -6.75 -28.14 -6.80
C LEU F 95 -6.20 -29.56 -6.59
N GLU F 96 -5.95 -30.29 -7.66
CA GLU F 96 -5.41 -31.65 -7.54
C GLU F 96 -4.16 -31.66 -6.66
N GLU F 97 -3.26 -30.71 -6.89
CA GLU F 97 -2.07 -30.65 -6.07
C GLU F 97 -2.37 -30.33 -4.60
N PHE F 98 -3.39 -29.50 -4.36
CA PHE F 98 -3.76 -29.14 -3.01
C PHE F 98 -4.19 -30.39 -2.26
N ILE F 99 -5.06 -31.16 -2.93
CA ILE F 99 -5.60 -32.40 -2.38
C ILE F 99 -4.48 -33.31 -1.94
N GLN F 100 -3.41 -33.33 -2.71
CA GLN F 100 -2.24 -34.12 -2.38
C GLN F 100 -1.52 -33.56 -1.17
N ASP F 101 -1.15 -32.29 -1.24
CA ASP F 101 -0.45 -31.62 -0.14
C ASP F 101 -1.22 -31.66 1.17
N TRP F 102 -2.54 -31.62 1.07
CA TRP F 102 -3.40 -31.66 2.23
C TRP F 102 -3.31 -33.01 2.98
N SER F 103 -2.92 -34.06 2.26
CA SER F 103 -2.77 -35.40 2.83
C SER F 103 -1.74 -35.48 3.96
N HIS F 104 -0.74 -34.61 3.90
CA HIS F 104 0.35 -34.60 4.87
C HIS F 104 0.00 -34.09 6.26
N GLY F 105 -1.26 -33.73 6.48
CA GLY F 105 -1.69 -33.28 7.79
C GLY F 105 -1.18 -31.97 8.37
N LYS F 106 -0.55 -31.13 7.56
CA LYS F 106 -0.07 -29.83 8.05
C LYS F 106 -0.83 -28.70 7.38
N VAL F 107 -0.48 -27.47 7.71
CA VAL F 107 -1.14 -26.33 7.10
C VAL F 107 -0.68 -26.23 5.65
N VAL F 108 -1.59 -25.89 4.75
CA VAL F 108 -1.25 -25.76 3.34
C VAL F 108 -1.60 -24.36 2.88
N VAL F 109 -0.64 -23.65 2.30
CA VAL F 109 -0.86 -22.28 1.84
C VAL F 109 -0.92 -22.22 0.32
N THR F 110 -2.00 -21.66 -0.23
CA THR F 110 -2.18 -21.61 -1.66
C THR F 110 -2.34 -20.23 -2.23
N GLY F 111 -2.16 -20.14 -3.54
CA GLY F 111 -2.32 -18.91 -4.29
C GLY F 111 -3.33 -19.29 -5.35
N GLY F 112 -3.28 -18.64 -6.51
CA GLY F 112 -4.24 -18.98 -7.55
C GLY F 112 -3.96 -20.33 -8.19
N PHE F 113 -4.91 -20.77 -9.03
CA PHE F 113 -4.84 -22.05 -9.73
C PHE F 113 -4.97 -21.87 -11.24
N GLN F 114 -6.08 -21.29 -11.63
CA GLN F 114 -6.44 -21.11 -13.02
C GLN F 114 -6.96 -19.73 -13.41
N PRO F 115 -6.65 -19.27 -14.64
CA PRO F 115 -7.09 -17.97 -15.13
C PRO F 115 -8.61 -17.91 -15.13
N GLY F 116 -9.17 -16.71 -15.15
CA GLY F 116 -10.62 -16.55 -15.18
C GLY F 116 -11.36 -16.58 -13.86
N GLN F 117 -10.66 -16.69 -12.75
CA GLN F 117 -11.30 -16.72 -11.45
C GLN F 117 -10.43 -15.94 -10.46
N SER F 118 -10.81 -15.93 -9.19
CA SER F 118 -10.03 -15.23 -8.19
C SER F 118 -9.67 -16.19 -7.07
N THR F 119 -8.87 -15.73 -6.13
CA THR F 119 -8.50 -16.60 -5.04
C THR F 119 -9.73 -16.98 -4.21
N ALA F 120 -10.81 -16.20 -4.35
CA ALA F 120 -12.04 -16.51 -3.63
C ALA F 120 -12.48 -17.89 -4.10
N ALA F 121 -12.53 -18.06 -5.42
CA ALA F 121 -12.92 -19.32 -6.04
C ALA F 121 -12.00 -20.43 -5.52
N VAL F 122 -10.71 -20.15 -5.49
CA VAL F 122 -9.74 -21.12 -5.02
C VAL F 122 -10.08 -21.51 -3.61
N ALA F 123 -10.37 -20.52 -2.78
CA ALA F 123 -10.71 -20.77 -1.40
C ALA F 123 -11.92 -21.71 -1.32
N ALA F 124 -12.93 -21.45 -2.15
CA ALA F 124 -14.14 -22.27 -2.17
C ALA F 124 -13.77 -23.70 -2.54
N LEU F 125 -13.13 -23.85 -3.70
CA LEU F 125 -12.69 -25.16 -4.21
C LEU F 125 -11.91 -25.91 -3.14
N VAL F 126 -10.88 -25.25 -2.61
CA VAL F 126 -10.04 -25.84 -1.59
C VAL F 126 -10.84 -26.23 -0.35
N ALA F 127 -11.85 -25.43 -0.01
CA ALA F 127 -12.71 -25.70 1.15
C ALA F 127 -13.52 -26.97 0.88
N GLU F 128 -14.09 -27.05 -0.31
CA GLU F 128 -14.88 -28.20 -0.75
C GLU F 128 -14.01 -29.46 -0.76
N ALA F 129 -12.87 -29.38 -1.41
CA ALA F 129 -11.97 -30.53 -1.50
C ALA F 129 -11.42 -30.99 -0.16
N SER F 130 -11.38 -30.10 0.82
CA SER F 130 -10.84 -30.45 2.13
C SER F 130 -11.94 -30.73 3.14
N SER F 131 -13.18 -30.78 2.66
CA SER F 131 -14.33 -31.04 3.51
C SER F 131 -14.43 -30.02 4.63
N SER F 132 -14.15 -28.76 4.30
CA SER F 132 -14.26 -27.71 5.31
C SER F 132 -15.68 -27.18 5.27
N LYS F 133 -16.31 -27.10 6.42
CA LYS F 133 -17.68 -26.62 6.48
C LYS F 133 -17.72 -25.09 6.52
N THR F 134 -16.60 -24.48 6.88
CA THR F 134 -16.54 -23.03 6.97
C THR F 134 -15.39 -22.44 6.17
N LEU F 135 -15.68 -21.38 5.43
CA LEU F 135 -14.69 -20.66 4.64
C LEU F 135 -14.66 -19.24 5.19
N VAL F 136 -13.58 -18.88 5.88
CA VAL F 136 -13.45 -17.54 6.45
C VAL F 136 -12.77 -16.60 5.46
N VAL F 137 -13.47 -15.55 5.04
CA VAL F 137 -12.88 -14.58 4.11
C VAL F 137 -12.46 -13.37 4.93
N ALA F 138 -11.18 -13.27 5.24
CA ALA F 138 -10.65 -12.15 6.02
C ALA F 138 -10.24 -11.03 5.05
N THR F 139 -10.98 -9.93 5.06
CA THR F 139 -10.65 -8.86 4.15
C THR F 139 -10.52 -7.51 4.87
N ASN F 140 -10.45 -6.40 4.15
CA ASN F 140 -10.28 -5.12 4.84
C ASN F 140 -11.57 -4.42 5.25
N VAL F 141 -12.68 -5.12 5.09
CA VAL F 141 -13.99 -4.61 5.47
C VAL F 141 -14.48 -5.45 6.65
N ASP F 142 -15.39 -4.89 7.44
CA ASP F 142 -15.89 -5.61 8.59
C ASP F 142 -16.88 -6.74 8.27
N GLY F 143 -17.53 -6.66 7.11
CA GLY F 143 -18.49 -7.67 6.71
C GLY F 143 -19.21 -7.38 5.39
N VAL F 144 -20.47 -7.80 5.29
CA VAL F 144 -21.23 -7.58 4.05
C VAL F 144 -22.28 -6.46 4.14
N TYR F 145 -22.31 -5.62 3.10
CA TYR F 145 -23.24 -4.51 3.05
C TYR F 145 -24.17 -4.53 1.83
N GLU F 146 -25.44 -4.18 2.07
CA GLU F 146 -26.45 -4.15 1.03
C GLU F 146 -26.02 -3.35 -0.21
N LYS F 147 -25.27 -2.28 -0.01
CA LYS F 147 -24.82 -1.43 -1.12
C LYS F 147 -23.33 -1.10 -1.16
N ASP F 148 -22.85 -0.34 -0.18
CA ASP F 148 -21.43 0.06 -0.11
C ASP F 148 -21.25 1.25 0.82
N PRO F 149 -20.76 1.02 2.05
CA PRO F 149 -20.55 2.10 3.01
C PRO F 149 -19.76 3.29 2.45
N ARG F 150 -18.98 3.07 1.41
CA ARG F 150 -18.16 4.13 0.81
C ARG F 150 -18.98 5.14 0.03
N ILE F 151 -20.03 4.66 -0.64
CA ILE F 151 -20.85 5.52 -1.47
C ILE F 151 -22.28 5.83 -0.99
N TYR F 152 -22.77 5.08 -0.01
CA TYR F 152 -24.12 5.27 0.51
C TYR F 152 -24.09 5.43 2.02
N ALA F 153 -24.92 6.31 2.55
CA ALA F 153 -24.94 6.56 3.99
C ALA F 153 -25.70 5.53 4.77
N ASP F 154 -25.26 5.33 6.01
CA ASP F 154 -25.85 4.40 6.98
C ASP F 154 -26.44 3.12 6.38
N VAL F 155 -25.59 2.35 5.71
CA VAL F 155 -25.98 1.10 5.10
C VAL F 155 -25.61 0.00 6.07
N LYS F 156 -26.30 -0.02 7.20
CA LYS F 156 -26.05 -1.00 8.27
C LYS F 156 -25.51 -2.37 7.80
N LEU F 157 -24.60 -2.92 8.61
CA LEU F 157 -23.93 -4.20 8.36
C LEU F 157 -24.82 -5.44 8.49
N ILE F 158 -24.92 -6.25 7.42
CA ILE F 158 -25.75 -7.47 7.44
C ILE F 158 -24.98 -8.61 8.10
N PRO F 159 -25.25 -8.90 9.39
CA PRO F 159 -24.53 -9.98 10.07
C PRO F 159 -24.93 -11.38 9.62
N HIS F 160 -26.01 -11.48 8.84
CA HIS F 160 -26.49 -12.77 8.34
C HIS F 160 -27.25 -12.67 7.04
N LEU F 161 -27.00 -13.62 6.16
CA LEU F 161 -27.69 -13.62 4.88
C LEU F 161 -27.35 -14.91 4.17
N THR F 162 -28.02 -15.16 3.05
CA THR F 162 -27.79 -16.38 2.30
C THR F 162 -27.13 -16.10 0.97
N THR F 163 -26.70 -17.18 0.31
CA THR F 163 -26.05 -17.08 -0.99
C THR F 163 -26.99 -16.40 -1.99
N GLN F 164 -28.28 -16.38 -1.66
CA GLN F 164 -29.29 -15.75 -2.50
C GLN F 164 -29.16 -14.24 -2.37
N ASP F 165 -29.17 -13.77 -1.13
CA ASP F 165 -29.07 -12.35 -0.82
C ASP F 165 -27.76 -11.78 -1.35
N LEU F 166 -26.66 -12.51 -1.13
CA LEU F 166 -25.35 -12.08 -1.59
C LEU F 166 -25.34 -11.98 -3.10
N ARG F 167 -26.18 -12.78 -3.75
CA ARG F 167 -26.30 -12.77 -5.21
C ARG F 167 -26.94 -11.47 -5.69
N LYS F 168 -27.99 -11.05 -4.99
CA LYS F 168 -28.68 -9.81 -5.34
C LYS F 168 -27.78 -8.60 -5.08
N ILE F 169 -26.95 -8.69 -4.05
CA ILE F 169 -26.08 -7.58 -3.74
C ILE F 169 -24.94 -7.45 -4.75
N LEU F 170 -24.44 -8.56 -5.26
CA LEU F 170 -23.37 -8.55 -6.25
C LEU F 170 -24.01 -8.45 -7.63
N GLU F 171 -25.32 -8.34 -7.62
CA GLU F 171 -26.13 -8.25 -8.83
C GLU F 171 -26.09 -6.84 -9.41
N GLY F 179 -7.86 -8.53 -13.94
CA GLY F 179 -8.64 -9.41 -13.10
C GLY F 179 -9.30 -8.69 -11.93
N THR F 180 -10.63 -8.71 -11.90
CA THR F 180 -11.40 -8.05 -10.84
C THR F 180 -11.94 -9.14 -9.91
N TYR F 181 -13.05 -8.90 -9.23
CA TYR F 181 -13.58 -9.89 -8.33
C TYR F 181 -14.88 -9.40 -7.72
N GLU F 182 -15.11 -9.78 -6.48
CA GLU F 182 -16.21 -9.41 -5.68
C GLU F 182 -15.72 -9.85 -4.38
N LEU F 183 -16.13 -10.95 -3.94
CA LEU F 183 -15.70 -11.39 -2.69
C LEU F 183 -16.64 -12.43 -3.16
N LEU F 184 -16.17 -13.70 -3.30
CA LEU F 184 -17.06 -14.70 -3.83
C LEU F 184 -17.52 -14.35 -5.23
N ASP F 185 -16.70 -14.71 -6.21
CA ASP F 185 -17.01 -14.54 -7.62
C ASP F 185 -18.01 -15.66 -7.96
N PRO F 186 -18.43 -15.77 -9.24
CA PRO F 186 -19.39 -16.82 -9.59
C PRO F 186 -19.04 -18.24 -9.14
N LEU F 187 -17.87 -18.73 -9.54
CA LEU F 187 -17.45 -20.07 -9.19
C LEU F 187 -17.46 -20.31 -7.68
N ALA F 188 -17.00 -19.33 -6.93
CA ALA F 188 -16.97 -19.45 -5.48
C ALA F 188 -18.36 -19.72 -4.95
N ILE F 189 -19.32 -18.89 -5.36
CA ILE F 189 -20.69 -19.03 -4.90
C ILE F 189 -21.24 -20.39 -5.30
N LYS F 190 -21.06 -20.74 -6.57
CA LYS F 190 -21.52 -22.03 -7.07
C LYS F 190 -21.01 -23.17 -6.17
N ILE F 191 -19.74 -23.13 -5.84
CA ILE F 191 -19.12 -24.15 -5.01
C ILE F 191 -19.65 -24.16 -3.57
N VAL F 192 -19.65 -23.01 -2.91
CA VAL F 192 -20.12 -22.95 -1.52
C VAL F 192 -21.55 -23.44 -1.42
N GLU F 193 -22.35 -23.16 -2.45
CA GLU F 193 -23.73 -23.60 -2.47
C GLU F 193 -23.88 -25.11 -2.65
N ARG F 194 -23.31 -25.68 -3.71
CA ARG F 194 -23.40 -27.11 -3.97
C ARG F 194 -22.86 -27.98 -2.84
N SER F 195 -21.82 -27.50 -2.15
CA SER F 195 -21.23 -28.26 -1.06
C SER F 195 -21.62 -27.70 0.30
N LYS F 196 -22.55 -26.75 0.28
CA LYS F 196 -23.07 -26.14 1.50
C LYS F 196 -22.02 -25.74 2.51
N ILE F 197 -21.17 -24.82 2.09
CA ILE F 197 -20.10 -24.32 2.94
C ILE F 197 -20.53 -22.93 3.39
N ARG F 198 -20.47 -22.65 4.69
CA ARG F 198 -20.85 -21.33 5.12
C ARG F 198 -19.64 -20.42 5.06
N VAL F 199 -19.85 -19.20 4.57
CA VAL F 199 -18.78 -18.23 4.44
C VAL F 199 -18.86 -17.16 5.52
N ILE F 200 -17.76 -16.93 6.23
CA ILE F 200 -17.73 -15.92 7.27
C ILE F 200 -16.86 -14.76 6.83
N VAL F 201 -17.47 -13.62 6.52
CA VAL F 201 -16.69 -12.46 6.12
C VAL F 201 -16.32 -11.69 7.38
N MET F 202 -15.04 -11.38 7.53
CA MET F 202 -14.58 -10.65 8.70
C MET F 202 -13.37 -9.79 8.34
N ASN F 203 -12.97 -8.93 9.27
CA ASN F 203 -11.84 -8.03 9.07
C ASN F 203 -10.56 -8.73 9.49
N TYR F 204 -9.55 -8.76 8.62
CA TYR F 204 -8.31 -9.41 9.02
C TYR F 204 -7.62 -8.76 10.20
N ARG F 205 -8.14 -7.62 10.63
CA ARG F 205 -7.59 -6.93 11.79
C ARG F 205 -7.96 -7.72 13.03
N LYS F 206 -8.99 -8.54 12.90
CA LYS F 206 -9.48 -9.34 14.01
C LYS F 206 -9.09 -10.80 13.99
N LEU F 207 -8.09 -11.15 13.18
CA LEU F 207 -7.65 -12.53 13.12
C LEU F 207 -7.34 -13.01 14.53
N ASN F 208 -7.07 -12.06 15.42
CA ASN F 208 -6.75 -12.42 16.80
C ASN F 208 -7.96 -12.92 17.57
N ARG F 209 -9.14 -12.66 17.03
CA ARG F 209 -10.37 -13.12 17.66
C ARG F 209 -11.12 -14.07 16.74
N ILE F 210 -10.36 -14.88 15.99
CA ILE F 210 -10.92 -15.84 15.05
C ILE F 210 -11.71 -16.94 15.76
N ILE F 211 -11.20 -17.43 16.89
CA ILE F 211 -11.89 -18.49 17.59
C ILE F 211 -13.28 -18.03 17.99
N ASP F 212 -13.39 -16.77 18.38
CA ASP F 212 -14.67 -16.20 18.79
C ASP F 212 -15.57 -16.05 17.56
N ILE F 213 -15.02 -15.46 16.51
CA ILE F 213 -15.74 -15.27 15.25
C ILE F 213 -16.46 -16.55 14.86
N LEU F 214 -15.70 -17.64 14.75
CA LEU F 214 -16.23 -18.94 14.36
C LEU F 214 -17.42 -19.39 15.17
N LYS F 215 -17.45 -19.06 16.45
CA LYS F 215 -18.58 -19.47 17.28
C LYS F 215 -19.58 -18.32 17.43
N GLY F 216 -19.51 -17.38 16.48
CA GLY F 216 -20.39 -16.21 16.39
C GLY F 216 -20.38 -15.10 17.45
N GLU F 217 -19.24 -14.82 18.07
CA GLU F 217 -19.17 -13.80 19.13
C GLU F 217 -18.41 -12.52 18.80
N GLU F 218 -18.52 -12.03 17.57
CA GLU F 218 -17.78 -10.82 17.23
C GLU F 218 -18.30 -10.27 15.92
N VAL F 219 -17.97 -9.02 15.59
CA VAL F 219 -18.44 -8.42 14.34
C VAL F 219 -18.00 -9.23 13.13
N SER F 220 -18.96 -9.92 12.54
CA SER F 220 -18.71 -10.72 11.37
C SER F 220 -20.01 -10.91 10.63
N SER F 221 -19.92 -11.22 9.35
CA SER F 221 -21.09 -11.49 8.53
C SER F 221 -21.03 -12.93 8.09
N ILE F 222 -22.06 -13.71 8.42
CA ILE F 222 -22.10 -15.11 8.06
C ILE F 222 -23.05 -15.35 6.90
N ILE F 223 -22.52 -15.84 5.78
CA ILE F 223 -23.33 -16.14 4.60
C ILE F 223 -23.69 -17.61 4.65
N GLU F 224 -24.99 -17.90 4.71
CA GLU F 224 -25.48 -19.26 4.75
C GLU F 224 -25.79 -19.76 3.35
N PRO F 225 -25.33 -20.98 3.03
CA PRO F 225 -25.57 -21.57 1.71
C PRO F 225 -27.04 -21.92 1.54
N VAL F 226 -27.56 -21.76 0.33
CA VAL F 226 -28.97 -22.07 0.05
C VAL F 226 -29.20 -22.51 -1.38
N MET G 1 -32.59 17.36 22.68
CA MET G 1 -31.63 17.24 21.55
C MET G 1 -31.28 18.60 20.96
N ASN G 2 -30.70 18.56 19.75
CA ASN G 2 -30.31 19.76 19.05
C ASN G 2 -31.38 20.23 18.06
N ILE G 3 -31.67 21.52 18.08
CA ILE G 3 -32.67 22.08 17.19
C ILE G 3 -32.27 23.48 16.71
N ILE G 4 -32.56 23.77 15.44
CA ILE G 4 -32.24 25.07 14.87
C ILE G 4 -33.53 25.86 14.69
N LEU G 5 -33.53 27.10 15.18
CA LEU G 5 -34.70 27.98 15.08
C LEU G 5 -34.40 29.13 14.10
N LYS G 6 -35.13 29.12 12.99
CA LYS G 6 -34.95 30.14 11.97
C LYS G 6 -36.01 31.22 12.19
N ILE G 7 -35.58 32.39 12.65
CA ILE G 7 -36.47 33.51 12.89
C ILE G 7 -36.51 34.38 11.65
N SER G 8 -37.71 34.54 11.09
CA SER G 8 -37.91 35.34 9.89
C SER G 8 -37.40 36.77 10.08
N GLY G 9 -36.97 37.39 8.98
CA GLY G 9 -36.47 38.75 9.03
C GLY G 9 -37.51 39.78 9.46
N LYS G 10 -38.77 39.54 9.13
CA LYS G 10 -39.87 40.45 9.47
C LYS G 10 -40.02 40.61 10.97
N PHE G 11 -39.66 39.57 11.72
CA PHE G 11 -39.75 39.56 13.18
C PHE G 11 -39.01 40.72 13.82
N PHE G 12 -38.07 41.29 13.09
CA PHE G 12 -37.30 42.41 13.61
C PHE G 12 -37.72 43.74 13.04
N ASP G 13 -38.79 43.77 12.26
CA ASP G 13 -39.28 45.01 11.68
C ASP G 13 -40.53 45.50 12.39
N GLU G 14 -41.18 44.60 13.12
CA GLU G 14 -42.40 44.94 13.82
C GLU G 14 -42.17 46.04 14.83
N ASP G 15 -40.98 46.02 15.43
CA ASP G 15 -40.59 46.99 16.44
C ASP G 15 -41.63 47.24 17.54
N ASN G 16 -41.81 46.20 18.33
CA ASN G 16 -42.66 46.15 19.50
C ASN G 16 -41.64 45.52 20.44
N VAL G 17 -41.78 45.71 21.74
CA VAL G 17 -40.79 45.14 22.65
C VAL G 17 -41.05 43.68 23.04
N ASP G 18 -42.29 43.22 22.87
CA ASP G 18 -42.67 41.85 23.22
C ASP G 18 -42.11 40.79 22.31
N ASN G 19 -41.74 41.16 21.08
CA ASN G 19 -41.17 40.17 20.18
C ASN G 19 -39.95 39.56 20.88
N LEU G 20 -38.93 40.38 21.12
CA LEU G 20 -37.71 39.91 21.78
C LEU G 20 -37.98 39.26 23.14
N ILE G 21 -38.92 39.81 23.90
CA ILE G 21 -39.23 39.28 25.22
C ILE G 21 -39.73 37.84 25.17
N VAL G 22 -40.66 37.56 24.25
CA VAL G 22 -41.22 36.22 24.16
C VAL G 22 -40.21 35.23 23.59
N LEU G 23 -39.41 35.69 22.63
CA LEU G 23 -38.38 34.86 22.02
C LEU G 23 -37.40 34.43 23.11
N ARG G 24 -36.78 35.41 23.76
CA ARG G 24 -35.82 35.11 24.81
C ARG G 24 -36.40 34.16 25.87
N GLN G 25 -37.70 34.19 26.08
CA GLN G 25 -38.31 33.32 27.08
C GLN G 25 -38.64 31.95 26.50
N SER G 26 -38.54 31.83 25.18
CA SER G 26 -38.81 30.58 24.51
C SER G 26 -37.50 29.79 24.41
N ILE G 27 -36.41 30.50 24.11
CA ILE G 27 -35.10 29.88 24.01
C ILE G 27 -34.88 29.20 25.35
N LYS G 28 -35.11 29.93 26.43
CA LYS G 28 -34.94 29.40 27.77
C LYS G 28 -35.90 28.24 28.02
N GLU G 29 -37.09 28.31 27.43
CA GLU G 29 -38.08 27.26 27.61
C GLU G 29 -37.57 25.98 26.94
N LEU G 30 -37.10 26.14 25.69
CA LEU G 30 -36.57 25.02 24.92
C LEU G 30 -35.45 24.39 25.75
N ALA G 31 -34.54 25.23 26.23
CA ALA G 31 -33.43 24.75 27.05
C ALA G 31 -34.00 23.80 28.11
N ASP G 32 -34.82 24.36 29.01
CA ASP G 32 -35.45 23.58 30.06
C ASP G 32 -36.08 22.31 29.51
N PHE G 35 -32.86 20.54 25.19
CA PHE G 35 -32.57 21.12 23.88
C PHE G 35 -31.41 22.13 23.82
N ARG G 36 -30.57 22.00 22.79
CA ARG G 36 -29.51 22.97 22.58
C ARG G 36 -30.06 23.71 21.39
N VAL G 37 -30.03 25.04 21.43
CA VAL G 37 -30.61 25.80 20.34
C VAL G 37 -29.66 26.60 19.50
N GLY G 38 -29.92 26.60 18.20
CA GLY G 38 -29.11 27.37 17.28
C GLY G 38 -30.10 28.29 16.60
N ILE G 39 -29.83 29.58 16.61
CA ILE G 39 -30.74 30.54 16.02
C ILE G 39 -30.17 31.21 14.78
N VAL G 40 -30.99 31.30 13.74
CA VAL G 40 -30.58 31.94 12.51
C VAL G 40 -31.57 33.08 12.30
N THR G 41 -31.05 34.29 12.09
CA THR G 41 -31.90 35.44 11.93
C THR G 41 -31.80 36.03 10.53
N GLY G 42 -32.96 36.30 9.93
CA GLY G 42 -33.01 36.88 8.61
C GLY G 42 -32.69 38.37 8.60
N GLY G 43 -32.47 38.92 7.40
CA GLY G 43 -32.15 40.33 7.24
C GLY G 43 -33.33 41.28 7.36
N GLY G 44 -34.53 40.81 7.00
CA GLY G 44 -35.71 41.65 7.09
C GLY G 44 -35.68 42.92 6.27
N SER G 45 -36.45 43.92 6.70
CA SER G 45 -36.52 45.19 6.00
C SER G 45 -35.18 45.94 5.93
N THR G 46 -34.36 45.79 6.97
CA THR G 46 -33.05 46.44 7.01
C THR G 46 -32.28 45.95 5.78
N ALA G 47 -32.38 44.64 5.55
CA ALA G 47 -31.70 43.99 4.44
C ALA G 47 -32.19 44.54 3.12
N ARG G 48 -33.46 44.30 2.81
CA ARG G 48 -34.05 44.76 1.57
C ARG G 48 -33.77 46.25 1.31
N ARG G 49 -33.91 47.05 2.35
CA ARG G 49 -33.68 48.49 2.28
C ARG G 49 -32.34 48.82 1.64
N TYR G 50 -31.26 48.29 2.20
CA TYR G 50 -29.92 48.54 1.68
C TYR G 50 -29.64 47.93 0.30
N ILE G 51 -30.24 46.79 0.01
CA ILE G 51 -30.03 46.14 -1.28
C ILE G 51 -30.62 47.05 -2.35
N LYS G 52 -31.81 47.57 -2.06
CA LYS G 52 -32.50 48.47 -2.98
C LYS G 52 -31.59 49.67 -3.18
N LEU G 53 -31.21 50.27 -2.05
CA LEU G 53 -30.35 51.43 -2.06
C LEU G 53 -29.08 51.14 -2.86
N ALA G 54 -28.47 49.99 -2.61
CA ALA G 54 -27.23 49.62 -3.31
C ALA G 54 -27.50 49.39 -4.79
N ARG G 55 -28.44 48.49 -5.07
CA ARG G 55 -28.80 48.16 -6.45
C ARG G 55 -29.10 49.43 -7.23
N GLU G 56 -29.71 50.37 -6.52
CA GLU G 56 -30.10 51.64 -7.09
C GLU G 56 -28.91 52.42 -7.68
N ILE G 57 -27.71 52.16 -7.18
CA ILE G 57 -26.55 52.88 -7.69
C ILE G 57 -25.64 51.99 -8.53
N GLY G 58 -26.07 50.76 -8.77
CA GLY G 58 -25.29 49.84 -9.59
C GLY G 58 -24.37 48.84 -8.91
N ILE G 59 -24.59 48.55 -7.63
CA ILE G 59 -23.76 47.60 -6.92
C ILE G 59 -24.04 46.19 -7.42
N GLY G 60 -22.98 45.44 -7.71
CA GLY G 60 -23.13 44.07 -8.19
C GLY G 60 -24.02 43.19 -7.33
N GLU G 61 -24.56 42.13 -7.94
CA GLU G 61 -25.45 41.23 -7.23
C GLU G 61 -24.75 40.53 -6.07
N ALA G 62 -23.46 40.27 -6.23
CA ALA G 62 -22.70 39.60 -5.19
C ALA G 62 -22.74 40.40 -3.90
N TYR G 63 -22.37 41.67 -4.02
CA TYR G 63 -22.34 42.59 -2.90
C TYR G 63 -23.71 42.88 -2.31
N LEU G 64 -24.72 42.95 -3.18
CA LEU G 64 -26.07 43.19 -2.70
C LEU G 64 -26.38 42.09 -1.71
N ASP G 65 -25.95 40.87 -2.01
CA ASP G 65 -26.19 39.75 -1.10
C ASP G 65 -25.45 39.98 0.20
N LEU G 66 -24.19 40.40 0.09
CA LEU G 66 -23.39 40.65 1.29
C LEU G 66 -24.12 41.64 2.20
N LEU G 67 -24.58 42.77 1.63
CA LEU G 67 -25.29 43.78 2.41
C LEU G 67 -26.47 43.13 3.14
N GLY G 68 -27.14 42.20 2.46
CA GLY G 68 -28.26 41.53 3.08
C GLY G 68 -27.74 40.64 4.20
N ILE G 69 -26.58 40.04 3.97
CA ILE G 69 -25.98 39.17 4.96
C ILE G 69 -25.63 39.95 6.23
N TRP G 70 -25.01 41.10 6.03
CA TRP G 70 -24.62 41.95 7.15
C TRP G 70 -25.85 42.40 7.93
N ALA G 71 -26.90 42.78 7.22
CA ALA G 71 -28.14 43.19 7.84
C ALA G 71 -28.67 42.04 8.71
N SER G 72 -28.56 40.81 8.20
CA SER G 72 -29.04 39.64 8.94
C SER G 72 -28.20 39.41 10.19
N ARG G 73 -26.93 39.76 10.13
CA ARG G 73 -26.04 39.58 11.28
C ARG G 73 -26.35 40.64 12.34
N LEU G 74 -26.69 41.85 11.88
CA LEU G 74 -27.04 42.93 12.80
C LEU G 74 -28.21 42.45 13.66
N ASN G 75 -29.12 41.70 13.04
CA ASN G 75 -30.27 41.14 13.74
C ASN G 75 -29.81 39.97 14.61
N ALA G 76 -28.73 39.34 14.17
CA ALA G 76 -28.10 38.21 14.86
C ALA G 76 -27.53 38.70 16.18
N TYR G 77 -26.80 39.80 16.10
CA TYR G 77 -26.21 40.38 17.28
C TYR G 77 -27.28 40.78 18.30
N LEU G 78 -28.29 41.50 17.82
CA LEU G 78 -29.38 41.93 18.67
C LEU G 78 -29.95 40.75 19.45
N VAL G 79 -30.25 39.66 18.75
CA VAL G 79 -30.79 38.48 19.40
C VAL G 79 -29.78 37.92 20.41
N MET G 80 -28.51 37.95 20.04
CA MET G 80 -27.47 37.44 20.92
C MET G 80 -27.39 38.23 22.22
N PHE G 81 -27.24 39.54 22.09
CA PHE G 81 -27.14 40.43 23.24
C PHE G 81 -28.29 40.25 24.22
N SER G 82 -29.48 39.99 23.70
CA SER G 82 -30.68 39.84 24.53
C SER G 82 -30.65 38.50 25.25
N LEU G 83 -29.83 37.60 24.75
CA LEU G 83 -29.73 36.29 25.38
C LEU G 83 -28.40 36.25 26.11
N GLN G 84 -27.74 37.42 26.25
CA GLN G 84 -26.44 37.54 26.92
C GLN G 84 -26.11 36.40 27.88
N ASP G 85 -24.90 35.85 27.73
CA ASP G 85 -24.40 34.74 28.56
C ASP G 85 -24.92 33.35 28.20
N LEU G 86 -26.23 33.26 27.99
CA LEU G 86 -26.90 32.00 27.61
C LEU G 86 -26.31 31.56 26.25
N ALA G 87 -25.86 32.54 25.47
CA ALA G 87 -25.27 32.34 24.15
C ALA G 87 -23.76 32.59 24.08
N TYR G 88 -23.13 32.00 23.08
CA TYR G 88 -21.70 32.20 22.87
C TYR G 88 -21.63 33.55 22.16
N MET G 89 -20.92 34.50 22.77
CA MET G 89 -20.81 35.84 22.22
C MET G 89 -20.04 36.00 20.91
N HIS G 90 -20.53 35.35 19.86
CA HIS G 90 -19.90 35.45 18.56
C HIS G 90 -20.88 35.09 17.46
N VAL G 91 -20.79 35.77 16.34
CA VAL G 91 -21.67 35.50 15.22
C VAL G 91 -20.89 34.90 14.05
N PRO G 92 -20.88 33.56 13.95
CA PRO G 92 -20.17 32.85 12.88
C PRO G 92 -20.55 33.40 11.53
N GLN G 93 -19.57 33.55 10.63
CA GLN G 93 -19.85 34.07 9.29
C GLN G 93 -19.74 33.01 8.18
N SER G 94 -19.64 31.75 8.59
CA SER G 94 -19.52 30.66 7.65
C SER G 94 -19.92 29.40 8.39
N LEU G 95 -20.32 28.37 7.66
CA LEU G 95 -20.72 27.12 8.29
C LEU G 95 -19.56 26.61 9.15
N GLU G 96 -18.35 26.65 8.60
CA GLU G 96 -17.16 26.19 9.29
C GLU G 96 -17.05 26.87 10.66
N GLU G 97 -17.19 28.20 10.67
CA GLU G 97 -17.13 28.96 11.92
C GLU G 97 -18.23 28.54 12.88
N PHE G 98 -19.41 28.25 12.36
CA PHE G 98 -20.53 27.83 13.21
C PHE G 98 -20.18 26.56 13.98
N ILE G 99 -19.61 25.61 13.24
CA ILE G 99 -19.19 24.31 13.78
C ILE G 99 -18.26 24.53 14.96
N GLN G 100 -17.37 25.50 14.80
CA GLN G 100 -16.42 25.86 15.82
C GLN G 100 -17.13 26.46 17.04
N ASP G 101 -17.93 27.50 16.82
CA ASP G 101 -18.64 28.15 17.91
C ASP G 101 -19.64 27.21 18.59
N TRP G 102 -20.20 26.31 17.80
CA TRP G 102 -21.16 25.37 18.32
C TRP G 102 -20.49 24.46 19.34
N SER G 103 -19.17 24.33 19.25
CA SER G 103 -18.41 23.48 20.16
C SER G 103 -18.50 23.87 21.61
N HIS G 104 -18.52 25.18 21.85
CA HIS G 104 -18.58 25.71 23.21
C HIS G 104 -19.82 25.35 24.01
N GLY G 105 -20.75 24.63 23.38
CA GLY G 105 -21.97 24.19 24.07
C GLY G 105 -22.98 25.23 24.52
N LYS G 106 -22.97 26.40 23.88
CA LYS G 106 -23.90 27.46 24.22
C LYS G 106 -24.72 27.82 22.99
N VAL G 107 -25.79 28.58 23.21
CA VAL G 107 -26.63 28.99 22.10
C VAL G 107 -25.78 29.78 21.11
N VAL G 108 -25.99 29.55 19.83
CA VAL G 108 -25.24 30.26 18.81
C VAL G 108 -26.24 30.95 17.92
N VAL G 109 -25.99 32.22 17.61
CA VAL G 109 -26.88 32.98 16.76
C VAL G 109 -26.16 33.32 15.47
N THR G 110 -26.77 32.98 14.35
CA THR G 110 -26.15 33.21 13.05
C THR G 110 -26.95 34.07 12.09
N GLY G 111 -26.25 34.61 11.11
CA GLY G 111 -26.86 35.42 10.07
C GLY G 111 -26.48 34.74 8.77
N GLY G 112 -26.33 35.52 7.70
CA GLY G 112 -25.95 34.94 6.42
C GLY G 112 -24.53 34.39 6.39
N PHE G 113 -24.24 33.58 5.36
CA PHE G 113 -22.92 32.97 5.16
C PHE G 113 -22.35 33.35 3.80
N GLN G 114 -23.03 32.86 2.76
CA GLN G 114 -22.58 33.07 1.40
C GLN G 114 -23.65 33.60 0.46
N PRO G 115 -23.23 34.39 -0.54
CA PRO G 115 -24.15 34.97 -1.53
C PRO G 115 -24.88 33.87 -2.31
N GLY G 116 -25.96 34.25 -2.99
CA GLY G 116 -26.73 33.29 -3.77
C GLY G 116 -27.69 32.38 -3.02
N GLN G 117 -27.94 32.65 -1.74
CA GLN G 117 -28.87 31.81 -1.00
C GLN G 117 -29.58 32.66 0.05
N SER G 118 -30.30 32.04 0.97
CA SER G 118 -31.00 32.77 2.01
C SER G 118 -30.69 32.18 3.37
N THR G 119 -31.12 32.89 4.41
CA THR G 119 -30.90 32.39 5.76
C THR G 119 -31.61 31.06 5.93
N ALA G 120 -32.50 30.73 5.01
CA ALA G 120 -33.22 29.46 5.08
C ALA G 120 -32.16 28.39 4.80
N ALA G 121 -31.36 28.62 3.76
CA ALA G 121 -30.29 27.72 3.39
C ALA G 121 -29.37 27.58 4.61
N VAL G 122 -28.94 28.71 5.15
CA VAL G 122 -28.07 28.73 6.33
C VAL G 122 -28.66 27.91 7.48
N ALA G 123 -29.94 28.11 7.74
CA ALA G 123 -30.61 27.40 8.82
C ALA G 123 -30.45 25.91 8.63
N ALA G 124 -30.66 25.46 7.40
CA ALA G 124 -30.54 24.04 7.06
C ALA G 124 -29.11 23.55 7.29
N LEU G 125 -28.16 24.17 6.60
CA LEU G 125 -26.75 23.82 6.74
C LEU G 125 -26.43 23.66 8.22
N VAL G 126 -26.68 24.71 8.98
CA VAL G 126 -26.43 24.72 10.41
C VAL G 126 -27.17 23.58 11.13
N ALA G 127 -28.36 23.25 10.65
CA ALA G 127 -29.15 22.19 11.25
C ALA G 127 -28.45 20.87 11.02
N GLU G 128 -27.91 20.73 9.81
CA GLU G 128 -27.18 19.52 9.41
C GLU G 128 -25.94 19.42 10.29
N ALA G 129 -25.02 20.36 10.11
CA ALA G 129 -23.79 20.38 10.86
C ALA G 129 -23.97 20.16 12.36
N SER G 130 -25.09 20.60 12.89
CA SER G 130 -25.35 20.49 14.33
C SER G 130 -26.07 19.22 14.73
N SER G 131 -26.35 18.38 13.74
CA SER G 131 -27.06 17.12 13.97
C SER G 131 -28.45 17.37 14.54
N SER G 132 -29.14 18.37 14.01
CA SER G 132 -30.47 18.71 14.47
C SER G 132 -31.49 18.00 13.61
N LYS G 133 -32.40 17.26 14.25
CA LYS G 133 -33.43 16.52 13.52
C LYS G 133 -34.59 17.40 13.10
N THR G 134 -34.77 18.50 13.83
CA THR G 134 -35.85 19.43 13.57
C THR G 134 -35.39 20.85 13.29
N LEU G 135 -35.89 21.45 12.21
CA LEU G 135 -35.56 22.83 11.85
C LEU G 135 -36.86 23.63 11.89
N VAL G 136 -37.04 24.41 12.95
CA VAL G 136 -38.25 25.22 13.10
C VAL G 136 -38.13 26.54 12.36
N VAL G 137 -39.04 26.75 11.40
CA VAL G 137 -39.02 28.00 10.64
C VAL G 137 -40.19 28.87 11.09
N ALA G 138 -39.91 29.80 12.01
CA ALA G 138 -40.91 30.71 12.52
C ALA G 138 -40.97 31.96 11.63
N THR G 139 -42.04 32.09 10.87
CA THR G 139 -42.17 33.24 10.01
C THR G 139 -43.50 33.92 10.36
N ASN G 140 -43.96 34.85 9.54
CA ASN G 140 -45.20 35.51 9.90
C ASN G 140 -46.45 34.74 9.59
N VAL G 141 -46.35 33.72 8.73
CA VAL G 141 -47.52 32.93 8.39
C VAL G 141 -47.71 31.73 9.32
N ASP G 142 -48.90 31.15 9.31
CA ASP G 142 -49.18 30.02 10.20
C ASP G 142 -48.66 28.68 9.72
N GLY G 143 -48.51 28.54 8.40
CA GLY G 143 -48.03 27.30 7.82
C GLY G 143 -47.81 27.44 6.33
N VAL G 144 -48.00 26.34 5.61
CA VAL G 144 -47.82 26.34 4.15
C VAL G 144 -49.13 26.21 3.38
N TYR G 145 -49.26 27.01 2.32
CA TYR G 145 -50.49 26.99 1.52
C TYR G 145 -50.17 26.57 0.09
N GLU G 146 -51.05 25.75 -0.50
CA GLU G 146 -50.87 25.27 -1.86
C GLU G 146 -50.62 26.43 -2.82
N LYS G 147 -51.54 27.38 -2.85
CA LYS G 147 -51.39 28.57 -3.69
C LYS G 147 -51.18 29.66 -2.64
N ASP G 148 -50.86 30.88 -3.08
CA ASP G 148 -50.64 31.98 -2.15
C ASP G 148 -51.92 32.69 -1.72
N PRO G 149 -52.30 32.59 -0.42
CA PRO G 149 -53.52 33.29 -0.03
C PRO G 149 -53.28 34.76 -0.36
N ARG G 150 -53.98 35.69 0.27
CA ARG G 150 -53.74 37.08 -0.08
C ARG G 150 -54.04 37.27 -1.57
N ILE G 151 -53.97 36.64 -2.77
CA ILE G 151 -54.28 36.65 -4.20
C ILE G 151 -55.32 35.58 -4.55
N TYR G 152 -55.35 34.49 -3.79
CA TYR G 152 -56.30 33.40 -4.02
C TYR G 152 -56.91 32.97 -2.68
N ALA G 153 -57.81 32.24 -3.03
CA ALA G 153 -58.63 32.71 -1.91
C ALA G 153 -58.56 31.70 -0.75
N VAL G 155 -57.18 29.81 -0.56
CA VAL G 155 -56.46 28.57 -0.25
C VAL G 155 -56.42 28.18 1.24
N LYS G 156 -56.30 26.89 1.53
CA LYS G 156 -56.27 26.40 2.90
C LYS G 156 -54.88 25.87 3.37
N LEU G 157 -54.65 25.91 4.68
CA LEU G 157 -53.40 25.48 5.29
C LEU G 157 -53.27 23.96 5.48
N ILE G 158 -52.18 23.39 4.95
CA ILE G 158 -51.91 21.96 5.10
C ILE G 158 -51.02 21.74 6.31
N PRO G 159 -51.50 20.92 7.26
CA PRO G 159 -50.77 20.60 8.50
C PRO G 159 -49.61 19.63 8.33
N HIS G 160 -49.61 18.85 7.25
CA HIS G 160 -48.54 17.88 6.98
C HIS G 160 -48.27 17.79 5.47
N LEU G 161 -47.06 17.38 5.12
CA LEU G 161 -46.66 17.20 3.73
C LEU G 161 -45.23 16.69 3.67
N THR G 162 -44.67 16.59 2.46
CA THR G 162 -43.31 16.10 2.30
C THR G 162 -42.43 17.00 1.47
N THR G 163 -41.13 16.78 1.57
CA THR G 163 -40.15 17.56 0.83
C THR G 163 -40.51 17.59 -0.65
N GLN G 164 -41.28 16.59 -1.09
CA GLN G 164 -41.69 16.48 -2.48
C GLN G 164 -42.86 17.40 -2.80
N ASP G 165 -43.83 17.43 -1.89
CA ASP G 165 -45.00 18.27 -2.06
C ASP G 165 -44.61 19.75 -2.13
N LEU G 166 -44.05 20.27 -1.04
CA LEU G 166 -43.61 21.66 -0.97
C LEU G 166 -42.83 22.05 -2.23
N ARG G 167 -42.12 21.07 -2.79
CA ARG G 167 -41.33 21.29 -4.00
C ARG G 167 -42.20 21.85 -5.10
N LYS G 168 -43.19 21.07 -5.52
CA LYS G 168 -44.08 21.49 -6.59
C LYS G 168 -44.87 22.74 -6.25
N ILE G 169 -45.29 22.90 -5.00
CA ILE G 169 -46.02 24.09 -4.60
C ILE G 169 -45.27 25.29 -5.19
N LEU G 170 -43.94 25.21 -5.15
CA LEU G 170 -43.05 26.26 -5.66
C LEU G 170 -42.94 26.23 -7.19
N GLU G 182 -39.10 33.34 0.59
CA GLU G 182 -38.97 32.14 -0.24
C GLU G 182 -39.19 30.86 0.59
N LEU G 183 -39.20 31.03 1.90
CA LEU G 183 -39.41 29.95 2.88
C LEU G 183 -38.26 28.95 2.87
N LEU G 184 -38.16 28.16 1.81
CA LEU G 184 -37.09 27.18 1.67
C LEU G 184 -36.58 27.18 0.24
N ASP G 185 -35.45 27.84 -0.01
CA ASP G 185 -34.84 27.92 -1.33
C ASP G 185 -34.26 26.55 -1.76
N PRO G 186 -33.72 26.46 -3.00
CA PRO G 186 -33.16 25.18 -3.44
C PRO G 186 -32.18 24.50 -2.48
N LEU G 187 -31.11 25.19 -2.11
CA LEU G 187 -30.10 24.63 -1.20
C LEU G 187 -30.71 24.09 0.10
N ALA G 188 -31.62 24.86 0.68
CA ALA G 188 -32.23 24.44 1.94
C ALA G 188 -32.95 23.11 1.79
N ILE G 189 -33.69 22.96 0.70
CA ILE G 189 -34.44 21.72 0.47
C ILE G 189 -33.45 20.58 0.29
N LYS G 190 -32.44 20.84 -0.52
CA LYS G 190 -31.40 19.87 -0.80
C LYS G 190 -30.82 19.33 0.51
N ILE G 191 -30.50 20.24 1.42
CA ILE G 191 -29.93 19.85 2.70
C ILE G 191 -30.89 19.06 3.60
N VAL G 192 -32.07 19.63 3.86
CA VAL G 192 -33.06 18.96 4.71
C VAL G 192 -33.38 17.57 4.18
N GLU G 193 -33.32 17.40 2.86
CA GLU G 193 -33.60 16.11 2.25
C GLU G 193 -32.45 15.10 2.45
N ARG G 194 -31.26 15.44 1.95
CA ARG G 194 -30.11 14.55 2.06
C ARG G 194 -29.78 14.17 3.49
N SER G 195 -30.10 15.04 4.45
CA SER G 195 -29.80 14.75 5.84
C SER G 195 -31.06 14.43 6.63
N LYS G 196 -32.19 14.36 5.92
CA LYS G 196 -33.48 14.04 6.50
C LYS G 196 -33.84 14.84 7.76
N ILE G 197 -33.91 16.15 7.61
CA ILE G 197 -34.26 17.03 8.70
C ILE G 197 -35.71 17.45 8.50
N ARG G 198 -36.54 17.28 9.52
CA ARG G 198 -37.95 17.67 9.40
C ARG G 198 -38.14 19.14 9.73
N VAL G 199 -38.74 19.86 8.79
CA VAL G 199 -39.00 21.29 8.93
C VAL G 199 -40.38 21.61 9.49
N ILE G 200 -40.42 22.45 10.53
CA ILE G 200 -41.69 22.83 11.12
C ILE G 200 -41.93 24.33 10.85
N VAL G 201 -42.85 24.62 9.94
CA VAL G 201 -43.18 26.01 9.62
C VAL G 201 -44.25 26.47 10.61
N MET G 202 -43.99 27.60 11.28
CA MET G 202 -44.89 28.15 12.28
C MET G 202 -44.89 29.66 12.24
N ASN G 203 -45.80 30.25 13.03
CA ASN G 203 -45.91 31.70 13.14
C ASN G 203 -45.07 32.13 14.35
N TYR G 204 -44.15 33.06 14.15
CA TYR G 204 -43.33 33.50 15.25
C TYR G 204 -44.15 34.18 16.34
N ARG G 205 -45.43 34.42 16.05
CA ARG G 205 -46.33 35.03 17.00
C ARG G 205 -46.67 33.98 18.04
N LYS G 206 -46.28 32.74 17.76
CA LYS G 206 -46.57 31.62 18.65
C LYS G 206 -45.32 31.02 19.30
N LEU G 207 -44.21 31.73 19.20
CA LEU G 207 -42.94 31.26 19.78
C LEU G 207 -43.02 30.98 21.26
N ASN G 208 -44.15 31.27 21.91
CA ASN G 208 -44.25 31.00 23.33
C ASN G 208 -44.86 29.63 23.56
N ARG G 209 -45.24 28.98 22.47
CA ARG G 209 -45.81 27.65 22.53
C ARG G 209 -44.94 26.77 21.65
N ILE G 210 -43.67 27.17 21.51
CA ILE G 210 -42.70 26.45 20.70
C ILE G 210 -42.62 25.00 21.17
N ILE G 211 -42.67 24.78 22.48
CA ILE G 211 -42.62 23.44 23.04
C ILE G 211 -43.70 22.56 22.42
N ASP G 212 -44.95 23.02 22.49
CA ASP G 212 -46.08 22.29 21.95
C ASP G 212 -46.03 22.11 20.43
N ILE G 213 -45.47 23.09 19.74
CA ILE G 213 -45.33 23.03 18.29
C ILE G 213 -44.45 21.83 17.93
N LEU G 214 -43.41 21.60 18.73
CA LEU G 214 -42.47 20.51 18.53
C LEU G 214 -43.07 19.15 18.84
N LYS G 215 -44.19 19.16 19.57
CA LYS G 215 -44.85 17.93 19.94
C LYS G 215 -45.95 17.57 18.93
N GLY G 216 -46.30 18.52 18.06
CA GLY G 216 -47.31 18.23 17.06
C GLY G 216 -48.68 18.60 17.58
N GLU G 217 -48.71 19.64 18.41
CA GLU G 217 -49.96 20.12 19.00
C GLU G 217 -50.45 21.37 18.19
N GLU G 218 -50.49 21.02 16.89
CA GLU G 218 -51.02 21.57 15.56
C GLU G 218 -51.12 22.88 14.75
N VAL G 219 -50.86 24.11 15.25
CA VAL G 219 -51.11 25.25 14.41
C VAL G 219 -49.80 25.53 13.66
N SER G 220 -49.29 24.46 13.07
CA SER G 220 -48.02 24.42 12.34
C SER G 220 -48.05 23.42 11.20
N SER G 221 -47.19 23.64 10.20
CA SER G 221 -47.09 22.73 9.06
C SER G 221 -45.77 21.96 9.22
N ILE G 222 -45.87 20.66 9.48
CA ILE G 222 -44.67 19.84 9.66
C ILE G 222 -44.25 19.12 8.40
N ILE G 223 -43.28 19.69 7.69
CA ILE G 223 -42.77 19.08 6.46
C ILE G 223 -41.93 17.86 6.80
N GLU G 224 -42.29 16.72 6.21
CA GLU G 224 -41.57 15.47 6.45
C GLU G 224 -40.56 15.15 5.36
N PRO G 225 -39.39 14.64 5.76
CA PRO G 225 -38.33 14.27 4.82
C PRO G 225 -38.60 12.93 4.17
N VAL G 226 -38.58 12.89 2.83
CA VAL G 226 -38.83 11.65 2.12
C VAL G 226 -37.93 11.44 0.92
N MET H 1 -1.84 64.71 0.53
CA MET H 1 -1.35 63.76 1.56
C MET H 1 -2.45 62.75 1.92
N ASN H 2 -2.84 62.78 3.19
CA ASN H 2 -3.86 61.89 3.74
C ASN H 2 -4.97 62.68 4.41
N ILE H 3 -6.21 62.27 4.16
CA ILE H 3 -7.36 62.95 4.75
C ILE H 3 -8.46 61.96 5.13
N ILE H 4 -9.10 62.20 6.26
CA ILE H 4 -10.17 61.34 6.74
C ILE H 4 -11.50 62.05 6.57
N LEU H 5 -12.46 61.37 5.96
CA LEU H 5 -13.79 61.92 5.73
C LEU H 5 -14.81 61.22 6.61
N LYS H 6 -15.34 61.94 7.57
CA LYS H 6 -16.34 61.40 8.48
C LYS H 6 -17.71 61.70 7.91
N ILE H 7 -18.42 60.67 7.44
CA ILE H 7 -19.76 60.84 6.89
C ILE H 7 -20.79 60.61 7.99
N SER H 8 -21.62 61.61 8.25
CA SER H 8 -22.65 61.52 9.28
C SER H 8 -23.61 60.34 9.06
N GLY H 9 -24.14 59.82 10.16
CA GLY H 9 -25.05 58.69 10.06
C GLY H 9 -26.33 59.00 9.33
N LYS H 10 -26.79 60.25 9.41
CA LYS H 10 -28.04 60.67 8.76
C LYS H 10 -27.95 60.55 7.24
N PHE H 11 -26.74 60.68 6.72
CA PHE H 11 -26.47 60.58 5.28
C PHE H 11 -27.02 59.28 4.69
N PHE H 12 -27.18 58.26 5.52
CA PHE H 12 -27.67 56.98 5.03
C PHE H 12 -29.14 56.74 5.33
N ASP H 13 -29.81 57.73 5.90
CA ASP H 13 -31.23 57.59 6.23
C ASP H 13 -32.11 58.31 5.22
N GLU H 14 -31.49 59.15 4.41
CA GLU H 14 -32.21 59.93 3.41
C GLU H 14 -32.79 59.10 2.28
N VAL H 37 -7.70 58.68 0.91
CA VAL H 37 -8.89 58.98 1.70
C VAL H 37 -9.35 57.85 2.61
N GLY H 38 -9.67 58.20 3.84
CA GLY H 38 -10.15 57.23 4.81
C GLY H 38 -11.55 57.68 5.15
N ILE H 39 -12.53 56.79 5.05
CA ILE H 39 -13.89 57.15 5.34
C ILE H 39 -14.43 56.48 6.60
N VAL H 40 -15.13 57.24 7.42
CA VAL H 40 -15.71 56.69 8.62
C VAL H 40 -17.19 56.97 8.48
N THR H 41 -18.02 55.94 8.68
CA THR H 41 -19.46 56.12 8.54
C THR H 41 -20.17 55.88 9.85
N GLY H 42 -21.08 56.80 10.18
CA GLY H 42 -21.85 56.68 11.41
C GLY H 42 -22.98 55.69 11.30
N GLY H 43 -23.56 55.34 12.45
CA GLY H 43 -24.64 54.39 12.50
C GLY H 43 -25.99 54.87 12.01
N GLY H 44 -26.27 56.16 12.16
CA GLY H 44 -27.54 56.71 11.70
C GLY H 44 -28.77 56.12 12.39
N SER H 45 -29.92 56.24 11.72
CA SER H 45 -31.17 55.74 12.28
C SER H 45 -31.18 54.23 12.54
N THR H 46 -30.43 53.49 11.71
CA THR H 46 -30.35 52.04 11.87
C THR H 46 -29.81 51.79 13.27
N ALA H 47 -28.73 52.51 13.60
CA ALA H 47 -28.10 52.41 14.90
C ALA H 47 -29.12 52.73 15.98
N ARG H 48 -29.74 53.90 15.84
CA ARG H 48 -30.74 54.42 16.77
C ARG H 48 -31.91 53.48 17.02
N ARG H 49 -32.42 52.88 15.94
CA ARG H 49 -33.54 51.97 16.04
C ARG H 49 -33.19 50.77 16.90
N TYR H 50 -32.01 50.21 16.66
CA TYR H 50 -31.58 49.03 17.40
C TYR H 50 -31.24 49.29 18.86
N ILE H 51 -30.50 50.37 19.12
CA ILE H 51 -30.14 50.71 20.49
C ILE H 51 -31.40 50.89 21.31
N LYS H 52 -32.37 51.54 20.68
CA LYS H 52 -33.65 51.78 21.31
C LYS H 52 -34.36 50.45 21.59
N LEU H 53 -34.41 49.62 20.56
CA LEU H 53 -35.07 48.31 20.66
C LEU H 53 -34.39 47.44 21.73
N ALA H 54 -33.05 47.51 21.77
CA ALA H 54 -32.26 46.73 22.71
C ALA H 54 -32.46 47.24 24.13
N ARG H 55 -32.26 48.54 24.31
CA ARG H 55 -32.42 49.18 25.62
C ARG H 55 -33.81 48.89 26.21
N GLU H 56 -34.79 48.86 25.31
CA GLU H 56 -36.18 48.59 25.65
C GLU H 56 -36.37 47.26 26.38
N ILE H 57 -35.50 46.28 26.13
CA ILE H 57 -35.62 44.98 26.80
C ILE H 57 -34.58 44.73 27.89
N GLY H 58 -33.78 45.76 28.17
CA GLY H 58 -32.79 45.63 29.22
C GLY H 58 -31.35 45.30 28.86
N ILE H 59 -30.97 45.50 27.60
CA ILE H 59 -29.60 45.21 27.16
C ILE H 59 -28.64 46.26 27.71
N GLY H 60 -27.57 45.79 28.35
CA GLY H 60 -26.58 46.66 28.94
C GLY H 60 -26.07 47.75 28.01
N GLU H 61 -25.54 48.81 28.61
CA GLU H 61 -25.06 49.94 27.81
C GLU H 61 -23.90 49.56 26.90
N ALA H 62 -23.07 48.64 27.37
CA ALA H 62 -21.92 48.18 26.61
C ALA H 62 -22.36 47.63 25.25
N TYR H 63 -23.31 46.71 25.29
CA TYR H 63 -23.86 46.06 24.11
C TYR H 63 -24.64 47.03 23.23
N LEU H 64 -25.36 47.96 23.86
CA LEU H 64 -26.12 48.93 23.09
C LEU H 64 -25.12 49.65 22.19
N ASP H 65 -23.93 49.90 22.71
CA ASP H 65 -22.92 50.56 21.90
C ASP H 65 -22.50 49.65 20.76
N LEU H 66 -22.29 48.37 21.07
CA LEU H 66 -21.89 47.43 20.04
C LEU H 66 -22.90 47.43 18.89
N LEU H 67 -24.20 47.34 19.22
CA LEU H 67 -25.24 47.34 18.20
C LEU H 67 -25.09 48.56 17.34
N GLY H 68 -24.81 49.70 17.97
CA GLY H 68 -24.62 50.93 17.21
C GLY H 68 -23.42 50.79 16.30
N ILE H 69 -22.35 50.22 16.85
CA ILE H 69 -21.12 50.02 16.10
C ILE H 69 -21.39 49.16 14.88
N TRP H 70 -22.13 48.06 15.08
CA TRP H 70 -22.43 47.17 13.97
C TRP H 70 -23.22 47.90 12.90
N ALA H 71 -24.23 48.66 13.34
CA ALA H 71 -25.04 49.45 12.43
C ALA H 71 -24.16 50.38 11.59
N SER H 72 -23.18 50.98 12.24
CA SER H 72 -22.27 51.89 11.54
C SER H 72 -21.43 51.13 10.51
N ARG H 73 -21.11 49.87 10.81
CA ARG H 73 -20.31 49.05 9.90
C ARG H 73 -21.15 48.68 8.69
N LEU H 74 -22.42 48.39 8.92
CA LEU H 74 -23.33 48.04 7.81
C LEU H 74 -23.29 49.18 6.80
N ASN H 75 -23.25 50.40 7.30
CA ASN H 75 -23.17 51.60 6.45
C ASN H 75 -21.77 51.68 5.84
N ALA H 76 -20.80 51.16 6.58
CA ALA H 76 -19.40 51.14 6.13
C ALA H 76 -19.29 50.25 4.90
N TYR H 77 -19.89 49.07 4.99
CA TYR H 77 -19.86 48.10 3.90
C TYR H 77 -20.54 48.66 2.66
N LEU H 78 -21.70 49.29 2.87
CA LEU H 78 -22.44 49.88 1.77
C LEU H 78 -21.55 50.88 1.04
N VAL H 79 -20.87 51.75 1.79
CA VAL H 79 -20.01 52.74 1.16
C VAL H 79 -18.85 52.06 0.44
N MET H 80 -18.32 51.01 1.06
CA MET H 80 -17.20 50.30 0.48
C MET H 80 -17.60 49.66 -0.86
N PHE H 81 -18.67 48.88 -0.84
CA PHE H 81 -19.16 48.20 -2.03
C PHE H 81 -19.35 49.15 -3.21
N SER H 82 -19.79 50.37 -2.90
CA SER H 82 -20.03 51.38 -3.93
C SER H 82 -18.72 51.97 -4.44
N LEU H 83 -17.72 52.00 -3.57
CA LEU H 83 -16.41 52.53 -3.92
C LEU H 83 -15.57 51.44 -4.58
N GLN H 84 -16.10 50.21 -4.58
CA GLN H 84 -15.42 49.04 -5.15
C GLN H 84 -14.33 49.35 -6.15
N ASP H 85 -13.18 48.69 -5.97
CA ASP H 85 -12.02 48.84 -6.83
C ASP H 85 -11.22 50.10 -6.50
N LEU H 86 -11.72 50.84 -5.52
CA LEU H 86 -11.06 52.06 -5.06
C LEU H 86 -10.76 51.88 -3.59
N ALA H 87 -11.39 50.86 -3.01
CA ALA H 87 -11.23 50.56 -1.59
C ALA H 87 -10.74 49.16 -1.27
N TYR H 88 -10.07 49.04 -0.13
CA TYR H 88 -9.60 47.75 0.33
C TYR H 88 -10.86 47.09 0.89
N MET H 89 -11.22 45.95 0.31
CA MET H 89 -12.43 45.26 0.72
C MET H 89 -12.48 44.69 2.13
N HIS H 90 -12.31 45.55 3.12
CA HIS H 90 -12.37 45.13 4.51
C HIS H 90 -12.76 46.28 5.43
N VAL H 91 -13.51 45.97 6.48
CA VAL H 91 -13.92 47.00 7.42
C VAL H 91 -13.29 46.76 8.78
N PRO H 92 -12.14 47.41 9.05
CA PRO H 92 -11.39 47.29 10.30
C PRO H 92 -12.30 47.53 11.49
N GLN H 93 -12.13 46.74 12.55
CA GLN H 93 -12.97 46.87 13.74
C GLN H 93 -12.24 47.42 14.96
N SER H 94 -11.03 47.91 14.73
CA SER H 94 -10.22 48.48 15.79
C SER H 94 -9.18 49.38 15.13
N LEU H 95 -8.64 50.31 15.89
CA LEU H 95 -7.66 51.21 15.32
C LEU H 95 -6.49 50.40 14.76
N GLU H 96 -6.08 49.39 15.51
CA GLU H 96 -4.95 48.56 15.10
C GLU H 96 -5.23 47.99 13.72
N GLU H 97 -6.41 47.39 13.54
CA GLU H 97 -6.78 46.82 12.25
C GLU H 97 -6.77 47.86 11.13
N PHE H 98 -7.20 49.08 11.44
CA PHE H 98 -7.22 50.16 10.46
C PHE H 98 -5.81 50.42 9.94
N ILE H 99 -4.86 50.47 10.87
CA ILE H 99 -3.47 50.71 10.55
C ILE H 99 -2.97 49.68 9.57
N GLN H 100 -3.40 48.44 9.80
CA GLN H 100 -3.04 47.32 8.96
C GLN H 100 -3.63 47.47 7.56
N ASP H 101 -4.96 47.62 7.48
CA ASP H 101 -5.64 47.79 6.19
C ASP H 101 -5.20 49.04 5.45
N TRP H 102 -4.85 50.08 6.21
CA TRP H 102 -4.40 51.32 5.61
C TRP H 102 -3.10 51.10 4.84
N SER H 103 -2.33 50.08 5.24
CA SER H 103 -1.06 49.75 4.60
C SER H 103 -1.16 49.45 3.10
N HIS H 104 -2.23 48.75 2.73
CA HIS H 104 -2.45 48.36 1.35
C HIS H 104 -2.57 49.53 0.36
N GLY H 105 -2.53 50.75 0.87
CA GLY H 105 -2.62 51.93 0.02
C GLY H 105 -3.90 52.20 -0.75
N LYS H 106 -5.03 51.67 -0.27
CA LYS H 106 -6.31 51.90 -0.93
C LYS H 106 -7.26 52.56 0.07
N VAL H 107 -8.38 53.07 -0.43
CA VAL H 107 -9.36 53.71 0.44
C VAL H 107 -9.83 52.69 1.47
N VAL H 108 -9.99 53.14 2.71
CA VAL H 108 -10.44 52.26 3.77
C VAL H 108 -11.70 52.84 4.36
N VAL H 109 -12.71 52.02 4.58
CA VAL H 109 -13.95 52.52 5.14
C VAL H 109 -14.16 51.88 6.52
N THR H 110 -14.32 52.71 7.54
CA THR H 110 -14.50 52.24 8.91
C THR H 110 -15.81 52.58 9.57
N GLY H 111 -16.13 51.81 10.61
CA GLY H 111 -17.33 52.05 11.37
C GLY H 111 -16.82 52.21 12.79
N GLY H 112 -17.63 51.83 13.78
CA GLY H 112 -17.20 51.96 15.17
C GLY H 112 -16.07 51.02 15.57
N PHE H 113 -15.43 51.33 16.69
CA PHE H 113 -14.33 50.52 17.22
C PHE H 113 -14.64 50.02 18.61
N GLN H 114 -14.76 50.97 19.52
CA GLN H 114 -14.98 50.66 20.92
C GLN H 114 -16.15 51.40 21.58
N PRO H 115 -16.81 50.75 22.55
CA PRO H 115 -17.94 51.34 23.26
C PRO H 115 -17.52 52.64 23.97
N GLY H 116 -18.51 53.41 24.40
CA GLY H 116 -18.22 54.65 25.11
C GLY H 116 -17.76 55.82 24.27
N GLN H 117 -17.84 55.73 22.95
CA GLN H 117 -17.43 56.84 22.11
C GLN H 117 -18.30 56.90 20.87
N SER H 118 -17.92 57.72 19.89
CA SER H 118 -18.70 57.83 18.67
C SER H 118 -17.78 57.72 17.47
N THR H 119 -18.37 57.61 16.28
CA THR H 119 -17.57 57.52 15.07
C THR H 119 -16.75 58.79 14.90
N ALA H 120 -17.07 59.82 15.68
CA ALA H 120 -16.31 61.07 15.62
C ALA H 120 -14.94 60.73 16.22
N ALA H 121 -14.97 60.05 17.36
CA ALA H 121 -13.76 59.66 18.05
C ALA H 121 -12.94 58.83 17.06
N VAL H 122 -13.59 57.82 16.49
CA VAL H 122 -12.95 56.94 15.53
C VAL H 122 -12.31 57.73 14.40
N ALA H 123 -13.06 58.66 13.82
CA ALA H 123 -12.57 59.47 12.71
C ALA H 123 -11.26 60.14 13.11
N ALA H 124 -11.21 60.66 14.32
CA ALA H 124 -10.03 61.33 14.81
C ALA H 124 -8.87 60.34 14.93
N LEU H 125 -9.08 59.29 15.72
CA LEU H 125 -8.06 58.25 15.93
C LEU H 125 -7.47 57.86 14.59
N VAL H 126 -8.34 57.47 13.67
CA VAL H 126 -7.93 57.09 12.33
C VAL H 126 -7.17 58.22 11.62
N ALA H 127 -7.58 59.46 11.85
CA ALA H 127 -6.92 60.61 11.23
C ALA H 127 -5.50 60.73 11.77
N GLU H 128 -5.35 60.44 13.06
CA GLU H 128 -4.05 60.49 13.73
C GLU H 128 -3.19 59.38 13.14
N ALA H 129 -3.56 58.15 13.41
CA ALA H 129 -2.86 56.98 12.93
C ALA H 129 -2.51 57.06 11.45
N SER H 130 -3.34 57.74 10.65
CA SER H 130 -3.08 57.85 9.22
C SER H 130 -2.27 59.07 8.83
N SER H 131 -1.85 59.85 9.82
CA SER H 131 -1.05 61.05 9.59
C SER H 131 -1.82 62.04 8.72
N SER H 132 -3.12 62.16 8.99
CA SER H 132 -3.97 63.08 8.24
C SER H 132 -4.03 64.44 8.96
N LYS H 133 -3.69 65.50 8.25
CA LYS H 133 -3.70 66.85 8.83
C LYS H 133 -5.10 67.44 8.88
N THR H 134 -5.99 66.94 8.03
CA THR H 134 -7.36 67.43 7.95
C THR H 134 -8.41 66.34 8.15
N LEU H 135 -9.37 66.62 9.01
CA LEU H 135 -10.46 65.68 9.27
C LEU H 135 -11.77 66.36 8.88
N VAL H 136 -12.31 65.99 7.72
CA VAL H 136 -13.56 66.57 7.23
C VAL H 136 -14.79 65.88 7.86
N VAL H 137 -15.58 66.65 8.59
CA VAL H 137 -16.78 66.10 9.21
C VAL H 137 -18.03 66.57 8.45
N ALA H 138 -18.48 65.75 7.50
CA ALA H 138 -19.65 66.07 6.71
C ALA H 138 -20.94 65.68 7.39
N THR H 139 -21.72 66.67 7.82
CA THR H 139 -23.00 66.42 8.47
C THR H 139 -24.13 67.02 7.61
N ASN H 140 -25.35 67.00 8.13
CA ASN H 140 -26.53 67.54 7.41
C ASN H 140 -26.59 69.07 7.46
N VAL H 141 -25.85 69.64 8.42
CA VAL H 141 -25.76 71.08 8.63
C VAL H 141 -24.57 71.60 7.81
N ASP H 142 -24.48 72.90 7.61
CA ASP H 142 -23.39 73.49 6.82
C ASP H 142 -22.19 73.95 7.65
N GLY H 143 -22.35 73.96 8.97
CA GLY H 143 -21.27 74.37 9.85
C GLY H 143 -21.63 74.17 11.32
N VAL H 144 -20.88 74.81 12.22
CA VAL H 144 -21.13 74.68 13.65
C VAL H 144 -22.36 75.49 14.09
N ILE H 158 -20.39 80.67 11.58
CA ILE H 158 -19.05 80.63 12.13
C ILE H 158 -18.07 80.10 11.08
N PRO H 159 -17.25 80.98 10.48
CA PRO H 159 -16.28 80.58 9.47
C PRO H 159 -15.10 79.81 10.05
N HIS H 160 -14.46 80.38 11.07
CA HIS H 160 -13.32 79.74 11.73
C HIS H 160 -13.56 79.72 13.24
N LEU H 161 -12.69 79.02 13.96
CA LEU H 161 -12.75 78.92 15.41
C LEU H 161 -11.64 78.01 15.90
N GLU H 182 -22.05 65.10 20.99
CA GLU H 182 -22.32 65.82 19.75
C GLU H 182 -21.07 65.91 18.88
N LEU H 183 -21.19 66.62 17.75
CA LEU H 183 -20.11 66.81 16.78
C LEU H 183 -18.82 66.04 17.13
N LEU H 184 -17.99 66.59 18.01
CA LEU H 184 -16.75 65.92 18.41
C LEU H 184 -16.73 65.59 19.91
N ASP H 185 -17.09 64.37 20.28
CA ASP H 185 -17.10 63.97 21.69
C ASP H 185 -15.74 64.23 22.36
N PRO H 186 -15.61 63.95 23.67
CA PRO H 186 -14.33 64.18 24.37
C PRO H 186 -13.07 63.59 23.73
N LEU H 187 -13.07 62.28 23.50
CA LEU H 187 -11.92 61.61 22.90
C LEU H 187 -11.50 62.28 21.59
N ALA H 188 -12.46 62.53 20.70
CA ALA H 188 -12.19 63.15 19.41
C ALA H 188 -11.45 64.48 19.53
N ILE H 189 -11.86 65.31 20.48
CA ILE H 189 -11.22 66.60 20.70
C ILE H 189 -9.80 66.37 21.20
N LYS H 190 -9.68 65.48 22.18
CA LYS H 190 -8.40 65.13 22.78
C LYS H 190 -7.39 64.75 21.69
N ILE H 191 -7.84 63.92 20.75
CA ILE H 191 -6.99 63.48 19.67
C ILE H 191 -6.63 64.60 18.70
N VAL H 192 -7.64 65.26 18.14
CA VAL H 192 -7.39 66.35 17.19
C VAL H 192 -6.48 67.41 17.78
N GLU H 193 -6.51 67.55 19.10
CA GLU H 193 -5.67 68.52 19.79
C GLU H 193 -4.23 68.02 19.92
N ARG H 194 -4.04 66.94 20.66
CA ARG H 194 -2.70 66.39 20.88
C ARG H 194 -1.92 66.14 19.59
N SER H 195 -2.63 65.85 18.49
CA SER H 195 -1.96 65.60 17.22
C SER H 195 -2.16 66.75 16.23
N LYS H 196 -2.77 67.82 16.71
CA LYS H 196 -3.02 69.01 15.91
C LYS H 196 -3.61 68.76 14.53
N ILE H 197 -4.81 68.19 14.50
CA ILE H 197 -5.51 67.90 13.26
C ILE H 197 -6.61 68.94 13.11
N ARG H 198 -6.67 69.60 11.96
CA ARG H 198 -7.69 70.61 11.75
C ARG H 198 -8.98 69.98 11.21
N VAL H 199 -10.07 70.21 11.94
CA VAL H 199 -11.37 69.68 11.60
C VAL H 199 -12.18 70.64 10.73
N ILE H 200 -12.74 70.13 9.64
CA ILE H 200 -13.56 70.96 8.76
C ILE H 200 -15.00 70.45 8.81
N VAL H 201 -15.88 71.16 9.50
CA VAL H 201 -17.27 70.76 9.56
C VAL H 201 -17.98 71.32 8.31
N MET H 202 -18.69 70.45 7.60
CA MET H 202 -19.39 70.85 6.39
C MET H 202 -20.70 70.08 6.25
N ASN H 203 -21.46 70.43 5.22
CA ASN H 203 -22.74 69.78 4.94
C ASN H 203 -22.47 68.71 3.89
N TYR H 204 -22.86 67.47 4.17
CA TYR H 204 -22.61 66.40 3.20
C TYR H 204 -23.34 66.64 1.90
N ARG H 205 -24.25 67.60 1.92
CA ARG H 205 -25.02 67.95 0.73
C ARG H 205 -24.08 68.65 -0.25
N LYS H 206 -22.91 69.04 0.24
CA LYS H 206 -21.93 69.75 -0.56
C LYS H 206 -20.66 68.93 -0.84
N LEU H 207 -20.73 67.62 -0.63
CA LEU H 207 -19.57 66.77 -0.85
C LEU H 207 -18.95 66.91 -2.23
N ASN H 208 -19.78 67.27 -3.22
CA ASN H 208 -19.29 67.44 -4.58
C ASN H 208 -18.15 68.47 -4.67
N ARG H 209 -18.29 69.54 -3.90
CA ARG H 209 -17.29 70.61 -3.86
C ARG H 209 -16.26 70.38 -2.77
N ILE H 210 -16.19 69.15 -2.27
CA ILE H 210 -15.24 68.81 -1.21
C ILE H 210 -13.88 69.45 -1.46
N ILE H 211 -13.47 69.47 -2.72
CA ILE H 211 -12.17 70.04 -3.09
C ILE H 211 -12.04 71.48 -2.60
N ASP H 212 -13.00 72.31 -2.98
CA ASP H 212 -13.03 73.72 -2.60
C ASP H 212 -13.15 73.92 -1.10
N ILE H 213 -13.88 73.01 -0.44
CA ILE H 213 -14.06 73.09 1.01
C ILE H 213 -12.68 73.01 1.67
N LEU H 214 -11.83 72.15 1.13
CA LEU H 214 -10.47 71.93 1.64
C LEU H 214 -9.55 73.13 1.36
N LYS H 215 -9.97 73.99 0.43
CA LYS H 215 -9.15 75.15 0.04
C LYS H 215 -9.51 76.50 0.68
N GLY H 216 -10.67 77.05 0.39
CA GLY H 216 -10.97 78.33 1.00
C GLY H 216 -12.18 79.04 0.45
N GLU H 217 -13.23 78.31 0.11
CA GLU H 217 -14.38 79.02 -0.40
C GLU H 217 -15.82 78.69 -0.14
N GLU H 218 -16.23 77.44 -0.03
CA GLU H 218 -17.65 77.35 0.24
C GLU H 218 -17.98 77.03 1.67
N VAL H 219 -19.23 77.26 2.04
CA VAL H 219 -19.70 77.05 3.39
C VAL H 219 -19.04 75.93 4.16
N SER H 220 -18.36 76.31 5.24
CA SER H 220 -17.69 75.36 6.11
C SER H 220 -17.06 76.05 7.31
N SER H 221 -17.06 75.34 8.44
CA SER H 221 -16.47 75.84 9.68
C SER H 221 -15.15 75.10 9.88
N ILE H 222 -14.04 75.82 9.74
CA ILE H 222 -12.73 75.20 9.91
C ILE H 222 -12.18 75.38 11.32
N ILE H 223 -12.34 74.34 12.16
CA ILE H 223 -11.82 74.38 13.52
C ILE H 223 -10.29 74.25 13.48
N GLU H 224 -9.60 75.19 14.13
CA GLU H 224 -8.14 75.18 14.16
C GLU H 224 -7.60 74.59 15.46
N PRO H 225 -6.50 73.82 15.35
CA PRO H 225 -5.87 73.20 16.52
C PRO H 225 -4.98 74.20 17.24
N VAL H 226 -5.22 74.35 18.53
CA VAL H 226 -4.42 75.26 19.35
C VAL H 226 -4.31 74.57 20.70
N MET I 1 -19.83 37.27 42.58
CA MET I 1 -20.19 37.24 41.13
C MET I 1 -18.97 37.61 40.29
N ASN I 2 -19.19 38.48 39.32
CA ASN I 2 -18.13 38.93 38.44
C ASN I 2 -17.41 40.16 38.96
N ILE I 3 -16.08 40.11 38.93
CA ILE I 3 -15.25 41.20 39.40
C ILE I 3 -14.01 41.38 38.52
N ILE I 4 -13.64 42.62 38.26
CA ILE I 4 -12.47 42.89 37.45
C ILE I 4 -11.37 43.41 38.36
N LEU I 5 -10.17 42.86 38.21
CA LEU I 5 -9.02 43.25 39.02
C LEU I 5 -8.00 43.97 38.14
N LYS I 6 -7.81 45.26 38.39
CA LYS I 6 -6.86 46.04 37.62
C LYS I 6 -5.52 46.09 38.36
N ILE I 7 -4.52 45.38 37.84
CA ILE I 7 -3.20 45.35 38.46
C ILE I 7 -2.34 46.45 37.86
N SER I 8 -1.85 47.35 38.72
CA SER I 8 -1.03 48.45 38.28
C SER I 8 0.22 47.98 37.56
N GLY I 9 0.69 48.79 36.62
CA GLY I 9 1.88 48.43 35.86
C GLY I 9 3.14 48.30 36.70
N LYS I 10 3.24 49.09 37.77
CA LYS I 10 4.41 49.04 38.64
C LYS I 10 4.60 47.68 39.30
N PHE I 11 3.49 46.96 39.45
CA PHE I 11 3.49 45.63 40.06
C PHE I 11 4.46 44.68 39.35
N PHE I 12 4.73 44.94 38.09
CA PHE I 12 5.61 44.09 37.30
C PHE I 12 7.02 44.63 37.16
N ASP I 13 7.32 45.74 37.85
CA ASP I 13 8.65 46.32 37.77
C ASP I 13 9.45 46.03 39.03
N GLU I 14 8.78 45.55 40.06
CA GLU I 14 9.44 45.30 41.32
C GLU I 14 10.60 44.28 41.38
N ASP I 15 10.62 43.24 40.56
CA ASP I 15 11.73 42.25 40.58
C ASP I 15 11.28 40.86 40.96
N LEU I 30 -9.26 31.28 45.35
CA LEU I 30 -10.06 32.17 44.51
C LEU I 30 -11.35 31.52 44.00
N ALA I 31 -12.31 32.36 43.63
CA ALA I 31 -13.59 31.94 43.06
C ALA I 31 -14.46 30.96 43.83
N ASP I 32 -13.98 30.46 44.95
CA ASP I 32 -14.78 29.52 45.75
C ASP I 32 -15.98 30.28 46.31
N ASN I 33 -15.93 31.60 46.11
CA ASN I 33 -16.98 32.51 46.58
C ASN I 33 -17.98 32.81 45.46
N GLY I 34 -18.08 31.90 44.48
CA GLY I 34 -19.00 32.14 43.39
C GLY I 34 -18.58 33.42 42.69
N PHE I 35 -17.27 33.63 42.62
CA PHE I 35 -16.71 34.80 41.98
C PHE I 35 -15.80 34.47 40.78
N ARG I 36 -16.03 35.13 39.66
CA ARG I 36 -15.22 34.96 38.46
C ARG I 36 -14.31 36.17 38.43
N VAL I 37 -13.15 36.06 37.80
CA VAL I 37 -12.23 37.20 37.76
C VAL I 37 -11.71 37.58 36.38
N GLY I 38 -11.61 38.88 36.17
CA GLY I 38 -11.09 39.40 34.92
C GLY I 38 -9.92 40.23 35.36
N ILE I 39 -8.76 40.04 34.76
CA ILE I 39 -7.60 40.81 35.16
C ILE I 39 -7.13 41.71 34.03
N VAL I 40 -6.77 42.94 34.38
CA VAL I 40 -6.26 43.88 33.40
C VAL I 40 -4.89 44.29 33.92
N THR I 41 -3.88 44.19 33.07
CA THR I 41 -2.55 44.55 33.52
C THR I 41 -2.04 45.80 32.80
N GLY I 42 -1.42 46.70 33.56
CA GLY I 42 -0.88 47.90 32.98
C GLY I 42 0.47 47.65 32.36
N GLY I 43 0.95 48.61 31.57
CA GLY I 43 2.22 48.50 30.90
C GLY I 43 3.46 48.67 31.77
N GLY I 44 3.35 49.48 32.81
CA GLY I 44 4.49 49.70 33.71
C GLY I 44 5.73 50.31 33.08
N SER I 45 6.88 50.05 33.68
CA SER I 45 8.13 50.62 33.18
C SER I 45 8.49 50.14 31.78
N THR I 46 8.09 48.91 31.43
CA THR I 46 8.40 48.37 30.11
C THR I 46 7.73 49.30 29.11
N ALA I 47 6.48 49.64 29.40
CA ALA I 47 5.71 50.54 28.55
C ALA I 47 6.44 51.88 28.42
N ARG I 48 6.70 52.50 29.56
CA ARG I 48 7.36 53.80 29.57
C ARG I 48 8.78 53.81 29.01
N ARG I 49 9.48 52.68 29.03
CA ARG I 49 10.82 52.65 28.44
C ARG I 49 10.67 52.65 26.93
N TYR I 50 9.78 51.79 26.43
CA TYR I 50 9.55 51.72 25.00
C TYR I 50 8.93 53.01 24.45
N ILE I 51 8.01 53.60 25.22
CA ILE I 51 7.34 54.83 24.79
C ILE I 51 8.31 55.99 24.71
N LYS I 52 9.20 56.09 25.70
CA LYS I 52 10.20 57.16 25.74
C LYS I 52 11.19 56.99 24.59
N LEU I 53 11.55 55.75 24.32
CA LEU I 53 12.50 55.45 23.27
C LEU I 53 11.90 55.79 21.89
N ALA I 54 10.62 55.49 21.72
CA ALA I 54 9.95 55.76 20.45
C ALA I 54 9.79 57.23 20.20
N ARG I 55 9.22 57.92 21.19
CA ARG I 55 9.01 59.36 21.09
C ARG I 55 10.32 60.06 20.75
N GLU I 56 11.39 59.56 21.36
CA GLU I 56 12.72 60.09 21.18
C GLU I 56 13.14 60.15 19.71
N ILE I 57 12.59 59.28 18.88
CA ILE I 57 12.96 59.30 17.46
C ILE I 57 11.86 59.87 16.57
N GLY I 58 10.78 60.35 17.17
CA GLY I 58 9.71 60.94 16.40
C GLY I 58 8.52 60.09 16.04
N ILE I 59 8.29 59.00 16.77
CA ILE I 59 7.15 58.14 16.49
C ILE I 59 5.87 58.85 16.94
N GLY I 60 4.85 58.85 16.07
CA GLY I 60 3.59 59.50 16.37
C GLY I 60 2.97 59.08 17.69
N GLU I 61 2.10 59.93 18.23
CA GLU I 61 1.47 59.65 19.50
C GLU I 61 0.60 58.40 19.46
N ALA I 62 0.00 58.14 18.29
CA ALA I 62 -0.86 56.97 18.12
C ALA I 62 -0.09 55.69 18.41
N TYR I 63 1.04 55.54 17.72
CA TYR I 63 1.90 54.38 17.86
C TYR I 63 2.54 54.28 19.24
N LEU I 64 2.87 55.43 19.84
CA LEU I 64 3.46 55.41 21.16
C LEU I 64 2.47 54.72 22.09
N ASP I 65 1.18 54.92 21.84
CA ASP I 65 0.17 54.29 22.68
C ASP I 65 0.19 52.79 22.41
N LEU I 66 0.27 52.42 21.14
CA LEU I 66 0.31 51.01 20.77
C LEU I 66 1.46 50.30 21.49
N LEU I 67 2.66 50.89 21.45
CA LEU I 67 3.80 50.29 22.13
C LEU I 67 3.47 50.09 23.59
N GLY I 68 2.77 51.05 24.17
CA GLY I 68 2.42 50.92 25.57
C GLY I 68 1.43 49.80 25.72
N ILE I 69 0.52 49.70 24.77
CA ILE I 69 -0.48 48.65 24.81
C ILE I 69 0.21 47.29 24.74
N TRP I 70 1.15 47.15 23.81
CA TRP I 70 1.86 45.89 23.66
C TRP I 70 2.59 45.53 24.94
N ALA I 71 3.26 46.51 25.53
CA ALA I 71 3.97 46.25 26.76
C ALA I 71 2.99 45.74 27.82
N SER I 72 1.80 46.33 27.87
CA SER I 72 0.81 45.92 28.84
C SER I 72 0.36 44.50 28.59
N ARG I 73 0.32 44.10 27.32
CA ARG I 73 -0.08 42.74 26.97
C ARG I 73 1.03 41.76 27.38
N LEU I 74 2.29 42.15 27.19
CA LEU I 74 3.40 41.30 27.58
C LEU I 74 3.23 40.95 29.07
N ASN I 75 2.74 41.92 29.84
CA ASN I 75 2.50 41.72 31.27
C ASN I 75 1.28 40.85 31.47
N ALA I 76 0.35 40.97 30.51
CA ALA I 76 -0.89 40.21 30.51
C ALA I 76 -0.55 38.75 30.33
N TYR I 77 0.31 38.47 29.36
CA TYR I 77 0.73 37.11 29.09
C TYR I 77 1.41 36.50 30.30
N LEU I 78 2.32 37.25 30.91
CA LEU I 78 3.03 36.77 32.09
C LEU I 78 2.05 36.34 33.19
N VAL I 79 1.03 37.16 33.42
CA VAL I 79 0.04 36.84 34.44
C VAL I 79 -0.78 35.62 34.04
N MET I 80 -1.13 35.54 32.76
CA MET I 80 -1.90 34.42 32.25
C MET I 80 -1.14 33.11 32.42
N PHE I 81 0.11 33.07 31.95
CA PHE I 81 0.93 31.87 32.05
C PHE I 81 1.07 31.35 33.48
N SER I 82 1.05 32.28 34.44
CA SER I 82 1.16 31.91 35.85
C SER I 82 -0.14 31.36 36.39
N LEU I 83 -1.25 31.74 35.75
CA LEU I 83 -2.56 31.25 36.16
C LEU I 83 -2.90 30.06 35.25
N GLN I 84 -1.98 29.79 34.32
CA GLN I 84 -2.11 28.73 33.31
C GLN I 84 -2.89 27.50 33.72
N ASP I 85 -4.20 27.56 33.52
CA ASP I 85 -5.17 26.50 33.83
C ASP I 85 -6.49 27.13 34.24
N LEU I 86 -6.41 28.14 35.11
CA LEU I 86 -7.60 28.85 35.56
C LEU I 86 -7.99 29.90 34.52
N ALA I 87 -7.07 30.20 33.61
CA ALA I 87 -7.33 31.20 32.61
C ALA I 87 -7.48 30.70 31.19
N TYR I 88 -8.24 31.43 30.40
CA TYR I 88 -8.43 31.10 29.01
C TYR I 88 -7.13 31.62 28.38
N MET I 89 -6.39 30.73 27.72
CA MET I 89 -5.12 31.11 27.12
C MET I 89 -5.17 32.04 25.92
N HIS I 90 -5.67 33.25 26.14
CA HIS I 90 -5.74 34.24 25.09
C HIS I 90 -5.81 35.65 25.70
N VAL I 91 -5.19 36.60 25.04
CA VAL I 91 -5.21 37.98 25.51
C VAL I 91 -5.98 38.86 24.52
N PRO I 92 -7.27 39.11 24.81
CA PRO I 92 -8.13 39.92 23.96
C PRO I 92 -7.52 41.28 23.68
N GLN I 93 -7.62 41.74 22.44
CA GLN I 93 -7.03 43.03 22.06
C GLN I 93 -8.08 44.12 21.81
N SER I 94 -9.34 43.82 22.15
CA SER I 94 -10.41 44.77 21.99
C SER I 94 -11.52 44.33 22.92
N LEU I 95 -12.41 45.26 23.29
CA LEU I 95 -13.51 44.92 24.19
C LEU I 95 -14.32 43.77 23.59
N GLU I 96 -14.60 43.86 22.29
CA GLU I 96 -15.38 42.84 21.59
C GLU I 96 -14.75 41.46 21.81
N GLU I 97 -13.44 41.37 21.59
CA GLU I 97 -12.73 40.12 21.79
C GLU I 97 -12.83 39.65 23.24
N PHE I 98 -12.79 40.59 24.19
CA PHE I 98 -12.90 40.25 25.61
C PHE I 98 -14.23 39.54 25.86
N ILE I 99 -15.29 40.13 25.30
CA ILE I 99 -16.63 39.60 25.45
C ILE I 99 -16.67 38.16 25.00
N GLN I 100 -15.99 37.90 23.88
CA GLN I 100 -15.90 36.57 23.30
C GLN I 100 -15.15 35.60 24.22
N ASP I 101 -13.91 35.94 24.60
CA ASP I 101 -13.12 35.09 25.49
C ASP I 101 -13.78 34.91 26.85
N TRP I 102 -14.49 35.94 27.29
CA TRP I 102 -15.14 35.89 28.59
C TRP I 102 -16.20 34.79 28.59
N SER I 103 -16.71 34.46 27.39
CA SER I 103 -17.74 33.44 27.24
C SER I 103 -17.32 32.08 27.76
N HIS I 104 -16.07 31.73 27.52
CA HIS I 104 -15.53 30.43 27.92
C HIS I 104 -15.53 30.12 29.41
N GLY I 105 -16.04 31.06 30.21
CA GLY I 105 -16.12 30.86 31.65
C GLY I 105 -14.85 30.71 32.46
N LYS I 106 -13.72 31.19 31.92
CA LYS I 106 -12.43 31.10 32.63
C LYS I 106 -11.85 32.47 32.85
N VAL I 107 -10.85 32.57 33.73
CA VAL I 107 -10.23 33.86 33.99
C VAL I 107 -9.70 34.42 32.68
N VAL I 108 -9.86 35.72 32.48
CA VAL I 108 -9.37 36.36 31.27
C VAL I 108 -8.40 37.46 31.66
N VAL I 109 -7.26 37.53 31.01
CA VAL I 109 -6.28 38.55 31.33
C VAL I 109 -6.12 39.50 30.15
N THR I 110 -6.32 40.79 30.38
CA THR I 110 -6.24 41.76 29.30
C THR I 110 -5.21 42.83 29.47
N GLY I 111 -4.88 43.46 28.35
CA GLY I 111 -3.92 44.55 28.34
C GLY I 111 -4.67 45.66 27.64
N GLY I 112 -3.95 46.57 27.00
CA GLY I 112 -4.60 47.67 26.31
C GLY I 112 -5.49 47.27 25.16
N PHE I 113 -6.34 48.21 24.72
CA PHE I 113 -7.26 48.02 23.59
C PHE I 113 -7.05 49.09 22.53
N GLN I 114 -7.34 50.32 22.91
CA GLN I 114 -7.26 51.43 22.00
C GLN I 114 -6.47 52.62 22.49
N PRO I 115 -5.79 53.32 21.55
CA PRO I 115 -4.98 54.50 21.88
C PRO I 115 -5.82 55.60 22.54
N GLY I 116 -5.15 56.55 23.17
CA GLY I 116 -5.85 57.64 23.82
C GLY I 116 -6.47 57.32 25.17
N GLN I 117 -6.19 56.17 25.74
CA GLN I 117 -6.74 55.88 27.06
C GLN I 117 -5.74 55.06 27.85
N SER I 118 -6.17 54.53 28.99
CA SER I 118 -5.27 53.74 29.83
C SER I 118 -5.92 52.43 30.19
N THR I 119 -5.15 51.53 30.77
CA THR I 119 -5.68 50.25 31.17
C THR I 119 -6.81 50.44 32.19
N ALA I 120 -6.85 51.63 32.79
CA ALA I 120 -7.90 51.94 33.75
C ALA I 120 -9.21 51.95 32.97
N ALA I 121 -9.17 52.64 31.83
CA ALA I 121 -10.33 52.73 30.94
C ALA I 121 -10.74 51.31 30.59
N VAL I 122 -9.77 50.52 30.12
CA VAL I 122 -10.00 49.13 29.75
C VAL I 122 -10.64 48.37 30.91
N ALA I 123 -10.05 48.49 32.09
CA ALA I 123 -10.59 47.79 33.25
C ALA I 123 -12.08 48.06 33.39
N ALA I 124 -12.45 49.32 33.27
CA ALA I 124 -13.84 49.74 33.38
C ALA I 124 -14.70 49.07 32.30
N LEU I 125 -14.36 49.32 31.04
CA LEU I 125 -15.06 48.76 29.89
C LEU I 125 -15.32 47.29 30.14
N VAL I 126 -14.24 46.57 30.40
CA VAL I 126 -14.31 45.15 30.67
C VAL I 126 -15.23 44.86 31.85
N ALA I 127 -15.19 45.71 32.87
CA ALA I 127 -16.02 45.52 34.05
C ALA I 127 -17.52 45.68 33.68
N GLU I 128 -17.78 46.61 32.77
CA GLU I 128 -19.11 46.87 32.29
C GLU I 128 -19.57 45.62 31.55
N ALA I 129 -18.97 45.42 30.37
CA ALA I 129 -19.27 44.27 29.52
C ALA I 129 -19.38 42.94 30.27
N SER I 130 -18.65 42.79 31.37
CA SER I 130 -18.69 41.56 32.14
C SER I 130 -19.71 41.57 33.26
N SER I 131 -20.49 42.65 33.34
CA SER I 131 -21.50 42.79 34.39
C SER I 131 -20.88 42.68 35.78
N SER I 132 -19.73 43.33 35.97
CA SER I 132 -19.05 43.32 37.25
C SER I 132 -19.49 44.54 38.04
N LYS I 133 -19.95 44.33 39.26
CA LYS I 133 -20.39 45.44 40.10
C LYS I 133 -19.21 46.12 40.79
N THR I 134 -18.11 45.38 40.94
CA THR I 134 -16.93 45.90 41.60
C THR I 134 -15.67 45.86 40.72
N LEU I 135 -14.95 46.99 40.67
CA LEU I 135 -13.71 47.07 39.90
C LEU I 135 -12.59 47.37 40.87
N VAL I 136 -11.80 46.36 41.24
CA VAL I 136 -10.70 46.56 42.19
C VAL I 136 -9.47 47.11 41.48
N VAL I 137 -9.00 48.28 41.90
CA VAL I 137 -7.81 48.88 41.31
C VAL I 137 -6.64 48.78 42.28
N ALA I 138 -5.83 47.73 42.13
CA ALA I 138 -4.67 47.52 42.98
C ALA I 138 -3.48 48.31 42.45
N THR I 139 -3.13 49.35 43.19
CA THR I 139 -2.03 50.24 42.86
C THR I 139 -1.01 50.21 44.00
N ASN I 140 -0.03 51.12 43.98
CA ASN I 140 0.99 51.17 45.04
C ASN I 140 0.61 52.06 46.23
N VAL I 141 -0.41 52.89 46.04
CA VAL I 141 -0.93 53.78 47.08
C VAL I 141 -2.03 53.01 47.82
N ASP I 142 -2.01 53.00 49.15
CA ASP I 142 -3.02 52.27 49.92
C ASP I 142 -4.45 52.62 49.57
N GLY I 143 -4.65 53.83 49.06
CA GLY I 143 -5.99 54.25 48.70
C GLY I 143 -6.00 55.57 47.94
N VAL I 144 -6.94 56.45 48.28
CA VAL I 144 -7.05 57.75 47.61
C VAL I 144 -6.50 58.91 48.41
N TYR I 145 -5.21 59.21 48.22
CA TYR I 145 -4.59 60.35 48.90
C TYR I 145 -4.96 61.56 48.05
N GLU I 146 -4.64 62.75 48.54
CA GLU I 146 -4.90 63.96 47.78
C GLU I 146 -3.56 64.68 47.70
N LYS I 147 -2.79 64.58 48.77
CA LYS I 147 -1.48 65.21 48.85
C LYS I 147 -0.42 64.20 49.31
N ASP I 148 0.85 64.57 49.16
CA ASP I 148 1.99 63.71 49.53
C ASP I 148 2.02 62.36 48.79
N PRO I 149 1.98 62.38 47.46
CA PRO I 149 2.00 61.14 46.66
C PRO I 149 3.43 60.75 46.26
N VAL I 155 -0.50 64.13 56.18
CA VAL I 155 -0.76 63.13 55.13
C VAL I 155 -1.77 62.10 55.64
N LYS I 156 -2.85 61.91 54.89
CA LYS I 156 -3.86 60.93 55.30
C LYS I 156 -4.62 60.35 54.11
N LEU I 157 -5.14 59.14 54.28
CA LEU I 157 -5.88 58.43 53.24
C LEU I 157 -7.39 58.53 53.44
N ILE I 158 -8.08 58.90 52.38
CA ILE I 158 -9.55 59.03 52.40
C ILE I 158 -10.16 57.64 52.25
N PRO I 159 -10.95 57.20 53.25
CA PRO I 159 -11.61 55.89 53.26
C PRO I 159 -12.79 55.70 52.29
N HIS I 160 -13.51 56.78 51.98
CA HIS I 160 -14.65 56.70 51.06
C HIS I 160 -14.76 57.97 50.24
N LEU I 161 -15.67 57.97 49.28
CA LEU I 161 -15.93 59.12 48.42
C LEU I 161 -16.91 58.73 47.33
N THR I 162 -17.04 59.58 46.32
CA THR I 162 -17.94 59.30 45.21
C THR I 162 -17.28 59.60 43.88
N THR I 163 -17.92 59.12 42.82
CA THR I 163 -17.44 59.30 41.45
C THR I 163 -17.13 60.77 41.09
N GLN I 164 -17.74 61.72 41.81
CA GLN I 164 -17.50 63.14 41.55
C GLN I 164 -16.45 63.68 42.50
N ASP I 165 -16.33 63.07 43.67
CA ASP I 165 -15.33 63.49 44.65
C ASP I 165 -14.00 63.47 43.90
N LEU I 166 -13.67 62.31 43.36
CA LEU I 166 -12.45 62.12 42.60
C LEU I 166 -12.39 63.07 41.40
N ARG I 167 -13.52 63.27 40.73
CA ARG I 167 -13.59 64.17 39.59
C ARG I 167 -12.78 65.43 39.88
N LYS I 168 -13.21 66.15 40.92
CA LYS I 168 -12.53 67.38 41.32
C LYS I 168 -11.08 67.10 41.72
N ILE I 169 -10.88 66.26 42.74
CA ILE I 169 -9.53 65.91 43.19
C ILE I 169 -8.55 66.02 42.04
N LEU I 183 -5.63 57.98 38.46
CA LEU I 183 -6.15 56.62 38.52
C LEU I 183 -7.13 56.32 37.39
N LEU I 184 -8.32 56.89 37.50
CA LEU I 184 -9.36 56.67 36.50
C LEU I 184 -9.48 57.81 35.49
N ASP I 185 -8.83 57.67 34.35
CA ASP I 185 -8.90 58.69 33.30
C ASP I 185 -10.37 59.02 32.98
N PRO I 186 -10.61 59.95 32.05
CA PRO I 186 -11.99 60.33 31.70
C PRO I 186 -12.93 59.18 31.32
N LEU I 187 -12.53 58.38 30.32
CA LEU I 187 -13.34 57.25 29.87
C LEU I 187 -13.71 56.32 31.02
N ALA I 188 -12.74 55.96 31.83
CA ALA I 188 -12.98 55.06 32.95
C ALA I 188 -14.08 55.57 33.88
N ILE I 189 -14.01 56.86 34.24
CA ILE I 189 -15.01 57.44 35.14
C ILE I 189 -16.38 57.39 34.44
N LYS I 190 -16.39 57.81 33.17
CA LYS I 190 -17.61 57.81 32.39
C LYS I 190 -18.30 56.45 32.47
N ILE I 191 -17.52 55.38 32.28
CA ILE I 191 -18.05 54.02 32.31
C ILE I 191 -18.53 53.58 33.69
N VAL I 192 -17.68 53.72 34.71
CA VAL I 192 -18.05 53.32 36.06
C VAL I 192 -19.29 54.06 36.54
N GLU I 193 -19.49 55.27 36.01
CA GLU I 193 -20.66 56.07 36.35
C GLU I 193 -21.92 55.59 35.65
N ARG I 194 -21.93 55.66 34.31
CA ARG I 194 -23.09 55.24 33.54
C ARG I 194 -23.56 53.80 33.83
N SER I 195 -22.66 52.94 34.28
CA SER I 195 -23.02 51.55 34.59
C SER I 195 -22.97 51.27 36.09
N LYS I 196 -22.77 52.34 36.87
CA LYS I 196 -22.72 52.25 38.31
C LYS I 196 -21.87 51.10 38.85
N ILE I 197 -20.57 51.19 38.60
CA ILE I 197 -19.62 50.18 39.07
C ILE I 197 -18.84 50.82 40.20
N ARG I 198 -18.78 50.15 41.36
CA ARG I 198 -18.04 50.71 42.47
C ARG I 198 -16.57 50.32 42.39
N VAL I 199 -15.70 51.34 42.42
CA VAL I 199 -14.26 51.14 42.34
C VAL I 199 -13.61 51.04 43.72
N ILE I 200 -12.79 50.02 43.93
CA ILE I 200 -12.08 49.87 45.20
C ILE I 200 -10.59 50.05 44.95
N VAL I 201 -10.05 51.19 45.37
CA VAL I 201 -8.62 51.42 45.18
C VAL I 201 -7.91 50.80 46.37
N MET I 202 -6.88 50.00 46.10
CA MET I 202 -6.12 49.33 47.15
C MET I 202 -4.65 49.22 46.79
N ASN I 203 -3.86 48.71 47.72
CA ASN I 203 -2.43 48.52 47.50
C ASN I 203 -2.25 47.07 47.07
N TYR I 204 -1.59 46.86 45.92
CA TYR I 204 -1.40 45.49 45.46
C TYR I 204 -0.58 44.67 46.44
N ARG I 205 0.05 45.36 47.37
CA ARG I 205 0.88 44.71 48.38
C ARG I 205 -0.04 43.94 49.33
N LYS I 206 -1.33 44.23 49.26
CA LYS I 206 -2.32 43.59 50.11
C LYS I 206 -3.24 42.64 49.35
N LEU I 207 -2.82 42.26 48.15
CA LEU I 207 -3.61 41.37 47.32
C LEU I 207 -4.09 40.12 48.05
N ASN I 208 -3.24 39.55 48.90
CA ASN I 208 -3.60 38.34 49.64
C ASN I 208 -4.91 38.47 50.41
N ARG I 209 -5.18 39.66 50.95
CA ARG I 209 -6.40 39.90 51.71
C ARG I 209 -7.49 40.53 50.85
N ILE I 210 -7.39 40.31 49.55
CA ILE I 210 -8.36 40.84 48.58
C ILE I 210 -9.79 40.55 49.03
N ILE I 211 -9.99 39.38 49.61
CA ILE I 211 -11.31 38.97 50.08
C ILE I 211 -11.88 40.01 51.05
N ASP I 212 -11.10 40.31 52.09
CA ASP I 212 -11.51 41.27 53.11
C ASP I 212 -11.71 42.68 52.55
N ILE I 213 -10.87 43.04 51.57
CA ILE I 213 -10.97 44.35 50.94
C ILE I 213 -12.35 44.52 50.32
N LEU I 214 -12.85 43.44 49.70
CA LEU I 214 -14.16 43.43 49.06
C LEU I 214 -15.31 43.51 50.06
N LYS I 215 -15.01 43.16 51.31
CA LYS I 215 -16.02 43.19 52.37
C LYS I 215 -15.90 44.50 53.13
N GLY I 216 -14.66 44.96 53.25
CA GLY I 216 -14.33 46.19 53.95
C GLY I 216 -13.54 45.85 55.21
N GLU I 217 -12.38 45.21 55.04
CA GLU I 217 -11.57 44.83 56.19
C GLU I 217 -10.08 45.11 56.08
N GLU I 218 -9.69 46.02 55.21
CA GLU I 218 -8.28 46.39 55.06
C GLU I 218 -8.15 47.69 54.28
N VAL I 219 -7.18 48.51 54.68
CA VAL I 219 -6.94 49.81 54.06
C VAL I 219 -7.30 49.88 52.58
N SER I 220 -8.44 50.51 52.29
CA SER I 220 -8.89 50.68 50.92
C SER I 220 -9.85 51.87 50.78
N SER I 221 -9.86 52.47 49.61
CA SER I 221 -10.74 53.60 49.31
C SER I 221 -11.84 53.09 48.37
N ILE I 222 -13.06 53.01 48.86
CA ILE I 222 -14.17 52.52 48.05
C ILE I 222 -14.97 53.64 47.39
N ILE I 223 -14.65 53.95 46.14
CA ILE I 223 -15.36 54.99 45.41
C ILE I 223 -16.78 54.51 45.09
N GLU I 224 -17.79 55.30 45.47
CA GLU I 224 -19.18 54.94 45.22
C GLU I 224 -19.74 55.62 43.98
N PRO I 225 -20.57 54.90 43.21
CA PRO I 225 -21.19 55.45 42.00
C PRO I 225 -22.40 56.28 42.35
N VAL I 226 -22.43 57.52 41.87
CA VAL I 226 -23.54 58.43 42.13
C VAL I 226 -23.75 59.33 40.92
N MET J 1 18.06 42.06 -4.76
CA MET J 1 16.93 41.11 -4.50
C MET J 1 16.39 41.15 -3.07
N ASN J 2 15.87 40.00 -2.64
CA ASN J 2 15.30 39.85 -1.32
C ASN J 2 16.38 39.47 -0.32
N ILE J 3 16.36 40.17 0.82
CA ILE J 3 17.33 39.95 1.88
C ILE J 3 16.67 40.06 3.25
N ILE J 4 17.13 39.24 4.19
CA ILE J 4 16.61 39.24 5.55
C ILE J 4 17.67 39.78 6.49
N LEU J 5 17.28 40.75 7.31
CA LEU J 5 18.19 41.36 8.25
C LEU J 5 17.83 40.94 9.67
N LYS J 6 18.73 40.21 10.31
CA LYS J 6 18.48 39.75 11.67
C LYS J 6 19.18 40.70 12.63
N ILE J 7 18.41 41.53 13.33
CA ILE J 7 18.95 42.48 14.29
C ILE J 7 19.01 41.82 15.68
N SER J 8 20.21 41.73 16.23
CA SER J 8 20.39 41.12 17.54
C SER J 8 19.56 41.82 18.60
N GLY J 9 19.18 41.08 19.63
CA GLY J 9 18.37 41.62 20.70
C GLY J 9 19.08 42.69 21.51
N LYS J 10 20.40 42.62 21.60
CA LYS J 10 21.16 43.60 22.36
C LYS J 10 21.04 45.00 21.78
N PHE J 11 20.79 45.06 20.48
CA PHE J 11 20.63 46.33 19.76
C PHE J 11 19.53 47.19 20.38
N PHE J 12 18.61 46.57 21.12
CA PHE J 12 17.53 47.33 21.71
C PHE J 12 17.70 47.58 23.21
N ASP J 13 18.85 47.19 23.74
CA ASP J 13 19.12 47.40 25.16
C ASP J 13 20.10 48.54 25.38
N GLU J 14 20.72 49.00 24.30
CA GLU J 14 21.70 50.04 24.39
C GLU J 14 21.17 51.39 24.83
N ASP J 15 19.97 51.75 24.44
CA ASP J 15 19.48 53.07 24.88
C ASP J 15 20.45 54.11 24.31
N ASN J 16 20.09 54.59 23.13
CA ASN J 16 20.89 55.58 22.44
C ASN J 16 20.13 55.80 21.15
N VAL J 17 19.33 56.85 21.13
CA VAL J 17 18.54 57.19 19.98
C VAL J 17 19.24 56.83 18.66
N ASP J 18 20.55 57.07 18.56
CA ASP J 18 21.29 56.78 17.34
C ASP J 18 21.19 55.38 16.74
N ASN J 19 20.88 54.39 17.58
CA ASN J 19 20.72 53.01 17.10
C ASN J 19 19.50 52.93 16.17
N LEU J 20 18.33 53.30 16.69
CA LEU J 20 17.11 53.27 15.90
C LEU J 20 17.13 54.21 14.72
N ILE J 21 17.88 55.30 14.83
CA ILE J 21 17.95 56.24 13.72
C ILE J 21 18.77 55.65 12.60
N VAL J 22 19.97 55.17 12.93
CA VAL J 22 20.86 54.59 11.92
C VAL J 22 20.26 53.36 11.22
N LEU J 23 19.45 52.59 11.94
CA LEU J 23 18.80 51.42 11.36
C LEU J 23 17.79 51.90 10.31
N ARG J 24 16.87 52.74 10.74
CA ARG J 24 15.87 53.30 9.85
C ARG J 24 16.52 53.95 8.63
N GLN J 25 17.78 54.34 8.74
CA GLN J 25 18.49 54.95 7.62
C GLN J 25 18.84 53.84 6.64
N SER J 26 19.44 52.79 7.19
CA SER J 26 19.86 51.64 6.40
C SER J 26 18.70 50.92 5.70
N ILE J 27 17.58 50.79 6.38
CA ILE J 27 16.42 50.14 5.79
C ILE J 27 16.04 50.85 4.50
N LYS J 28 16.25 52.16 4.48
CA LYS J 28 15.95 52.97 3.31
C LYS J 28 17.08 52.85 2.30
N GLU J 29 18.34 52.83 2.76
CA GLU J 29 19.45 52.66 1.84
C GLU J 29 19.09 51.43 1.02
N LEU J 30 18.80 50.34 1.72
CA LEU J 30 18.41 49.09 1.10
C LEU J 30 17.25 49.34 0.13
N ALA J 31 16.12 49.77 0.69
CA ALA J 31 14.91 50.04 -0.08
C ALA J 31 15.18 50.83 -1.36
N ASP J 32 15.77 52.01 -1.21
CA ASP J 32 16.07 52.86 -2.37
C ASP J 32 17.12 52.24 -3.29
N ASN J 33 17.46 50.99 -3.04
CA ASN J 33 18.42 50.26 -3.87
C ASN J 33 17.77 48.98 -4.39
N GLY J 34 16.44 49.00 -4.47
CA GLY J 34 15.72 47.84 -4.95
C GLY J 34 15.96 46.61 -4.11
N PHE J 35 15.94 46.78 -2.80
CA PHE J 35 16.15 45.68 -1.87
C PHE J 35 14.90 45.46 -1.04
N ARG J 36 14.20 44.35 -1.24
CA ARG J 36 13.06 44.09 -0.38
C ARG J 36 13.73 43.62 0.89
N VAL J 37 13.32 44.17 2.02
CA VAL J 37 13.94 43.77 3.26
C VAL J 37 12.97 43.17 4.25
N GLY J 38 13.43 42.13 4.93
CA GLY J 38 12.65 41.48 5.94
C GLY J 38 13.47 41.60 7.21
N ILE J 39 12.89 42.14 8.26
CA ILE J 39 13.63 42.32 9.50
C ILE J 39 13.16 41.43 10.62
N VAL J 40 14.10 40.79 11.30
CA VAL J 40 13.78 39.93 12.42
C VAL J 40 14.45 40.50 13.65
N THR J 41 13.70 40.76 14.69
CA THR J 41 14.28 41.33 15.89
C THR J 41 14.28 40.39 17.08
N GLY J 42 15.42 40.30 17.74
CA GLY J 42 15.53 39.44 18.90
C GLY J 42 14.89 40.05 20.14
N GLY J 43 14.72 39.22 21.16
CA GLY J 43 14.10 39.66 22.38
C GLY J 43 14.96 40.52 23.28
N GLY J 44 16.27 40.28 23.30
CA GLY J 44 17.16 41.07 24.13
C GLY J 44 16.95 40.95 25.63
N SER J 45 17.38 41.97 26.35
CA SER J 45 17.26 41.96 27.80
C SER J 45 15.82 41.92 28.28
N THR J 46 14.90 42.51 27.52
CA THR J 46 13.49 42.49 27.90
C THR J 46 13.10 41.01 27.98
N ALA J 47 13.56 40.25 27.00
CA ALA J 47 13.26 38.84 26.94
C ALA J 47 13.81 38.15 28.19
N ARG J 48 15.09 38.32 28.45
CA ARG J 48 15.69 37.71 29.62
C ARG J 48 15.01 38.11 30.94
N ARG J 49 14.63 39.39 31.06
CA ARG J 49 14.01 39.85 32.29
C ARG J 49 12.75 39.08 32.61
N TYR J 50 11.84 38.94 31.64
CA TYR J 50 10.60 38.21 31.90
C TYR J 50 10.83 36.70 32.07
N ILE J 51 11.74 36.12 31.29
CA ILE J 51 11.98 34.70 31.43
C ILE J 51 12.48 34.46 32.85
N LYS J 52 13.55 35.19 33.21
CA LYS J 52 14.16 35.09 34.54
C LYS J 52 13.09 35.22 35.61
N LEU J 53 12.21 36.13 35.36
CA LEU J 53 11.15 36.39 36.28
C LEU J 53 10.15 35.24 36.31
N ALA J 54 9.81 34.72 35.13
CA ALA J 54 8.87 33.62 35.00
C ALA J 54 9.43 32.31 35.55
N ARG J 55 10.63 31.94 35.09
CA ARG J 55 11.27 30.70 35.54
C ARG J 55 11.36 30.71 37.05
N GLU J 56 11.58 31.90 37.58
CA GLU J 56 11.72 32.11 39.01
C GLU J 56 10.51 31.65 39.81
N ILE J 57 9.35 31.60 39.17
CA ILE J 57 8.14 31.17 39.89
C ILE J 57 7.60 29.84 39.40
N GLY J 58 8.38 29.15 38.56
CA GLY J 58 7.94 27.85 38.08
C GLY J 58 7.19 27.75 36.76
N ILE J 59 7.27 28.77 35.90
CA ILE J 59 6.60 28.71 34.62
C ILE J 59 7.34 27.74 33.71
N GLY J 60 6.57 26.88 33.04
CA GLY J 60 7.14 25.88 32.15
C GLY J 60 8.04 26.45 31.09
N GLU J 61 8.93 25.62 30.56
CA GLU J 61 9.86 26.06 29.54
C GLU J 61 9.15 26.52 28.28
N ALA J 62 8.02 25.90 27.98
CA ALA J 62 7.26 26.27 26.79
C ALA J 62 6.87 27.73 26.83
N TYR J 63 6.27 28.12 27.94
CA TYR J 63 5.82 29.49 28.14
C TYR J 63 6.98 30.47 28.29
N LEU J 64 8.06 30.03 28.91
CA LEU J 64 9.21 30.91 29.04
C LEU J 64 9.61 31.32 27.64
N ASP J 65 9.52 30.39 26.69
CA ASP J 65 9.86 30.71 25.31
C ASP J 65 8.89 31.72 24.76
N LEU J 66 7.60 31.51 25.00
CA LEU J 66 6.59 32.45 24.53
C LEU J 66 6.89 33.86 25.02
N LEU J 67 7.19 33.99 26.31
CA LEU J 67 7.50 35.29 26.88
C LEU J 67 8.65 35.93 26.12
N GLY J 68 9.63 35.11 25.76
CA GLY J 68 10.75 35.65 25.03
C GLY J 68 10.28 36.08 23.66
N ILE J 69 9.37 35.29 23.10
CA ILE J 69 8.85 35.58 21.78
C ILE J 69 8.14 36.91 21.81
N TRP J 70 7.30 37.09 22.81
CA TRP J 70 6.55 38.33 22.91
C TRP J 70 7.48 39.53 23.06
N ALA J 71 8.49 39.37 23.90
CA ALA J 71 9.46 40.42 24.09
C ALA J 71 10.09 40.75 22.73
N SER J 72 10.36 39.72 21.94
CA SER J 72 10.98 39.96 20.64
C SER J 72 10.04 40.70 19.71
N ARG J 73 8.74 40.47 19.86
CA ARG J 73 7.75 41.14 19.02
C ARG J 73 7.63 42.59 19.42
N LEU J 74 7.73 42.84 20.73
CA LEU J 74 7.67 44.20 21.24
C LEU J 74 8.76 45.02 20.52
N ASN J 75 9.92 44.40 20.32
CA ASN J 75 11.02 45.06 19.65
C ASN J 75 10.71 45.13 18.16
N ALA J 76 9.89 44.19 17.70
CA ALA J 76 9.51 44.13 16.31
C ALA J 76 8.60 45.31 15.99
N TYR J 77 7.66 45.56 16.90
CA TYR J 77 6.74 46.67 16.73
C TYR J 77 7.48 47.99 16.73
N LEU J 78 8.40 48.15 17.68
CA LEU J 78 9.20 49.36 17.77
C LEU J 78 9.89 49.64 16.43
N VAL J 79 10.54 48.63 15.85
CA VAL J 79 11.23 48.80 14.58
C VAL J 79 10.25 49.13 13.47
N MET J 80 9.08 48.49 13.52
CA MET J 80 8.08 48.72 12.50
C MET J 80 7.60 50.17 12.53
N PHE J 81 7.14 50.62 13.69
CA PHE J 81 6.65 51.98 13.88
C PHE J 81 7.64 53.04 13.40
N SER J 82 8.93 52.76 13.57
CA SER J 82 9.96 53.70 13.14
C SER J 82 10.09 53.68 11.62
N LEU J 83 9.57 52.64 11.01
CA LEU J 83 9.62 52.53 9.56
C LEU J 83 8.27 52.96 8.99
N GLN J 84 7.31 53.16 9.90
CA GLN J 84 5.94 53.55 9.58
C GLN J 84 5.68 54.10 8.18
N ASP J 85 5.45 53.18 7.24
CA ASP J 85 5.16 53.48 5.83
C ASP J 85 5.88 52.47 4.95
N LEU J 86 7.21 52.39 5.11
CA LEU J 86 8.04 51.47 4.35
C LEU J 86 7.68 50.03 4.72
N ALA J 87 6.99 49.86 5.84
CA ALA J 87 6.63 48.53 6.30
C ALA J 87 5.15 48.24 6.34
N TYR J 88 4.83 46.95 6.25
CA TYR J 88 3.45 46.52 6.34
C TYR J 88 3.19 46.54 7.84
N MET J 89 2.19 47.29 8.28
CA MET J 89 1.89 47.42 9.70
C MET J 89 1.34 46.19 10.41
N HIS J 90 2.10 45.10 10.36
CA HIS J 90 1.69 43.87 11.03
C HIS J 90 2.91 43.01 11.38
N VAL J 91 2.84 42.35 12.54
CA VAL J 91 3.94 41.50 12.98
C VAL J 91 3.51 40.04 12.95
N PRO J 92 3.87 39.32 11.86
CA PRO J 92 3.52 37.90 11.69
C PRO J 92 3.98 37.07 12.88
N GLN J 93 3.16 36.13 13.34
CA GLN J 93 3.53 35.30 14.48
C GLN J 93 3.83 33.85 14.10
N SER J 94 3.99 33.61 12.81
CA SER J 94 4.27 32.27 12.32
C SER J 94 4.81 32.43 10.92
N LEU J 95 5.61 31.47 10.48
CA LEU J 95 6.17 31.54 9.15
C LEU J 95 5.05 31.70 8.11
N GLU J 96 3.94 30.99 8.31
CA GLU J 96 2.82 31.06 7.37
C GLU J 96 2.33 32.50 7.28
N GLU J 97 2.13 33.13 8.43
CA GLU J 97 1.69 34.52 8.44
C GLU J 97 2.69 35.44 7.73
N PHE J 98 3.99 35.18 7.91
CA PHE J 98 5.02 36.00 7.27
C PHE J 98 4.83 35.96 5.77
N ILE J 99 4.64 34.75 5.23
CA ILE J 99 4.46 34.53 3.79
C ILE J 99 3.33 35.40 3.26
N GLN J 100 2.28 35.48 4.08
CA GLN J 100 1.10 36.27 3.75
C GLN J 100 1.43 37.76 3.74
N ASP J 101 2.01 38.25 4.83
CA ASP J 101 2.37 39.66 4.94
C ASP J 101 3.43 40.06 3.93
N TRP J 102 4.30 39.12 3.60
CA TRP J 102 5.36 39.40 2.65
C TRP J 102 4.76 39.70 1.27
N SER J 103 3.56 39.18 1.02
CA SER J 103 2.88 39.38 -0.26
C SER J 103 2.66 40.82 -0.61
N HIS J 104 2.30 41.61 0.40
CA HIS J 104 2.00 43.03 0.20
C HIS J 104 3.14 43.88 -0.34
N GLY J 105 4.30 43.26 -0.57
CA GLY J 105 5.45 43.98 -1.12
C GLY J 105 6.09 45.09 -0.31
N LYS J 106 5.88 45.07 1.00
CA LYS J 106 6.47 46.10 1.86
C LYS J 106 7.37 45.44 2.89
N VAL J 107 8.17 46.24 3.58
CA VAL J 107 9.06 45.70 4.59
C VAL J 107 8.23 45.00 5.67
N VAL J 108 8.70 43.84 6.11
CA VAL J 108 8.02 43.07 7.13
C VAL J 108 8.95 42.89 8.32
N VAL J 109 8.44 43.15 9.51
CA VAL J 109 9.26 43.03 10.71
C VAL J 109 8.71 41.88 11.57
N THR J 110 9.55 40.90 11.86
CA THR J 110 9.12 39.73 12.63
C THR J 110 9.83 39.53 13.96
N GLY J 111 9.19 38.75 14.82
CA GLY J 111 9.77 38.42 16.11
C GLY J 111 9.77 36.91 16.13
N GLY J 112 9.65 36.31 17.31
CA GLY J 112 9.63 34.86 17.40
C GLY J 112 8.40 34.19 16.80
N PHE J 113 8.52 32.89 16.53
CA PHE J 113 7.42 32.10 15.95
C PHE J 113 7.01 30.98 16.88
N GLN J 114 7.95 30.07 17.10
CA GLN J 114 7.68 28.90 17.89
C GLN J 114 8.71 28.64 18.95
N PRO J 115 8.31 28.02 20.07
CA PRO J 115 9.19 27.69 21.18
C PRO J 115 10.29 26.70 20.76
N GLY J 116 11.35 26.61 21.55
CA GLY J 116 12.44 25.71 21.25
C GLY J 116 13.46 26.18 20.26
N GLN J 117 13.35 27.42 19.79
CA GLN J 117 14.32 27.94 18.83
C GLN J 117 14.65 29.40 19.15
N SER J 118 15.32 30.07 18.23
CA SER J 118 15.67 31.47 18.47
C SER J 118 15.27 32.26 17.25
N THR J 119 15.41 33.58 17.33
CA THR J 119 15.08 34.42 16.20
C THR J 119 16.04 34.13 15.05
N ALA J 120 17.14 33.46 15.35
CA ALA J 120 18.10 33.10 14.31
C ALA J 120 17.40 32.13 13.38
N ALA J 121 16.77 31.13 14.00
CA ALA J 121 16.00 30.12 13.28
C ALA J 121 14.96 30.86 12.42
N VAL J 122 14.18 31.74 13.07
CA VAL J 122 13.15 32.53 12.39
C VAL J 122 13.73 33.29 11.20
N ALA J 123 14.88 33.91 11.41
CA ALA J 123 15.52 34.67 10.35
C ALA J 123 15.74 33.77 9.15
N ALA J 124 16.29 32.60 9.42
CA ALA J 124 16.56 31.63 8.36
C ALA J 124 15.27 31.21 7.63
N LEU J 125 14.29 30.73 8.39
CA LEU J 125 13.01 30.31 7.85
C LEU J 125 12.48 31.39 6.92
N VAL J 126 12.35 32.58 7.47
CA VAL J 126 11.87 33.73 6.74
C VAL J 126 12.73 34.02 5.50
N ALA J 127 14.03 33.79 5.61
CA ALA J 127 14.94 34.01 4.49
C ALA J 127 14.63 33.02 3.36
N GLU J 128 14.34 31.78 3.77
CA GLU J 128 14.00 30.72 2.85
C GLU J 128 12.68 31.09 2.17
N ALA J 129 11.60 31.10 2.95
CA ALA J 129 10.29 31.44 2.44
C ALA J 129 10.25 32.71 1.58
N SER J 130 11.18 33.63 1.79
CA SER J 130 11.20 34.87 1.02
C SER J 130 12.13 34.81 -0.18
N SER J 131 12.76 33.66 -0.39
CA SER J 131 13.67 33.49 -1.51
C SER J 131 14.83 34.46 -1.42
N SER J 132 15.34 34.64 -0.19
CA SER J 132 16.45 35.53 0.06
C SER J 132 17.76 34.74 0.02
N LYS J 133 18.67 35.16 -0.85
CA LYS J 133 19.95 34.48 -0.97
C LYS J 133 20.91 34.84 0.16
N THR J 134 20.71 36.02 0.76
CA THR J 134 21.58 36.50 1.83
C THR J 134 20.85 36.78 3.13
N LEU J 135 21.39 36.28 4.23
CA LEU J 135 20.81 36.51 5.55
C LEU J 135 21.84 37.28 6.39
N VAL J 136 21.64 38.58 6.57
CA VAL J 136 22.58 39.38 7.33
C VAL J 136 22.27 39.30 8.83
N VAL J 137 23.26 38.86 9.60
CA VAL J 137 23.09 38.74 11.03
C VAL J 137 23.91 39.82 11.71
N ALA J 138 23.27 40.95 12.01
CA ALA J 138 23.92 42.07 12.68
C ALA J 138 23.87 41.91 14.20
N THR J 139 25.05 41.78 14.80
CA THR J 139 25.18 41.61 16.23
C THR J 139 26.31 42.51 16.80
N ASN J 140 26.52 42.43 18.11
CA ASN J 140 27.52 43.25 18.77
C ASN J 140 28.96 42.85 18.54
N VAL J 141 29.23 42.16 17.44
CA VAL J 141 30.62 41.75 17.20
C VAL J 141 30.94 42.00 15.73
N ASP J 142 32.21 41.90 15.34
CA ASP J 142 32.55 42.18 13.94
C ASP J 142 32.46 41.04 12.93
N GLY J 143 32.49 39.81 13.43
CA GLY J 143 32.39 38.66 12.55
C GLY J 143 32.65 37.34 13.25
N VAL J 144 33.15 36.38 12.50
CA VAL J 144 33.47 35.05 13.01
C VAL J 144 34.99 34.93 13.21
N TYR J 145 35.37 34.32 14.34
CA TYR J 145 36.76 34.16 14.67
C TYR J 145 37.16 32.71 14.91
N GLU J 146 38.39 32.39 14.52
CA GLU J 146 39.01 31.08 14.66
C GLU J 146 38.64 30.53 16.04
N LYS J 147 39.02 31.28 17.08
CA LYS J 147 38.71 30.93 18.47
C LYS J 147 38.13 32.21 19.04
N ASP J 148 37.83 32.23 20.33
CA ASP J 148 37.28 33.42 20.99
C ASP J 148 38.34 34.54 21.18
N PRO J 149 38.11 35.71 20.58
CA PRO J 149 39.04 36.85 20.67
C PRO J 149 39.31 37.29 22.09
N ARG J 150 38.30 37.19 22.95
CA ARG J 150 38.40 37.60 24.35
C ARG J 150 39.26 36.67 25.20
N ILE J 151 39.54 35.48 24.68
CA ILE J 151 40.34 34.53 25.41
C ILE J 151 41.63 34.19 24.69
N TYR J 152 41.58 34.16 23.36
CA TYR J 152 42.76 33.84 22.57
C TYR J 152 43.38 35.08 21.93
N ALA J 153 44.62 35.34 22.32
CA ALA J 153 45.40 36.49 21.86
C ALA J 153 45.31 36.85 20.38
N ASP J 154 46.39 36.60 19.65
CA ASP J 154 46.48 36.92 18.23
C ASP J 154 45.56 36.09 17.35
N VAL J 155 44.30 36.51 17.25
CA VAL J 155 43.32 35.80 16.41
C VAL J 155 42.77 36.76 15.36
N LYS J 156 42.80 36.32 14.10
CA LYS J 156 42.32 37.15 13.01
C LYS J 156 40.83 36.94 12.71
N LEU J 157 40.25 37.89 12.00
CA LEU J 157 38.84 37.86 11.61
C LEU J 157 38.76 37.05 10.32
N ILE J 158 37.80 36.14 10.23
CA ILE J 158 37.65 35.32 9.04
C ILE J 158 36.66 36.01 8.10
N PRO J 159 37.15 36.64 7.02
CA PRO J 159 36.31 37.34 6.05
C PRO J 159 35.41 36.45 5.19
N HIS J 160 35.88 35.23 4.90
CA HIS J 160 35.14 34.27 4.09
C HIS J 160 35.33 32.86 4.62
N LEU J 161 34.24 32.16 4.91
CA LEU J 161 34.33 30.79 5.36
C LEU J 161 33.12 30.02 4.87
N THR J 162 33.13 28.73 5.11
CA THR J 162 32.07 27.86 4.64
C THR J 162 31.31 27.21 5.80
N THR J 163 30.02 26.95 5.61
CA THR J 163 29.24 26.33 6.68
C THR J 163 29.98 25.11 7.20
N GLN J 164 30.89 24.57 6.38
CA GLN J 164 31.70 23.41 6.75
C GLN J 164 32.87 23.92 7.58
N ASP J 165 33.43 25.06 7.16
CA ASP J 165 34.53 25.69 7.87
C ASP J 165 33.98 26.06 9.26
N LEU J 166 32.85 26.74 9.26
CA LEU J 166 32.20 27.15 10.50
C LEU J 166 31.74 25.91 11.26
N ARG J 167 31.11 25.00 10.53
CA ARG J 167 30.60 23.75 11.08
C ARG J 167 31.23 23.35 12.41
N LYS J 168 32.56 23.27 12.40
CA LYS J 168 33.27 22.84 13.59
C LYS J 168 33.83 23.97 14.45
N ILE J 169 32.95 24.68 15.14
CA ILE J 169 33.43 25.75 15.98
C ILE J 169 33.23 25.46 17.45
N LEU J 170 34.25 24.74 17.90
CA LEU J 170 34.50 24.24 19.25
C LEU J 170 35.14 25.35 20.08
N LEU J 183 24.82 32.08 18.16
CA LEU J 183 24.83 32.88 16.95
C LEU J 183 23.99 32.21 15.86
N LEU J 184 24.01 30.88 15.88
CA LEU J 184 23.25 30.06 14.93
C LEU J 184 22.84 28.73 15.59
N ASP J 185 21.53 28.58 15.81
CA ASP J 185 21.04 27.36 16.44
C ASP J 185 20.88 26.28 15.38
N PRO J 186 20.60 25.04 15.81
CA PRO J 186 20.44 23.93 14.87
C PRO J 186 19.50 24.17 13.67
N LEU J 187 18.26 24.55 13.95
CA LEU J 187 17.29 24.78 12.90
C LEU J 187 17.80 25.77 11.87
N ALA J 188 18.36 26.89 12.34
CA ALA J 188 18.88 27.92 11.46
C ALA J 188 19.92 27.37 10.48
N ILE J 189 20.85 26.58 10.99
CA ILE J 189 21.88 26.00 10.14
C ILE J 189 21.26 25.06 9.13
N LYS J 190 20.34 24.23 9.61
CA LYS J 190 19.65 23.28 8.76
C LYS J 190 19.01 24.01 7.58
N ILE J 191 18.33 25.12 7.87
CA ILE J 191 17.67 25.88 6.82
C ILE J 191 18.63 26.54 5.83
N VAL J 192 19.59 27.31 6.34
CA VAL J 192 20.54 27.99 5.48
C VAL J 192 21.31 27.01 4.62
N GLU J 193 21.43 25.78 5.09
CA GLU J 193 22.11 24.74 4.32
C GLU J 193 21.22 24.17 3.22
N ARG J 194 20.11 23.54 3.60
CA ARG J 194 19.19 22.95 2.63
C ARG J 194 18.74 23.93 1.54
N SER J 195 18.68 25.22 1.85
CA SER J 195 18.26 26.20 0.88
C SER J 195 19.40 27.06 0.38
N LYS J 196 20.61 26.72 0.83
CA LYS J 196 21.84 27.41 0.44
C LYS J 196 21.76 28.91 0.52
N ILE J 197 21.54 29.42 1.74
CA ILE J 197 21.46 30.86 1.97
C ILE J 197 22.79 31.25 2.61
N ARG J 198 23.44 32.28 2.07
CA ARG J 198 24.70 32.71 2.64
C ARG J 198 24.46 33.71 3.77
N VAL J 199 25.05 33.43 4.93
CA VAL J 199 24.91 34.26 6.13
C VAL J 199 26.07 35.23 6.28
N ILE J 200 25.75 36.51 6.50
CA ILE J 200 26.79 37.50 6.70
C ILE J 200 26.71 38.00 8.14
N VAL J 201 27.68 37.62 8.96
CA VAL J 201 27.70 38.05 10.35
C VAL J 201 28.43 39.39 10.38
N MET J 202 27.78 40.39 10.98
CA MET J 202 28.36 41.74 11.07
C MET J 202 27.99 42.44 12.38
N ASN J 203 28.65 43.58 12.62
CA ASN J 203 28.39 44.37 13.81
C ASN J 203 27.27 45.36 13.50
N TYR J 204 26.20 45.37 14.28
CA TYR J 204 25.12 46.27 13.99
C TYR J 204 25.57 47.72 14.10
N ARG J 205 26.75 47.91 14.65
CA ARG J 205 27.32 49.24 14.81
C ARG J 205 27.71 49.77 13.44
N LYS J 206 27.72 48.87 12.46
CA LYS J 206 28.10 49.22 11.09
C LYS J 206 26.94 49.19 10.08
N LEU J 207 25.70 49.29 10.56
CA LEU J 207 24.54 49.27 9.68
C LEU J 207 24.53 50.34 8.59
N ASN J 208 25.10 51.51 8.88
CA ASN J 208 25.14 52.57 7.88
C ASN J 208 26.08 52.21 6.75
N ARG J 209 26.66 51.02 6.81
CA ARG J 209 27.58 50.56 5.77
C ARG J 209 27.13 49.18 5.29
N ILE J 210 25.85 48.89 5.51
CA ILE J 210 25.26 47.61 5.14
C ILE J 210 25.49 47.29 3.67
N ILE J 211 25.35 48.31 2.83
CA ILE J 211 25.55 48.13 1.39
C ILE J 211 26.89 47.47 1.10
N ASP J 212 27.96 48.09 1.59
CA ASP J 212 29.31 47.60 1.36
C ASP J 212 29.51 46.22 1.96
N ILE J 213 28.88 45.96 3.09
CA ILE J 213 29.00 44.66 3.76
C ILE J 213 28.51 43.58 2.78
N LEU J 214 27.43 43.90 2.07
CA LEU J 214 26.83 42.98 1.10
C LEU J 214 27.69 42.78 -0.13
N LYS J 215 28.61 43.70 -0.38
CA LYS J 215 29.47 43.59 -1.54
C LYS J 215 30.76 42.93 -1.10
N GLY J 216 30.94 42.88 0.22
CA GLY J 216 32.14 42.28 0.77
C GLY J 216 33.24 43.30 0.67
N GLU J 217 32.95 44.52 1.12
CA GLU J 217 33.93 45.60 1.09
C GLU J 217 34.01 46.26 2.45
N GLU J 218 33.69 45.50 3.49
CA GLU J 218 33.70 46.00 4.85
C GLU J 218 33.81 44.83 5.81
N VAL J 219 34.28 45.10 7.02
CA VAL J 219 34.46 44.07 8.05
C VAL J 219 33.24 43.20 8.29
N SER J 220 33.38 41.89 8.02
CA SER J 220 32.27 40.95 8.21
C SER J 220 32.70 39.52 7.92
N SER J 221 31.99 38.56 8.50
CA SER J 221 32.27 37.16 8.26
C SER J 221 31.16 36.61 7.38
N ILE J 222 31.51 36.23 6.16
CA ILE J 222 30.53 35.69 5.23
C ILE J 222 30.53 34.17 5.20
N ILE J 223 29.59 33.56 5.91
CA ILE J 223 29.49 32.10 5.94
C ILE J 223 28.94 31.63 4.60
N GLU J 224 29.63 30.67 3.98
CA GLU J 224 29.21 30.12 2.70
C GLU J 224 28.50 28.79 2.82
N PRO J 225 27.45 28.59 2.01
CA PRO J 225 26.67 27.34 2.03
C PRO J 225 27.36 26.25 1.22
N VAL J 226 27.55 25.10 1.85
CA VAL J 226 28.20 23.95 1.21
C VAL J 226 27.63 22.64 1.72
N MET K 1 -11.37 43.35 -17.52
CA MET K 1 -10.25 42.34 -17.65
C MET K 1 -10.14 41.22 -16.69
N ASN K 2 -11.17 40.81 -16.04
CA ASN K 2 -10.97 39.77 -15.03
C ASN K 2 -11.49 38.41 -15.51
N ILE K 3 -10.77 37.33 -15.21
CA ILE K 3 -11.21 35.99 -15.62
C ILE K 3 -10.93 34.96 -14.54
N ILE K 4 -11.88 34.05 -14.35
CA ILE K 4 -11.73 32.98 -13.37
C ILE K 4 -11.47 31.66 -14.10
N LEU K 5 -10.43 30.97 -13.66
CA LEU K 5 -10.06 29.69 -14.25
C LEU K 5 -10.36 28.56 -13.27
N LYS K 6 -11.31 27.71 -13.61
CA LYS K 6 -11.68 26.59 -12.76
C LYS K 6 -10.92 25.34 -13.24
N ILE K 7 -9.94 24.90 -12.47
CA ILE K 7 -9.16 23.72 -12.81
C ILE K 7 -9.80 22.50 -12.17
N SER K 8 -10.18 21.53 -13.00
CA SER K 8 -10.82 20.32 -12.51
C SER K 8 -9.96 19.57 -11.51
N GLY K 9 -10.60 18.86 -10.59
CA GLY K 9 -9.89 18.11 -9.58
C GLY K 9 -8.99 17.01 -10.13
N LYS K 10 -9.40 16.41 -11.25
CA LYS K 10 -8.64 15.32 -11.88
C LYS K 10 -7.26 15.77 -12.34
N PHE K 11 -7.14 17.06 -12.64
CA PHE K 11 -5.89 17.66 -13.08
C PHE K 11 -4.75 17.40 -12.10
N PHE K 12 -5.09 17.17 -10.83
CA PHE K 12 -4.09 16.94 -9.79
C PHE K 12 -3.90 15.48 -9.45
N ASP K 13 -4.57 14.59 -10.17
CA ASP K 13 -4.42 13.17 -9.90
C ASP K 13 -3.57 12.49 -10.95
N GLU K 14 -3.30 13.21 -12.03
CA GLU K 14 -2.56 12.66 -13.16
C GLU K 14 -1.12 12.19 -13.16
N ASP K 15 -0.37 12.67 -14.15
CA ASP K 15 1.01 12.28 -14.26
C ASP K 15 1.62 13.09 -13.14
N ASN K 16 2.04 14.30 -13.50
CA ASN K 16 2.65 15.22 -12.56
C ASN K 16 2.83 16.58 -13.21
N VAL K 17 4.07 17.08 -13.15
CA VAL K 17 4.45 18.39 -13.71
C VAL K 17 3.43 19.09 -14.61
N ASP K 18 3.10 18.44 -15.72
CA ASP K 18 2.15 18.96 -16.71
C ASP K 18 0.92 19.59 -16.07
N ARG K 36 -6.35 39.97 -15.20
CA ARG K 36 -6.13 39.30 -13.93
C ARG K 36 -6.74 37.90 -13.91
N VAL K 37 -6.19 37.00 -13.11
CA VAL K 37 -6.71 35.64 -13.03
C VAL K 37 -7.03 35.14 -11.64
N GLY K 38 -8.16 34.46 -11.54
CA GLY K 38 -8.57 33.87 -10.29
C GLY K 38 -8.63 32.38 -10.56
N ILE K 39 -7.99 31.57 -9.73
CA ILE K 39 -8.01 30.15 -9.95
C ILE K 39 -8.76 29.40 -8.85
N VAL K 40 -9.61 28.47 -9.26
CA VAL K 40 -10.36 27.65 -8.30
C VAL K 40 -9.97 26.20 -8.58
N THR K 41 -9.50 25.51 -7.56
CA THR K 41 -9.09 24.14 -7.77
C THR K 41 -10.02 23.15 -7.08
N GLY K 42 -10.40 22.10 -7.80
CA GLY K 42 -11.28 21.11 -7.25
C GLY K 42 -10.51 20.15 -6.36
N GLY K 43 -11.28 19.32 -5.65
CA GLY K 43 -10.71 18.35 -4.72
C GLY K 43 -10.08 17.13 -5.34
N GLY K 44 -10.67 16.63 -6.43
CA GLY K 44 -10.12 15.47 -7.10
C GLY K 44 -10.18 14.16 -6.31
N SER K 45 -9.27 13.25 -6.63
CA SER K 45 -9.24 11.95 -5.97
C SER K 45 -8.92 12.04 -4.47
N THR K 46 -8.13 13.04 -4.08
CA THR K 46 -7.79 13.22 -2.68
C THR K 46 -9.11 13.43 -1.94
N ALA K 47 -9.95 14.27 -2.53
CA ALA K 47 -11.26 14.58 -1.96
C ALA K 47 -12.10 13.32 -1.83
N ARG K 48 -12.30 12.63 -2.95
CA ARG K 48 -13.09 11.39 -2.95
C ARG K 48 -12.58 10.39 -1.92
N ARG K 49 -11.27 10.16 -1.93
CA ARG K 49 -10.67 9.24 -0.99
C ARG K 49 -11.12 9.57 0.40
N TYR K 50 -10.82 10.80 0.84
CA TYR K 50 -11.20 11.17 2.19
C TYR K 50 -12.67 11.07 2.46
N ILE K 51 -13.49 11.49 1.50
CA ILE K 51 -14.95 11.42 1.66
C ILE K 51 -15.40 9.99 1.89
N LYS K 52 -15.02 9.10 0.98
CA LYS K 52 -15.39 7.70 1.08
C LYS K 52 -14.90 7.09 2.40
N LEU K 53 -13.70 7.48 2.80
CA LEU K 53 -13.16 6.96 4.03
C LEU K 53 -14.00 7.43 5.20
N ALA K 54 -14.41 8.70 5.15
CA ALA K 54 -15.21 9.30 6.24
C ALA K 54 -16.62 8.72 6.28
N ARG K 55 -17.28 8.75 5.14
CA ARG K 55 -18.64 8.21 5.03
C ARG K 55 -18.67 6.78 5.52
N GLU K 56 -17.61 6.04 5.22
CA GLU K 56 -17.48 4.65 5.59
C GLU K 56 -17.61 4.41 7.09
N ILE K 57 -17.29 5.42 7.90
CA ILE K 57 -17.40 5.26 9.35
C ILE K 57 -18.57 6.03 9.93
N GLY K 58 -19.39 6.62 9.06
CA GLY K 58 -20.57 7.35 9.52
C GLY K 58 -20.48 8.85 9.74
N ILE K 59 -19.51 9.50 9.11
CA ILE K 59 -19.36 10.96 9.25
C ILE K 59 -20.51 11.62 8.49
N GLY K 60 -21.12 12.62 9.13
CA GLY K 60 -22.23 13.33 8.52
C GLY K 60 -21.92 13.91 7.15
N GLU K 61 -22.96 14.14 6.36
CA GLU K 61 -22.78 14.67 5.03
C GLU K 61 -22.13 16.06 5.06
N ALA K 62 -22.44 16.83 6.10
CA ALA K 62 -21.90 18.17 6.26
C ALA K 62 -20.38 18.15 6.25
N TYR K 63 -19.83 17.34 7.14
CA TYR K 63 -18.39 17.18 7.30
C TYR K 63 -17.74 16.51 6.09
N LEU K 64 -18.45 15.60 5.44
CA LEU K 64 -17.93 14.94 4.27
C LEU K 64 -17.62 16.03 3.26
N ASP K 65 -18.47 17.04 3.19
CA ASP K 65 -18.25 18.15 2.26
C ASP K 65 -17.02 18.93 2.69
N LEU K 66 -16.91 19.18 3.99
CA LEU K 66 -15.76 19.90 4.50
C LEU K 66 -14.46 19.19 4.10
N LEU K 67 -14.38 17.87 4.32
CA LEU K 67 -13.19 17.10 3.97
C LEU K 67 -12.87 17.33 2.52
N GLY K 68 -13.91 17.35 1.69
CA GLY K 68 -13.71 17.58 0.27
C GLY K 68 -13.18 18.97 0.01
N ILE K 69 -13.71 19.91 0.79
CA ILE K 69 -13.30 21.30 0.68
C ILE K 69 -11.82 21.39 1.04
N TRP K 70 -11.44 20.78 2.14
CA TRP K 70 -10.06 20.84 2.55
C TRP K 70 -9.14 20.24 1.50
N ALA K 71 -9.54 19.11 0.93
CA ALA K 71 -8.75 18.46 -0.10
C ALA K 71 -8.58 19.44 -1.27
N SER K 72 -9.65 20.16 -1.61
CA SER K 72 -9.57 21.11 -2.71
C SER K 72 -8.60 22.24 -2.38
N ARG K 73 -8.54 22.63 -1.11
CA ARG K 73 -7.63 23.69 -0.70
C ARG K 73 -6.18 23.21 -0.76
N LEU K 74 -5.97 21.94 -0.43
CA LEU K 74 -4.63 21.37 -0.47
C LEU K 74 -4.13 21.52 -1.91
N ASN K 75 -5.04 21.36 -2.87
CA ASN K 75 -4.70 21.52 -4.28
C ASN K 75 -4.53 23.00 -4.61
N ALA K 76 -5.24 23.82 -3.85
CA ALA K 76 -5.19 25.26 -4.02
C ALA K 76 -3.81 25.74 -3.64
N TYR K 77 -3.32 25.26 -2.50
CA TYR K 77 -2.01 25.66 -2.02
C TYR K 77 -0.94 25.23 -3.01
N LEU K 78 -1.02 23.99 -3.48
CA LEU K 78 -0.05 23.50 -4.44
C LEU K 78 0.05 24.44 -5.63
N VAL K 79 -1.10 24.81 -6.19
CA VAL K 79 -1.13 25.73 -7.32
C VAL K 79 -0.54 27.09 -6.95
N MET K 80 -0.89 27.58 -5.77
CA MET K 80 -0.39 28.85 -5.32
C MET K 80 1.12 28.82 -5.19
N PHE K 81 1.64 27.88 -4.44
CA PHE K 81 3.08 27.73 -4.23
C PHE K 81 3.86 27.73 -5.54
N SER K 82 3.30 27.11 -6.56
CA SER K 82 3.96 27.07 -7.86
C SER K 82 3.83 28.41 -8.58
N LEU K 83 2.75 29.11 -8.29
CA LEU K 83 2.48 30.40 -8.90
C LEU K 83 3.14 31.51 -8.10
N GLN K 84 3.70 31.15 -6.94
CA GLN K 84 4.36 32.08 -6.02
C GLN K 84 4.81 33.40 -6.65
N ASP K 85 4.48 34.48 -5.96
CA ASP K 85 4.83 35.83 -6.40
C ASP K 85 3.90 36.37 -7.50
N LEU K 86 2.96 35.53 -7.93
CA LEU K 86 2.02 35.96 -8.96
C LEU K 86 0.73 35.86 -8.24
N ALA K 87 0.83 35.21 -7.09
CA ALA K 87 -0.35 35.02 -6.29
C ALA K 87 -0.17 35.61 -4.93
N TYR K 88 -1.31 35.96 -4.37
CA TYR K 88 -1.33 36.51 -3.03
C TYR K 88 -1.27 35.22 -2.21
N MET K 89 -0.26 35.11 -1.35
CA MET K 89 -0.07 33.92 -0.56
C MET K 89 -1.12 33.62 0.49
N HIS K 90 -2.35 33.36 0.03
CA HIS K 90 -3.44 33.03 0.95
C HIS K 90 -4.58 32.34 0.19
N VAL K 91 -5.21 31.37 0.85
CA VAL K 91 -6.32 30.65 0.26
C VAL K 91 -7.61 30.97 0.96
N PRO K 92 -8.38 31.94 0.42
CA PRO K 92 -9.66 32.35 1.00
C PRO K 92 -10.56 31.16 1.25
N GLN K 93 -11.29 31.17 2.35
CA GLN K 93 -12.18 30.06 2.67
C GLN K 93 -13.65 30.42 2.57
N SER K 94 -13.93 31.63 2.07
CA SER K 94 -15.29 32.10 1.91
C SER K 94 -15.29 33.16 0.83
N LEU K 95 -16.44 33.37 0.19
CA LEU K 95 -16.51 34.38 -0.85
C LEU K 95 -16.02 35.71 -0.31
N GLU K 96 -16.49 36.06 0.88
CA GLU K 96 -16.12 37.32 1.51
C GLU K 96 -14.60 37.45 1.57
N GLU K 97 -13.93 36.40 2.04
CA GLU K 97 -12.47 36.41 2.13
C GLU K 97 -11.85 36.56 0.76
N PHE K 98 -12.47 35.97 -0.26
CA PHE K 98 -11.93 36.08 -1.61
C PHE K 98 -11.92 37.53 -2.04
N ILE K 99 -13.03 38.21 -1.79
CA ILE K 99 -13.19 39.62 -2.14
C ILE K 99 -12.06 40.43 -1.52
N GLN K 100 -11.73 40.09 -0.29
CA GLN K 100 -10.69 40.75 0.45
C GLN K 100 -9.33 40.49 -0.20
N ASP K 101 -8.98 39.22 -0.41
CA ASP K 101 -7.70 38.87 -1.01
C ASP K 101 -7.59 39.37 -2.43
N TRP K 102 -8.71 39.43 -3.12
CA TRP K 102 -8.73 39.88 -4.50
C TRP K 102 -8.30 41.34 -4.60
N SER K 103 -8.47 42.08 -3.50
CA SER K 103 -8.11 43.49 -3.45
C SER K 103 -6.64 43.75 -3.71
N HIS K 104 -5.78 42.89 -3.16
CA HIS K 104 -4.33 43.03 -3.30
C HIS K 104 -3.79 43.00 -4.74
N GLY K 105 -4.70 42.86 -5.71
CA GLY K 105 -4.30 42.86 -7.10
C GLY K 105 -3.37 41.76 -7.62
N LYS K 106 -3.34 40.62 -6.93
CA LYS K 106 -2.51 39.51 -7.38
C LYS K 106 -3.40 38.29 -7.64
N VAL K 107 -2.83 37.27 -8.28
CA VAL K 107 -3.60 36.06 -8.57
C VAL K 107 -4.07 35.48 -7.24
N VAL K 108 -5.29 34.98 -7.21
CA VAL K 108 -5.82 34.39 -5.99
C VAL K 108 -6.22 32.96 -6.31
N VAL K 109 -5.83 32.01 -5.46
CA VAL K 109 -6.18 30.61 -5.69
C VAL K 109 -7.14 30.13 -4.60
N THR K 110 -8.30 29.63 -5.00
CA THR K 110 -9.31 29.17 -4.06
C THR K 110 -9.71 27.69 -4.13
N GLY K 111 -10.30 27.23 -3.05
CA GLY K 111 -10.78 25.87 -2.95
C GLY K 111 -12.25 26.01 -2.59
N GLY K 112 -12.80 25.01 -1.91
CA GLY K 112 -14.21 25.08 -1.54
C GLY K 112 -14.52 26.17 -0.54
N PHE K 113 -15.80 26.48 -0.38
CA PHE K 113 -16.26 27.50 0.56
C PHE K 113 -17.26 26.93 1.57
N GLN K 114 -18.38 26.49 1.04
CA GLN K 114 -19.46 26.00 1.86
C GLN K 114 -20.01 24.66 1.39
N PRO K 115 -20.50 23.84 2.32
CA PRO K 115 -21.07 22.52 2.03
C PRO K 115 -22.26 22.65 1.10
N GLY K 116 -22.66 21.54 0.50
CA GLY K 116 -23.81 21.56 -0.39
C GLY K 116 -23.58 22.05 -1.80
N GLN K 117 -22.34 22.33 -2.18
CA GLN K 117 -22.07 22.77 -3.54
C GLN K 117 -20.74 22.22 -4.03
N SER K 118 -20.27 22.71 -5.18
CA SER K 118 -19.00 22.24 -5.71
C SER K 118 -18.13 23.43 -6.03
N THR K 119 -16.87 23.15 -6.37
CA THR K 119 -15.96 24.24 -6.72
C THR K 119 -16.47 24.96 -7.96
N ALA K 120 -17.39 24.34 -8.68
CA ALA K 120 -17.99 24.95 -9.86
C ALA K 120 -18.76 26.15 -9.33
N ALA K 121 -19.56 25.91 -8.30
CA ALA K 121 -20.35 26.95 -7.68
C ALA K 121 -19.38 28.06 -7.26
N VAL K 122 -18.34 27.66 -6.55
CA VAL K 122 -17.34 28.60 -6.09
C VAL K 122 -16.75 29.41 -7.23
N ALA K 123 -16.39 28.73 -8.30
CA ALA K 123 -15.81 29.40 -9.46
C ALA K 123 -16.73 30.51 -9.92
N ALA K 124 -18.02 30.18 -10.01
CA ALA K 124 -19.03 31.15 -10.43
C ALA K 124 -19.07 32.32 -9.46
N LEU K 125 -19.37 32.04 -8.20
CA LEU K 125 -19.44 33.08 -7.16
C LEU K 125 -18.24 34.03 -7.29
N VAL K 126 -17.06 33.44 -7.27
CA VAL K 126 -15.82 34.19 -7.39
C VAL K 126 -15.78 34.98 -8.69
N ALA K 127 -16.34 34.42 -9.76
CA ALA K 127 -16.35 35.09 -11.06
C ALA K 127 -17.24 36.31 -10.99
N GLU K 128 -18.35 36.17 -10.27
CA GLU K 128 -19.30 37.25 -10.09
C GLU K 128 -18.61 38.35 -9.29
N ALA K 129 -18.31 38.04 -8.03
CA ALA K 129 -17.65 38.97 -7.12
C ALA K 129 -16.43 39.66 -7.71
N SER K 130 -15.76 39.02 -8.66
CA SER K 130 -14.57 39.61 -9.26
C SER K 130 -14.87 40.34 -10.57
N SER K 131 -16.14 40.44 -10.93
CA SER K 131 -16.56 41.12 -12.14
C SER K 131 -15.91 40.50 -13.38
N SER K 132 -15.87 39.18 -13.41
CA SER K 132 -15.28 38.46 -14.53
C SER K 132 -16.41 38.11 -15.50
N LYS K 133 -16.22 38.46 -16.77
CA LYS K 133 -17.21 38.18 -17.79
C LYS K 133 -17.10 36.75 -18.30
N THR K 134 -15.91 36.16 -18.15
CA THR K 134 -15.67 34.81 -18.61
C THR K 134 -15.22 33.86 -17.50
N LEU K 135 -15.81 32.67 -17.46
CA LEU K 135 -15.44 31.65 -16.47
C LEU K 135 -14.96 30.42 -17.23
N VAL K 136 -13.66 30.23 -17.32
CA VAL K 136 -13.10 29.09 -18.02
C VAL K 136 -13.09 27.83 -17.16
N VAL K 137 -13.80 26.79 -17.61
CA VAL K 137 -13.86 25.53 -16.86
C VAL K 137 -13.03 24.45 -17.56
N ALA K 138 -11.78 24.31 -17.15
CA ALA K 138 -10.89 23.32 -17.74
C ALA K 138 -11.07 21.95 -17.10
N THR K 139 -11.64 21.02 -17.88
CA THR K 139 -11.88 19.65 -17.41
C THR K 139 -11.12 18.63 -18.25
N ASN K 140 -11.54 17.37 -18.22
CA ASN K 140 -10.87 16.28 -18.97
C ASN K 140 -11.49 16.01 -20.34
N VAL K 141 -12.57 16.71 -20.64
CA VAL K 141 -13.28 16.58 -21.91
C VAL K 141 -12.96 17.78 -22.80
N ASP K 142 -13.06 17.62 -24.11
CA ASP K 142 -12.77 18.72 -25.02
C ASP K 142 -13.87 19.78 -25.01
N GLY K 143 -15.01 19.44 -24.43
CA GLY K 143 -16.11 20.39 -24.36
C GLY K 143 -17.35 19.79 -23.75
N VAL K 144 -18.50 20.19 -24.29
CA VAL K 144 -19.79 19.72 -23.79
C VAL K 144 -20.48 18.68 -24.71
N TYR K 145 -20.60 17.45 -24.21
CA TYR K 145 -21.25 16.38 -24.95
C TYR K 145 -22.64 16.15 -24.36
N GLU K 146 -23.61 15.86 -25.21
CA GLU K 146 -24.98 15.64 -24.79
C GLU K 146 -25.16 14.50 -23.77
N LYS K 147 -24.10 13.70 -23.57
CA LYS K 147 -24.16 12.59 -22.63
C LYS K 147 -22.78 11.97 -22.34
N ASP K 148 -21.72 12.74 -22.57
CA ASP K 148 -20.35 12.26 -22.35
C ASP K 148 -20.00 11.13 -23.33
N PRO K 149 -18.70 10.83 -23.50
CA PRO K 149 -18.22 9.78 -24.40
C PRO K 149 -19.09 8.52 -24.56
N ARG K 150 -19.77 8.11 -23.49
CA ARG K 150 -20.61 6.92 -23.53
C ARG K 150 -21.82 7.09 -24.46
N LEU K 157 -19.74 16.74 -30.06
CA LEU K 157 -19.12 17.85 -29.35
C LEU K 157 -19.84 19.15 -29.65
N ILE K 158 -20.83 19.47 -28.81
CA ILE K 158 -21.60 20.69 -28.98
C ILE K 158 -20.66 21.89 -29.08
N PRO K 159 -20.98 22.86 -29.95
CA PRO K 159 -20.14 24.06 -30.13
C PRO K 159 -20.59 25.20 -29.21
N HIS K 160 -21.81 25.68 -29.42
CA HIS K 160 -22.39 26.75 -28.62
C HIS K 160 -23.62 26.20 -27.93
N LEU K 161 -24.29 27.06 -27.15
CA LEU K 161 -25.50 26.68 -26.43
C LEU K 161 -25.85 27.74 -25.40
N THR K 162 -26.97 27.55 -24.74
CA THR K 162 -27.43 28.50 -23.72
C THR K 162 -27.34 27.87 -22.33
N THR K 163 -27.68 28.67 -21.32
CA THR K 163 -27.66 28.24 -19.94
C THR K 163 -28.78 27.24 -19.65
N GLN K 164 -29.96 27.46 -20.23
CA GLN K 164 -31.08 26.56 -19.99
C GLN K 164 -30.89 25.25 -20.74
N ASP K 165 -30.05 25.29 -21.79
CA ASP K 165 -29.76 24.10 -22.57
C ASP K 165 -29.09 23.09 -21.66
N LEU K 166 -27.97 23.51 -21.10
CA LEU K 166 -27.19 22.68 -20.20
C LEU K 166 -28.03 22.26 -19.00
N ARG K 167 -29.00 23.09 -18.63
CA ARG K 167 -29.89 22.76 -17.51
C ARG K 167 -30.52 21.42 -17.84
N LYS K 168 -31.18 21.36 -18.99
CA LYS K 168 -31.84 20.15 -19.45
C LYS K 168 -30.82 19.02 -19.65
N ILE K 169 -29.90 19.19 -20.62
CA ILE K 169 -28.87 18.18 -20.86
C ILE K 169 -28.65 17.41 -19.56
N LEU K 183 -21.35 18.90 -13.84
CA LEU K 183 -20.36 19.92 -14.16
C LEU K 183 -20.72 21.25 -13.47
N LEU K 184 -21.77 21.91 -13.97
CA LEU K 184 -22.23 23.17 -13.40
C LEU K 184 -23.44 22.94 -12.52
N ASP K 185 -23.22 22.70 -11.23
CA ASP K 185 -24.32 22.44 -10.31
C ASP K 185 -25.36 23.59 -10.32
N PRO K 186 -26.48 23.41 -9.61
CA PRO K 186 -27.52 24.45 -9.57
C PRO K 186 -27.03 25.86 -9.27
N LEU K 187 -26.38 26.04 -8.12
CA LEU K 187 -25.89 27.36 -7.72
C LEU K 187 -25.04 28.01 -8.82
N ALA K 188 -24.13 27.26 -9.39
CA ALA K 188 -23.25 27.79 -10.43
C ALA K 188 -24.02 28.36 -11.61
N ILE K 189 -25.04 27.62 -12.05
CA ILE K 189 -25.85 28.06 -13.18
C ILE K 189 -26.60 29.33 -12.80
N LYS K 190 -27.18 29.31 -11.61
CA LYS K 190 -27.93 30.44 -11.09
C LYS K 190 -27.08 31.71 -11.12
N ILE K 191 -25.82 31.58 -10.70
CA ILE K 191 -24.91 32.71 -10.68
C ILE K 191 -24.50 33.17 -12.08
N VAL K 192 -24.00 32.27 -12.91
CA VAL K 192 -23.58 32.64 -14.25
C VAL K 192 -24.72 33.27 -15.04
N GLU K 193 -25.96 32.91 -14.68
CA GLU K 193 -27.13 33.46 -15.34
C GLU K 193 -27.45 34.87 -14.84
N ARG K 194 -27.77 34.98 -13.56
CA ARG K 194 -28.12 36.27 -12.97
C ARG K 194 -27.08 37.38 -13.21
N SER K 195 -25.82 37.00 -13.36
CA SER K 195 -24.75 37.98 -13.59
C SER K 195 -24.21 37.90 -15.00
N LYS K 196 -24.85 37.08 -15.82
CA LYS K 196 -24.48 36.91 -17.23
C LYS K 196 -22.99 36.72 -17.46
N ILE K 197 -22.47 35.61 -16.98
CA ILE K 197 -21.06 35.27 -17.15
C ILE K 197 -21.02 34.14 -18.15
N ARG K 198 -20.21 34.27 -19.19
CA ARG K 198 -20.12 33.22 -20.19
C ARG K 198 -19.10 32.16 -19.76
N VAL K 199 -19.54 30.90 -19.77
CA VAL K 199 -18.71 29.78 -19.38
C VAL K 199 -18.05 29.10 -20.58
N ILE K 200 -16.74 28.91 -20.52
CA ILE K 200 -16.02 28.24 -21.60
C ILE K 200 -15.50 26.90 -21.07
N VAL K 201 -16.14 25.80 -21.49
CA VAL K 201 -15.69 24.49 -21.04
C VAL K 201 -14.59 24.04 -21.99
N MET K 202 -13.45 23.65 -21.44
CA MET K 202 -12.31 23.21 -22.24
C MET K 202 -11.57 22.05 -21.59
N ASN K 203 -10.59 21.52 -22.31
CA ASN K 203 -9.78 20.42 -21.80
C ASN K 203 -8.52 21.04 -21.19
N TYR K 204 -8.26 20.74 -19.92
CA TYR K 204 -7.08 21.30 -19.28
C TYR K 204 -5.79 20.87 -19.98
N ARG K 205 -5.90 19.87 -20.84
CA ARG K 205 -4.75 19.41 -21.60
C ARG K 205 -4.35 20.48 -22.60
N LYS K 206 -5.26 21.43 -22.81
CA LYS K 206 -5.05 22.51 -23.77
C LYS K 206 -4.85 23.88 -23.12
N LEU K 207 -4.62 23.90 -21.82
CA LEU K 207 -4.40 25.16 -21.11
C LEU K 207 -3.31 25.98 -21.78
N ASN K 208 -2.21 25.32 -22.17
CA ASN K 208 -1.08 25.98 -22.83
C ASN K 208 -1.51 26.95 -23.93
N ARG K 209 -2.71 26.75 -24.46
CA ARG K 209 -3.27 27.62 -25.50
C ARG K 209 -4.62 28.17 -25.06
N ILE K 210 -4.65 28.64 -23.83
CA ILE K 210 -5.82 29.23 -23.19
C ILE K 210 -6.20 30.54 -23.89
N ILE K 211 -5.18 31.26 -24.35
CA ILE K 211 -5.40 32.53 -25.03
C ILE K 211 -6.38 32.38 -26.19
N ASP K 212 -6.05 31.47 -27.09
CA ASP K 212 -6.88 31.21 -28.26
C ASP K 212 -8.28 30.72 -27.91
N ILE K 213 -8.37 29.94 -26.83
CA ILE K 213 -9.65 29.43 -26.37
C ILE K 213 -10.58 30.59 -26.05
N LEU K 214 -10.00 31.64 -25.45
CA LEU K 214 -10.75 32.85 -25.07
C LEU K 214 -11.18 33.68 -26.27
N LYS K 215 -10.52 33.46 -27.41
CA LYS K 215 -10.83 34.18 -28.62
C LYS K 215 -11.82 33.39 -29.48
N GLY K 216 -11.87 32.09 -29.23
CA GLY K 216 -12.78 31.23 -29.96
C GLY K 216 -12.00 30.46 -31.01
N GLU K 217 -10.70 30.73 -31.07
CA GLU K 217 -9.81 30.08 -32.04
C GLU K 217 -9.25 28.77 -31.51
N GLU K 218 -10.12 27.87 -31.06
CA GLU K 218 -9.67 26.59 -30.54
C GLU K 218 -10.81 25.69 -30.08
N VAL K 219 -10.46 24.48 -29.66
CA VAL K 219 -11.42 23.47 -29.20
C VAL K 219 -12.07 23.88 -27.89
N SER K 220 -13.39 24.07 -27.89
CA SER K 220 -14.10 24.46 -26.66
C SER K 220 -15.59 24.70 -26.86
N SER K 221 -16.34 24.52 -25.77
CA SER K 221 -17.78 24.74 -25.78
C SER K 221 -18.04 26.04 -25.03
N ILE K 222 -18.48 27.07 -25.74
CA ILE K 222 -18.75 28.36 -25.10
C ILE K 222 -20.22 28.56 -24.74
N ILE K 223 -20.57 28.27 -23.48
CA ILE K 223 -21.95 28.42 -23.02
C ILE K 223 -22.27 29.91 -22.94
N GLU K 224 -23.35 30.33 -23.58
CA GLU K 224 -23.74 31.73 -23.57
C GLU K 224 -24.85 32.01 -22.56
N PRO K 225 -24.78 33.16 -21.88
CA PRO K 225 -25.78 33.55 -20.88
C PRO K 225 -27.02 34.14 -21.55
N VAL K 226 -28.18 33.58 -21.22
CA VAL K 226 -29.45 34.05 -21.79
C VAL K 226 -30.59 33.96 -20.79
N MET L 1 -4.63 12.27 33.73
CA MET L 1 -3.93 13.57 33.49
C MET L 1 -3.95 13.94 32.01
N ASN L 2 -2.88 14.57 31.55
CA ASN L 2 -2.75 15.00 30.16
C ASN L 2 -1.75 14.15 29.39
N ILE L 3 -2.15 13.70 28.20
CA ILE L 3 -1.29 12.87 27.37
C ILE L 3 -1.45 13.23 25.89
N ILE L 4 -0.37 13.19 25.15
CA ILE L 4 -0.41 13.50 23.73
C ILE L 4 -0.18 12.23 22.93
N LEU L 5 -1.05 12.00 21.95
CA LEU L 5 -0.98 10.81 21.11
C LEU L 5 -0.58 11.23 19.70
N LYS L 6 0.61 10.83 19.29
CA LYS L 6 1.11 11.12 17.97
C LYS L 6 0.80 9.92 17.09
N ILE L 7 -0.12 10.08 16.14
CA ILE L 7 -0.50 9.02 15.23
C ILE L 7 0.33 9.18 13.94
N SER L 8 1.08 8.14 13.59
CA SER L 8 1.92 8.17 12.40
C SER L 8 1.12 8.41 11.13
N GLY L 9 1.75 9.06 10.16
CA GLY L 9 1.08 9.36 8.89
C GLY L 9 0.59 8.14 8.14
N LYS L 10 1.34 7.03 8.23
CA LYS L 10 1.00 5.78 7.55
C LYS L 10 -0.36 5.25 7.95
N PHE L 11 -0.76 5.55 9.18
CA PHE L 11 -2.03 5.11 9.74
C PHE L 11 -3.20 5.54 8.87
N PHE L 12 -3.00 6.57 8.06
CA PHE L 12 -4.08 7.06 7.22
C PHE L 12 -3.98 6.62 5.77
N ASP L 13 -2.98 5.81 5.46
CA ASP L 13 -2.79 5.35 4.10
C ASP L 13 -3.28 3.93 3.94
N GLU L 14 -3.49 3.25 5.06
CA GLU L 14 -3.90 1.86 5.04
C GLU L 14 -5.20 1.51 4.35
N ASP L 15 -6.25 2.29 4.54
CA ASP L 15 -7.50 1.93 3.86
C ASP L 15 -8.22 0.74 4.49
N ASN L 16 -8.73 0.94 5.70
CA ASN L 16 -9.46 -0.07 6.44
C ASN L 16 -10.27 0.68 7.49
N VAL L 17 -11.58 0.45 7.52
CA VAL L 17 -12.42 1.11 8.49
C VAL L 17 -11.93 0.91 9.92
N ASP L 18 -11.58 -0.32 10.28
CA ASP L 18 -11.14 -0.59 11.65
C ASP L 18 -10.09 0.36 12.17
N ASN L 19 -9.36 0.97 11.25
CA ASN L 19 -8.30 1.93 11.62
C ASN L 19 -8.88 3.13 12.35
N LEU L 20 -9.78 3.86 11.70
CA LEU L 20 -10.39 5.02 12.31
C LEU L 20 -11.24 4.59 13.47
N ILE L 21 -12.04 3.55 13.28
CA ILE L 21 -12.91 3.07 14.34
C ILE L 21 -12.16 2.84 15.62
N VAL L 22 -11.14 1.99 15.58
CA VAL L 22 -10.37 1.68 16.78
C VAL L 22 -9.65 2.91 17.36
N LEU L 23 -9.27 3.86 16.51
CA LEU L 23 -8.61 5.06 17.02
C LEU L 23 -9.63 5.80 17.88
N ARG L 24 -10.85 5.92 17.36
CA ARG L 24 -11.93 6.58 18.08
C ARG L 24 -12.13 5.84 19.40
N GLN L 25 -12.07 4.52 19.34
CA GLN L 25 -12.24 3.68 20.51
C GLN L 25 -11.33 4.08 21.66
N SER L 26 -10.03 3.95 21.41
CA SER L 26 -9.02 4.24 22.42
C SER L 26 -9.15 5.61 23.05
N ILE L 27 -9.54 6.61 22.26
CA ILE L 27 -9.69 7.97 22.81
C ILE L 27 -10.71 7.94 23.93
N LYS L 28 -11.90 7.44 23.63
CA LYS L 28 -12.96 7.35 24.62
C LYS L 28 -12.46 6.63 25.87
N GLU L 29 -11.72 5.55 25.69
CA GLU L 29 -11.19 4.85 26.84
C GLU L 29 -10.24 5.76 27.62
N LEU L 30 -9.29 6.36 26.90
CA LEU L 30 -8.33 7.26 27.51
C LEU L 30 -9.11 8.33 28.28
N ALA L 31 -10.27 8.68 27.75
CA ALA L 31 -11.12 9.68 28.39
C ALA L 31 -11.73 9.06 29.65
N ASP L 32 -12.43 7.93 29.49
CA ASP L 32 -13.06 7.27 30.63
C ASP L 32 -12.01 6.78 31.62
N ASN L 33 -10.78 7.26 31.47
CA ASN L 33 -9.67 6.90 32.35
C ASN L 33 -9.08 8.15 32.95
N GLY L 34 -9.80 9.25 32.79
CA GLY L 34 -9.36 10.52 33.35
C GLY L 34 -8.18 11.10 32.60
N PHE L 35 -8.16 10.96 31.29
CA PHE L 35 -7.07 11.51 30.51
C PHE L 35 -7.60 12.56 29.57
N ARG L 36 -6.89 13.66 29.46
CA ARG L 36 -7.26 14.67 28.47
C ARG L 36 -6.33 14.25 27.34
N VAL L 37 -6.85 14.16 26.12
CA VAL L 37 -6.01 13.72 25.03
C VAL L 37 -5.76 14.75 23.93
N GLY L 38 -4.51 14.85 23.52
CA GLY L 38 -4.16 15.75 22.44
C GLY L 38 -3.66 14.83 21.34
N ILE L 39 -4.19 14.97 20.13
CA ILE L 39 -3.77 14.12 19.04
C ILE L 39 -3.05 14.88 17.94
N VAL L 40 -1.92 14.33 17.50
CA VAL L 40 -1.14 14.93 16.43
C VAL L 40 -1.12 13.91 15.29
N THR L 41 -1.55 14.32 14.10
CA THR L 41 -1.55 13.41 12.97
C THR L 41 -0.54 13.79 11.92
N GLY L 42 0.22 12.78 11.47
CA GLY L 42 1.23 13.00 10.45
C GLY L 42 0.64 13.12 9.06
N GLY L 43 1.46 13.57 8.10
CA GLY L 43 1.00 13.76 6.74
C GLY L 43 0.82 12.51 5.91
N GLY L 44 1.65 11.50 6.18
CA GLY L 44 1.55 10.25 5.46
C GLY L 44 1.84 10.34 3.96
N SER L 45 1.30 9.38 3.22
CA SER L 45 1.51 9.34 1.78
C SER L 45 0.95 10.57 1.04
N THR L 46 -0.13 11.15 1.55
CA THR L 46 -0.72 12.33 0.93
C THR L 46 0.35 13.42 0.93
N ALA L 47 1.04 13.53 2.05
CA ALA L 47 2.10 14.49 2.21
C ALA L 47 3.18 14.24 1.17
N ARG L 48 3.74 13.03 1.14
CA ARG L 48 4.80 12.67 0.19
C ARG L 48 4.42 12.85 -1.26
N ARG L 49 3.19 12.46 -1.61
CA ARG L 49 2.70 12.61 -2.97
C ARG L 49 2.81 14.08 -3.42
N TYR L 50 2.29 15.01 -2.60
CA TYR L 50 2.36 16.43 -2.94
C TYR L 50 3.75 17.06 -2.86
N ILE L 51 4.56 16.62 -1.91
CA ILE L 51 5.92 17.15 -1.77
C ILE L 51 6.73 16.75 -3.00
N LYS L 52 6.54 15.49 -3.39
CA LYS L 52 7.21 14.88 -4.53
C LYS L 52 6.75 15.53 -5.83
N LEU L 53 5.47 15.90 -5.88
CA LEU L 53 4.90 16.53 -7.05
C LEU L 53 5.37 17.98 -7.13
N ALA L 54 5.41 18.66 -5.98
CA ALA L 54 5.83 20.05 -5.92
C ALA L 54 7.32 20.18 -6.22
N ARG L 55 8.13 19.39 -5.52
CA ARG L 55 9.58 19.41 -5.71
C ARG L 55 9.93 19.18 -7.17
N GLU L 56 9.11 18.35 -7.80
CA GLU L 56 9.28 17.98 -9.19
C GLU L 56 9.20 19.17 -10.13
N ILE L 57 8.53 20.24 -9.73
CA ILE L 57 8.44 21.43 -10.57
C ILE L 57 9.23 22.61 -10.05
N GLY L 58 10.04 22.37 -9.03
CA GLY L 58 10.88 23.42 -8.47
C GLY L 58 10.36 24.26 -7.32
N ILE L 59 9.39 23.75 -6.57
CA ILE L 59 8.87 24.50 -5.42
C ILE L 59 9.90 24.47 -4.28
N GLY L 60 10.15 25.64 -3.69
CA GLY L 60 11.12 25.75 -2.62
C GLY L 60 10.92 24.77 -1.48
N GLU L 61 11.96 24.56 -0.69
CA GLU L 61 11.87 23.61 0.40
C GLU L 61 10.90 24.09 1.47
N ALA L 62 10.81 25.40 1.66
CA ALA L 62 9.91 25.97 2.66
C ALA L 62 8.48 25.52 2.39
N TYR L 63 8.03 25.78 1.17
CA TYR L 63 6.70 25.45 0.72
C TYR L 63 6.45 23.95 0.66
N LEU L 64 7.47 23.18 0.32
CA LEU L 64 7.30 21.74 0.29
C LEU L 64 6.89 21.31 1.68
N ASP L 65 7.47 21.95 2.69
CA ASP L 65 7.11 21.64 4.06
C ASP L 65 5.66 22.02 4.30
N LEU L 66 5.27 23.21 3.84
CA LEU L 66 3.90 23.64 4.03
C LEU L 66 2.93 22.61 3.48
N LEU L 67 3.16 22.19 2.24
CA LEU L 67 2.30 21.19 1.61
C LEU L 67 2.17 19.97 2.49
N GLY L 68 3.28 19.55 3.11
CA GLY L 68 3.23 18.42 3.99
C GLY L 68 2.43 18.74 5.22
N ILE L 69 2.56 19.97 5.69
CA ILE L 69 1.83 20.40 6.88
C ILE L 69 0.35 20.35 6.57
N TRP L 70 -0.03 20.85 5.39
CA TRP L 70 -1.44 20.86 5.03
C TRP L 70 -1.97 19.46 4.94
N ALA L 71 -1.19 18.57 4.35
CA ALA L 71 -1.60 17.18 4.22
C ALA L 71 -1.83 16.58 5.61
N SER L 72 -0.96 16.93 6.57
CA SER L 72 -1.11 16.41 7.91
C SER L 72 -2.37 16.96 8.57
N ARG L 73 -2.76 18.18 8.21
CA ARG L 73 -3.97 18.79 8.79
C ARG L 73 -5.21 18.13 8.23
N LEU L 74 -5.16 17.77 6.94
CA LEU L 74 -6.28 17.09 6.30
C LEU L 74 -6.54 15.79 7.07
N ASN L 75 -5.49 15.16 7.56
CA ASN L 75 -5.62 13.93 8.34
C ASN L 75 -6.12 14.30 9.73
N ALA L 76 -5.78 15.51 10.15
CA ALA L 76 -6.16 16.05 11.45
C ALA L 76 -7.66 16.25 11.46
N TYR L 77 -8.19 16.84 10.39
CA TYR L 77 -9.62 17.09 10.29
C TYR L 77 -10.38 15.80 10.25
N LEU L 78 -9.88 14.81 9.51
CA LEU L 78 -10.53 13.51 9.43
C LEU L 78 -10.66 12.90 10.83
N VAL L 79 -9.57 12.95 11.60
CA VAL L 79 -9.61 12.38 12.93
C VAL L 79 -10.60 13.16 13.78
N MET L 80 -10.66 14.47 13.57
CA MET L 80 -11.56 15.31 14.35
C MET L 80 -13.04 14.99 14.12
N PHE L 81 -13.46 15.04 12.87
CA PHE L 81 -14.83 14.75 12.50
C PHE L 81 -15.39 13.45 13.06
N SER L 82 -14.52 12.46 13.20
CA SER L 82 -14.92 11.15 13.72
C SER L 82 -15.02 11.19 15.23
N LEU L 83 -14.33 12.15 15.83
CA LEU L 83 -14.31 12.30 17.28
C LEU L 83 -15.41 13.26 17.72
N GLN L 84 -16.09 13.85 16.73
CA GLN L 84 -17.15 14.83 16.96
C GLN L 84 -17.78 14.77 18.35
N ASP L 85 -17.92 15.95 18.96
CA ASP L 85 -18.52 16.08 20.29
C ASP L 85 -17.55 15.74 21.40
N LEU L 86 -16.34 15.33 21.03
CA LEU L 86 -15.32 14.98 22.00
C LEU L 86 -14.16 15.89 21.76
N ALA L 87 -14.11 16.41 20.55
CA ALA L 87 -13.03 17.29 20.19
C ALA L 87 -13.51 18.70 19.96
N TYR L 88 -12.59 19.63 20.14
CA TYR L 88 -12.89 21.01 19.90
C TYR L 88 -12.75 21.09 18.39
N MET L 89 -13.81 21.47 17.71
CA MET L 89 -13.81 21.56 16.25
C MET L 89 -12.89 22.61 15.60
N HIS L 90 -11.61 22.50 15.85
CA HIS L 90 -10.65 23.42 15.25
C HIS L 90 -9.27 22.75 15.21
N VAL L 91 -8.51 23.04 14.15
CA VAL L 91 -7.18 22.49 14.01
C VAL L 91 -6.14 23.59 14.11
N PRO L 92 -5.56 23.76 15.30
CA PRO L 92 -4.53 24.78 15.56
C PRO L 92 -3.42 24.68 14.55
N GLN L 93 -2.90 25.82 14.10
CA GLN L 93 -1.82 25.82 13.12
C GLN L 93 -0.49 26.33 13.68
N SER L 94 -0.43 26.48 14.99
CA SER L 94 0.76 26.97 15.68
C SER L 94 0.66 26.53 17.13
N LEU L 95 1.80 26.41 17.80
CA LEU L 95 1.76 26.02 19.19
C LEU L 95 0.88 26.97 20.00
N GLU L 96 1.00 28.27 19.72
CA GLU L 96 0.21 29.28 20.42
C GLU L 96 -1.27 28.96 20.27
N GLU L 97 -1.72 28.76 19.04
CA GLU L 97 -3.12 28.43 18.80
C GLU L 97 -3.55 27.18 19.55
N PHE L 98 -2.68 26.19 19.65
CA PHE L 98 -2.98 24.94 20.35
C PHE L 98 -3.32 25.24 21.80
N ILE L 99 -2.45 26.05 22.41
CA ILE L 99 -2.59 26.46 23.80
C ILE L 99 -3.98 27.04 24.02
N GLN L 100 -4.40 27.85 23.05
CA GLN L 100 -5.69 28.47 23.08
C GLN L 100 -6.81 27.44 23.01
N ASP L 101 -6.79 26.61 21.97
CA ASP L 101 -7.81 25.56 21.80
C ASP L 101 -7.81 24.54 22.93
N TRP L 102 -6.63 24.30 23.49
CA TRP L 102 -6.51 23.35 24.58
C TRP L 102 -7.28 23.85 25.82
N SER L 103 -7.51 25.17 25.89
CA SER L 103 -8.21 25.76 27.02
C SER L 103 -9.64 25.26 27.15
N HIS L 104 -10.30 25.07 26.01
CA HIS L 104 -11.69 24.63 26.00
C HIS L 104 -11.97 23.28 26.65
N GLY L 105 -10.93 22.63 27.16
CA GLY L 105 -11.10 21.35 27.82
C GLY L 105 -11.58 20.16 27.00
N LYS L 106 -11.43 20.21 25.69
CA LYS L 106 -11.85 19.09 24.85
C LYS L 106 -10.66 18.54 24.07
N VAL L 107 -10.84 17.36 23.48
CA VAL L 107 -9.76 16.78 22.70
C VAL L 107 -9.38 17.76 21.60
N VAL L 108 -8.09 17.88 21.30
CA VAL L 108 -7.64 18.78 20.26
C VAL L 108 -6.85 17.96 19.28
N VAL L 109 -7.09 18.14 17.99
CA VAL L 109 -6.34 17.39 16.99
C VAL L 109 -5.48 18.35 16.17
N THR L 110 -4.18 18.11 16.14
CA THR L 110 -3.24 18.98 15.41
C THR L 110 -2.47 18.35 14.26
N GLY L 111 -1.98 19.21 13.39
CA GLY L 111 -1.19 18.80 12.27
C GLY L 111 0.13 19.53 12.41
N GLY L 112 0.76 19.86 11.29
CA GLY L 112 2.03 20.56 11.36
C GLY L 112 1.89 22.00 11.81
N PHE L 113 3.01 22.61 12.20
CA PHE L 113 3.06 24.01 12.65
C PHE L 113 3.99 24.83 11.78
N GLN L 114 5.27 24.50 11.86
CA GLN L 114 6.31 25.22 11.16
C GLN L 114 7.24 24.35 10.31
N PRO L 115 7.76 24.90 9.21
CA PRO L 115 8.68 24.20 8.31
C PRO L 115 9.93 23.79 9.04
N GLY L 116 10.71 22.89 8.44
CA GLY L 116 11.95 22.46 9.06
C GLY L 116 11.86 21.43 10.18
N GLN L 117 10.67 20.90 10.45
CA GLN L 117 10.54 19.88 11.51
C GLN L 117 9.47 18.85 11.10
N SER L 118 9.10 17.97 12.02
CA SER L 118 8.08 16.97 11.72
C SER L 118 6.99 17.02 12.78
N THR L 119 5.93 16.28 12.54
CA THR L 119 4.83 16.24 13.49
C THR L 119 5.35 15.65 14.81
N ALA L 120 6.53 15.05 14.79
CA ALA L 120 7.12 14.50 16.00
C ALA L 120 7.45 15.70 16.88
N ALA L 121 8.09 16.69 16.27
CA ALA L 121 8.46 17.92 16.96
C ALA L 121 7.17 18.52 17.53
N VAL L 122 6.15 18.66 16.68
CA VAL L 122 4.87 19.20 17.10
C VAL L 122 4.33 18.45 18.29
N ALA L 123 4.30 17.12 18.19
CA ALA L 123 3.78 16.31 19.27
C ALA L 123 4.49 16.71 20.57
N ALA L 124 5.81 16.80 20.51
CA ALA L 124 6.58 17.15 21.69
C ALA L 124 6.17 18.52 22.23
N LEU L 125 6.25 19.54 21.38
CA LEU L 125 5.88 20.90 21.74
C LEU L 125 4.54 20.90 22.44
N VAL L 126 3.55 20.36 21.76
CA VAL L 126 2.21 20.28 22.30
C VAL L 126 2.18 19.50 23.62
N ALA L 127 3.04 18.50 23.76
CA ALA L 127 3.08 17.72 24.99
C ALA L 127 3.58 18.60 26.13
N GLU L 128 4.57 19.42 25.81
CA GLU L 128 5.15 20.34 26.77
C GLU L 128 4.08 21.34 27.20
N ALA L 129 3.67 22.18 26.26
CA ALA L 129 2.65 23.19 26.48
C ALA L 129 1.41 22.67 27.19
N SER L 130 1.10 21.38 27.03
CA SER L 130 -0.09 20.81 27.67
C SER L 130 0.22 20.15 29.01
N SER L 131 1.47 20.24 29.43
CA SER L 131 1.87 19.64 30.71
C SER L 131 1.63 18.14 30.73
N SER L 132 1.90 17.50 29.60
CA SER L 132 1.73 16.06 29.46
C SER L 132 3.03 15.36 29.83
N LYS L 133 2.97 14.42 30.75
CA LYS L 133 4.16 13.68 31.17
C LYS L 133 4.52 12.55 30.20
N THR L 134 3.55 12.11 29.42
CA THR L 134 3.74 11.02 28.48
C THR L 134 3.34 11.40 27.06
N LEU L 135 4.21 11.07 26.10
CA LEU L 135 3.94 11.34 24.69
C LEU L 135 3.96 9.98 24.01
N VAL L 136 2.79 9.49 23.64
CA VAL L 136 2.70 8.19 22.97
C VAL L 136 2.87 8.32 21.47
N VAL L 137 3.88 7.67 20.92
CA VAL L 137 4.13 7.71 19.48
C VAL L 137 3.73 6.40 18.84
N ALA L 138 2.51 6.36 18.32
CA ALA L 138 1.96 5.16 17.68
C ALA L 138 2.28 5.10 16.19
N THR L 139 3.12 4.15 15.82
CA THR L 139 3.51 4.04 14.45
C THR L 139 3.30 2.61 13.95
N ASN L 140 3.80 2.31 12.75
CA ASN L 140 3.63 1.00 12.14
C ASN L 140 4.73 0.04 12.56
N VAL L 141 5.30 0.30 13.73
CA VAL L 141 6.39 -0.51 14.25
C VAL L 141 6.08 -0.93 15.70
N ASP L 142 6.74 -1.97 16.21
CA ASP L 142 6.43 -2.39 17.57
C ASP L 142 7.21 -1.66 18.64
N GLY L 143 8.17 -0.86 18.23
CA GLY L 143 8.97 -0.14 19.20
C GLY L 143 10.34 0.23 18.66
N VAL L 144 11.28 0.49 19.56
CA VAL L 144 12.62 0.89 19.15
C VAL L 144 13.65 -0.24 19.17
N TYR L 145 14.45 -0.29 18.10
CA TYR L 145 15.49 -1.29 17.94
C TYR L 145 16.81 -0.56 17.76
N GLU L 146 17.88 -1.08 18.36
CA GLU L 146 19.20 -0.49 18.23
C GLU L 146 19.75 -0.63 16.82
N LYS L 147 19.03 -1.36 15.99
CA LYS L 147 19.39 -1.60 14.59
C LYS L 147 18.12 -1.86 13.79
N ASP L 148 18.08 -1.41 12.54
CA ASP L 148 16.88 -1.62 11.71
C ASP L 148 16.60 -3.11 11.55
N PRO L 149 15.54 -3.61 12.19
CA PRO L 149 15.19 -5.02 12.11
C PRO L 149 15.05 -5.59 10.70
N ARG L 150 14.54 -4.78 9.78
CA ARG L 150 14.35 -5.28 8.43
C ARG L 150 15.61 -5.32 7.58
N ILE L 151 16.74 -5.19 8.25
CA ILE L 151 18.03 -5.24 7.57
C ILE L 151 18.90 -6.05 8.47
N TYR L 152 18.82 -5.74 9.74
CA TYR L 152 19.54 -6.53 10.68
C TYR L 152 18.60 -7.53 11.23
N ALA L 153 18.86 -8.74 10.81
CA ALA L 153 18.06 -9.84 11.18
C ALA L 153 18.50 -10.21 12.54
N ASP L 154 17.51 -10.53 13.37
CA ASP L 154 17.64 -10.95 14.80
C ASP L 154 18.30 -9.97 15.73
N VAL L 155 17.65 -8.81 15.74
CA VAL L 155 17.92 -7.68 16.57
C VAL L 155 16.78 -7.69 17.55
N LYS L 156 17.07 -7.38 18.81
CA LYS L 156 16.06 -7.39 19.86
C LYS L 156 15.36 -6.04 20.01
N LEU L 157 14.13 -6.05 20.52
CA LEU L 157 13.41 -4.81 20.74
C LEU L 157 13.75 -4.31 22.15
N ILE L 158 14.00 -3.00 22.26
CA ILE L 158 14.37 -2.40 23.53
C ILE L 158 13.15 -1.89 24.30
N PRO L 159 12.77 -2.57 25.38
CA PRO L 159 11.61 -2.08 26.12
C PRO L 159 11.87 -0.81 26.95
N HIS L 160 13.14 -0.48 27.20
CA HIS L 160 13.52 0.72 27.96
C HIS L 160 14.84 1.31 27.57
N LEU L 161 14.88 2.62 27.36
CA LEU L 161 16.10 3.34 27.03
C LEU L 161 15.94 4.81 27.39
N THR L 162 17.04 5.52 27.51
CA THR L 162 17.02 6.94 27.86
C THR L 162 17.09 7.73 26.58
N THR L 163 16.87 9.05 26.66
CA THR L 163 16.96 9.87 25.46
C THR L 163 18.37 9.77 24.88
N GLN L 164 19.33 9.48 25.75
CA GLN L 164 20.72 9.35 25.33
C GLN L 164 20.88 8.16 24.40
N ASP L 165 20.31 7.03 24.81
CA ASP L 165 20.38 5.81 24.00
C ASP L 165 19.79 6.10 22.62
N LEU L 166 18.53 6.51 22.58
CA LEU L 166 17.86 6.81 21.32
C LEU L 166 18.80 7.67 20.47
N ARG L 167 19.52 8.57 21.13
CA ARG L 167 20.50 9.44 20.47
C ARG L 167 21.55 8.67 19.67
N LYS L 168 22.34 7.87 20.37
CA LYS L 168 23.37 7.07 19.70
C LYS L 168 22.79 6.46 18.44
N ILE L 169 21.73 5.66 18.63
CA ILE L 169 21.04 4.97 17.56
C ILE L 169 20.91 5.80 16.29
N LEU L 170 20.40 7.02 16.43
CA LEU L 170 20.20 7.91 15.29
C LEU L 170 21.47 8.69 14.89
N LEU L 183 12.34 8.88 13.72
CA LEU L 183 11.33 8.50 14.72
C LEU L 183 11.01 9.74 15.54
N LEU L 184 12.09 10.44 15.91
CA LEU L 184 12.03 11.67 16.67
C LEU L 184 13.14 12.55 16.10
N ASP L 185 12.80 13.75 15.62
CA ASP L 185 13.80 14.65 15.06
C ASP L 185 14.49 15.45 16.17
N PRO L 186 15.48 16.28 15.82
CA PRO L 186 16.20 17.07 16.83
C PRO L 186 15.34 17.88 17.82
N LEU L 187 14.46 18.73 17.29
CA LEU L 187 13.59 19.55 18.12
C LEU L 187 12.80 18.73 19.10
N ALA L 188 12.21 17.63 18.64
CA ALA L 188 11.42 16.77 19.51
C ALA L 188 12.20 16.24 20.69
N ILE L 189 13.42 15.76 20.43
CA ILE L 189 14.26 15.23 21.50
C ILE L 189 14.60 16.36 22.47
N LYS L 190 14.99 17.51 21.92
CA LYS L 190 15.32 18.67 22.73
C LYS L 190 14.18 18.97 23.71
N ILE L 191 12.96 19.00 23.20
CA ILE L 191 11.79 19.28 24.02
C ILE L 191 11.53 18.20 25.08
N VAL L 192 11.40 16.94 24.66
CA VAL L 192 11.13 15.87 25.61
C VAL L 192 12.18 15.82 26.70
N GLU L 193 13.38 16.28 26.36
CA GLU L 193 14.46 16.29 27.33
C GLU L 193 14.36 17.43 28.33
N ARG L 194 14.35 18.66 27.84
CA ARG L 194 14.27 19.84 28.70
C ARG L 194 13.03 19.85 29.59
N SER L 195 11.95 19.24 29.13
CA SER L 195 10.73 19.21 29.94
C SER L 195 10.46 17.83 30.53
N LYS L 196 11.42 16.91 30.36
CA LYS L 196 11.33 15.55 30.88
C LYS L 196 10.02 14.81 30.62
N ILE L 197 9.70 14.62 29.34
CA ILE L 197 8.49 13.92 28.93
C ILE L 197 8.93 12.54 28.48
N ARG L 198 8.29 11.49 29.01
CA ARG L 198 8.65 10.14 28.63
C ARG L 198 7.90 9.74 27.37
N VAL L 199 8.63 9.29 26.36
CA VAL L 199 8.05 8.89 25.09
C VAL L 199 7.78 7.39 25.03
N ILE L 200 6.57 7.00 24.62
CA ILE L 200 6.28 5.58 24.51
C ILE L 200 6.06 5.27 23.04
N VAL L 201 6.99 4.55 22.42
CA VAL L 201 6.85 4.17 21.01
C VAL L 201 6.06 2.85 20.98
N MET L 202 5.00 2.81 20.18
CA MET L 202 4.15 1.63 20.06
C MET L 202 3.62 1.48 18.65
N ASN L 203 2.97 0.35 18.40
CA ASN L 203 2.39 0.06 17.10
C ASN L 203 0.94 0.52 17.13
N TYR L 204 0.55 1.37 16.18
CA TYR L 204 -0.83 1.84 16.16
C TYR L 204 -1.81 0.70 15.98
N ARG L 205 -1.29 -0.47 15.64
CA ARG L 205 -2.11 -1.65 15.43
C ARG L 205 -2.58 -2.12 16.81
N LYS L 206 -1.96 -1.56 17.85
CA LYS L 206 -2.30 -1.92 19.22
C LYS L 206 -3.02 -0.80 19.99
N LEU L 207 -3.51 0.21 19.27
CA LEU L 207 -4.19 1.35 19.88
C LEU L 207 -5.33 0.98 20.81
N ASN L 208 -5.92 -0.19 20.58
CA ASN L 208 -7.04 -0.66 21.40
C ASN L 208 -6.60 -1.20 22.74
N ARG L 209 -5.29 -1.20 22.97
CA ARG L 209 -4.69 -1.65 24.22
C ARG L 209 -3.86 -0.51 24.78
N ILE L 210 -4.15 0.70 24.32
CA ILE L 210 -3.42 1.90 24.73
C ILE L 210 -3.32 2.01 26.24
N ILE L 211 -4.39 1.66 26.93
CA ILE L 211 -4.39 1.75 28.39
C ILE L 211 -3.24 0.95 28.99
N ASP L 212 -3.15 -0.33 28.62
CA ASP L 212 -2.10 -1.19 29.13
C ASP L 212 -0.71 -0.73 28.75
N ILE L 213 -0.58 -0.17 27.55
CA ILE L 213 0.70 0.34 27.06
C ILE L 213 1.22 1.40 28.03
N LEU L 214 0.30 2.25 28.50
CA LEU L 214 0.65 3.33 29.42
C LEU L 214 1.06 2.80 30.79
N LYS L 215 0.61 1.59 31.12
CA LYS L 215 0.93 0.98 32.40
C LYS L 215 2.24 0.24 32.22
N GLY L 216 2.68 0.19 30.96
CA GLY L 216 3.92 -0.49 30.58
C GLY L 216 3.71 -1.97 30.72
N GLU L 217 2.58 -2.46 30.23
CA GLU L 217 2.24 -3.86 30.38
C GLU L 217 1.96 -4.57 29.06
N GLU L 218 2.40 -3.97 27.95
CA GLU L 218 2.20 -4.55 26.62
C GLU L 218 3.40 -4.12 25.77
N VAL L 219 3.65 -4.82 24.66
CA VAL L 219 4.78 -4.50 23.79
C VAL L 219 4.89 -3.03 23.43
N SER L 220 6.00 -2.42 23.86
CA SER L 220 6.27 -1.01 23.61
C SER L 220 7.66 -0.63 24.10
N SER L 221 8.24 0.40 23.51
CA SER L 221 9.55 0.89 23.92
C SER L 221 9.33 2.20 24.67
N ILE L 222 9.58 2.19 25.97
CA ILE L 222 9.39 3.40 26.78
C ILE L 222 10.68 4.19 26.96
N ILE L 223 10.89 5.23 26.16
CA ILE L 223 12.08 6.07 26.26
C ILE L 223 11.98 6.93 27.51
N GLU L 224 12.98 6.84 28.38
CA GLU L 224 13.02 7.61 29.61
C GLU L 224 13.85 8.89 29.49
N PRO L 225 13.38 9.98 30.11
CA PRO L 225 14.07 11.27 30.08
C PRO L 225 15.20 11.29 31.09
N VAL L 226 16.39 11.65 30.62
CA VAL L 226 17.56 11.73 31.49
C VAL L 226 18.42 12.86 30.94
PA UTP M . 32.28 -33.57 -3.63
O1A UTP M . 31.72 -32.62 -2.65
O2A UTP M . 32.24 -35.04 -3.34
O3A UTP M . 33.83 -33.17 -3.93
O5' UTP M . 31.65 -33.31 -5.03
PB UTP M . 35.10 -33.31 -2.97
O1B UTP M . 35.56 -32.07 -2.34
O2B UTP M . 36.07 -34.05 -3.77
O3B UTP M . 34.37 -34.27 -1.85
PG UTP M . 34.81 -34.96 -0.47
O1G UTP M . 36.05 -35.85 -0.74
O2G UTP M . 35.09 -33.79 0.45
O3G UTP M . 33.63 -35.79 0.02
C5' UTP M . 32.01 -34.11 -6.12
C4' UTP M . 32.30 -33.30 -7.35
O4' UTP M . 31.09 -32.94 -8.09
C1' UTP M . 30.96 -31.54 -8.24
C2' UTP M . 32.31 -30.93 -7.89
O2' UTP M . 32.97 -30.56 -9.08
C3' UTP M . 33.09 -32.02 -7.12
O3' UTP M . 34.41 -32.18 -7.61
N1 UTP M . 29.83 -31.00 -7.40
C6 UTP M . 29.44 -31.57 -6.17
C2 UTP M . 29.12 -29.88 -7.89
O2 UTP M . 29.38 -29.33 -8.93
N3 UTP M . 28.10 -29.43 -7.08
C4 UTP M . 27.68 -29.95 -5.86
O4 UTP M . 26.74 -29.42 -5.26
C5 UTP M . 28.43 -31.10 -5.41
PA UTP N . 22.07 -53.89 -17.29
O1A UTP N . 21.33 -54.73 -18.26
O2A UTP N . 22.39 -52.49 -17.63
O3A UTP N . 23.46 -54.60 -16.86
O5' UTP N . 21.37 -53.91 -15.91
PB UTP N . 24.91 -54.52 -17.50
O1B UTP N . 25.91 -55.44 -16.96
O2B UTP N . 25.22 -53.11 -17.45
O3B UTP N . 24.50 -54.97 -19.00
PG UTP N . 25.34 -55.16 -20.34
O1G UTP N . 24.80 -54.11 -21.32
O2G UTP N . 26.79 -54.93 -19.91
O3G UTP N . 25.14 -56.58 -20.89
C5' UTP N . 21.89 -53.20 -14.83
C4' UTP N . 21.35 -53.77 -13.56
O4' UTP N . 20.38 -52.86 -12.96
C1' UTP N . 19.11 -53.46 -12.87
C2' UTP N . 19.33 -54.96 -13.01
O2' UTP N . 19.30 -55.56 -11.73
C3' UTP N . 20.67 -55.14 -13.68
O3' UTP N . 21.47 -56.15 -13.06
N1 UTP N . 18.13 -52.88 -13.87
C6 UTP N . 18.49 -52.33 -15.11
C2 UTP N . 16.77 -52.91 -13.50
O2 UTP N . 16.39 -53.38 -12.46
N3 UTP N . 15.88 -52.37 -14.42
C4 UTP N . 16.17 -51.80 -15.65
O4 UTP N . 15.24 -51.36 -16.37
C5 UTP N . 17.59 -51.80 -15.99
MG MG O . 22.40 -57.11 -16.96
PA UTP P . -4.85 -55.44 -15.90
O1A UTP P . -4.15 -56.65 -15.42
O2A UTP P . -4.70 -54.16 -15.18
O3A UTP P . -6.43 -55.73 -16.08
O5' UTP P . -4.50 -55.16 -17.40
PB UTP P . -7.54 -56.47 -15.23
O1B UTP P . -8.76 -56.79 -15.95
O2B UTP P . -7.71 -55.67 -14.05
O3B UTP P . -6.79 -57.87 -14.84
PG UTP P . -7.30 -59.15 -13.96
O1G UTP P . -6.44 -60.39 -14.35
O2G UTP P . -7.09 -58.71 -12.54
O3G UTP P . -8.79 -59.41 -14.27
C5' UTP P . -5.07 -54.03 -18.02
C4' UTP P . -4.20 -53.52 -19.12
O4' UTP P . -3.26 -52.54 -18.63
C1' UTP P . -2.00 -52.72 -19.19
C2' UTP P . -1.98 -54.09 -19.87
O2' UTP P . -1.49 -53.92 -21.18
C3' UTP P . -3.39 -54.58 -19.88
O3' UTP P . -3.85 -54.73 -21.22
N1 UTP P . -0.96 -52.55 -18.14
C6 UTP P . -1.27 -52.63 -16.79
C2 UTP P . 0.39 -52.36 -18.55
O2 UTP P . 0.76 -52.27 -19.72
N3 UTP P . 1.27 -52.19 -17.51
C4 UTP P . 1.01 -52.26 -16.15
O4 UTP P . 1.94 -52.10 -15.34
C5 UTP P . -0.37 -52.48 -15.81
MG MG Q . -5.74 -58.69 -17.04
PA UTP R . -17.57 -32.74 -19.91
O1A UTP R . -17.49 -31.33 -20.35
O2A UTP R . -16.95 -33.81 -20.73
O3A UTP R . -19.09 -33.17 -19.66
O5' UTP R . -17.03 -32.87 -18.46
PB UTP R . -20.11 -33.84 -20.66
O1B UTP R . -21.54 -33.53 -20.45
O2B UTP R . -19.73 -35.25 -20.65
O3B UTP R . -19.62 -33.11 -22.01
PG UTP R . -20.07 -33.19 -23.52
O1G UTP R . -18.77 -33.30 -24.33
O2G UTP R . -20.96 -34.43 -23.58
O3G UTP R . -20.84 -31.91 -23.89
C5' UTP R . -17.01 -34.11 -17.84
C4' UTP R . -17.44 -34.00 -16.44
O4' UTP R . -16.29 -33.90 -15.56
C1' UTP R . -16.30 -32.70 -14.82
C2' UTP R . -17.72 -32.15 -14.91
O2' UTP R . -18.39 -32.44 -13.70
C3' UTP R . -18.36 -32.83 -16.10
O3' UTP R . -19.68 -33.26 -15.80
N1 UTP R . -15.25 -31.72 -15.29
C6 UTP R . -14.75 -31.69 -16.61
C2 UTP R . -14.73 -30.81 -14.32
O2 UTP R . -15.11 -30.78 -13.17
N3 UTP R . -13.77 -29.94 -14.80
C4 UTP R . -13.24 -29.88 -16.09
O4 UTP R . -12.37 -29.04 -16.35
C5 UTP R . -13.80 -30.82 -17.03
MG MG S . -20.94 -31.52 -18.89
PA UTP T . 19.10 -10.37 -7.37
O1A UTP T . 20.51 -10.51 -7.80
O2A UTP T . 18.02 -11.05 -8.07
O3A UTP T . 18.72 -8.79 -7.29
O5' UTP T . 18.97 -10.75 -5.86
PB UTP T . 18.66 -7.66 -8.40
O1B UTP T . 17.93 -6.46 -8.04
O2B UTP T . 18.17 -8.34 -9.57
O3B UTP T . 20.23 -7.34 -8.53
PG UTP T . 21.08 -6.33 -9.45
O1G UTP T . 22.55 -6.34 -8.90
O2G UTP T . 20.94 -6.90 -10.84
O3G UTP T . 20.48 -4.92 -9.36
C5' UTP T . 17.69 -10.70 -5.28
C4' UTP T . 17.56 -11.63 -4.13
O4' UTP T . 17.28 -12.97 -4.58
C1' UTP T . 18.05 -13.91 -3.90
C2' UTP T . 19.16 -13.15 -3.19
O2' UTP T . 19.26 -13.62 -1.88
C3' UTP T . 18.78 -11.71 -3.24
O3' UTP T . 18.45 -11.24 -1.94
N1 UTP T . 18.55 -14.91 -4.88
C6 UTP T . 18.53 -14.66 -6.25
C2 UTP T . 19.01 -16.16 -4.39
O2 UTP T . 19.07 -16.46 -3.21
N3 UTP T . 19.46 -17.03 -5.36
C4 UTP T . 19.45 -16.84 -6.73
O4 UTP T . 19.87 -17.73 -7.47
C5 UTP T . 18.97 -15.55 -7.16
MG MG U . 21.54 -8.26 -6.12
PA UTP V . -7.25 -12.23 -5.90
O1A UTP V . -8.68 -12.52 -5.70
O2A UTP V . -6.21 -13.09 -5.33
O3A UTP V . -6.96 -10.71 -5.44
O5' UTP V . -6.98 -12.08 -7.43
PB UTP V . -6.88 -10.05 -3.99
O1B UTP V . -6.29 -8.74 -3.93
O2B UTP V . -6.26 -11.04 -3.16
O3B UTP V . -8.43 -9.93 -3.63
PG UTP V . -9.08 -9.39 -2.29
O1G UTP V . -8.26 -10.05 -1.19
O2G UTP V . -8.96 -7.88 -2.37
O3G UTP V . -10.54 -9.87 -2.16
C5' UTP V . -5.69 -11.83 -7.89
C4' UTP V . -5.74 -11.69 -9.37
O4' UTP V . -5.00 -12.74 -10.06
C1' UTP V . -5.84 -13.48 -10.93
C2' UTP V . -7.06 -12.63 -11.17
O2' UTP V . -6.89 -12.00 -12.42
C3' UTP V . -7.12 -11.66 -10.00
O3' UTP V . -7.44 -10.33 -10.43
N1 UTP V . -6.17 -14.86 -10.40
C6 UTP V . -6.15 -15.20 -9.05
C2 UTP V . -6.52 -15.84 -11.37
O2 UTP V . -6.57 -15.62 -12.57
N3 UTP V . -6.81 -17.09 -10.86
C4 UTP V . -6.79 -17.49 -9.52
O4 UTP V . -7.09 -18.66 -9.22
C5 UTP V . -6.44 -16.44 -8.58
PA UTP W . -33.03 36.58 4.11
O1A UTP W . -33.04 35.13 4.42
O2A UTP W . -31.99 37.46 4.73
O3A UTP W . -34.50 37.24 4.43
O5' UTP W . -32.99 36.80 2.54
PB UTP W . -35.64 36.91 5.50
O1B UTP W . -36.54 37.99 5.82
O2B UTP W . -34.91 36.33 6.60
O3B UTP W . -36.44 35.79 4.69
PG UTP W . -37.72 34.93 5.08
O1G UTP W . -37.99 35.15 6.58
O2G UTP W . -38.80 35.48 4.16
O3G UTP W . -37.42 33.45 4.79
C5' UTP W . -32.98 38.12 2.02
C4' UTP W . -31.65 38.53 1.48
O4' UTP W . -30.54 38.03 2.28
C1' UTP W . -29.44 37.69 1.44
C2' UTP W . -30.05 37.43 0.05
O2' UTP W . -29.20 37.91 -0.95
C3' UTP W . -31.40 38.13 0.04
O3' UTP W . -31.41 39.28 -0.82
N1 UTP W . -28.71 36.49 2.01
C6 UTP W . -29.17 35.87 3.18
C2 UTP W . -27.56 35.98 1.33
O2 UTP W . -27.11 36.46 0.30
N3 UTP W . -26.98 34.88 1.93
C4 UTP W . -27.39 34.23 3.11
O4 UTP W . -26.74 33.26 3.52
C5 UTP W . -28.57 34.80 3.74
PA UTP X . -22.57 57.18 15.94
O1A UTP X . -21.33 58.01 16.03
O2A UTP X . -22.58 55.95 15.11
O3A UTP X . -23.85 58.11 15.50
O5' UTP X . -23.07 56.80 17.40
PB UTP X . -24.30 58.81 14.13
O1B UTP X . -25.72 59.08 13.98
O2B UTP X . -23.72 57.96 13.12
O3B UTP X . -23.53 60.21 14.25
PG UTP X . -23.45 61.48 13.29
O1G UTP X . -24.90 61.88 12.92
O2G UTP X . -22.71 62.51 14.12
O3G UTP X . -22.66 61.09 12.05
C5' UTP X . -24.24 56.02 17.54
C4' UTP X . -24.01 54.93 18.54
O4' UTP X . -22.85 54.14 18.16
C1' UTP X . -22.10 53.78 19.30
C2' UTP X . -22.45 54.86 20.35
O2' UTP X . -22.45 54.33 21.65
C3' UTP X . -23.79 55.44 19.94
O3' UTP X . -24.84 54.99 20.80
N1 UTP X . -20.64 53.77 18.94
C6 UTP X . -20.19 54.24 17.69
C2 UTP X . -19.69 53.22 19.88
O2 UTP X . -19.98 52.79 20.98
N3 UTP X . -18.37 53.28 19.45
C4 UTP X . -17.89 53.74 18.21
O4 UTP X . -16.66 53.71 17.98
C5 UTP X . -18.90 54.26 17.32
PA UTP Y . -1.29 52.16 31.75
O1A UTP Y . -2.38 52.93 32.41
O2A UTP Y . -1.45 50.71 31.54
O3A UTP Y . 0.12 52.38 32.53
O5' UTP Y . -0.86 52.83 30.41
PB UTP Y . 0.64 51.86 33.94
O1B UTP Y . 1.92 52.42 34.37
O2B UTP Y . 0.56 50.42 33.81
O3B UTP Y . -0.54 52.45 34.87
PG UTP Y . -0.81 52.38 36.45
O1G UTP Y . -1.35 50.97 36.74
O2G UTP Y . 0.55 52.67 37.06
O3G UTP Y . -1.85 53.44 36.81
C5' UTP Y . 0.17 52.25 29.65
C4' UTP Y . 0.47 53.10 28.45
O4' UTP Y . -0.03 52.45 27.26
C1' UTP Y . -0.93 53.26 26.54
C2' UTP Y . -0.94 54.64 27.20
O2' UTP Y . -0.42 55.58 26.29
C3' UTP Y . -0.11 54.51 28.48
O3' UTP Y . 0.94 55.48 28.54
N1 UTP Y . -2.28 52.61 26.46
C6 UTP Y . -2.69 51.61 27.37
C2 UTP Y . -3.16 53.04 25.44
O2 UTP Y . -2.89 53.89 24.62
N3 UTP Y . -4.38 52.41 25.42
C4 UTP Y . -4.84 51.41 26.28
O4 UTP Y . -5.98 50.96 26.11
C5 UTP Y . -3.91 51.02 27.32
MG MG Z . -0.42 55.60 32.42
PA UTP AA . 16.30 35.52 20.96
O1A UTP AA . 15.93 35.37 19.55
O2A UTP AA . 16.38 36.87 21.56
O3A UTP AA . 17.70 34.75 21.26
O5' UTP AA . 15.39 34.64 21.87
PB UTP AA . 19.17 35.31 21.46
O1B UTP AA . 20.26 34.59 20.80
O2B UTP AA . 19.27 35.44 22.92
O3B UTP AA . 18.89 36.72 20.68
PG UTP AA . 19.74 38.02 20.33
O1G UTP AA . 19.53 38.99 21.51
O2G UTP AA . 21.16 37.52 20.16
O3G UTP AA . 19.17 38.61 19.04
C5' UTP AA . 15.60 34.66 23.24
C4' UTP AA . 14.55 33.90 23.90
O4' UTP AA . 13.28 33.99 23.18
C1' UTP AA . 12.73 32.72 22.95
C2' UTP AA . 13.68 31.68 23.54
O2' UTP AA . 12.99 31.01 24.56
C3' UTP AA . 14.89 32.43 24.09
O3' UTP AA . 15.12 32.14 25.49
N1 UTP AA . 12.41 32.52 21.47
C6 UTP AA . 12.70 33.50 20.51
C2 UTP AA . 11.70 31.33 21.08
O2 UTP AA . 11.39 30.43 21.86
N3 UTP AA . 11.41 31.23 19.72
C4 UTP AA . 11.69 32.17 18.74
O4 UTP AA . 11.33 31.93 17.57
C5 UTP AA . 12.40 33.35 19.18
MG MG BA . 18.26 32.88 22.79
PA UTP CA . -15.24 19.36 -6.55
O1A UTP CA . -16.06 20.38 -7.24
O2A UTP CA . -13.81 19.19 -6.90
O3A UTP CA . -15.94 17.90 -6.68
O5' UTP CA . -15.40 19.51 -5.00
PB UTP CA . -16.04 16.89 -7.90
O1B UTP CA . -16.87 15.70 -7.68
O2B UTP CA . -14.64 16.66 -8.25
O3B UTP CA . -16.80 17.86 -8.94
PG UTP CA . -17.31 17.69 -10.46
O1G UTP CA . -18.47 18.68 -10.67
O2G UTP CA . -16.07 18.01 -11.28
O3G UTP CA . -17.79 16.23 -10.67
C5' UTP CA . -14.74 18.64 -4.13
C4' UTP CA . -15.70 18.03 -3.15
O4' UTP CA . -15.78 18.82 -1.94
C1' UTP CA . -17.10 19.26 -1.68
C2' UTP CA . -18.03 18.49 -2.62
O2' UTP CA . -18.76 17.55 -1.85
C3' UTP CA . -17.13 17.83 -3.67
O3' UTP CA . -17.39 16.44 -3.83
N1 UTP CA . -17.21 20.76 -1.83
C6 UTP CA . -16.39 21.50 -2.71
C2 UTP CA . -18.18 21.42 -1.02
O2 UTP CA . -18.91 20.83 -0.23
N3 UTP CA . -18.23 22.80 -1.17
C4 UTP CA . -17.45 23.59 -2.02
O4 UTP CA . -17.62 24.81 -2.04
C5 UTP CA . -16.48 22.84 -2.83
PA UTP DA . 5.29 14.16 9.15
O1A UTP DA . 6.17 13.77 10.27
O2A UTP DA . 4.08 14.95 9.40
O3A UTP DA . 4.83 12.83 8.34
O5' UTP DA . 6.11 14.87 8.02
PB UTP DA . 4.39 11.38 8.82
O1B UTP DA . 4.02 10.45 7.77
O2B UTP DA . 3.41 11.61 9.84
O3B UTP DA . 5.76 10.88 9.48
PG UTP DA . 6.12 9.52 10.21
O1G UTP DA . 5.39 8.40 9.46
O2G UTP DA . 7.64 9.45 10.12
O3G UTP DA . 5.63 9.62 11.67
C5' UTP DA . 5.42 15.31 6.88
C4' UTP DA . 6.14 16.40 6.13
O4' UTP DA . 5.55 17.70 6.39
C1' UTP DA . 6.50 18.64 6.82
C2' UTP DA . 7.87 17.97 6.73
O2' UTP DA . 8.63 18.63 5.74
C3' UTP DA . 7.63 16.51 6.40
O3' UTP DA . 8.37 16.11 5.23
N1 UTP DA . 6.20 19.14 8.21
C6 UTP DA . 5.38 18.44 9.09
C2 UTP DA . 6.80 20.35 8.58
O2 UTP DA . 7.53 21.00 7.84
N3 UTP DA . 6.49 20.78 9.87
C4 UTP DA . 5.68 20.14 10.79
O4 UTP DA . 5.51 20.65 11.91
C5 UTP DA . 5.11 18.88 10.34
MG MG EA . 8.26 12.83 8.14
#